data_4KVO
#
_entry.id   4KVO
#
_cell.length_a   80.739
_cell.length_b   119.692
_cell.length_c   132.024
_cell.angle_alpha   80.28
_cell.angle_beta   76.85
_cell.angle_gamma   70.65
#
_symmetry.space_group_name_H-M   'P 1'
#
loop_
_entity.id
_entity.type
_entity.pdbx_description
1 polymer 'N-terminal acetyltransferase A complex subunit nat1'
2 polymer 'N-terminal acetyltransferase A complex catalytic subunit ard1'
3 non-polymer 'SODIUM ION'
4 non-polymer 'CHLORIDE ION'
5 non-polymer 'SULFATE ION'
6 non-polymer 'ACETYL COENZYME *A'
7 water water
#
loop_
_entity_poly.entity_id
_entity_poly.type
_entity_poly.pdbx_seq_one_letter_code
_entity_poly.pdbx_strand_id
1 'polypeptide(L)'
;MAKVQLSPKEITLFRTALKCYETKQYKKGLKAIEPLLERHPEHGESLAIKGILLHSLGNTKEGYDNVRLGLRNDVGSGVC
WHIFGLISRADKDYVQAAKCYINAHKLEKNNSSLLRDLALLQSQLRQYKALADTRNALLQDNPGVRANWSALAVAQFLRG
EYASAYKIVDAFESTINQGVPVDTQEESEAMLFMNLVILKKDGVEDAYKHLLSIEKKVLDRVAFLETRAEYELYLSKMEE
AKSTIYLLLDRNPDNHQYYYNLQRAYGYEDASGKVLDSAEWLNLYSQLAKRYPKSECPTRLPLEKLEGDEFLTHVDLYLR
KKLKRGIPSVFVDVKSLYKDTKKCKVVEDLVSKYASSLSTTNKFSEDDDNSQIEIPTTLLWTYYFLAQHFDHVGELEKAE
KYVDLAIDHTPTLVELFMTKARISKHKGELQTAMEIMDHARKLDLQDRFINGKCAKYMLRNDENELAAKTVSLFTRNEAV
GGAVGDLADMQCLWYMLEDGKSFARQKKFALALKRFSTVFKIFDTWADDQFDFHFFAFRKGSLRTYLDLMSWEDSVYDDP
SFREAAQGSIEIYFALFDLPFAKYSPKLPDFEKLSSGEINEEEEKKIYKKLKKDLSKRLERAEKLKEADKSRAKSEDGMP
VKYDEDPLGENLVATSEPLKEAQKCLEKLLPYGDKNPSAYILAAQLYTRLKNFDTASKYLEQAKVILGQNDPTVISTEKF
YNSIKTQSNAA
;
A,B,C,D
2 'polypeptide(L)'
;MDIRPARISDLTGMQNCNLHNLPENYQLKYYLYHAISWPMLSYVATDPKGRVVGYVLAKMEEEPKDGIPHGHITSVSVMR
SYRHLGLAKRLMVQSQRAMVEVYGAKYMSLHVRKSNRAAIHLYRDTLQFDVQGIESKYYADGEDAYAMHKDFSTLK
;
E,F,G,H
#
loop_
_chem_comp.id
_chem_comp.type
_chem_comp.name
_chem_comp.formula
ACO non-polymer 'ACETYL COENZYME *A' 'C23 H38 N7 O17 P3 S'
CL non-polymer 'CHLORIDE ION' 'Cl -1'
NA non-polymer 'SODIUM ION' 'Na 1'
SO4 non-polymer 'SULFATE ION' 'O4 S -2'
#
# COMPACT_ATOMS: atom_id res chain seq x y z
N GLN A 5 -44.24 4.04 18.08
CA GLN A 5 -43.23 3.02 17.83
C GLN A 5 -43.86 1.63 17.67
N LEU A 6 -43.12 0.76 16.96
CA LEU A 6 -43.52 -0.62 16.74
C LEU A 6 -44.87 -0.80 16.03
N SER A 7 -44.80 -0.90 14.71
CA SER A 7 -45.98 -1.28 13.93
C SER A 7 -45.55 -2.18 12.75
N PRO A 8 -46.33 -3.25 12.52
CA PRO A 8 -46.05 -4.26 11.48
C PRO A 8 -46.21 -3.75 10.06
N LYS A 9 -47.23 -2.93 9.83
CA LYS A 9 -47.55 -2.43 8.50
C LYS A 9 -46.55 -1.37 8.03
N GLU A 10 -46.11 -0.53 8.96
CA GLU A 10 -45.20 0.56 8.64
C GLU A 10 -43.78 0.08 8.39
N ILE A 11 -43.44 -1.09 8.92
CA ILE A 11 -42.11 -1.66 8.73
C ILE A 11 -41.80 -1.94 7.26
N THR A 12 -42.76 -2.52 6.54
CA THR A 12 -42.55 -2.83 5.13
C THR A 12 -42.29 -1.56 4.31
N LEU A 13 -42.91 -0.46 4.72
CA LEU A 13 -42.73 0.82 4.05
C LEU A 13 -41.46 1.52 4.49
N PHE A 14 -41.07 1.32 5.74
CA PHE A 14 -39.86 1.92 6.29
C PHE A 14 -38.62 1.34 5.61
N ARG A 15 -38.69 0.06 5.27
CA ARG A 15 -37.57 -0.63 4.62
C ARG A 15 -37.45 -0.22 3.16
N THR A 16 -38.60 -0.07 2.49
CA THR A 16 -38.61 0.37 1.09
C THR A 16 -38.06 1.79 0.96
N ALA A 17 -38.24 2.59 2.00
CA ALA A 17 -37.70 3.94 2.03
C ALA A 17 -36.17 3.91 1.97
N LEU A 18 -35.58 3.01 2.75
CA LEU A 18 -34.13 2.85 2.79
C LEU A 18 -33.58 2.23 1.51
N LYS A 19 -34.21 1.15 1.05
CA LYS A 19 -33.81 0.47 -0.16
C LYS A 19 -33.84 1.42 -1.36
N CYS A 20 -34.84 2.31 -1.38
CA CYS A 20 -34.98 3.28 -2.45
C CYS A 20 -33.83 4.30 -2.44
N TYR A 21 -33.29 4.58 -1.27
CA TYR A 21 -32.15 5.48 -1.18
C TYR A 21 -30.90 4.87 -1.78
N GLU A 22 -30.69 3.59 -1.48
CA GLU A 22 -29.52 2.86 -1.96
C GLU A 22 -29.54 2.75 -3.48
N THR A 23 -30.74 2.63 -4.04
CA THR A 23 -30.92 2.44 -5.48
C THR A 23 -31.09 3.77 -6.22
N LYS A 24 -30.83 4.87 -5.52
CA LYS A 24 -31.07 6.21 -6.04
C LYS A 24 -32.52 6.37 -6.48
N GLN A 25 -32.78 7.32 -7.38
CA GLN A 25 -34.15 7.67 -7.77
C GLN A 25 -35.04 7.81 -6.54
N TYR A 26 -34.84 8.90 -5.81
CA TYR A 26 -35.38 9.06 -4.46
C TYR A 26 -36.85 9.47 -4.45
N LYS A 27 -37.44 9.60 -5.63
CA LYS A 27 -38.83 9.99 -5.76
C LYS A 27 -39.76 8.90 -5.25
N LYS A 28 -39.41 7.64 -5.52
CA LYS A 28 -40.23 6.50 -5.10
C LYS A 28 -40.18 6.30 -3.59
N GLY A 29 -39.02 6.53 -2.99
CA GLY A 29 -38.83 6.34 -1.57
C GLY A 29 -39.62 7.36 -0.75
N LEU A 30 -39.62 8.59 -1.22
CA LEU A 30 -40.37 9.67 -0.56
C LEU A 30 -41.85 9.35 -0.57
N LYS A 31 -42.30 8.64 -1.60
CA LYS A 31 -43.70 8.25 -1.74
C LYS A 31 -44.07 7.23 -0.66
N ALA A 32 -43.08 6.48 -0.19
CA ALA A 32 -43.29 5.48 0.84
C ALA A 32 -43.15 6.08 2.24
N ILE A 33 -42.54 7.25 2.33
CA ILE A 33 -42.35 7.93 3.61
C ILE A 33 -43.54 8.80 3.99
N GLU A 34 -44.04 9.56 3.02
CA GLU A 34 -45.07 10.58 3.27
C GLU A 34 -46.36 10.13 3.98
N PRO A 35 -46.99 9.02 3.53
CA PRO A 35 -48.26 8.63 4.16
C PRO A 35 -48.14 8.36 5.65
N LEU A 36 -46.99 7.83 6.07
CA LEU A 36 -46.78 7.46 7.46
C LEU A 36 -46.44 8.66 8.33
N LEU A 37 -45.71 9.62 7.78
CA LEU A 37 -45.13 10.70 8.58
C LEU A 37 -46.08 11.84 8.92
N GLU A 38 -47.04 12.09 8.04
CA GLU A 38 -47.99 13.17 8.25
C GLU A 38 -48.85 12.93 9.49
N ARG A 39 -49.14 11.65 9.76
CA ARG A 39 -49.92 11.28 10.94
C ARG A 39 -49.06 10.76 12.09
N HIS A 40 -47.77 10.66 11.84
CA HIS A 40 -46.80 10.31 12.89
C HIS A 40 -45.50 11.10 12.74
N PRO A 41 -45.58 12.41 13.02
CA PRO A 41 -44.45 13.34 12.80
C PRO A 41 -43.34 13.16 13.83
N GLU A 42 -43.62 12.43 14.90
CA GLU A 42 -42.72 12.37 16.04
C GLU A 42 -41.70 11.24 15.95
N HIS A 43 -41.70 10.51 14.85
CA HIS A 43 -40.73 9.44 14.66
C HIS A 43 -39.41 10.00 14.14
N GLY A 44 -38.36 9.84 14.92
CA GLY A 44 -37.06 10.40 14.60
C GLY A 44 -36.43 9.84 13.35
N GLU A 45 -36.30 8.52 13.29
CA GLU A 45 -35.69 7.84 12.15
C GLU A 45 -36.45 8.16 10.87
N SER A 46 -37.77 8.25 11.00
CA SER A 46 -38.64 8.50 9.86
C SER A 46 -38.39 9.87 9.24
N LEU A 47 -38.26 10.89 10.09
CA LEU A 47 -38.01 12.25 9.62
C LEU A 47 -36.67 12.31 8.90
N ALA A 48 -35.72 11.52 9.38
CA ALA A 48 -34.37 11.50 8.83
C ALA A 48 -34.34 10.92 7.41
N ILE A 49 -35.03 9.81 7.20
CA ILE A 49 -35.05 9.18 5.88
C ILE A 49 -35.73 10.11 4.87
N LYS A 50 -36.76 10.82 5.33
CA LYS A 50 -37.41 11.83 4.51
C LYS A 50 -36.40 12.91 4.14
N GLY A 51 -35.60 13.31 5.13
CA GLY A 51 -34.63 14.37 4.93
C GLY A 51 -33.55 14.08 3.91
N ILE A 52 -32.94 12.90 4.02
CA ILE A 52 -31.84 12.56 3.12
C ILE A 52 -32.31 12.40 1.68
N LEU A 53 -33.54 11.96 1.50
CA LEU A 53 -34.13 11.86 0.16
C LEU A 53 -34.38 13.25 -0.39
N LEU A 54 -34.86 14.15 0.46
CA LEU A 54 -35.09 15.54 0.07
C LEU A 54 -33.75 16.22 -0.16
N HIS A 55 -32.70 15.70 0.48
CA HIS A 55 -31.36 16.20 0.29
C HIS A 55 -30.70 15.60 -0.95
N SER A 56 -30.89 14.29 -1.13
CA SER A 56 -30.20 13.53 -2.17
C SER A 56 -30.52 14.05 -3.56
N LEU A 57 -31.81 14.26 -3.83
CA LEU A 57 -32.18 14.93 -5.06
C LEU A 57 -32.02 16.44 -4.87
N GLY A 58 -32.59 16.98 -3.80
CA GLY A 58 -32.31 18.36 -3.40
C GLY A 58 -33.55 19.21 -3.29
N ASN A 59 -33.42 20.47 -2.88
CA ASN A 59 -32.22 21.06 -2.30
C ASN A 59 -32.69 22.11 -1.29
N THR A 60 -32.03 22.27 -0.15
CA THR A 60 -31.02 21.38 0.39
C THR A 60 -31.29 21.31 1.89
N LYS A 61 -31.38 22.49 2.49
CA LYS A 61 -31.70 22.66 3.91
C LYS A 61 -33.08 22.09 4.23
N GLU A 62 -33.88 21.85 3.19
CA GLU A 62 -35.14 21.14 3.34
C GLU A 62 -34.88 19.78 3.96
N GLY A 63 -33.76 19.17 3.57
CA GLY A 63 -33.38 17.88 4.11
C GLY A 63 -32.83 18.02 5.52
N TYR A 64 -31.91 18.95 5.70
CA TYR A 64 -31.25 19.18 6.99
C TYR A 64 -32.27 19.38 8.12
N ASP A 65 -33.35 20.08 7.80
CA ASP A 65 -34.39 20.38 8.79
C ASP A 65 -35.10 19.10 9.23
N ASN A 66 -35.36 18.22 8.27
CA ASN A 66 -35.99 16.94 8.59
C ASN A 66 -35.01 16.02 9.29
N VAL A 67 -33.74 16.13 8.92
CA VAL A 67 -32.68 15.35 9.55
C VAL A 67 -32.47 15.78 10.99
N ARG A 68 -32.28 17.08 11.19
CA ARG A 68 -32.04 17.62 12.53
C ARG A 68 -33.23 17.46 13.47
N LEU A 69 -34.44 17.54 12.92
CA LEU A 69 -35.64 17.37 13.74
C LEU A 69 -35.75 15.91 14.15
N GLY A 70 -35.37 15.02 13.25
CA GLY A 70 -35.39 13.59 13.50
C GLY A 70 -34.28 13.15 14.43
N LEU A 71 -33.13 13.82 14.36
CA LEU A 71 -32.00 13.49 15.20
C LEU A 71 -32.20 13.99 16.62
N ARG A 72 -33.04 15.01 16.78
CA ARG A 72 -33.39 15.52 18.09
C ARG A 72 -34.47 14.65 18.73
N ASN A 73 -35.37 14.14 17.89
CA ASN A 73 -36.44 13.27 18.37
C ASN A 73 -35.93 11.88 18.79
N ASP A 74 -34.98 11.34 18.03
CA ASP A 74 -34.37 10.07 18.40
C ASP A 74 -32.91 10.35 18.77
N VAL A 75 -32.62 10.29 20.06
CA VAL A 75 -31.36 10.78 20.61
C VAL A 75 -30.03 10.21 20.05
N GLY A 76 -29.80 8.90 20.11
CA GLY A 76 -30.76 7.88 20.49
C GLY A 76 -30.80 6.75 19.47
N SER A 77 -30.69 7.10 18.19
CA SER A 77 -30.72 6.08 17.14
C SER A 77 -29.51 6.24 16.24
N GLY A 78 -28.84 5.12 15.96
CA GLY A 78 -27.68 5.14 15.09
C GLY A 78 -28.08 5.41 13.65
N VAL A 79 -29.36 5.19 13.34
CA VAL A 79 -29.84 5.39 11.99
C VAL A 79 -29.81 6.87 11.67
N CYS A 80 -30.30 7.69 12.60
CA CYS A 80 -30.31 9.14 12.44
C CYS A 80 -28.90 9.75 12.37
N TRP A 81 -27.98 9.22 13.16
CA TRP A 81 -26.60 9.69 13.15
C TRP A 81 -25.87 9.31 11.86
N HIS A 82 -26.13 8.10 11.38
CA HIS A 82 -25.49 7.62 10.15
C HIS A 82 -25.90 8.49 8.96
N ILE A 83 -27.18 8.78 8.84
CA ILE A 83 -27.68 9.59 7.73
C ILE A 83 -27.20 11.04 7.81
N PHE A 84 -27.12 11.58 9.03
CA PHE A 84 -26.62 12.94 9.22
C PHE A 84 -25.16 13.00 8.77
N GLY A 85 -24.43 11.92 9.01
CA GLY A 85 -23.04 11.84 8.60
C GLY A 85 -22.92 11.73 7.10
N LEU A 86 -23.94 11.15 6.48
CA LEU A 86 -23.95 10.99 5.02
C LEU A 86 -24.08 12.33 4.31
N ILE A 87 -25.07 13.14 4.72
CA ILE A 87 -25.31 14.41 4.06
C ILE A 87 -24.20 15.41 4.36
N SER A 88 -23.55 15.24 5.50
CA SER A 88 -22.42 16.09 5.87
C SER A 88 -21.23 15.77 4.98
N ARG A 89 -20.97 14.48 4.78
CA ARG A 89 -19.88 14.06 3.92
C ARG A 89 -20.18 14.47 2.47
N ALA A 90 -21.45 14.40 2.11
CA ALA A 90 -21.88 14.80 0.78
C ALA A 90 -21.63 16.29 0.55
N ASP A 91 -21.91 17.09 1.59
CA ASP A 91 -21.75 18.54 1.51
C ASP A 91 -20.33 18.97 1.90
N LYS A 92 -19.44 18.00 2.01
CA LYS A 92 -18.02 18.23 2.28
C LYS A 92 -17.73 18.86 3.65
N ASP A 93 -18.66 18.73 4.59
CA ASP A 93 -18.39 19.13 5.96
C ASP A 93 -17.90 17.90 6.70
N TYR A 94 -16.59 17.74 6.78
CA TYR A 94 -15.99 16.51 7.29
C TYR A 94 -15.88 16.41 8.81
N VAL A 95 -15.56 17.52 9.47
CA VAL A 95 -15.44 17.52 10.93
C VAL A 95 -16.78 17.20 11.58
N GLN A 96 -17.86 17.55 10.89
CA GLN A 96 -19.20 17.31 11.39
C GLN A 96 -19.61 15.88 11.07
N ALA A 97 -19.20 15.40 9.89
CA ALA A 97 -19.51 14.04 9.46
C ALA A 97 -18.82 13.00 10.32
N ALA A 98 -17.55 13.23 10.62
CA ALA A 98 -16.77 12.32 11.45
C ALA A 98 -17.38 12.18 12.83
N LYS A 99 -17.83 13.30 13.39
CA LYS A 99 -18.48 13.29 14.70
C LYS A 99 -19.82 12.56 14.66
N CYS A 100 -20.43 12.48 13.48
CA CYS A 100 -21.67 11.74 13.31
C CYS A 100 -21.43 10.24 13.26
N TYR A 101 -20.34 9.84 12.60
CA TYR A 101 -20.02 8.42 12.46
C TYR A 101 -19.57 7.78 13.76
N ILE A 102 -18.87 8.53 14.60
CA ILE A 102 -18.47 8.02 15.90
C ILE A 102 -19.69 7.80 16.78
N ASN A 103 -20.67 8.68 16.67
CA ASN A 103 -21.91 8.54 17.44
C ASN A 103 -22.81 7.46 16.86
N ALA A 104 -22.74 7.28 15.55
CA ALA A 104 -23.50 6.24 14.87
C ALA A 104 -22.95 4.87 15.23
N HIS A 105 -21.63 4.81 15.38
CA HIS A 105 -20.96 3.56 15.73
C HIS A 105 -21.04 3.25 17.22
N LYS A 106 -21.13 4.29 18.05
CA LYS A 106 -21.29 4.09 19.48
C LYS A 106 -22.67 3.50 19.79
N LEU A 107 -23.65 3.82 18.95
CA LEU A 107 -25.00 3.29 19.12
C LEU A 107 -25.16 1.91 18.47
N GLU A 108 -24.36 1.65 17.44
CA GLU A 108 -24.29 0.31 16.85
C GLU A 108 -22.83 -0.09 16.73
N LYS A 109 -22.35 -0.88 17.69
CA LYS A 109 -20.93 -1.22 17.74
C LYS A 109 -20.55 -2.35 16.80
N ASN A 110 -21.55 -3.14 16.42
CA ASN A 110 -21.32 -4.30 15.57
C ASN A 110 -21.30 -3.97 14.07
N ASN A 111 -21.58 -2.72 13.74
CA ASN A 111 -21.57 -2.29 12.34
C ASN A 111 -20.21 -1.75 11.92
N SER A 112 -19.47 -2.56 11.18
CA SER A 112 -18.08 -2.25 10.85
C SER A 112 -17.95 -1.25 9.70
N SER A 113 -18.99 -1.17 8.86
CA SER A 113 -18.95 -0.29 7.69
C SER A 113 -18.85 1.17 8.10
N LEU A 114 -19.44 1.51 9.24
CA LEU A 114 -19.33 2.86 9.78
C LEU A 114 -17.89 3.21 10.09
N LEU A 115 -17.16 2.25 10.66
CA LEU A 115 -15.75 2.46 10.97
C LEU A 115 -14.93 2.55 9.70
N ARG A 116 -15.34 1.81 8.68
CA ARG A 116 -14.64 1.78 7.41
C ARG A 116 -14.77 3.15 6.74
N ASP A 117 -15.91 3.80 6.95
CA ASP A 117 -16.13 5.15 6.48
C ASP A 117 -15.46 6.17 7.38
N LEU A 118 -15.53 5.94 8.69
CA LEU A 118 -14.95 6.86 9.67
C LEU A 118 -13.46 7.06 9.45
N ALA A 119 -12.76 5.99 9.09
CA ALA A 119 -11.34 6.04 8.84
C ALA A 119 -11.01 6.99 7.69
N LEU A 120 -11.90 7.00 6.69
CA LEU A 120 -11.73 7.88 5.55
C LEU A 120 -11.77 9.34 5.99
N LEU A 121 -12.77 9.67 6.80
CA LEU A 121 -12.92 11.02 7.33
C LEU A 121 -11.75 11.43 8.21
N GLN A 122 -11.31 10.50 9.07
CA GLN A 122 -10.22 10.78 9.99
C GLN A 122 -8.88 10.92 9.26
N SER A 123 -8.73 10.20 8.14
CA SER A 123 -7.54 10.34 7.32
C SER A 123 -7.54 11.68 6.60
N GLN A 124 -8.72 12.15 6.23
CA GLN A 124 -8.87 13.42 5.52
C GLN A 124 -8.64 14.61 6.44
N LEU A 125 -9.15 14.51 7.67
CA LEU A 125 -8.99 15.57 8.66
C LEU A 125 -7.61 15.52 9.29
N ARG A 126 -6.81 14.55 8.84
CA ARG A 126 -5.47 14.34 9.34
C ARG A 126 -5.45 14.11 10.85
N GLN A 127 -6.46 13.41 11.35
CA GLN A 127 -6.53 13.02 12.75
C GLN A 127 -5.87 11.66 12.91
N TYR A 128 -4.55 11.66 13.02
CA TYR A 128 -3.77 10.43 13.01
C TYR A 128 -3.98 9.61 14.27
N LYS A 129 -4.24 10.29 15.38
N LYS A 129 -4.27 10.29 15.38
CA LYS A 129 -4.46 9.62 16.65
CA LYS A 129 -4.47 9.61 16.65
C LYS A 129 -5.69 8.72 16.59
C LYS A 129 -5.70 8.72 16.61
N ALA A 130 -6.84 9.31 16.25
CA ALA A 130 -8.10 8.57 16.18
C ALA A 130 -8.14 7.62 14.99
N LEU A 131 -7.38 7.94 13.95
CA LEU A 131 -7.32 7.10 12.76
C LEU A 131 -6.77 5.73 13.14
N ALA A 132 -5.64 5.75 13.85
CA ALA A 132 -4.97 4.52 14.27
C ALA A 132 -5.89 3.63 15.10
N ASP A 133 -6.68 4.23 15.98
CA ASP A 133 -7.63 3.49 16.80
C ASP A 133 -8.70 2.85 15.94
N THR A 134 -9.14 3.55 14.91
CA THR A 134 -10.17 3.06 14.02
C THR A 134 -9.65 1.95 13.11
N ARG A 135 -8.48 2.16 12.53
CA ARG A 135 -7.85 1.15 11.67
C ARG A 135 -7.56 -0.12 12.47
N ASN A 136 -7.25 0.05 13.75
CA ASN A 136 -6.99 -1.07 14.65
C ASN A 136 -8.25 -1.90 14.92
N ALA A 137 -9.36 -1.23 15.19
CA ALA A 137 -10.63 -1.89 15.42
C ALA A 137 -11.11 -2.62 14.18
N LEU A 138 -10.71 -2.12 13.01
CA LEU A 138 -11.07 -2.74 11.75
C LEU A 138 -10.22 -3.97 11.50
N LEU A 139 -8.97 -3.91 11.97
CA LEU A 139 -8.06 -5.03 11.83
C LEU A 139 -8.50 -6.19 12.71
N GLN A 140 -9.03 -5.87 13.89
CA GLN A 140 -9.52 -6.89 14.81
C GLN A 140 -10.79 -7.51 14.26
N ASP A 141 -11.58 -6.71 13.57
CA ASP A 141 -12.81 -7.18 12.97
C ASP A 141 -12.53 -8.17 11.84
N ASN A 142 -11.54 -7.85 11.02
CA ASN A 142 -11.18 -8.70 9.88
C ASN A 142 -9.67 -8.76 9.66
N PRO A 143 -8.97 -9.58 10.46
CA PRO A 143 -7.53 -9.76 10.31
C PRO A 143 -7.17 -10.54 9.05
N GLY A 144 -8.19 -11.09 8.39
CA GLY A 144 -7.99 -11.91 7.20
C GLY A 144 -7.43 -11.14 6.01
N VAL A 145 -7.96 -9.95 5.76
CA VAL A 145 -7.54 -9.17 4.60
C VAL A 145 -6.24 -8.41 4.85
N ARG A 146 -5.33 -8.49 3.90
CA ARG A 146 -4.02 -7.85 4.03
C ARG A 146 -4.14 -6.34 4.13
N ALA A 147 -5.12 -5.77 3.43
CA ALA A 147 -5.34 -4.33 3.40
C ALA A 147 -5.48 -3.69 4.78
N ASN A 148 -6.20 -4.36 5.68
CA ASN A 148 -6.41 -3.82 7.02
C ASN A 148 -5.14 -3.76 7.84
N TRP A 149 -4.19 -4.64 7.52
CA TRP A 149 -2.89 -4.63 8.16
C TRP A 149 -2.06 -3.45 7.70
N SER A 150 -2.05 -3.23 6.38
CA SER A 150 -1.30 -2.12 5.80
C SER A 150 -1.85 -0.78 6.27
N ALA A 151 -3.18 -0.71 6.35
CA ALA A 151 -3.85 0.52 6.76
C ALA A 151 -3.47 0.94 8.18
N LEU A 152 -3.31 -0.04 9.07
CA LEU A 152 -2.94 0.25 10.45
C LEU A 152 -1.45 0.62 10.55
N ALA A 153 -0.62 -0.08 9.78
CA ALA A 153 0.82 0.18 9.77
C ALA A 153 1.12 1.57 9.21
N VAL A 154 0.41 1.95 8.15
CA VAL A 154 0.57 3.27 7.54
C VAL A 154 0.09 4.38 8.47
N ALA A 155 -1.08 4.17 9.07
CA ALA A 155 -1.64 5.13 10.01
C ALA A 155 -0.67 5.36 11.16
N GLN A 156 -0.04 4.28 11.61
CA GLN A 156 0.93 4.34 12.70
C GLN A 156 2.23 4.99 12.23
N PHE A 157 2.57 4.74 10.98
CA PHE A 157 3.75 5.35 10.38
C PHE A 157 3.59 6.86 10.30
N LEU A 158 2.36 7.32 10.05
CA LEU A 158 2.08 8.75 9.94
C LEU A 158 2.11 9.43 11.30
N ARG A 159 1.90 8.66 12.36
CA ARG A 159 1.91 9.21 13.72
C ARG A 159 3.34 9.36 14.21
N GLY A 160 4.27 8.75 13.49
CA GLY A 160 5.67 8.78 13.86
C GLY A 160 6.04 7.56 14.68
N GLU A 161 5.08 6.68 14.91
CA GLU A 161 5.32 5.47 15.68
C GLU A 161 5.80 4.40 14.70
N TYR A 162 7.11 4.39 14.45
CA TYR A 162 7.70 3.49 13.46
C TYR A 162 7.84 2.08 14.02
N ALA A 163 8.20 2.00 15.29
CA ALA A 163 8.36 0.73 15.98
C ALA A 163 7.07 -0.07 15.94
N SER A 164 5.96 0.59 16.26
CA SER A 164 4.66 -0.06 16.26
C SER A 164 4.27 -0.47 14.84
N ALA A 165 4.70 0.33 13.86
CA ALA A 165 4.45 0.01 12.46
C ALA A 165 5.25 -1.21 12.04
N TYR A 166 6.47 -1.31 12.56
CA TYR A 166 7.36 -2.43 12.26
C TYR A 166 6.75 -3.75 12.72
N LYS A 167 6.25 -3.77 13.95
CA LYS A 167 5.68 -4.99 14.53
C LYS A 167 4.49 -5.47 13.70
N ILE A 168 3.69 -4.51 13.22
CA ILE A 168 2.50 -4.83 12.45
C ILE A 168 2.83 -5.47 11.11
N VAL A 169 3.76 -4.88 10.37
CA VAL A 169 4.18 -5.42 9.08
C VAL A 169 4.86 -6.77 9.27
N ASP A 170 5.71 -6.87 10.28
CA ASP A 170 6.45 -8.10 10.56
C ASP A 170 5.55 -9.23 11.06
N ALA A 171 4.51 -8.88 11.81
CA ALA A 171 3.55 -9.86 12.29
C ALA A 171 2.80 -10.51 11.13
N PHE A 172 2.37 -9.68 10.20
CA PHE A 172 1.60 -10.16 9.04
C PHE A 172 2.43 -10.99 8.08
N GLU A 173 3.65 -10.53 7.80
CA GLU A 173 4.49 -11.17 6.80
C GLU A 173 4.87 -12.60 7.19
N SER A 174 4.86 -12.87 8.49
CA SER A 174 5.21 -14.19 9.00
C SER A 174 4.04 -15.18 8.90
N THR A 175 2.82 -14.66 8.80
CA THR A 175 1.64 -15.50 8.76
C THR A 175 1.49 -16.19 7.40
N ILE A 176 2.32 -15.78 6.44
CA ILE A 176 2.41 -16.47 5.17
C ILE A 176 3.80 -17.10 5.01
N ASN A 177 3.88 -18.41 5.25
CA ASN A 177 5.13 -19.14 5.12
C ASN A 177 5.24 -19.88 3.80
N GLN A 178 4.14 -19.90 3.06
CA GLN A 178 4.06 -20.69 1.83
C GLN A 178 4.19 -19.80 0.59
N GLY A 179 3.10 -19.10 0.26
CA GLY A 179 3.10 -18.14 -0.83
C GLY A 179 3.57 -18.67 -2.17
N VAL A 180 4.35 -17.87 -2.90
CA VAL A 180 4.64 -16.48 -2.50
C VAL A 180 3.49 -15.49 -2.77
N PRO A 181 2.92 -15.47 -4.00
CA PRO A 181 1.71 -14.67 -4.19
C PRO A 181 0.55 -15.32 -3.46
N VAL A 182 -0.47 -14.63 -2.94
CA VAL A 182 -0.74 -13.17 -2.99
C VAL A 182 -0.72 -12.44 -4.35
N ASP A 183 -0.47 -11.13 -4.31
CA ASP A 183 -0.49 -10.30 -5.51
C ASP A 183 0.88 -10.30 -6.21
N THR A 184 1.93 -10.35 -5.39
CA THR A 184 3.33 -10.18 -5.82
C THR A 184 3.67 -8.71 -6.06
N GLN A 185 2.66 -7.92 -6.42
CA GLN A 185 2.82 -6.47 -6.48
C GLN A 185 2.56 -5.83 -5.12
N GLU A 186 1.54 -6.32 -4.41
CA GLU A 186 1.29 -5.89 -3.04
C GLU A 186 2.51 -6.22 -2.20
N GLU A 187 3.05 -7.41 -2.41
CA GLU A 187 4.22 -7.88 -1.68
C GLU A 187 5.42 -6.98 -1.96
N SER A 188 5.63 -6.67 -3.23
CA SER A 188 6.75 -5.82 -3.63
C SER A 188 6.65 -4.43 -3.01
N GLU A 189 5.46 -3.86 -3.02
CA GLU A 189 5.25 -2.53 -2.47
C GLU A 189 5.30 -2.53 -0.95
N ALA A 190 4.80 -3.62 -0.35
CA ALA A 190 4.82 -3.76 1.11
C ALA A 190 6.25 -3.80 1.62
N MET A 191 7.12 -4.49 0.89
CA MET A 191 8.52 -4.62 1.30
C MET A 191 9.23 -3.27 1.26
N LEU A 192 8.97 -2.50 0.21
CA LEU A 192 9.54 -1.17 0.10
C LEU A 192 9.07 -0.28 1.25
N PHE A 193 7.81 -0.45 1.63
CA PHE A 193 7.25 0.29 2.76
C PHE A 193 7.90 -0.15 4.07
N MET A 194 8.12 -1.45 4.19
CA MET A 194 8.77 -2.02 5.37
C MET A 194 10.19 -1.50 5.48
N ASN A 195 10.86 -1.38 4.33
CA ASN A 195 12.21 -0.85 4.27
C ASN A 195 12.23 0.64 4.66
N LEU A 196 11.10 1.31 4.41
CA LEU A 196 10.97 2.72 4.80
C LEU A 196 10.77 2.83 6.31
N VAL A 197 10.02 1.88 6.87
CA VAL A 197 9.80 1.83 8.31
C VAL A 197 11.12 1.62 9.05
N ILE A 198 11.91 0.67 8.56
CA ILE A 198 13.21 0.36 9.13
C ILE A 198 14.17 1.54 9.03
N LEU A 199 14.20 2.16 7.85
CA LEU A 199 15.04 3.33 7.62
C LEU A 199 14.68 4.46 8.57
N LYS A 200 13.40 4.60 8.86
CA LYS A 200 12.91 5.67 9.73
C LYS A 200 13.11 5.33 11.21
N LYS A 201 13.37 4.06 11.50
CA LYS A 201 13.55 3.62 12.88
C LYS A 201 14.97 3.18 13.20
N ASP A 202 15.45 2.15 12.52
CA ASP A 202 16.76 1.58 12.82
C ASP A 202 17.90 2.26 12.08
N GLY A 203 17.58 3.29 11.29
CA GLY A 203 18.59 4.03 10.56
C GLY A 203 18.90 3.48 9.18
N VAL A 204 19.96 4.00 8.58
CA VAL A 204 20.34 3.62 7.21
C VAL A 204 21.05 2.27 7.17
N GLU A 205 21.90 2.02 8.15
CA GLU A 205 22.68 0.77 8.20
C GLU A 205 21.79 -0.46 8.13
N ASP A 206 20.76 -0.50 8.98
CA ASP A 206 19.83 -1.61 8.99
C ASP A 206 18.98 -1.65 7.73
N ALA A 207 18.56 -0.47 7.27
CA ALA A 207 17.72 -0.36 6.08
C ALA A 207 18.44 -0.89 4.84
N TYR A 208 19.75 -0.68 4.78
CA TYR A 208 20.55 -1.17 3.66
C TYR A 208 20.63 -2.69 3.65
N LYS A 209 20.77 -3.28 4.83
CA LYS A 209 20.86 -4.73 4.94
C LYS A 209 19.53 -5.38 4.58
N HIS A 210 18.45 -4.75 5.01
CA HIS A 210 17.10 -5.24 4.72
C HIS A 210 16.77 -5.16 3.24
N LEU A 211 17.20 -4.07 2.61
CA LEU A 211 16.93 -3.83 1.20
C LEU A 211 17.56 -4.92 0.33
N LEU A 212 18.78 -5.30 0.68
CA LEU A 212 19.51 -6.31 -0.08
C LEU A 212 18.86 -7.68 0.06
N SER A 213 18.17 -7.89 1.17
CA SER A 213 17.51 -9.15 1.46
C SER A 213 16.19 -9.30 0.70
N ILE A 214 15.56 -8.16 0.41
CA ILE A 214 14.26 -8.16 -0.25
C ILE A 214 14.36 -7.93 -1.76
N GLU A 215 15.59 -7.95 -2.29
CA GLU A 215 15.82 -7.69 -3.72
C GLU A 215 15.02 -8.59 -4.66
N LYS A 216 14.87 -9.86 -4.27
CA LYS A 216 14.14 -10.81 -5.09
C LYS A 216 12.65 -10.49 -5.12
N LYS A 217 12.18 -9.80 -4.09
CA LYS A 217 10.76 -9.49 -3.94
C LYS A 217 10.31 -8.18 -4.59
N VAL A 218 11.24 -7.32 -4.95
CA VAL A 218 10.88 -6.01 -5.50
C VAL A 218 10.76 -6.02 -7.03
N LEU A 219 9.54 -5.73 -7.51
CA LEU A 219 9.29 -5.69 -8.95
C LEU A 219 9.74 -4.37 -9.55
N ASP A 220 9.55 -3.28 -8.79
CA ASP A 220 9.95 -1.97 -9.26
C ASP A 220 11.47 -1.88 -9.18
N ARG A 221 12.12 -2.03 -10.33
CA ARG A 221 13.57 -2.12 -10.38
C ARG A 221 14.24 -0.76 -10.16
N VAL A 222 13.60 0.30 -10.62
CA VAL A 222 14.14 1.64 -10.44
C VAL A 222 14.10 2.06 -8.97
N ALA A 223 12.96 1.81 -8.33
CA ALA A 223 12.79 2.15 -6.92
C ALA A 223 13.84 1.46 -6.05
N PHE A 224 14.10 0.19 -6.33
CA PHE A 224 15.11 -0.57 -5.60
C PHE A 224 16.49 0.04 -5.79
N LEU A 225 16.93 0.14 -7.05
CA LEU A 225 18.28 0.60 -7.37
C LEU A 225 18.56 2.02 -6.90
N GLU A 226 17.56 2.89 -6.99
CA GLU A 226 17.71 4.25 -6.53
C GLU A 226 17.86 4.30 -5.01
N THR A 227 17.02 3.53 -4.33
CA THR A 227 17.07 3.46 -2.87
C THR A 227 18.39 2.85 -2.41
N ARG A 228 18.90 1.91 -3.20
CA ARG A 228 20.18 1.27 -2.91
C ARG A 228 21.32 2.28 -3.00
N ALA A 229 21.34 3.05 -4.07
CA ALA A 229 22.40 4.03 -4.29
C ALA A 229 22.39 5.11 -3.22
N GLU A 230 21.19 5.51 -2.79
CA GLU A 230 21.06 6.49 -1.73
C GLU A 230 21.69 5.97 -0.45
N TYR A 231 21.45 4.69 -0.16
CA TYR A 231 22.02 4.04 1.02
C TYR A 231 23.53 3.91 0.90
N GLU A 232 23.99 3.33 -0.21
CA GLU A 232 25.41 3.06 -0.43
C GLU A 232 26.27 4.33 -0.41
N LEU A 233 25.68 5.45 -0.82
CA LEU A 233 26.37 6.73 -0.77
C LEU A 233 26.43 7.25 0.67
N TYR A 234 25.40 6.93 1.45
CA TYR A 234 25.31 7.38 2.82
C TYR A 234 26.30 6.62 3.70
N LEU A 235 26.48 5.34 3.39
CA LEU A 235 27.37 4.49 4.16
C LEU A 235 28.81 4.62 3.66
N SER A 236 29.00 5.50 2.67
CA SER A 236 30.30 5.71 2.04
C SER A 236 30.87 4.44 1.43
N LYS A 237 29.98 3.55 0.96
CA LYS A 237 30.41 2.41 0.16
C LYS A 237 30.41 2.89 -1.27
N MET A 238 31.57 3.36 -1.72
CA MET A 238 31.67 4.05 -3.00
C MET A 238 31.77 3.10 -4.18
N GLU A 239 32.45 1.97 -3.99
CA GLU A 239 32.65 1.02 -5.06
C GLU A 239 31.32 0.33 -5.40
N GLU A 240 30.49 0.15 -4.38
CA GLU A 240 29.16 -0.43 -4.57
C GLU A 240 28.21 0.57 -5.22
N ALA A 241 28.28 1.82 -4.77
CA ALA A 241 27.46 2.88 -5.34
C ALA A 241 27.85 3.12 -6.79
N LYS A 242 29.14 3.02 -7.06
CA LYS A 242 29.68 3.20 -8.40
C LYS A 242 29.00 2.27 -9.40
N SER A 243 28.94 0.98 -9.08
CA SER A 243 28.31 0.00 -9.95
C SER A 243 26.78 0.12 -9.99
N THR A 244 26.17 0.41 -8.84
CA THR A 244 24.72 0.53 -8.74
C THR A 244 24.20 1.68 -9.59
N ILE A 245 24.85 2.83 -9.47
CA ILE A 245 24.49 4.00 -10.26
C ILE A 245 24.69 3.72 -11.74
N TYR A 246 25.74 2.96 -12.07
CA TYR A 246 25.98 2.56 -13.46
C TYR A 246 24.83 1.74 -14.02
N LEU A 247 24.17 0.95 -13.18
CA LEU A 247 23.01 0.20 -13.61
C LEU A 247 21.86 1.14 -13.90
N LEU A 248 21.80 2.26 -13.17
CA LEU A 248 20.75 3.25 -13.35
C LEU A 248 20.95 4.07 -14.63
N LEU A 249 22.21 4.41 -14.94
CA LEU A 249 22.51 5.12 -16.18
C LEU A 249 22.20 4.26 -17.38
N ASP A 250 22.41 2.96 -17.25
CA ASP A 250 22.13 2.01 -18.32
C ASP A 250 20.65 2.02 -18.67
N ARG A 251 19.80 2.12 -17.65
CA ARG A 251 18.36 2.13 -17.84
C ARG A 251 17.90 3.49 -18.35
N ASN A 252 18.37 4.55 -17.71
CA ASN A 252 17.99 5.90 -18.06
C ASN A 252 19.14 6.89 -17.88
N PRO A 253 19.92 7.11 -18.95
CA PRO A 253 21.05 8.04 -18.90
C PRO A 253 20.62 9.47 -19.19
N ASP A 254 19.38 9.80 -18.87
CA ASP A 254 18.88 11.17 -19.02
C ASP A 254 18.51 11.76 -17.66
N ASN A 255 18.79 10.99 -16.61
CA ASN A 255 18.44 11.41 -15.25
C ASN A 255 19.63 12.12 -14.59
N HIS A 256 19.48 13.43 -14.41
CA HIS A 256 20.55 14.29 -13.91
C HIS A 256 21.12 13.84 -12.56
N GLN A 257 20.23 13.46 -11.65
CA GLN A 257 20.64 13.06 -10.30
C GLN A 257 21.59 11.87 -10.31
N TYR A 258 21.50 11.04 -11.34
CA TYR A 258 22.38 9.88 -11.49
C TYR A 258 23.83 10.31 -11.68
N TYR A 259 24.04 11.33 -12.51
CA TYR A 259 25.39 11.84 -12.78
C TYR A 259 25.96 12.52 -11.56
N TYR A 260 25.11 13.28 -10.86
CA TYR A 260 25.52 13.95 -9.64
C TYR A 260 25.88 12.92 -8.57
N ASN A 261 25.21 11.77 -8.61
CA ASN A 261 25.47 10.68 -7.67
C ASN A 261 26.72 9.87 -8.04
N LEU A 262 26.90 9.62 -9.33
CA LEU A 262 28.07 8.89 -9.81
C LEU A 262 29.33 9.67 -9.55
N GLN A 263 29.24 10.99 -9.69
CA GLN A 263 30.35 11.89 -9.44
C GLN A 263 30.70 11.84 -7.96
N ARG A 264 29.67 11.75 -7.12
CA ARG A 264 29.85 11.68 -5.67
C ARG A 264 30.48 10.36 -5.26
N ALA A 265 30.13 9.29 -5.97
CA ALA A 265 30.66 7.96 -5.68
C ALA A 265 32.15 7.87 -6.00
N TYR A 266 32.57 8.51 -7.08
CA TYR A 266 33.98 8.54 -7.45
C TYR A 266 34.76 9.47 -6.52
N GLY A 267 34.04 10.27 -5.74
CA GLY A 267 34.65 11.20 -4.83
C GLY A 267 35.10 12.47 -5.54
N TYR A 268 34.64 12.65 -6.77
CA TYR A 268 35.01 13.82 -7.56
C TYR A 268 34.10 14.98 -7.19
N GLU A 269 33.09 14.70 -6.39
CA GLU A 269 32.13 15.71 -6.00
C GLU A 269 31.59 15.45 -4.59
N ASP A 270 31.45 16.51 -3.81
CA ASP A 270 30.89 16.42 -2.46
C ASP A 270 29.37 16.30 -2.56
N ALA A 271 28.70 16.23 -1.41
CA ALA A 271 27.25 16.13 -1.38
C ALA A 271 26.60 17.41 -1.90
N SER A 272 27.30 18.53 -1.77
CA SER A 272 26.79 19.81 -2.26
C SER A 272 27.54 20.27 -3.51
N GLY A 273 28.75 20.78 -3.31
CA GLY A 273 29.56 21.30 -4.40
C GLY A 273 30.55 20.29 -4.93
N LYS A 274 31.09 20.55 -6.12
CA LYS A 274 32.00 19.61 -6.76
C LYS A 274 33.45 19.89 -6.38
N VAL A 275 33.97 19.10 -5.46
CA VAL A 275 35.35 19.26 -5.01
C VAL A 275 36.02 17.93 -4.64
N LEU A 276 37.20 17.70 -5.20
CA LEU A 276 37.72 18.57 -6.25
C LEU A 276 37.96 17.79 -7.52
N ASP A 277 39.20 17.32 -7.69
CA ASP A 277 39.63 16.53 -8.84
C ASP A 277 39.05 17.03 -10.16
N SER A 278 39.13 18.34 -10.39
CA SER A 278 38.46 19.00 -11.50
C SER A 278 38.90 18.44 -12.86
N ALA A 279 40.09 17.85 -12.88
CA ALA A 279 40.62 17.26 -14.11
C ALA A 279 39.98 15.89 -14.35
N GLU A 280 39.88 15.09 -13.30
CA GLU A 280 39.27 13.78 -13.39
C GLU A 280 37.75 13.89 -13.41
N TRP A 281 37.25 15.03 -12.93
CA TRP A 281 35.83 15.31 -12.94
C TRP A 281 35.32 15.39 -14.37
N LEU A 282 36.05 16.12 -15.21
CA LEU A 282 35.76 16.18 -16.63
C LEU A 282 35.98 14.82 -17.28
N ASN A 283 37.05 14.15 -16.86
CA ASN A 283 37.43 12.86 -17.44
C ASN A 283 36.33 11.83 -17.31
N LEU A 284 35.59 11.89 -16.20
CA LEU A 284 34.45 11.01 -15.98
C LEU A 284 33.41 11.28 -17.06
N TYR A 285 33.03 12.55 -17.20
CA TYR A 285 32.07 12.97 -18.22
C TYR A 285 32.52 12.62 -19.64
N SER A 286 33.83 12.65 -19.89
CA SER A 286 34.35 12.25 -21.19
C SER A 286 34.17 10.75 -21.38
N GLN A 287 34.34 9.99 -20.31
CA GLN A 287 34.09 8.55 -20.34
C GLN A 287 32.58 8.32 -20.41
N LEU A 288 31.80 9.26 -19.88
CA LEU A 288 30.35 9.18 -19.97
C LEU A 288 29.84 9.53 -21.36
N ALA A 289 30.74 9.99 -22.22
CA ALA A 289 30.40 10.18 -23.63
C ALA A 289 30.40 8.82 -24.32
N LYS A 290 31.04 7.84 -23.68
CA LYS A 290 31.02 6.46 -24.14
C LYS A 290 29.69 5.81 -23.80
N ARG A 291 29.08 6.23 -22.69
CA ARG A 291 27.67 5.93 -22.46
C ARG A 291 27.00 6.51 -23.68
N TYR A 292 26.25 5.68 -24.39
CA TYR A 292 25.90 5.97 -25.79
C TYR A 292 25.51 7.43 -26.03
N PRO A 293 26.16 8.04 -27.03
CA PRO A 293 26.11 9.48 -27.35
C PRO A 293 24.69 10.03 -27.52
N LYS A 294 23.70 9.14 -27.50
CA LYS A 294 22.31 9.54 -27.59
C LYS A 294 21.87 10.41 -26.40
N SER A 295 22.73 10.51 -25.39
CA SER A 295 22.46 11.37 -24.23
C SER A 295 23.31 12.64 -24.26
N GLU A 296 22.65 13.79 -24.06
CA GLU A 296 23.33 15.08 -24.09
C GLU A 296 23.96 15.45 -22.76
N CYS A 297 23.56 14.76 -21.70
CA CYS A 297 24.02 15.07 -20.34
C CYS A 297 25.55 15.13 -20.11
N PRO A 298 26.32 14.17 -20.65
CA PRO A 298 27.77 14.20 -20.43
C PRO A 298 28.44 15.48 -20.94
N THR A 299 27.93 16.07 -22.02
CA THR A 299 28.50 17.32 -22.53
C THR A 299 27.86 18.54 -21.88
N ARG A 300 26.56 18.47 -21.61
CA ARG A 300 25.80 19.61 -21.12
C ARG A 300 25.98 19.87 -19.63
N LEU A 301 25.91 18.81 -18.83
CA LEU A 301 26.03 18.95 -17.38
C LEU A 301 27.32 19.66 -16.90
N PRO A 302 28.49 19.31 -17.48
CA PRO A 302 29.68 20.04 -17.04
C PRO A 302 29.66 21.53 -17.37
N LEU A 303 28.87 21.95 -18.36
CA LEU A 303 28.77 23.36 -18.72
C LEU A 303 28.28 24.21 -17.55
N GLU A 304 27.59 23.57 -16.60
CA GLU A 304 27.11 24.25 -15.41
C GLU A 304 28.27 24.65 -14.51
N LYS A 305 29.19 23.72 -14.28
CA LYS A 305 30.28 23.96 -13.34
C LYS A 305 31.60 24.40 -13.98
N LEU A 306 31.71 24.32 -15.30
CA LEU A 306 32.92 24.75 -15.98
C LEU A 306 33.05 26.27 -16.00
N GLU A 307 34.28 26.75 -16.17
CA GLU A 307 34.55 28.19 -16.13
C GLU A 307 35.84 28.56 -16.85
N GLY A 308 35.96 29.83 -17.22
CA GLY A 308 37.16 30.34 -17.88
C GLY A 308 37.37 29.85 -19.29
N ASP A 309 38.56 29.34 -19.58
CA ASP A 309 38.89 28.92 -20.95
C ASP A 309 38.28 27.57 -21.32
N GLU A 310 38.20 26.67 -20.35
CA GLU A 310 37.66 25.35 -20.60
C GLU A 310 36.14 25.39 -20.83
N PHE A 311 35.51 26.45 -20.31
CA PHE A 311 34.09 26.68 -20.55
C PHE A 311 33.90 27.18 -21.97
N LEU A 312 34.72 28.14 -22.37
CA LEU A 312 34.65 28.72 -23.71
C LEU A 312 34.83 27.65 -24.78
N THR A 313 35.74 26.72 -24.54
CA THR A 313 36.02 25.65 -25.49
C THR A 313 34.82 24.71 -25.61
N HIS A 314 34.24 24.36 -24.48
CA HIS A 314 33.13 23.39 -24.45
C HIS A 314 31.80 24.01 -24.85
N VAL A 315 31.57 25.26 -24.47
CA VAL A 315 30.33 25.93 -24.84
C VAL A 315 30.33 26.25 -26.33
N ASP A 316 31.51 26.37 -26.93
CA ASP A 316 31.62 26.63 -28.35
C ASP A 316 31.24 25.38 -29.14
N LEU A 317 31.77 24.24 -28.72
CA LEU A 317 31.45 22.97 -29.36
C LEU A 317 29.97 22.64 -29.16
N TYR A 318 29.44 23.01 -28.01
CA TYR A 318 28.05 22.71 -27.68
C TYR A 318 27.09 23.57 -28.50
N LEU A 319 27.41 24.85 -28.62
CA LEU A 319 26.56 25.77 -29.39
C LEU A 319 26.60 25.46 -30.87
N ARG A 320 27.79 25.19 -31.40
CA ARG A 320 27.93 24.75 -32.78
C ARG A 320 27.13 23.48 -33.02
N LYS A 321 27.18 22.57 -32.05
CA LYS A 321 26.49 21.29 -32.14
C LYS A 321 24.98 21.47 -32.38
N LYS A 322 24.36 22.31 -31.56
CA LYS A 322 22.92 22.53 -31.66
C LYS A 322 22.51 23.50 -32.79
N LEU A 323 23.43 24.37 -33.20
CA LEU A 323 23.14 25.30 -34.29
C LEU A 323 23.13 24.60 -35.65
N LYS A 324 24.06 23.66 -35.86
CA LYS A 324 24.13 22.92 -37.11
C LYS A 324 22.94 21.98 -37.28
N ARG A 325 22.39 21.53 -36.16
CA ARG A 325 21.24 20.64 -36.19
C ARG A 325 19.94 21.42 -36.39
N GLY A 326 20.01 22.73 -36.15
CA GLY A 326 18.84 23.58 -36.34
C GLY A 326 17.80 23.38 -35.25
N ILE A 327 18.26 23.22 -34.01
CA ILE A 327 17.36 23.03 -32.88
C ILE A 327 16.83 24.39 -32.41
N PRO A 328 15.50 24.57 -32.46
CA PRO A 328 14.85 25.80 -32.02
C PRO A 328 14.90 26.00 -30.51
N SER A 329 15.21 24.93 -29.79
CA SER A 329 15.22 24.96 -28.33
C SER A 329 16.60 25.32 -27.80
N VAL A 330 17.51 25.63 -28.71
CA VAL A 330 18.92 25.82 -28.36
C VAL A 330 19.16 26.88 -27.29
N PHE A 331 18.41 27.98 -27.34
CA PHE A 331 18.57 29.04 -26.34
C PHE A 331 18.03 28.62 -24.98
N VAL A 332 16.86 27.99 -24.99
CA VAL A 332 16.20 27.58 -23.75
C VAL A 332 17.05 26.58 -22.97
N ASP A 333 17.88 25.84 -23.68
CA ASP A 333 18.78 24.88 -23.07
C ASP A 333 19.91 25.63 -22.34
N VAL A 334 20.62 26.47 -23.07
CA VAL A 334 21.74 27.23 -22.55
C VAL A 334 21.28 28.30 -21.55
N LYS A 335 20.02 28.69 -21.66
CA LYS A 335 19.43 29.77 -20.87
C LYS A 335 19.76 29.74 -19.38
N SER A 336 19.78 28.56 -18.80
CA SER A 336 20.01 28.41 -17.36
C SER A 336 21.45 28.74 -16.95
N LEU A 337 22.37 28.76 -17.91
CA LEU A 337 23.76 29.07 -17.62
C LEU A 337 23.95 30.54 -17.29
N TYR A 338 22.92 31.34 -17.53
CA TYR A 338 23.01 32.79 -17.38
C TYR A 338 22.88 33.23 -15.92
N LYS A 339 22.83 32.25 -15.01
CA LYS A 339 22.66 32.54 -13.59
C LYS A 339 23.81 33.36 -13.01
N ASP A 340 25.00 33.21 -13.60
CA ASP A 340 26.19 33.90 -13.10
C ASP A 340 26.45 35.21 -13.83
N THR A 341 25.76 35.42 -14.95
CA THR A 341 25.86 36.64 -15.76
C THR A 341 27.23 36.90 -16.38
N LYS A 342 28.24 36.12 -15.99
CA LYS A 342 29.56 36.22 -16.59
C LYS A 342 29.58 35.35 -17.85
N LYS A 343 29.00 34.17 -17.75
CA LYS A 343 28.90 33.25 -18.89
C LYS A 343 27.94 33.83 -19.92
N CYS A 344 27.01 34.64 -19.45
CA CYS A 344 26.06 35.30 -20.33
C CYS A 344 26.78 36.15 -21.36
N LYS A 345 27.78 36.91 -20.91
CA LYS A 345 28.59 37.71 -21.81
C LYS A 345 29.40 36.82 -22.75
N VAL A 346 29.95 35.74 -22.20
CA VAL A 346 30.76 34.82 -22.98
C VAL A 346 29.95 34.18 -24.10
N VAL A 347 28.73 33.75 -23.78
CA VAL A 347 27.84 33.16 -24.77
C VAL A 347 27.39 34.23 -25.77
N GLU A 348 27.08 35.41 -25.25
CA GLU A 348 26.66 36.53 -26.08
C GLU A 348 27.70 36.89 -27.13
N ASP A 349 28.94 37.10 -26.70
CA ASP A 349 30.02 37.47 -27.60
C ASP A 349 30.36 36.36 -28.58
N LEU A 350 30.11 35.12 -28.18
CA LEU A 350 30.42 33.97 -29.01
C LEU A 350 29.45 33.86 -30.19
N VAL A 351 28.16 33.98 -29.91
CA VAL A 351 27.15 33.84 -30.96
C VAL A 351 26.97 35.14 -31.75
N SER A 352 27.48 36.24 -31.20
CA SER A 352 27.51 37.51 -31.92
C SER A 352 28.58 37.41 -33.00
N LYS A 353 29.66 36.71 -32.68
CA LYS A 353 30.71 36.42 -33.66
C LYS A 353 30.22 35.37 -34.66
N TYR A 354 29.30 34.52 -34.23
CA TYR A 354 28.68 33.55 -35.13
C TYR A 354 27.88 34.29 -36.18
N ALA A 355 27.28 35.40 -35.76
CA ALA A 355 26.45 36.22 -36.65
C ALA A 355 27.27 36.79 -37.80
N SER A 356 28.34 37.50 -37.49
CA SER A 356 29.21 38.01 -38.54
C SER A 356 30.43 37.10 -38.73
N SER A 357 30.17 35.97 -39.36
CA SER A 357 31.16 35.01 -39.82
C SER A 357 30.49 34.38 -41.02
N LEU A 358 29.24 34.00 -40.75
CA LEU A 358 28.26 33.60 -41.74
C LEU A 358 27.95 34.74 -42.71
N SER A 359 28.46 35.93 -42.41
CA SER A 359 28.37 37.07 -43.32
C SER A 359 29.04 36.80 -44.65
N THR A 360 30.37 36.74 -44.67
CA THR A 360 31.10 36.45 -45.90
C THR A 360 31.21 34.95 -46.18
N THR A 361 31.47 34.18 -45.13
CA THR A 361 31.66 32.73 -45.28
C THR A 361 30.42 31.99 -44.79
N ASN A 362 30.45 30.66 -44.84
CA ASN A 362 29.41 29.85 -44.23
C ASN A 362 29.87 29.15 -42.95
N LYS A 363 31.11 29.43 -42.54
CA LYS A 363 31.70 28.78 -41.38
C LYS A 363 31.88 29.75 -40.21
N PHE A 364 31.79 29.23 -38.98
CA PHE A 364 31.93 30.04 -37.78
C PHE A 364 33.33 30.65 -37.68
N SER A 365 33.43 31.77 -36.96
CA SER A 365 34.71 32.42 -36.66
C SER A 365 35.59 32.65 -37.90
N GLU A 366 36.86 32.26 -37.79
CA GLU A 366 37.82 32.45 -38.88
C GLU A 366 38.56 31.16 -39.25
N ASP A 367 39.20 30.54 -38.27
CA ASP A 367 40.05 29.37 -38.49
C ASP A 367 39.28 28.12 -38.92
N ASP A 368 37.95 28.19 -38.90
CA ASP A 368 37.12 27.06 -39.30
C ASP A 368 37.13 26.90 -40.81
N ASP A 369 37.61 27.93 -41.51
CA ASP A 369 37.76 27.89 -42.96
C ASP A 369 38.93 26.97 -43.34
N ASN A 370 39.80 26.70 -42.37
CA ASN A 370 40.91 25.80 -42.56
C ASN A 370 40.45 24.34 -42.49
N SER A 371 39.37 24.11 -41.76
CA SER A 371 38.75 22.79 -41.68
C SER A 371 37.62 22.68 -42.69
N GLN A 372 37.41 23.76 -43.45
CA GLN A 372 36.49 23.79 -44.58
C GLN A 372 35.02 23.50 -44.24
N ILE A 373 34.39 22.67 -45.07
CA ILE A 373 32.94 22.43 -45.05
C ILE A 373 32.18 23.76 -45.12
N GLU A 374 30.91 23.74 -44.70
CA GLU A 374 30.03 24.91 -44.77
C GLU A 374 28.66 24.56 -44.21
N ILE A 375 27.85 25.57 -43.90
CA ILE A 375 26.46 25.36 -43.50
C ILE A 375 25.56 26.40 -44.15
N PRO A 376 24.41 25.96 -44.71
CA PRO A 376 23.46 26.86 -45.38
C PRO A 376 22.53 27.66 -44.47
N THR A 377 21.82 26.99 -43.55
CA THR A 377 20.72 27.61 -42.83
C THR A 377 21.00 28.05 -41.39
N THR A 378 22.25 27.90 -40.94
CA THR A 378 22.60 28.20 -39.55
C THR A 378 22.34 29.65 -39.13
N LEU A 379 22.34 30.57 -40.10
CA LEU A 379 22.08 31.98 -39.81
C LEU A 379 20.71 32.20 -39.15
N LEU A 380 19.75 31.38 -39.53
CA LEU A 380 18.41 31.43 -38.96
C LEU A 380 18.49 31.26 -37.45
N TRP A 381 19.02 30.13 -37.03
CA TRP A 381 19.03 29.75 -35.62
C TRP A 381 20.05 30.56 -34.84
N THR A 382 20.99 31.18 -35.55
CA THR A 382 21.90 32.11 -34.92
C THR A 382 21.14 33.41 -34.66
N TYR A 383 20.40 33.87 -35.66
CA TYR A 383 19.54 35.05 -35.50
C TYR A 383 18.47 34.81 -34.46
N TYR A 384 17.86 33.62 -34.49
CA TYR A 384 16.80 33.27 -33.56
C TYR A 384 17.33 33.19 -32.13
N PHE A 385 18.54 32.68 -31.97
CA PHE A 385 19.19 32.63 -30.66
C PHE A 385 19.43 34.04 -30.15
N LEU A 386 20.00 34.87 -31.01
CA LEU A 386 20.29 36.26 -30.66
C LEU A 386 19.01 37.04 -30.39
N ALA A 387 17.95 36.71 -31.12
CA ALA A 387 16.65 37.36 -30.90
C ALA A 387 16.12 37.04 -29.51
N GLN A 388 16.21 35.76 -29.14
CA GLN A 388 15.78 35.32 -27.82
C GLN A 388 16.72 35.85 -26.75
N HIS A 389 18.01 35.88 -27.07
CA HIS A 389 19.03 36.28 -26.11
C HIS A 389 18.86 37.71 -25.62
N PHE A 390 18.88 38.65 -26.56
CA PHE A 390 18.79 40.06 -26.21
C PHE A 390 17.43 40.43 -25.62
N ASP A 391 16.41 39.65 -25.94
CA ASP A 391 15.10 39.82 -25.34
C ASP A 391 15.17 39.45 -23.86
N HIS A 392 15.95 38.41 -23.56
CA HIS A 392 16.16 37.97 -22.20
C HIS A 392 17.03 38.99 -21.46
N VAL A 393 18.11 39.41 -22.12
CA VAL A 393 19.01 40.42 -21.55
C VAL A 393 18.29 41.76 -21.42
N GLY A 394 17.33 42.01 -22.31
CA GLY A 394 16.50 43.19 -22.19
C GLY A 394 16.84 44.31 -23.15
N GLU A 395 17.62 44.01 -24.19
CA GLU A 395 17.97 45.00 -25.20
C GLU A 395 16.74 45.47 -25.96
N LEU A 396 16.03 44.52 -26.56
CA LEU A 396 14.77 44.75 -27.28
C LEU A 396 14.94 45.48 -28.61
N GLU A 397 15.95 46.33 -28.71
CA GLU A 397 16.26 46.98 -29.98
C GLU A 397 17.08 46.03 -30.82
N LYS A 398 18.13 45.49 -30.21
CA LYS A 398 18.97 44.49 -30.85
C LYS A 398 18.15 43.24 -31.10
N ALA A 399 17.31 42.91 -30.12
CA ALA A 399 16.47 41.72 -30.20
C ALA A 399 15.56 41.76 -31.41
N GLU A 400 14.76 42.82 -31.53
CA GLU A 400 13.78 42.94 -32.61
C GLU A 400 14.44 42.99 -33.98
N LYS A 401 15.66 43.52 -34.03
CA LYS A 401 16.40 43.61 -35.28
C LYS A 401 16.75 42.21 -35.77
N TYR A 402 16.98 41.31 -34.84
CA TYR A 402 17.36 39.93 -35.17
C TYR A 402 16.19 39.06 -35.62
N VAL A 403 15.03 39.22 -34.99
CA VAL A 403 13.86 38.44 -35.40
C VAL A 403 13.46 38.82 -36.83
N ASP A 404 13.52 40.11 -37.13
CA ASP A 404 13.22 40.61 -38.47
C ASP A 404 14.16 39.99 -39.49
N LEU A 405 15.43 39.85 -39.12
CA LEU A 405 16.40 39.18 -39.98
C LEU A 405 16.02 37.72 -40.19
N ALA A 406 15.49 37.10 -39.14
CA ALA A 406 15.08 35.70 -39.21
C ALA A 406 13.78 35.55 -40.00
N ILE A 407 12.84 36.45 -39.75
CA ILE A 407 11.56 36.43 -40.46
C ILE A 407 11.72 36.75 -41.94
N ASP A 408 12.62 37.67 -42.27
CA ASP A 408 12.88 38.00 -43.66
C ASP A 408 13.45 36.80 -44.42
N HIS A 409 14.22 35.98 -43.73
CA HIS A 409 14.79 34.78 -44.33
C HIS A 409 13.73 33.70 -44.50
N THR A 410 12.99 33.42 -43.43
CA THR A 410 11.98 32.38 -43.44
C THR A 410 10.70 32.81 -42.71
N PRO A 411 9.77 33.43 -43.45
CA PRO A 411 8.51 34.00 -42.93
C PRO A 411 7.49 32.97 -42.45
N THR A 412 7.72 31.69 -42.74
CA THR A 412 6.74 30.66 -42.43
C THR A 412 6.98 29.99 -41.07
N LEU A 413 8.07 30.34 -40.41
CA LEU A 413 8.41 29.73 -39.12
C LEU A 413 7.65 30.36 -37.96
N VAL A 414 6.91 29.53 -37.23
CA VAL A 414 6.05 30.01 -36.14
C VAL A 414 6.82 30.59 -34.96
N GLU A 415 7.89 29.91 -34.56
CA GLU A 415 8.67 30.32 -33.39
C GLU A 415 9.22 31.74 -33.51
N LEU A 416 9.54 32.15 -34.73
CA LEU A 416 10.08 33.47 -34.97
C LEU A 416 9.07 34.54 -34.57
N PHE A 417 7.79 34.27 -34.86
CA PHE A 417 6.72 35.21 -34.53
C PHE A 417 6.35 35.15 -33.05
N MET A 418 6.63 34.02 -32.40
CA MET A 418 6.41 33.92 -30.97
C MET A 418 7.34 34.85 -30.21
N THR A 419 8.60 34.88 -30.62
CA THR A 419 9.60 35.71 -29.97
C THR A 419 9.33 37.19 -30.22
N LYS A 420 9.00 37.52 -31.46
CA LYS A 420 8.71 38.90 -31.84
C LYS A 420 7.53 39.46 -31.05
N ALA A 421 6.53 38.61 -30.80
CA ALA A 421 5.37 39.00 -30.03
C ALA A 421 5.75 39.29 -28.57
N ARG A 422 6.69 38.51 -28.06
CA ARG A 422 7.18 38.66 -26.70
C ARG A 422 7.92 39.98 -26.56
N ILE A 423 8.72 40.30 -27.56
CA ILE A 423 9.51 41.54 -27.57
C ILE A 423 8.60 42.76 -27.58
N SER A 424 7.53 42.70 -28.37
CA SER A 424 6.55 43.78 -28.42
C SER A 424 5.90 43.94 -27.06
N LYS A 425 5.67 42.81 -26.38
CA LYS A 425 5.12 42.79 -25.03
C LYS A 425 6.06 43.47 -24.05
N HIS A 426 7.36 43.22 -24.21
CA HIS A 426 8.37 43.81 -23.35
C HIS A 426 8.54 45.30 -23.67
N LYS A 427 8.20 45.68 -24.89
CA LYS A 427 8.26 47.07 -25.30
C LYS A 427 7.08 47.86 -24.74
N GLY A 428 6.15 47.13 -24.13
CA GLY A 428 4.99 47.75 -23.50
C GLY A 428 3.81 47.89 -24.43
N GLU A 429 4.01 47.51 -25.69
CA GLU A 429 2.97 47.59 -26.70
C GLU A 429 2.23 46.27 -26.79
N LEU A 430 1.08 46.18 -26.13
CA LEU A 430 0.35 44.93 -26.05
C LEU A 430 -0.51 44.64 -27.27
N GLN A 431 -1.05 45.69 -27.90
CA GLN A 431 -1.93 45.51 -29.05
C GLN A 431 -1.22 44.82 -30.20
N THR A 432 -0.05 45.34 -30.57
CA THR A 432 0.72 44.76 -31.66
C THR A 432 1.29 43.40 -31.25
N ALA A 433 1.53 43.23 -29.96
CA ALA A 433 1.99 41.95 -29.43
C ALA A 433 0.92 40.88 -29.63
N MET A 434 -0.33 41.25 -29.39
CA MET A 434 -1.47 40.35 -29.57
C MET A 434 -1.64 39.94 -31.03
N GLU A 435 -1.45 40.92 -31.93
CA GLU A 435 -1.61 40.69 -33.36
C GLU A 435 -0.56 39.71 -33.89
N ILE A 436 0.69 39.91 -33.46
CA ILE A 436 1.78 39.05 -33.88
C ILE A 436 1.59 37.62 -33.39
N MET A 437 1.07 37.48 -32.17
CA MET A 437 0.80 36.17 -31.61
C MET A 437 -0.31 35.46 -32.37
N ASP A 438 -1.30 36.24 -32.81
CA ASP A 438 -2.41 35.68 -33.60
C ASP A 438 -1.94 35.28 -34.99
N HIS A 439 -0.93 35.97 -35.49
CA HIS A 439 -0.33 35.63 -36.77
C HIS A 439 0.43 34.32 -36.65
N ALA A 440 1.07 34.11 -35.50
CA ALA A 440 1.79 32.89 -35.23
C ALA A 440 0.83 31.71 -35.13
N ARG A 441 -0.34 31.94 -34.53
CA ARG A 441 -1.38 30.93 -34.45
C ARG A 441 -1.91 30.60 -35.84
N LYS A 442 -2.02 31.61 -36.69
CA LYS A 442 -2.50 31.43 -38.06
C LYS A 442 -1.56 30.54 -38.86
N LEU A 443 -0.30 30.44 -38.41
CA LEU A 443 0.68 29.60 -39.08
C LEU A 443 0.53 28.13 -38.69
N ASP A 444 -0.07 27.88 -37.51
CA ASP A 444 -0.40 26.52 -37.09
C ASP A 444 -1.77 26.46 -36.43
N LEU A 445 -2.77 25.97 -37.17
CA LEU A 445 -4.15 25.96 -36.69
C LEU A 445 -4.52 24.67 -35.97
N GLN A 446 -3.67 23.66 -36.06
CA GLN A 446 -3.94 22.37 -35.45
C GLN A 446 -3.23 22.19 -34.11
N ASP A 447 -2.42 23.17 -33.73
CA ASP A 447 -1.65 23.11 -32.49
C ASP A 447 -2.37 23.88 -31.39
N ARG A 448 -2.78 23.18 -30.33
CA ARG A 448 -3.48 23.84 -29.23
C ARG A 448 -2.56 24.78 -28.44
N PHE A 449 -1.28 24.46 -28.40
CA PHE A 449 -0.31 25.26 -27.66
C PHE A 449 -0.28 26.71 -28.16
N ILE A 450 -0.02 26.86 -29.45
CA ILE A 450 0.09 28.18 -30.06
C ILE A 450 -1.25 28.92 -29.96
N ASN A 451 -2.34 28.18 -29.92
CA ASN A 451 -3.67 28.74 -29.72
C ASN A 451 -3.81 29.31 -28.31
N GLY A 452 -3.31 28.56 -27.33
CA GLY A 452 -3.37 28.96 -25.93
C GLY A 452 -2.55 30.21 -25.64
N LYS A 453 -1.35 30.27 -26.20
CA LYS A 453 -0.49 31.44 -26.06
C LYS A 453 -1.17 32.67 -26.68
N CYS A 454 -1.86 32.45 -27.79
CA CYS A 454 -2.55 33.52 -28.49
C CYS A 454 -3.65 34.12 -27.61
N ALA A 455 -4.41 33.24 -26.96
CA ALA A 455 -5.51 33.67 -26.10
C ALA A 455 -4.99 34.43 -24.89
N LYS A 456 -3.80 34.04 -24.43
CA LYS A 456 -3.17 34.69 -23.27
C LYS A 456 -2.82 36.14 -23.58
N TYR A 457 -2.20 36.37 -24.72
CA TYR A 457 -1.83 37.72 -25.14
C TYR A 457 -3.07 38.56 -25.41
N MET A 458 -4.15 37.90 -25.83
CA MET A 458 -5.43 38.57 -25.99
C MET A 458 -5.96 38.99 -24.63
N LEU A 459 -5.78 38.13 -23.64
CA LEU A 459 -6.19 38.43 -22.27
C LEU A 459 -5.35 39.56 -21.67
N ARG A 460 -4.05 39.53 -21.93
CA ARG A 460 -3.16 40.57 -21.43
C ARG A 460 -3.50 41.93 -22.04
N ASN A 461 -4.10 41.90 -23.23
CA ASN A 461 -4.51 43.13 -23.89
C ASN A 461 -5.96 43.46 -23.53
N ASP A 462 -6.49 42.70 -22.57
CA ASP A 462 -7.86 42.90 -22.06
C ASP A 462 -8.94 42.64 -23.09
N GLU A 463 -8.67 41.76 -24.05
CA GLU A 463 -9.70 41.28 -24.96
C GLU A 463 -10.13 39.90 -24.49
N ASN A 464 -11.11 39.88 -23.58
CA ASN A 464 -11.54 38.63 -22.96
C ASN A 464 -12.40 37.80 -23.89
N GLU A 465 -13.32 38.48 -24.55
CA GLU A 465 -14.27 37.85 -25.46
C GLU A 465 -13.60 37.32 -26.72
N LEU A 466 -12.61 38.06 -27.21
CA LEU A 466 -11.86 37.64 -28.38
C LEU A 466 -11.05 36.38 -28.06
N ALA A 467 -10.58 36.30 -26.82
CA ALA A 467 -9.80 35.15 -26.36
C ALA A 467 -10.68 33.92 -26.20
N ALA A 468 -11.89 34.12 -25.69
CA ALA A 468 -12.85 33.03 -25.50
C ALA A 468 -13.23 32.42 -26.84
N LYS A 469 -13.36 33.26 -27.85
CA LYS A 469 -13.65 32.80 -29.21
C LYS A 469 -12.48 31.99 -29.75
N THR A 470 -11.27 32.40 -29.37
CA THR A 470 -10.05 31.74 -29.84
C THR A 470 -9.87 30.34 -29.23
N VAL A 471 -10.13 30.21 -27.94
CA VAL A 471 -10.01 28.91 -27.28
C VAL A 471 -11.19 28.01 -27.57
N SER A 472 -12.26 28.58 -28.11
CA SER A 472 -13.45 27.82 -28.49
C SER A 472 -13.13 26.79 -29.56
N LEU A 473 -12.00 26.97 -30.24
CA LEU A 473 -11.57 26.08 -31.31
C LEU A 473 -11.08 24.74 -30.77
N PHE A 474 -10.45 24.76 -29.60
CA PHE A 474 -9.86 23.55 -29.03
C PHE A 474 -10.57 22.91 -27.84
N THR A 475 -11.73 23.43 -27.47
CA THR A 475 -12.38 22.95 -26.25
C THR A 475 -13.61 22.12 -26.59
N ARG A 476 -14.04 21.29 -25.64
CA ARG A 476 -15.29 20.55 -25.81
C ARG A 476 -16.40 21.51 -25.42
N ASN A 477 -17.13 22.00 -26.42
CA ASN A 477 -18.09 23.08 -26.20
C ASN A 477 -19.48 22.59 -25.81
N GLU A 478 -19.59 21.29 -25.55
CA GLU A 478 -20.86 20.70 -25.13
C GLU A 478 -21.13 21.09 -23.68
N ALA A 479 -22.19 21.87 -23.48
CA ALA A 479 -22.66 22.33 -22.16
C ALA A 479 -21.74 23.36 -21.48
N VAL A 480 -22.20 23.81 -20.31
CA VAL A 480 -21.67 24.94 -19.50
C VAL A 480 -20.81 26.02 -20.15
N GLY A 481 -21.30 27.25 -20.02
CA GLY A 481 -20.68 28.46 -20.54
C GLY A 481 -19.58 28.49 -21.57
N GLY A 482 -19.70 27.65 -22.60
CA GLY A 482 -18.77 27.76 -23.72
C GLY A 482 -17.42 27.14 -23.43
N ALA A 483 -16.43 27.63 -24.15
CA ALA A 483 -15.05 27.18 -23.99
C ALA A 483 -14.53 27.43 -22.58
N VAL A 484 -14.85 28.61 -22.04
CA VAL A 484 -14.39 29.01 -20.72
C VAL A 484 -15.00 28.12 -19.65
N GLY A 485 -16.27 27.74 -19.84
CA GLY A 485 -16.95 26.85 -18.93
C GLY A 485 -16.27 25.49 -18.88
N ASP A 486 -15.75 25.06 -20.03
CA ASP A 486 -15.04 23.79 -20.12
C ASP A 486 -13.66 23.89 -19.51
N LEU A 487 -13.02 25.05 -19.67
CA LEU A 487 -11.71 25.29 -19.09
C LEU A 487 -11.73 25.26 -17.56
N ALA A 488 -12.88 25.60 -16.98
CA ALA A 488 -13.04 25.55 -15.54
C ALA A 488 -13.22 24.10 -15.07
N ASP A 489 -13.97 23.33 -15.85
CA ASP A 489 -14.20 21.92 -15.53
C ASP A 489 -12.91 21.11 -15.62
N MET A 490 -12.04 21.48 -16.55
CA MET A 490 -10.78 20.78 -16.75
C MET A 490 -9.67 21.33 -15.86
N GLN A 491 -10.06 22.23 -14.96
CA GLN A 491 -9.16 22.79 -13.95
C GLN A 491 -7.98 23.50 -14.58
N CYS A 492 -8.25 24.24 -15.66
CA CYS A 492 -7.21 25.03 -16.30
C CYS A 492 -6.93 26.27 -15.46
N LEU A 493 -5.80 26.26 -14.78
CA LEU A 493 -5.49 27.27 -13.78
C LEU A 493 -5.09 28.61 -14.41
N TRP A 494 -4.28 28.55 -15.46
CA TRP A 494 -3.70 29.77 -16.04
C TRP A 494 -4.75 30.68 -16.68
N TYR A 495 -5.75 30.08 -17.31
CA TYR A 495 -6.76 30.88 -18.01
C TYR A 495 -7.65 31.62 -17.03
N MET A 496 -8.12 30.92 -16.00
CA MET A 496 -9.00 31.53 -15.00
C MET A 496 -8.27 32.67 -14.31
N LEU A 497 -6.96 32.51 -14.17
CA LEU A 497 -6.14 33.51 -13.52
C LEU A 497 -5.94 34.73 -14.42
N GLU A 498 -5.57 34.48 -15.67
CA GLU A 498 -5.32 35.55 -16.62
C GLU A 498 -6.61 36.29 -16.99
N ASP A 499 -7.71 35.56 -17.08
CA ASP A 499 -9.00 36.16 -17.42
C ASP A 499 -9.48 37.05 -16.28
N GLY A 500 -9.33 36.55 -15.05
CA GLY A 500 -9.76 37.28 -13.87
C GLY A 500 -8.94 38.54 -13.63
N LYS A 501 -7.64 38.45 -13.82
CA LYS A 501 -6.74 39.59 -13.67
C LYS A 501 -7.06 40.66 -14.70
N SER A 502 -7.48 40.22 -15.88
CA SER A 502 -7.86 41.14 -16.94
C SER A 502 -9.12 41.91 -16.55
N PHE A 503 -10.13 41.18 -16.08
CA PHE A 503 -11.36 41.80 -15.58
C PHE A 503 -11.05 42.76 -14.43
N ALA A 504 -10.03 42.43 -13.65
CA ALA A 504 -9.64 43.21 -12.49
C ALA A 504 -9.19 44.62 -12.86
N ARG A 505 -8.35 44.73 -13.89
CA ARG A 505 -7.85 46.04 -14.30
C ARG A 505 -8.83 46.76 -15.22
N GLN A 506 -9.88 46.06 -15.63
CA GLN A 506 -10.96 46.68 -16.38
C GLN A 506 -12.05 47.08 -15.40
N LYS A 507 -11.79 46.87 -14.12
CA LYS A 507 -12.71 47.21 -13.03
C LYS A 507 -14.03 46.45 -13.14
N LYS A 508 -14.01 45.32 -13.85
CA LYS A 508 -15.15 44.43 -13.90
C LYS A 508 -15.00 43.44 -12.75
N PHE A 509 -15.52 43.83 -11.59
CA PHE A 509 -15.23 43.12 -10.35
C PHE A 509 -16.00 41.81 -10.21
N ALA A 510 -17.26 41.83 -10.65
CA ALA A 510 -18.11 40.66 -10.57
C ALA A 510 -17.49 39.48 -11.32
N LEU A 511 -17.01 39.75 -12.53
CA LEU A 511 -16.43 38.69 -13.36
C LEU A 511 -15.03 38.29 -12.90
N ALA A 512 -14.29 39.27 -12.40
CA ALA A 512 -12.96 39.02 -11.88
C ALA A 512 -13.04 38.12 -10.64
N LEU A 513 -13.98 38.44 -9.76
CA LEU A 513 -14.22 37.64 -8.56
C LEU A 513 -14.68 36.24 -8.94
N LYS A 514 -15.43 36.15 -10.04
CA LYS A 514 -15.92 34.87 -10.54
C LYS A 514 -14.78 33.96 -10.97
N ARG A 515 -13.90 34.48 -11.82
CA ARG A 515 -12.77 33.72 -12.32
C ARG A 515 -11.84 33.29 -11.19
N PHE A 516 -11.61 34.18 -10.24
CA PHE A 516 -10.74 33.88 -9.11
C PHE A 516 -11.35 32.80 -8.21
N SER A 517 -12.67 32.85 -8.04
CA SER A 517 -13.37 31.85 -7.24
C SER A 517 -13.29 30.47 -7.86
N THR A 518 -13.13 30.43 -9.18
CA THR A 518 -12.99 29.16 -9.87
C THR A 518 -11.64 28.51 -9.52
N VAL A 519 -10.61 29.34 -9.42
CA VAL A 519 -9.30 28.87 -8.98
C VAL A 519 -9.40 28.31 -7.56
N PHE A 520 -10.17 29.01 -6.72
CA PHE A 520 -10.46 28.53 -5.38
C PHE A 520 -11.08 27.15 -5.44
N LYS A 521 -12.10 27.02 -6.29
CA LYS A 521 -12.84 25.77 -6.44
C LYS A 521 -11.95 24.64 -6.96
N ILE A 522 -11.01 24.99 -7.84
CA ILE A 522 -10.09 24.00 -8.39
C ILE A 522 -9.18 23.44 -7.31
N PHE A 523 -8.65 24.33 -6.47
CA PHE A 523 -7.81 23.91 -5.36
C PHE A 523 -8.58 23.13 -4.30
N ASP A 524 -9.81 23.55 -4.02
CA ASP A 524 -10.66 22.84 -3.08
C ASP A 524 -10.94 21.42 -3.57
N THR A 525 -11.08 21.29 -4.90
CA THR A 525 -11.31 20.00 -5.52
C THR A 525 -10.07 19.10 -5.37
N TRP A 526 -8.90 19.66 -5.65
CA TRP A 526 -7.65 18.93 -5.51
C TRP A 526 -7.44 18.47 -4.08
N ALA A 527 -7.79 19.33 -3.13
CA ALA A 527 -7.67 19.00 -1.72
C ALA A 527 -8.63 17.87 -1.37
N ASP A 528 -9.76 17.82 -2.07
CA ASP A 528 -10.80 16.84 -1.78
C ASP A 528 -10.65 15.54 -2.57
N ASP A 529 -9.82 15.56 -3.61
CA ASP A 529 -9.72 14.40 -4.51
C ASP A 529 -9.07 13.17 -3.87
N GLN A 530 -8.32 13.39 -2.80
CA GLN A 530 -7.63 12.32 -2.10
C GLN A 530 -8.56 11.42 -1.30
N PHE A 531 -9.77 11.90 -1.04
CA PHE A 531 -10.72 11.23 -0.13
C PHE A 531 -10.90 9.73 -0.40
N ASP A 532 -11.22 9.39 -1.64
CA ASP A 532 -11.45 8.00 -2.00
C ASP A 532 -10.19 7.14 -1.88
N PHE A 533 -9.03 7.78 -1.90
CA PHE A 533 -7.78 7.04 -1.88
C PHE A 533 -7.36 6.62 -0.48
N HIS A 534 -8.13 7.06 0.52
CA HIS A 534 -7.91 6.61 1.90
C HIS A 534 -8.46 5.19 2.03
N PHE A 535 -9.12 4.73 0.97
CA PHE A 535 -9.60 3.37 0.86
C PHE A 535 -8.89 2.65 -0.28
N PHE A 536 -8.97 3.23 -1.47
CA PHE A 536 -8.49 2.60 -2.69
C PHE A 536 -6.99 2.31 -2.71
N ALA A 537 -6.19 3.15 -2.04
CA ALA A 537 -4.75 2.97 -2.06
C ALA A 537 -4.32 1.70 -1.33
N PHE A 538 -5.05 1.35 -0.27
CA PHE A 538 -4.76 0.13 0.47
C PHE A 538 -5.30 -1.10 -0.27
N ARG A 539 -6.26 -0.89 -1.16
CA ARG A 539 -6.75 -1.98 -1.99
C ARG A 539 -5.74 -2.34 -3.08
N LYS A 540 -5.08 -1.34 -3.63
CA LYS A 540 -4.03 -1.58 -4.62
C LYS A 540 -2.73 -1.94 -3.90
N GLY A 541 -2.54 -1.35 -2.73
CA GLY A 541 -1.36 -1.60 -1.93
C GLY A 541 -0.20 -0.70 -2.31
N SER A 542 -0.51 0.51 -2.75
CA SER A 542 0.52 1.48 -3.07
C SER A 542 0.74 2.35 -1.84
N LEU A 543 1.63 1.90 -0.95
CA LEU A 543 1.80 2.51 0.36
C LEU A 543 2.70 3.74 0.33
N ARG A 544 3.87 3.61 -0.26
CA ARG A 544 4.82 4.72 -0.32
C ARG A 544 4.26 5.85 -1.20
N THR A 545 3.45 5.48 -2.18
CA THR A 545 2.79 6.45 -3.05
C THR A 545 1.68 7.19 -2.31
N TYR A 546 0.94 6.45 -1.49
CA TYR A 546 -0.12 7.04 -0.67
C TYR A 546 0.49 8.05 0.31
N LEU A 547 1.68 7.74 0.81
CA LEU A 547 2.40 8.62 1.71
C LEU A 547 2.70 9.96 1.04
N ASP A 548 3.13 9.90 -0.23
CA ASP A 548 3.42 11.10 -1.00
C ASP A 548 2.17 11.92 -1.23
N LEU A 549 1.06 11.22 -1.49
CA LEU A 549 -0.23 11.87 -1.70
C LEU A 549 -0.65 12.63 -0.46
N MET A 550 -0.43 12.01 0.70
CA MET A 550 -0.79 12.63 1.98
C MET A 550 0.05 13.87 2.25
N SER A 551 1.35 13.78 1.98
CA SER A 551 2.25 14.89 2.24
C SER A 551 2.10 16.01 1.22
N TRP A 552 1.68 15.64 0.00
CA TRP A 552 1.43 16.62 -1.05
C TRP A 552 0.20 17.46 -0.73
N GLU A 553 -0.85 16.80 -0.26
CA GLU A 553 -2.11 17.46 0.07
C GLU A 553 -1.96 18.43 1.24
N ASP A 554 -0.95 18.18 2.09
CA ASP A 554 -0.72 19.01 3.26
C ASP A 554 -0.34 20.43 2.88
N SER A 555 0.48 20.56 1.83
CA SER A 555 0.90 21.87 1.32
C SER A 555 0.23 22.25 -0.01
N VAL A 556 -0.87 21.57 -0.35
CA VAL A 556 -1.50 21.75 -1.66
C VAL A 556 -1.94 23.19 -1.97
N TYR A 557 -2.30 23.95 -0.94
CA TYR A 557 -2.72 25.33 -1.13
C TYR A 557 -1.54 26.31 -1.18
N ASP A 558 -0.33 25.80 -0.99
CA ASP A 558 0.84 26.65 -1.07
C ASP A 558 1.30 26.65 -2.53
N ASP A 559 0.73 27.55 -3.31
CA ASP A 559 0.93 27.56 -4.75
C ASP A 559 0.83 28.99 -5.26
N PRO A 560 1.62 29.33 -6.29
CA PRO A 560 1.57 30.67 -6.89
C PRO A 560 0.18 30.99 -7.43
N SER A 561 -0.51 30.00 -7.96
CA SER A 561 -1.82 30.20 -8.56
C SER A 561 -2.87 30.56 -7.52
N PHE A 562 -2.87 29.84 -6.40
CA PHE A 562 -3.83 30.13 -5.34
C PHE A 562 -3.52 31.47 -4.72
N ARG A 563 -2.23 31.74 -4.54
CA ARG A 563 -1.78 33.00 -3.97
C ARG A 563 -2.28 34.17 -4.81
N GLU A 564 -2.09 34.07 -6.12
CA GLU A 564 -2.48 35.13 -7.04
C GLU A 564 -3.99 35.36 -7.06
N ALA A 565 -4.75 34.28 -7.01
CA ALA A 565 -6.21 34.36 -7.01
C ALA A 565 -6.74 34.89 -5.69
N ALA A 566 -6.13 34.47 -4.59
CA ALA A 566 -6.55 34.90 -3.26
C ALA A 566 -6.17 36.37 -3.06
N GLN A 567 -4.96 36.72 -3.48
CA GLN A 567 -4.48 38.09 -3.37
C GLN A 567 -5.39 39.02 -4.16
N GLY A 568 -5.68 38.64 -5.39
CA GLY A 568 -6.53 39.43 -6.26
C GLY A 568 -7.94 39.61 -5.73
N SER A 569 -8.48 38.56 -5.13
CA SER A 569 -9.83 38.62 -4.56
C SER A 569 -9.88 39.60 -3.39
N ILE A 570 -8.87 39.52 -2.52
CA ILE A 570 -8.78 40.40 -1.35
C ILE A 570 -8.65 41.86 -1.77
N GLU A 571 -7.84 42.10 -2.80
CA GLU A 571 -7.68 43.45 -3.33
C GLU A 571 -9.00 44.04 -3.84
N ILE A 572 -9.80 43.19 -4.48
CA ILE A 572 -11.11 43.61 -4.98
C ILE A 572 -12.08 43.80 -3.83
N TYR A 573 -11.99 42.92 -2.84
CA TYR A 573 -12.81 43.02 -1.63
C TYR A 573 -12.47 44.28 -0.83
N PHE A 574 -11.22 44.72 -0.91
CA PHE A 574 -10.82 45.97 -0.29
C PHE A 574 -11.52 47.13 -0.99
N ALA A 575 -11.54 47.08 -2.32
CA ALA A 575 -12.17 48.13 -3.13
C ALA A 575 -13.68 48.19 -2.88
N LEU A 576 -14.28 47.03 -2.64
CA LEU A 576 -15.71 46.95 -2.38
C LEU A 576 -16.06 47.61 -1.06
N PHE A 577 -15.12 47.56 -0.12
CA PHE A 577 -15.31 48.18 1.19
C PHE A 577 -15.03 49.68 1.12
N ASP A 578 -13.96 50.05 0.42
CA ASP A 578 -13.55 51.45 0.32
C ASP A 578 -14.51 52.31 -0.50
N LEU A 579 -14.76 51.89 -1.73
CA LEU A 579 -15.58 52.65 -2.67
C LEU A 579 -17.00 52.12 -2.74
N PRO A 580 -17.98 53.00 -2.50
CA PRO A 580 -19.40 52.61 -2.52
C PRO A 580 -19.89 52.29 -3.93
N PHE A 581 -19.16 52.71 -4.95
CA PHE A 581 -19.56 52.50 -6.33
C PHE A 581 -18.91 51.27 -6.96
N ALA A 582 -18.09 50.58 -6.19
CA ALA A 582 -17.36 49.41 -6.69
C ALA A 582 -18.27 48.21 -6.92
N LYS A 583 -19.39 48.15 -6.21
CA LYS A 583 -20.32 47.04 -6.32
C LYS A 583 -20.93 46.91 -7.71
N TYR A 584 -21.04 48.04 -8.41
CA TYR A 584 -21.73 48.07 -9.69
C TYR A 584 -20.80 47.74 -10.85
N SER A 585 -19.55 47.43 -10.53
CA SER A 585 -18.52 47.14 -11.52
C SER A 585 -18.47 48.20 -12.63
N PRO A 586 -18.16 49.45 -12.26
CA PRO A 586 -18.22 50.54 -13.23
C PRO A 586 -17.14 50.41 -14.30
N LYS A 587 -17.41 50.96 -15.48
CA LYS A 587 -16.42 50.99 -16.55
C LYS A 587 -15.26 51.89 -16.13
N LEU A 588 -14.06 51.60 -16.65
CA LEU A 588 -12.86 52.33 -16.28
C LEU A 588 -12.95 53.87 -16.37
N PRO A 589 -13.56 54.39 -17.46
CA PRO A 589 -13.75 55.85 -17.46
C PRO A 589 -14.69 56.32 -16.36
N ASP A 590 -15.78 55.59 -16.14
CA ASP A 590 -16.74 55.93 -15.09
C ASP A 590 -16.15 55.73 -13.69
N PHE A 591 -15.25 54.75 -13.57
CA PHE A 591 -14.60 54.46 -12.30
C PHE A 591 -13.69 55.61 -11.87
N GLU A 592 -12.99 56.19 -12.83
CA GLU A 592 -12.04 57.27 -12.55
C GLU A 592 -12.72 58.59 -12.22
N LYS A 593 -13.91 58.81 -12.78
CA LYS A 593 -14.66 60.04 -12.51
C LYS A 593 -15.16 60.08 -11.06
N LEU A 594 -15.69 58.95 -10.60
CA LEU A 594 -16.21 58.86 -9.24
C LEU A 594 -15.10 58.76 -8.20
N SER A 595 -13.94 58.29 -8.64
CA SER A 595 -12.80 58.11 -7.75
C SER A 595 -12.05 59.42 -7.55
N SER A 596 -12.23 60.34 -8.48
CA SER A 596 -11.60 61.66 -8.40
C SER A 596 -12.42 62.58 -7.49
N GLY A 597 -13.73 62.39 -7.48
CA GLY A 597 -14.62 63.17 -6.65
C GLY A 597 -14.62 64.65 -6.98
N GLU A 598 -14.25 64.96 -8.22
CA GLU A 598 -14.21 66.36 -8.67
C GLU A 598 -15.50 66.76 -9.37
N ILE A 599 -16.33 65.78 -9.70
CA ILE A 599 -17.59 66.04 -10.38
C ILE A 599 -18.66 66.50 -9.40
N ASN A 600 -19.65 67.25 -9.89
CA ASN A 600 -20.74 67.74 -9.07
C ASN A 600 -21.76 66.65 -8.77
N GLU A 601 -22.77 67.00 -7.98
CA GLU A 601 -23.80 66.05 -7.59
C GLU A 601 -24.74 65.74 -8.76
N GLU A 602 -24.81 66.65 -9.72
CA GLU A 602 -25.65 66.47 -10.90
C GLU A 602 -25.14 65.35 -11.79
N GLU A 603 -23.85 65.38 -12.09
CA GLU A 603 -23.22 64.35 -12.92
C GLU A 603 -23.09 63.05 -12.14
N GLU A 604 -22.87 63.17 -10.83
CA GLU A 604 -22.69 62.00 -9.97
C GLU A 604 -23.94 61.13 -9.93
N LYS A 605 -25.10 61.75 -9.77
CA LYS A 605 -26.37 61.02 -9.73
C LYS A 605 -26.67 60.33 -11.06
N LYS A 606 -26.23 60.95 -12.15
CA LYS A 606 -26.46 60.41 -13.48
C LYS A 606 -25.71 59.11 -13.70
N ILE A 607 -24.45 59.08 -13.28
CA ILE A 607 -23.61 57.90 -13.40
C ILE A 607 -24.21 56.71 -12.65
N TYR A 608 -24.64 56.96 -11.41
CA TYR A 608 -25.23 55.92 -10.57
C TYR A 608 -26.51 55.34 -11.18
N LYS A 609 -27.33 56.22 -11.75
CA LYS A 609 -28.57 55.79 -12.42
C LYS A 609 -28.26 54.85 -13.59
N LYS A 610 -27.18 55.14 -14.30
CA LYS A 610 -26.72 54.27 -15.38
C LYS A 610 -26.16 52.97 -14.83
N LEU A 611 -25.30 53.08 -13.83
CA LEU A 611 -24.64 51.92 -13.23
C LEU A 611 -25.62 50.93 -12.63
N LYS A 612 -26.72 51.44 -12.06
CA LYS A 612 -27.74 50.58 -11.48
C LYS A 612 -28.53 49.85 -12.57
N LYS A 613 -28.88 50.57 -13.63
CA LYS A 613 -29.64 50.01 -14.73
C LYS A 613 -28.83 48.94 -15.47
N ASP A 614 -27.54 49.21 -15.66
CA ASP A 614 -26.63 48.27 -16.31
C ASP A 614 -26.45 47.02 -15.45
N LEU A 615 -26.45 47.20 -14.14
CA LEU A 615 -26.36 46.07 -13.22
C LEU A 615 -27.60 45.20 -13.33
N SER A 616 -28.76 45.84 -13.43
CA SER A 616 -30.02 45.13 -13.58
C SER A 616 -30.04 44.31 -14.86
N LYS A 617 -29.45 44.85 -15.93
CA LYS A 617 -29.38 44.14 -17.20
C LYS A 617 -28.46 42.94 -17.10
N ARG A 618 -27.38 43.06 -16.32
CA ARG A 618 -26.48 41.94 -16.10
C ARG A 618 -27.16 40.89 -15.24
N LEU A 619 -27.90 41.34 -14.24
CA LEU A 619 -28.65 40.44 -13.37
C LEU A 619 -29.73 39.71 -14.16
N GLU A 620 -30.40 40.45 -15.04
CA GLU A 620 -31.41 39.87 -15.93
C GLU A 620 -30.78 38.87 -16.89
N ARG A 621 -29.57 39.20 -17.35
CA ARG A 621 -28.81 38.32 -18.23
C ARG A 621 -28.44 37.03 -17.52
N ALA A 622 -28.08 37.17 -16.24
CA ALA A 622 -27.66 36.04 -15.42
C ALA A 622 -28.78 35.01 -15.25
N GLU A 623 -30.01 35.50 -15.13
CA GLU A 623 -31.16 34.62 -14.96
C GLU A 623 -31.42 33.78 -16.19
N LYS A 624 -31.28 34.39 -17.37
CA LYS A 624 -31.43 33.66 -18.62
C LYS A 624 -30.35 32.59 -18.76
N LEU A 625 -29.16 32.88 -18.24
CA LEU A 625 -28.07 31.92 -18.23
C LEU A 625 -28.36 30.72 -17.32
N LYS A 626 -28.94 31.01 -16.16
CA LYS A 626 -29.30 29.97 -15.21
C LYS A 626 -30.40 29.07 -15.74
N GLU A 627 -31.34 29.67 -16.47
CA GLU A 627 -32.41 28.92 -17.11
C GLU A 627 -31.82 28.00 -18.18
N ALA A 628 -30.73 28.44 -18.80
CA ALA A 628 -30.05 27.66 -19.82
C ALA A 628 -29.31 26.47 -19.23
N ASP A 629 -28.62 26.69 -18.10
CA ASP A 629 -27.91 25.61 -17.43
C ASP A 629 -28.88 24.57 -16.87
N LYS A 630 -29.97 25.06 -16.28
CA LYS A 630 -30.98 24.19 -15.68
C LYS A 630 -31.59 23.24 -16.70
N SER A 631 -31.95 23.78 -17.87
CA SER A 631 -32.52 22.95 -18.94
C SER A 631 -31.41 22.48 -19.87
N ARG A 632 -30.98 21.23 -19.65
CA ARG A 632 -29.82 20.64 -20.33
C ARG A 632 -29.48 19.30 -19.70
N LYS A 642 -29.02 16.69 -10.43
CA LYS A 642 -28.48 17.79 -11.23
C LYS A 642 -27.89 18.88 -10.35
N TYR A 643 -26.83 19.53 -10.85
CA TYR A 643 -26.19 20.62 -10.12
C TYR A 643 -25.94 21.81 -11.04
N ASP A 644 -26.56 22.95 -10.72
CA ASP A 644 -26.42 24.15 -11.53
C ASP A 644 -25.43 25.12 -10.91
N GLU A 645 -25.31 26.29 -11.52
CA GLU A 645 -24.48 27.35 -10.98
C GLU A 645 -25.30 28.60 -10.71
N ASP A 646 -25.48 28.93 -9.44
CA ASP A 646 -26.23 30.13 -9.06
C ASP A 646 -25.46 31.42 -9.33
N PRO A 647 -24.18 31.50 -8.92
CA PRO A 647 -23.48 32.75 -9.25
C PRO A 647 -22.85 32.77 -10.64
N LEU A 648 -23.59 33.28 -11.63
CA LEU A 648 -23.01 33.54 -12.95
C LEU A 648 -22.02 34.71 -12.95
N GLY A 649 -21.67 35.17 -11.75
CA GLY A 649 -20.58 36.11 -11.55
C GLY A 649 -20.92 37.35 -10.74
N GLU A 650 -22.20 37.67 -10.63
CA GLU A 650 -22.60 38.91 -9.95
C GLU A 650 -22.83 38.76 -8.45
N ASN A 651 -23.09 37.53 -8.01
CA ASN A 651 -23.44 37.27 -6.61
C ASN A 651 -22.31 37.59 -5.62
N LEU A 652 -21.07 37.40 -6.05
CA LEU A 652 -19.92 37.61 -5.18
C LEU A 652 -19.71 39.08 -4.85
N VAL A 653 -19.76 39.92 -5.88
CA VAL A 653 -19.43 41.34 -5.75
C VAL A 653 -20.45 42.12 -4.93
N ALA A 654 -21.63 41.53 -4.73
CA ALA A 654 -22.72 42.21 -4.03
C ALA A 654 -22.73 41.92 -2.53
N THR A 655 -21.65 41.32 -2.04
CA THR A 655 -21.56 40.87 -0.64
C THR A 655 -21.85 41.97 0.38
N SER A 656 -22.47 41.57 1.49
CA SER A 656 -22.83 42.51 2.54
C SER A 656 -21.58 43.03 3.22
N GLU A 657 -20.71 42.12 3.63
CA GLU A 657 -19.40 42.49 4.18
C GLU A 657 -18.26 41.85 3.41
N PRO A 658 -17.58 42.65 2.56
CA PRO A 658 -16.44 42.19 1.78
C PRO A 658 -15.23 41.87 2.65
N LEU A 659 -15.21 42.42 3.86
CA LEU A 659 -14.12 42.18 4.80
C LEU A 659 -14.07 40.72 5.23
N LYS A 660 -15.24 40.16 5.55
CA LYS A 660 -15.33 38.74 5.90
C LYS A 660 -14.78 37.86 4.80
N GLU A 661 -15.20 38.12 3.57
CA GLU A 661 -14.77 37.36 2.40
C GLU A 661 -13.27 37.49 2.18
N ALA A 662 -12.75 38.69 2.38
CA ALA A 662 -11.32 38.93 2.27
C ALA A 662 -10.60 38.12 3.35
N GLN A 663 -11.24 38.02 4.51
CA GLN A 663 -10.68 37.27 5.64
C GLN A 663 -10.65 35.77 5.35
N LYS A 664 -11.69 35.28 4.67
CA LYS A 664 -11.75 33.88 4.27
C LYS A 664 -10.65 33.57 3.26
N CYS A 665 -10.43 34.49 2.33
CA CYS A 665 -9.41 34.33 1.29
C CYS A 665 -8.01 34.34 1.89
N LEU A 666 -7.88 34.96 3.06
CA LEU A 666 -6.59 35.10 3.71
C LEU A 666 -6.21 33.86 4.53
N GLU A 667 -7.22 33.04 4.81
CA GLU A 667 -7.06 31.86 5.67
C GLU A 667 -5.92 30.93 5.28
N LYS A 668 -5.89 30.53 4.01
CA LYS A 668 -4.91 29.55 3.54
C LYS A 668 -3.64 30.22 3.00
N LEU A 669 -3.58 31.54 3.14
CA LEU A 669 -2.40 32.30 2.75
C LEU A 669 -1.41 32.42 3.91
N LEU A 670 -1.95 32.65 5.11
CA LEU A 670 -1.15 32.92 6.31
C LEU A 670 -0.14 31.85 6.78
N PRO A 671 -0.53 30.56 6.78
CA PRO A 671 0.41 29.53 7.23
C PRO A 671 1.75 29.52 6.47
N TYR A 672 1.73 30.01 5.24
CA TYR A 672 2.92 30.03 4.39
C TYR A 672 3.47 31.45 4.28
N GLY A 673 3.01 32.32 5.17
CA GLY A 673 3.36 33.73 5.15
C GLY A 673 4.82 34.08 5.39
N ASP A 674 5.57 33.17 6.00
CA ASP A 674 6.98 33.44 6.26
C ASP A 674 7.82 33.43 4.98
N LYS A 675 7.48 32.55 4.05
CA LYS A 675 8.14 32.55 2.75
C LYS A 675 7.44 33.48 1.77
N ASN A 676 6.23 33.90 2.14
CA ASN A 676 5.45 34.84 1.34
C ASN A 676 4.92 35.97 2.21
N PRO A 677 5.79 36.91 2.60
CA PRO A 677 5.50 37.97 3.56
C PRO A 677 4.32 38.85 3.14
N SER A 678 3.96 38.79 1.86
CA SER A 678 2.84 39.55 1.33
C SER A 678 1.51 39.22 2.03
N ALA A 679 1.40 37.99 2.52
CA ALA A 679 0.22 37.55 3.26
C ALA A 679 0.07 38.35 4.56
N TYR A 680 1.20 38.67 5.17
CA TYR A 680 1.21 39.45 6.41
C TYR A 680 0.82 40.91 6.13
N ILE A 681 1.26 41.42 4.99
CA ILE A 681 0.93 42.78 4.58
C ILE A 681 -0.57 42.93 4.31
N LEU A 682 -1.12 41.99 3.55
CA LEU A 682 -2.55 41.97 3.27
C LEU A 682 -3.35 41.85 4.55
N ALA A 683 -2.84 41.05 5.48
CA ALA A 683 -3.46 40.88 6.78
C ALA A 683 -3.48 42.19 7.56
N ALA A 684 -2.37 42.91 7.52
CA ALA A 684 -2.28 44.20 8.18
C ALA A 684 -3.28 45.18 7.58
N GLN A 685 -3.36 45.19 6.25
CA GLN A 685 -4.29 46.06 5.54
C GLN A 685 -5.74 45.69 5.86
N LEU A 686 -6.00 44.41 6.06
CA LEU A 686 -7.35 43.95 6.35
C LEU A 686 -7.81 44.42 7.73
N TYR A 687 -7.06 44.07 8.76
CA TYR A 687 -7.44 44.36 10.13
C TYR A 687 -7.31 45.85 10.47
N THR A 688 -6.61 46.59 9.62
CA THR A 688 -6.57 48.04 9.75
C THR A 688 -7.96 48.60 9.46
N ARG A 689 -8.57 48.08 8.40
CA ARG A 689 -9.93 48.47 8.02
C ARG A 689 -10.95 47.96 9.02
N LEU A 690 -10.62 46.85 9.70
CA LEU A 690 -11.52 46.24 10.67
C LEU A 690 -11.48 46.96 12.01
N LYS A 691 -10.70 48.04 12.08
CA LYS A 691 -10.52 48.81 13.31
C LYS A 691 -9.94 47.96 14.44
N ASN A 692 -9.30 46.86 14.08
CA ASN A 692 -8.63 45.99 15.04
C ASN A 692 -7.13 46.18 14.86
N PHE A 693 -6.56 47.10 15.65
CA PHE A 693 -5.21 47.58 15.41
C PHE A 693 -4.09 46.72 16.00
N ASP A 694 -4.35 46.11 17.15
CA ASP A 694 -3.36 45.25 17.78
C ASP A 694 -3.10 44.01 16.92
N THR A 695 -4.15 43.48 16.31
CA THR A 695 -4.02 42.36 15.40
C THR A 695 -3.48 42.81 14.05
N ALA A 696 -3.67 44.09 13.74
CA ALA A 696 -3.16 44.66 12.50
C ALA A 696 -1.67 44.96 12.59
N SER A 697 -1.23 45.42 13.75
CA SER A 697 0.16 45.84 13.94
C SER A 697 1.12 44.66 13.99
N LYS A 698 0.70 43.57 14.65
CA LYS A 698 1.54 42.37 14.75
C LYS A 698 1.85 41.76 13.39
N TYR A 699 0.84 41.72 12.53
CA TYR A 699 1.01 41.21 11.17
C TYR A 699 1.93 42.10 10.38
N LEU A 700 1.80 43.41 10.58
CA LEU A 700 2.65 44.39 9.93
C LEU A 700 4.09 44.23 10.41
N GLU A 701 4.24 43.88 11.69
CA GLU A 701 5.55 43.66 12.27
C GLU A 701 6.21 42.40 11.73
N GLN A 702 5.41 41.36 11.54
CA GLN A 702 5.90 40.11 10.98
C GLN A 702 6.41 40.32 9.55
N ALA A 703 5.71 41.18 8.82
CA ALA A 703 6.09 41.48 7.44
C ALA A 703 7.28 42.44 7.42
N LYS A 704 7.52 43.09 8.55
CA LYS A 704 8.63 44.03 8.68
C LYS A 704 9.93 43.31 8.98
N VAL A 705 9.83 42.20 9.72
CA VAL A 705 10.99 41.37 10.03
C VAL A 705 11.63 40.84 8.75
N ILE A 706 10.80 40.31 7.86
CA ILE A 706 11.26 39.77 6.59
C ILE A 706 11.19 40.85 5.51
N LEU A 707 12.27 41.03 4.76
CA LEU A 707 12.29 41.94 3.61
C LEU A 707 12.04 43.42 3.96
N GLY A 708 11.67 43.69 5.20
CA GLY A 708 11.11 44.98 5.59
C GLY A 708 12.07 46.14 5.80
N GLN A 709 11.60 47.10 6.60
CA GLN A 709 12.28 48.36 6.89
C GLN A 709 12.32 49.31 5.67
N ASN A 710 13.08 48.98 4.63
CA ASN A 710 13.16 49.82 3.44
C ASN A 710 12.15 49.43 2.37
N ASP A 711 11.37 48.39 2.64
CA ASP A 711 10.45 47.84 1.65
C ASP A 711 9.27 48.78 1.39
N PRO A 712 8.98 49.07 0.11
CA PRO A 712 7.94 50.00 -0.30
C PRO A 712 6.56 49.59 0.18
N THR A 713 6.25 48.30 0.09
CA THR A 713 4.94 47.80 0.47
C THR A 713 4.74 47.80 1.98
N VAL A 714 5.84 47.83 2.73
CA VAL A 714 5.78 47.86 4.19
C VAL A 714 5.45 49.26 4.70
N ILE A 715 6.13 50.27 4.16
CA ILE A 715 5.92 51.65 4.60
C ILE A 715 4.57 52.20 4.15
N SER A 716 4.10 51.76 2.97
CA SER A 716 2.81 52.21 2.46
C SER A 716 1.66 51.61 3.27
N THR A 717 1.90 50.44 3.84
CA THR A 717 0.91 49.78 4.68
C THR A 717 0.86 50.44 6.05
N GLU A 718 2.04 50.73 6.59
CA GLU A 718 2.16 51.39 7.88
C GLU A 718 1.65 52.82 7.80
N LYS A 719 1.85 53.46 6.66
CA LYS A 719 1.35 54.81 6.42
C LYS A 719 -0.17 54.77 6.39
N PHE A 720 -0.72 53.70 5.81
CA PHE A 720 -2.15 53.46 5.77
C PHE A 720 -2.65 53.13 7.18
N TYR A 721 -1.81 52.45 7.94
CA TYR A 721 -2.12 52.05 9.30
C TYR A 721 -2.25 53.27 10.22
N ASN A 722 -1.31 54.20 10.09
CA ASN A 722 -1.32 55.42 10.88
C ASN A 722 -2.50 56.33 10.56
N SER A 723 -2.93 56.31 9.31
CA SER A 723 -4.01 57.17 8.85
C SER A 723 -5.35 56.75 9.44
N ILE A 724 -5.53 55.45 9.63
CA ILE A 724 -6.79 54.92 10.16
C ILE A 724 -6.84 54.90 11.69
N LYS A 725 -5.71 54.57 12.31
CA LYS A 725 -5.66 54.47 13.76
C LYS A 725 -5.86 55.83 14.44
N THR A 726 -5.25 56.86 13.87
CA THR A 726 -5.40 58.21 14.41
C THR A 726 -6.75 58.80 14.02
N GLN A 727 -7.46 58.09 13.15
CA GLN A 727 -8.80 58.51 12.72
C GLN A 727 -9.88 57.91 13.60
N SER A 728 -9.51 56.93 14.41
CA SER A 728 -10.44 56.30 15.35
C SER A 728 -10.81 57.31 16.42
N ASN A 729 -9.87 58.20 16.73
CA ASN A 729 -10.11 59.28 17.67
C ASN A 729 -10.31 60.58 16.89
N ALA A 730 -10.41 61.69 17.59
CA ALA A 730 -10.59 62.99 16.93
C ALA A 730 -9.95 64.11 17.71
N ALA A 731 -9.39 65.08 17.00
CA ALA A 731 -8.72 66.21 17.62
C ALA A 731 -8.84 67.48 16.77
N MET B 1 55.73 -44.95 29.24
CA MET B 1 56.48 -43.93 29.95
C MET B 1 56.54 -42.63 29.17
N ALA B 2 55.42 -41.89 29.16
CA ALA B 2 55.34 -40.63 28.45
C ALA B 2 56.16 -39.54 29.13
N LYS B 3 56.50 -38.49 28.39
CA LYS B 3 57.26 -37.37 28.92
C LYS B 3 56.39 -36.42 29.73
N VAL B 4 56.99 -35.34 30.22
CA VAL B 4 56.27 -34.38 31.05
C VAL B 4 56.07 -33.04 30.34
N GLN B 5 55.05 -32.31 30.75
CA GLN B 5 54.81 -30.97 30.25
C GLN B 5 54.91 -29.96 31.39
N LEU B 6 56.02 -29.25 31.46
CA LEU B 6 56.29 -28.28 32.52
C LEU B 6 57.07 -27.06 32.02
N SER B 7 56.37 -25.94 31.83
CA SER B 7 57.02 -24.68 31.49
C SER B 7 56.42 -23.50 32.24
N PRO B 8 57.29 -22.59 32.73
CA PRO B 8 56.87 -21.44 33.54
C PRO B 8 56.04 -20.43 32.77
N LYS B 9 56.40 -20.18 31.51
CA LYS B 9 55.71 -19.17 30.71
C LYS B 9 54.34 -19.63 30.22
N GLU B 10 54.25 -20.91 29.85
CA GLU B 10 53.02 -21.46 29.29
C GLU B 10 51.95 -21.68 30.35
N ILE B 11 52.37 -21.82 31.61
CA ILE B 11 51.44 -21.96 32.73
C ILE B 11 50.58 -20.71 32.86
N THR B 12 51.21 -19.54 32.66
CA THR B 12 50.51 -18.26 32.77
C THR B 12 49.37 -18.14 31.76
N LEU B 13 49.58 -18.67 30.56
CA LEU B 13 48.55 -18.63 29.52
C LEU B 13 47.54 -19.76 29.64
N PHE B 14 47.99 -20.90 30.16
CA PHE B 14 47.12 -22.06 30.34
C PHE B 14 46.07 -21.74 31.39
N ARG B 15 46.47 -20.96 32.39
CA ARG B 15 45.57 -20.56 33.46
C ARG B 15 44.58 -19.49 32.97
N THR B 16 45.06 -18.56 32.16
CA THR B 16 44.20 -17.52 31.58
C THR B 16 43.18 -18.13 30.62
N ALA B 17 43.55 -19.24 29.99
CA ALA B 17 42.64 -19.96 29.11
C ALA B 17 41.47 -20.46 29.93
N LEU B 18 41.77 -20.94 31.12
CA LEU B 18 40.75 -21.41 32.07
C LEU B 18 39.91 -20.27 32.60
N LYS B 19 40.55 -19.18 33.00
CA LYS B 19 39.85 -17.99 33.49
C LYS B 19 38.89 -17.49 32.43
N CYS B 20 39.34 -17.52 31.18
CA CYS B 20 38.53 -17.03 30.07
C CYS B 20 37.28 -17.86 29.84
N TYR B 21 37.33 -19.14 30.16
CA TYR B 21 36.14 -19.97 30.04
C TYR B 21 35.14 -19.62 31.12
N GLU B 22 35.63 -19.45 32.35
CA GLU B 22 34.78 -19.16 33.50
C GLU B 22 34.10 -17.80 33.36
N THR B 23 34.78 -16.85 32.73
CA THR B 23 34.22 -15.51 32.56
C THR B 23 33.46 -15.43 31.25
N LYS B 24 33.25 -16.59 30.63
CA LYS B 24 32.65 -16.70 29.31
C LYS B 24 33.42 -15.85 28.31
N GLN B 25 32.75 -15.43 27.23
CA GLN B 25 33.40 -14.72 26.13
C GLN B 25 34.67 -15.48 25.71
N TYR B 26 34.48 -16.60 25.04
CA TYR B 26 35.54 -17.60 24.85
C TYR B 26 36.53 -17.29 23.74
N LYS B 27 36.33 -16.16 23.07
CA LYS B 27 37.19 -15.79 21.94
C LYS B 27 38.62 -15.48 22.36
N LYS B 28 38.77 -14.79 23.49
CA LYS B 28 40.09 -14.42 23.98
C LYS B 28 40.88 -15.63 24.47
N GLY B 29 40.18 -16.58 25.09
CA GLY B 29 40.81 -17.77 25.63
C GLY B 29 41.37 -18.69 24.57
N LEU B 30 40.60 -18.89 23.50
CA LEU B 30 41.08 -19.69 22.37
C LEU B 30 42.28 -19.03 21.72
N LYS B 31 42.30 -17.71 21.72
CA LYS B 31 43.38 -16.95 21.11
C LYS B 31 44.69 -17.12 21.89
N ALA B 32 44.57 -17.37 23.20
CA ALA B 32 45.75 -17.53 24.05
C ALA B 32 46.24 -18.97 24.13
N ILE B 33 45.38 -19.92 23.76
CA ILE B 33 45.74 -21.33 23.81
C ILE B 33 46.46 -21.76 22.52
N GLU B 34 46.01 -21.22 21.38
CA GLU B 34 46.54 -21.59 20.07
C GLU B 34 48.07 -21.49 19.89
N PRO B 35 48.68 -20.35 20.29
CA PRO B 35 50.13 -20.24 20.08
C PRO B 35 50.92 -21.32 20.82
N LEU B 36 50.44 -21.72 21.99
CA LEU B 36 51.15 -22.71 22.80
C LEU B 36 50.91 -24.13 22.30
N LEU B 37 49.69 -24.38 21.84
CA LEU B 37 49.27 -25.74 21.48
C LEU B 37 49.74 -26.16 20.09
N GLU B 38 49.93 -25.19 19.20
CA GLU B 38 50.37 -25.48 17.85
C GLU B 38 51.75 -26.14 17.84
N ARG B 39 52.59 -25.75 18.78
CA ARG B 39 53.91 -26.33 18.91
C ARG B 39 54.03 -27.34 20.05
N HIS B 40 52.92 -27.54 20.76
CA HIS B 40 52.84 -28.57 21.81
C HIS B 40 51.49 -29.28 21.76
N PRO B 41 51.25 -30.08 20.71
CA PRO B 41 49.95 -30.73 20.45
C PRO B 41 49.64 -31.92 21.35
N GLU B 42 50.63 -32.44 22.06
CA GLU B 42 50.48 -33.72 22.76
C GLU B 42 50.00 -33.63 24.21
N HIS B 43 49.68 -32.43 24.69
CA HIS B 43 49.20 -32.29 26.05
C HIS B 43 47.70 -32.56 26.14
N GLY B 44 47.34 -33.57 26.94
CA GLY B 44 45.95 -34.01 27.05
C GLY B 44 45.01 -32.96 27.60
N GLU B 45 45.33 -32.41 28.76
CA GLU B 45 44.48 -31.39 29.39
C GLU B 45 44.34 -30.17 28.49
N SER B 46 45.41 -29.83 27.78
CA SER B 46 45.43 -28.65 26.92
C SER B 46 44.41 -28.76 25.80
N LEU B 47 44.33 -29.95 25.18
CA LEU B 47 43.39 -30.21 24.10
C LEU B 47 41.96 -30.04 24.58
N ALA B 48 41.71 -30.40 25.84
CA ALA B 48 40.38 -30.29 26.42
C ALA B 48 39.97 -28.83 26.55
N ILE B 49 40.91 -27.99 26.95
CA ILE B 49 40.66 -26.56 27.09
C ILE B 49 40.29 -25.96 25.75
N LYS B 50 41.01 -26.38 24.71
CA LYS B 50 40.70 -25.97 23.34
C LYS B 50 39.34 -26.49 22.93
N GLY B 51 39.05 -27.73 23.30
CA GLY B 51 37.80 -28.38 22.94
C GLY B 51 36.57 -27.71 23.52
N ILE B 52 36.60 -27.43 24.81
CA ILE B 52 35.44 -26.81 25.45
C ILE B 52 35.25 -25.37 24.95
N LEU B 53 36.36 -24.74 24.57
CA LEU B 53 36.28 -23.40 23.99
C LEU B 53 35.63 -23.49 22.60
N LEU B 54 36.00 -24.51 21.84
CA LEU B 54 35.39 -24.75 20.54
C LEU B 54 33.96 -25.25 20.68
N HIS B 55 33.63 -25.85 21.82
CA HIS B 55 32.28 -26.32 22.02
C HIS B 55 31.37 -25.17 22.43
N SER B 56 31.87 -24.31 23.32
CA SER B 56 31.06 -23.25 23.90
C SER B 56 30.54 -22.24 22.87
N LEU B 57 31.43 -21.73 22.01
CA LEU B 57 31.01 -20.87 20.92
C LEU B 57 30.53 -21.64 19.68
N GLY B 58 31.35 -22.57 19.20
CA GLY B 58 30.93 -23.44 18.12
C GLY B 58 32.02 -24.07 17.29
N ASN B 59 31.63 -24.91 16.34
CA ASN B 59 30.24 -25.31 16.19
C ASN B 59 29.84 -26.35 17.24
N THR B 60 30.09 -27.63 16.99
CA THR B 60 29.94 -28.63 18.05
C THR B 60 31.02 -29.69 18.01
N LYS B 61 31.12 -30.40 16.88
CA LYS B 61 32.09 -31.47 16.72
C LYS B 61 33.51 -30.95 16.77
N GLU B 62 33.67 -29.64 16.59
CA GLU B 62 34.97 -28.99 16.77
C GLU B 62 35.47 -29.22 18.18
N GLY B 63 34.55 -29.17 19.14
CA GLY B 63 34.89 -29.37 20.53
C GLY B 63 35.09 -30.83 20.94
N TYR B 64 34.13 -31.68 20.58
CA TYR B 64 34.15 -33.08 20.97
C TYR B 64 35.41 -33.84 20.52
N ASP B 65 35.92 -33.52 19.33
CA ASP B 65 37.11 -34.20 18.82
C ASP B 65 38.35 -33.88 19.64
N ASN B 66 38.50 -32.63 20.04
CA ASN B 66 39.65 -32.24 20.87
C ASN B 66 39.53 -32.75 22.30
N VAL B 67 38.29 -32.84 22.79
CA VAL B 67 38.03 -33.37 24.12
C VAL B 67 38.38 -34.86 24.16
N ARG B 68 37.87 -35.59 23.17
CA ARG B 68 38.12 -37.02 23.09
C ARG B 68 39.60 -37.32 22.87
N LEU B 69 40.26 -36.45 22.11
CA LEU B 69 41.68 -36.60 21.84
C LEU B 69 42.51 -36.29 23.08
N GLY B 70 42.06 -35.30 23.84
CA GLY B 70 42.72 -34.90 25.07
C GLY B 70 42.49 -35.89 26.19
N LEU B 71 41.31 -36.50 26.18
CA LEU B 71 40.96 -37.51 27.19
C LEU B 71 41.64 -38.83 26.84
N ARG B 72 42.05 -38.97 25.59
CA ARG B 72 42.81 -40.13 25.15
C ARG B 72 44.30 -40.00 25.47
N ASN B 73 44.82 -38.78 25.36
CA ASN B 73 46.22 -38.53 25.72
C ASN B 73 46.43 -38.54 27.23
N ASP B 74 45.44 -38.03 27.97
CA ASP B 74 45.47 -38.05 29.42
C ASP B 74 44.42 -39.03 29.93
N VAL B 75 44.88 -40.14 30.50
CA VAL B 75 44.03 -41.30 30.80
C VAL B 75 42.71 -41.07 31.56
N GLY B 76 42.70 -40.48 32.75
CA GLY B 76 43.84 -39.81 33.37
C GLY B 76 43.50 -38.35 33.62
N SER B 77 43.99 -37.81 34.73
CA SER B 77 43.70 -36.42 35.15
C SER B 77 42.23 -36.15 35.43
N GLY B 78 41.97 -35.14 36.27
CA GLY B 78 40.59 -34.77 36.54
C GLY B 78 40.01 -33.74 35.61
N VAL B 79 40.87 -32.97 34.94
CA VAL B 79 40.38 -31.89 34.08
C VAL B 79 39.67 -32.38 32.80
N CYS B 80 40.26 -33.36 32.12
CA CYS B 80 39.68 -33.87 30.89
C CYS B 80 38.30 -34.48 31.09
N TRP B 81 38.12 -35.23 32.17
CA TRP B 81 36.82 -35.82 32.50
C TRP B 81 35.80 -34.76 32.92
N HIS B 82 36.25 -33.78 33.69
CA HIS B 82 35.38 -32.69 34.13
C HIS B 82 34.90 -31.91 32.91
N ILE B 83 35.82 -31.62 32.01
CA ILE B 83 35.49 -30.86 30.80
C ILE B 83 34.57 -31.65 29.89
N PHE B 84 34.77 -32.97 29.83
CA PHE B 84 33.91 -33.84 29.04
C PHE B 84 32.49 -33.85 29.61
N GLY B 85 32.39 -33.78 30.94
CA GLY B 85 31.09 -33.75 31.60
C GLY B 85 30.38 -32.43 31.41
N LEU B 86 31.16 -31.38 31.23
CA LEU B 86 30.60 -30.04 31.02
C LEU B 86 29.85 -29.94 29.70
N ILE B 87 30.51 -30.34 28.62
CA ILE B 87 29.92 -30.25 27.29
C ILE B 87 28.80 -31.26 27.09
N SER B 88 28.85 -32.36 27.83
CA SER B 88 27.80 -33.37 27.77
C SER B 88 26.52 -32.86 28.43
N ARG B 89 26.69 -32.23 29.59
CA ARG B 89 25.55 -31.67 30.32
C ARG B 89 24.92 -30.52 29.54
N ALA B 90 25.75 -29.79 28.81
CA ALA B 90 25.29 -28.69 27.98
C ALA B 90 24.34 -29.20 26.90
N ASP B 91 24.71 -30.34 26.30
CA ASP B 91 23.93 -30.94 25.22
C ASP B 91 22.84 -31.88 25.73
N LYS B 92 22.56 -31.81 27.03
CA LYS B 92 21.48 -32.59 27.64
C LYS B 92 21.69 -34.10 27.59
N ASP B 93 22.94 -34.54 27.42
CA ASP B 93 23.25 -35.96 27.54
C ASP B 93 23.68 -36.20 28.98
N TYR B 94 22.73 -36.63 29.80
CA TYR B 94 22.94 -36.72 31.24
C TYR B 94 23.65 -38.00 31.67
N VAL B 95 23.31 -39.11 31.01
CA VAL B 95 23.91 -40.39 31.34
C VAL B 95 25.42 -40.38 31.09
N GLN B 96 25.86 -39.58 30.13
CA GLN B 96 27.29 -39.47 29.83
C GLN B 96 27.97 -38.49 30.78
N ALA B 97 27.25 -37.42 31.12
CA ALA B 97 27.79 -36.40 32.00
C ALA B 97 28.02 -36.97 33.39
N ALA B 98 27.06 -37.75 33.88
CA ALA B 98 27.18 -38.38 35.18
C ALA B 98 28.39 -39.31 35.23
N LYS B 99 28.61 -40.04 34.14
CA LYS B 99 29.75 -40.94 34.03
C LYS B 99 31.08 -40.16 34.02
N CYS B 100 31.03 -38.92 33.57
CA CYS B 100 32.22 -38.06 33.54
C CYS B 100 32.53 -37.47 34.92
N TYR B 101 31.48 -37.08 35.63
CA TYR B 101 31.64 -36.46 36.94
C TYR B 101 32.11 -37.46 38.00
N ILE B 102 31.67 -38.71 37.89
CA ILE B 102 32.15 -39.74 38.80
C ILE B 102 33.64 -39.99 38.57
N ASN B 103 34.08 -39.91 37.32
CA ASN B 103 35.48 -40.08 37.00
C ASN B 103 36.29 -38.85 37.37
N ALA B 104 35.66 -37.68 37.26
CA ALA B 104 36.30 -36.43 37.63
C ALA B 104 36.50 -36.35 39.14
N HIS B 105 35.53 -36.89 39.88
CA HIS B 105 35.61 -36.89 41.34
C HIS B 105 36.46 -38.02 41.91
N LYS B 106 36.52 -39.16 41.21
CA LYS B 106 37.37 -40.25 41.65
C LYS B 106 38.83 -39.87 41.50
N LEU B 107 39.11 -39.08 40.49
CA LEU B 107 40.46 -38.60 40.21
C LEU B 107 40.78 -37.31 40.97
N GLU B 108 39.75 -36.55 41.32
CA GLU B 108 39.94 -35.41 42.20
C GLU B 108 38.92 -35.50 43.34
N LYS B 109 39.37 -36.02 44.48
CA LYS B 109 38.46 -36.33 45.58
C LYS B 109 38.14 -35.14 46.47
N ASN B 110 39.00 -34.13 46.45
CA ASN B 110 38.83 -32.97 47.31
C ASN B 110 37.93 -31.89 46.72
N ASN B 111 37.51 -32.08 45.48
CA ASN B 111 36.63 -31.13 44.82
C ASN B 111 35.16 -31.49 45.04
N SER B 112 34.50 -30.75 45.91
CA SER B 112 33.14 -31.08 46.33
C SER B 112 32.10 -30.62 45.31
N SER B 113 32.45 -29.63 44.50
CA SER B 113 31.53 -29.07 43.52
C SER B 113 31.16 -30.11 42.47
N LEU B 114 32.08 -31.02 42.19
CA LEU B 114 31.82 -32.12 41.28
C LEU B 114 30.69 -32.98 41.80
N LEU B 115 30.66 -33.21 43.11
CA LEU B 115 29.60 -33.97 43.75
C LEU B 115 28.32 -33.15 43.76
N ARG B 116 28.46 -31.85 43.91
CA ARG B 116 27.32 -30.95 43.96
C ARG B 116 26.63 -30.91 42.60
N ASP B 117 27.42 -31.04 41.55
CA ASP B 117 26.90 -31.12 40.19
C ASP B 117 26.36 -32.51 39.91
N LEU B 118 27.10 -33.52 40.34
CA LEU B 118 26.74 -34.92 40.12
C LEU B 118 25.40 -35.28 40.74
N ALA B 119 25.12 -34.71 41.92
CA ALA B 119 23.87 -34.96 42.61
C ALA B 119 22.69 -34.51 41.77
N LEU B 120 22.88 -33.40 41.05
CA LEU B 120 21.87 -32.88 40.14
C LEU B 120 21.60 -33.85 38.99
N LEU B 121 22.67 -34.35 38.38
CA LEU B 121 22.54 -35.29 37.27
C LEU B 121 21.87 -36.59 37.69
N GLN B 122 22.28 -37.12 38.84
CA GLN B 122 21.76 -38.39 39.33
C GLN B 122 20.30 -38.28 39.77
N SER B 123 19.91 -37.12 40.25
CA SER B 123 18.52 -36.88 40.62
C SER B 123 17.66 -36.87 39.37
N GLN B 124 18.22 -36.37 38.28
CA GLN B 124 17.54 -36.29 36.99
C GLN B 124 17.44 -37.67 36.33
N LEU B 125 18.50 -38.45 36.46
CA LEU B 125 18.54 -39.79 35.88
C LEU B 125 17.80 -40.79 36.76
N ARG B 126 17.27 -40.29 37.88
CA ARG B 126 16.55 -41.11 38.84
C ARG B 126 17.41 -42.27 39.37
N GLN B 127 18.71 -42.03 39.52
CA GLN B 127 19.60 -43.02 40.10
C GLN B 127 19.66 -42.79 41.59
N TYR B 128 18.68 -43.30 42.31
CA TYR B 128 18.49 -42.99 43.72
C TYR B 128 19.59 -43.62 44.56
N LYS B 129 20.08 -44.76 44.08
N LYS B 129 20.10 -44.75 44.10
CA LYS B 129 21.14 -45.50 44.74
CA LYS B 129 21.15 -45.46 44.83
C LYS B 129 22.41 -44.66 44.86
C LYS B 129 22.42 -44.64 44.87
N ALA B 130 22.89 -44.22 43.70
CA ALA B 130 24.10 -43.40 43.62
C ALA B 130 23.85 -41.98 44.14
N LEU B 131 22.61 -41.53 44.05
CA LEU B 131 22.23 -40.21 44.55
C LEU B 131 22.45 -40.17 46.05
N ALA B 132 21.92 -41.19 46.73
CA ALA B 132 22.02 -41.28 48.18
C ALA B 132 23.46 -41.25 48.66
N ASP B 133 24.34 -41.94 47.95
CA ASP B 133 25.76 -41.96 48.30
C ASP B 133 26.38 -40.57 48.11
N THR B 134 25.94 -39.87 47.08
CA THR B 134 26.48 -38.55 46.76
C THR B 134 26.03 -37.47 47.76
N ARG B 135 24.73 -37.46 48.07
CA ARG B 135 24.19 -36.51 49.04
C ARG B 135 24.81 -36.75 50.41
N ASN B 136 25.11 -38.02 50.69
CA ASN B 136 25.77 -38.39 51.93
C ASN B 136 27.21 -37.88 51.96
N ALA B 137 27.89 -38.00 50.83
CA ALA B 137 29.27 -37.52 50.69
C ALA B 137 29.34 -36.01 50.85
N LEU B 138 28.26 -35.33 50.47
CA LEU B 138 28.17 -33.88 50.62
C LEU B 138 27.81 -33.49 52.05
N LEU B 139 27.04 -34.34 52.72
CA LEU B 139 26.66 -34.10 54.11
C LEU B 139 27.86 -34.18 55.04
N GLN B 140 28.73 -35.14 54.76
CA GLN B 140 29.93 -35.32 55.57
C GLN B 140 30.94 -34.20 55.33
N ASP B 141 30.94 -33.68 54.10
CA ASP B 141 31.78 -32.55 53.75
C ASP B 141 31.32 -31.28 54.44
N ASN B 142 30.00 -31.06 54.47
CA ASN B 142 29.43 -29.85 55.06
C ASN B 142 28.15 -30.14 55.84
N PRO B 143 28.29 -30.65 57.06
CA PRO B 143 27.15 -30.94 57.95
C PRO B 143 26.50 -29.69 58.53
N GLY B 144 27.12 -28.54 58.32
CA GLY B 144 26.63 -27.29 58.86
C GLY B 144 25.29 -26.84 58.31
N VAL B 145 25.14 -26.92 56.99
CA VAL B 145 23.92 -26.46 56.32
C VAL B 145 22.79 -27.49 56.36
N ARG B 146 21.60 -27.04 56.71
CA ARG B 146 20.44 -27.91 56.85
C ARG B 146 20.08 -28.57 55.52
N ALA B 147 20.31 -27.85 54.42
CA ALA B 147 19.99 -28.34 53.08
C ALA B 147 20.63 -29.70 52.78
N ASN B 148 21.88 -29.88 53.19
CA ASN B 148 22.58 -31.13 52.95
C ASN B 148 21.97 -32.29 53.73
N TRP B 149 21.35 -31.97 54.86
CA TRP B 149 20.64 -32.98 55.66
C TRP B 149 19.34 -33.39 55.00
N SER B 150 18.58 -32.40 54.55
CA SER B 150 17.31 -32.62 53.88
C SER B 150 17.52 -33.32 52.54
N ALA B 151 18.59 -32.95 51.85
CA ALA B 151 18.91 -33.53 50.55
C ALA B 151 19.14 -35.03 50.68
N LEU B 152 19.78 -35.44 51.77
CA LEU B 152 20.03 -36.86 52.01
C LEU B 152 18.77 -37.58 52.48
N ALA B 153 17.99 -36.91 53.34
CA ALA B 153 16.75 -37.48 53.86
C ALA B 153 15.72 -37.70 52.75
N VAL B 154 15.61 -36.75 51.84
CA VAL B 154 14.71 -36.87 50.70
C VAL B 154 15.19 -37.98 49.76
N ALA B 155 16.49 -37.98 49.49
CA ALA B 155 17.11 -38.98 48.61
C ALA B 155 16.86 -40.39 49.13
N GLN B 156 16.99 -40.58 50.43
CA GLN B 156 16.80 -41.89 51.04
C GLN B 156 15.32 -42.26 51.06
N PHE B 157 14.47 -41.25 51.21
CA PHE B 157 13.03 -41.44 51.18
C PHE B 157 12.60 -41.95 49.80
N LEU B 158 13.30 -41.50 48.77
CA LEU B 158 12.98 -41.91 47.40
C LEU B 158 13.40 -43.35 47.14
N ARG B 159 14.36 -43.85 47.91
CA ARG B 159 14.83 -45.22 47.75
C ARG B 159 13.91 -46.20 48.46
N GLY B 160 13.04 -45.68 49.31
CA GLY B 160 12.14 -46.51 50.09
C GLY B 160 12.71 -46.80 51.47
N GLU B 161 13.89 -46.26 51.76
CA GLU B 161 14.51 -46.46 53.06
C GLU B 161 13.99 -45.41 54.02
N TYR B 162 12.86 -45.70 54.65
CA TYR B 162 12.19 -44.75 55.54
C TYR B 162 12.86 -44.69 56.91
N ALA B 163 13.31 -45.85 57.39
CA ALA B 163 14.01 -45.93 58.67
C ALA B 163 15.26 -45.05 58.65
N SER B 164 16.06 -45.18 57.60
CA SER B 164 17.28 -44.40 57.47
C SER B 164 16.97 -42.90 57.33
N ALA B 165 15.87 -42.60 56.66
CA ALA B 165 15.44 -41.22 56.49
C ALA B 165 15.04 -40.59 57.83
N TYR B 166 14.39 -41.40 58.67
CA TYR B 166 13.95 -40.94 59.99
C TYR B 166 15.13 -40.52 60.86
N LYS B 167 16.15 -41.37 60.90
CA LYS B 167 17.33 -41.10 61.71
C LYS B 167 18.02 -39.80 61.29
N ILE B 168 18.05 -39.56 59.99
CA ILE B 168 18.73 -38.38 59.45
C ILE B 168 18.05 -37.09 59.89
N VAL B 169 16.73 -37.04 59.74
CA VAL B 169 15.94 -35.89 60.16
C VAL B 169 15.99 -35.73 61.67
N ASP B 170 15.89 -36.85 62.38
CA ASP B 170 15.90 -36.85 63.84
C ASP B 170 17.26 -36.45 64.41
N ALA B 171 18.33 -36.84 63.72
CA ALA B 171 19.67 -36.48 64.15
C ALA B 171 19.87 -34.98 64.09
N PHE B 172 19.42 -34.37 63.00
CA PHE B 172 19.58 -32.94 62.81
C PHE B 172 18.70 -32.12 63.75
N GLU B 173 17.46 -32.54 63.92
CA GLU B 173 16.48 -31.77 64.69
C GLU B 173 16.85 -31.65 66.16
N SER B 174 17.61 -32.62 66.67
CA SER B 174 18.03 -32.61 68.07
C SER B 174 19.24 -31.73 68.32
N THR B 175 20.01 -31.44 67.27
CA THR B 175 21.23 -30.65 67.41
C THR B 175 20.94 -29.16 67.59
N ILE B 176 19.69 -28.76 67.38
CA ILE B 176 19.27 -27.40 67.70
C ILE B 176 18.24 -27.43 68.84
N ASN B 177 18.70 -27.13 70.05
CA ASN B 177 17.86 -27.15 71.24
C ASN B 177 17.32 -25.78 71.64
N GLN B 178 17.80 -24.74 70.98
CA GLN B 178 17.47 -23.38 71.37
C GLN B 178 16.44 -22.76 70.42
N GLY B 179 16.90 -22.34 69.25
CA GLY B 179 16.02 -21.83 68.21
C GLY B 179 15.13 -20.67 68.61
N VAL B 180 13.86 -20.71 68.18
CA VAL B 180 13.36 -21.73 67.25
C VAL B 180 13.78 -21.51 65.78
N PRO B 181 13.55 -20.30 65.22
CA PRO B 181 14.11 -20.04 63.88
C PRO B 181 15.62 -19.92 64.00
N VAL B 182 16.45 -20.28 63.01
CA VAL B 182 16.14 -20.78 61.65
C VAL B 182 15.16 -19.99 60.76
N ASP B 183 14.54 -20.67 59.80
CA ASP B 183 13.63 -20.03 58.85
C ASP B 183 12.22 -19.96 59.39
N THR B 184 11.84 -20.99 60.15
CA THR B 184 10.47 -21.22 60.64
C THR B 184 9.55 -21.81 59.56
N GLN B 185 9.84 -21.49 58.30
CA GLN B 185 9.17 -22.15 57.18
C GLN B 185 9.88 -23.44 56.80
N GLU B 186 11.21 -23.42 56.81
CA GLU B 186 12.00 -24.62 56.60
C GLU B 186 11.62 -25.62 57.67
N GLU B 187 11.48 -25.12 58.90
CA GLU B 187 11.10 -25.95 60.04
C GLU B 187 9.71 -26.53 59.84
N SER B 188 8.79 -25.69 59.38
CA SER B 188 7.41 -26.12 59.13
C SER B 188 7.36 -27.24 58.09
N GLU B 189 8.12 -27.07 57.01
CA GLU B 189 8.15 -28.05 55.93
C GLU B 189 8.90 -29.32 56.33
N ALA B 190 9.97 -29.16 57.11
CA ALA B 190 10.73 -30.31 57.57
C ALA B 190 9.87 -31.22 58.42
N MET B 191 9.03 -30.62 59.26
CA MET B 191 8.14 -31.37 60.13
C MET B 191 7.07 -32.13 59.35
N LEU B 192 6.48 -31.48 58.35
CA LEU B 192 5.49 -32.15 57.51
C LEU B 192 6.11 -33.31 56.73
N PHE B 193 7.33 -33.11 56.25
CA PHE B 193 8.05 -34.17 55.57
C PHE B 193 8.42 -35.27 56.56
N MET B 194 8.76 -34.86 57.78
CA MET B 194 9.08 -35.81 58.85
C MET B 194 7.86 -36.64 59.18
N ASN B 195 6.69 -36.01 59.15
CA ASN B 195 5.43 -36.70 59.39
C ASN B 195 5.11 -37.68 58.27
N LEU B 196 5.61 -37.39 57.07
CA LEU B 196 5.43 -38.28 55.93
C LEU B 196 6.34 -39.50 56.05
N VAL B 197 7.54 -39.29 56.56
CA VAL B 197 8.50 -40.38 56.78
C VAL B 197 7.92 -41.40 57.77
N ILE B 198 7.37 -40.88 58.85
CA ILE B 198 6.77 -41.72 59.89
C ILE B 198 5.56 -42.49 59.36
N LEU B 199 4.69 -41.80 58.64
CA LEU B 199 3.51 -42.42 58.03
C LEU B 199 3.92 -43.56 57.10
N LYS B 200 5.01 -43.37 56.37
CA LYS B 200 5.46 -44.36 55.41
C LYS B 200 6.18 -45.52 56.08
N LYS B 201 6.56 -45.32 57.34
CA LYS B 201 7.29 -46.35 58.08
C LYS B 201 6.47 -46.95 59.23
N ASP B 202 6.10 -46.10 60.19
CA ASP B 202 5.40 -46.57 61.39
C ASP B 202 3.87 -46.59 61.26
N GLY B 203 3.37 -46.27 60.07
CA GLY B 203 1.94 -46.34 59.82
C GLY B 203 1.16 -45.08 60.15
N VAL B 204 -0.17 -45.18 60.10
CA VAL B 204 -1.04 -44.04 60.33
C VAL B 204 -1.18 -43.70 61.82
N GLU B 205 -1.27 -44.73 62.65
CA GLU B 205 -1.44 -44.58 64.09
C GLU B 205 -0.34 -43.70 64.69
N ASP B 206 0.91 -44.03 64.41
CA ASP B 206 2.04 -43.27 64.91
C ASP B 206 2.10 -41.88 64.28
N ALA B 207 1.82 -41.81 62.99
CA ALA B 207 1.86 -40.56 62.25
C ALA B 207 0.88 -39.53 62.81
N TYR B 208 -0.26 -40.02 63.30
CA TYR B 208 -1.27 -39.15 63.86
C TYR B 208 -0.79 -38.50 65.16
N LYS B 209 -0.09 -39.28 65.99
CA LYS B 209 0.45 -38.78 67.24
C LYS B 209 1.54 -37.74 67.01
N HIS B 210 2.38 -37.98 66.02
CA HIS B 210 3.45 -37.05 65.68
C HIS B 210 2.89 -35.75 65.10
N LEU B 211 1.83 -35.86 64.30
CA LEU B 211 1.22 -34.71 63.67
C LEU B 211 0.65 -33.75 64.70
N LEU B 212 0.01 -34.29 65.73
CA LEU B 212 -0.60 -33.47 66.77
C LEU B 212 0.45 -32.77 67.62
N SER B 213 1.65 -33.33 67.66
CA SER B 213 2.75 -32.77 68.45
C SER B 213 3.41 -31.60 67.75
N ILE B 214 3.35 -31.59 66.41
CA ILE B 214 4.00 -30.57 65.61
C ILE B 214 3.07 -29.44 65.18
N GLU B 215 1.85 -29.41 65.72
CA GLU B 215 0.86 -28.41 65.34
C GLU B 215 1.36 -26.97 65.49
N LYS B 216 2.15 -26.73 66.53
CA LYS B 216 2.70 -25.40 66.78
C LYS B 216 3.74 -25.00 65.74
N LYS B 217 4.39 -25.98 65.12
CA LYS B 217 5.46 -25.70 64.17
C LYS B 217 5.00 -25.58 62.72
N VAL B 218 3.79 -26.03 62.42
CA VAL B 218 3.31 -26.03 61.04
C VAL B 218 2.56 -24.75 60.66
N LEU B 219 3.11 -24.04 59.68
CA LEU B 219 2.52 -22.78 59.23
C LEU B 219 1.35 -22.99 58.28
N ASP B 220 1.48 -23.99 57.41
CA ASP B 220 0.41 -24.31 56.46
C ASP B 220 -0.72 -24.96 57.21
N ARG B 221 -1.77 -24.19 57.48
CA ARG B 221 -2.87 -24.64 58.31
C ARG B 221 -3.75 -25.63 57.56
N VAL B 222 -3.85 -25.45 56.25
CA VAL B 222 -4.64 -26.34 55.42
C VAL B 222 -4.01 -27.73 55.33
N ALA B 223 -2.71 -27.77 55.08
CA ALA B 223 -1.98 -29.03 54.97
C ALA B 223 -2.10 -29.84 56.26
N PHE B 224 -1.98 -29.16 57.39
CA PHE B 224 -2.12 -29.81 58.69
C PHE B 224 -3.53 -30.38 58.87
N LEU B 225 -4.54 -29.53 58.74
CA LEU B 225 -5.92 -29.94 58.97
C LEU B 225 -6.40 -31.03 58.02
N GLU B 226 -5.97 -30.98 56.77
CA GLU B 226 -6.32 -32.02 55.80
C GLU B 226 -5.66 -33.36 56.13
N THR B 227 -4.38 -33.31 56.49
CA THR B 227 -3.63 -34.51 56.86
C THR B 227 -4.23 -35.11 58.14
N ARG B 228 -4.70 -34.23 59.01
CA ARG B 228 -5.33 -34.63 60.26
C ARG B 228 -6.62 -35.38 59.98
N ALA B 229 -7.45 -34.80 59.11
CA ALA B 229 -8.73 -35.40 58.75
C ALA B 229 -8.59 -36.72 58.01
N GLU B 230 -7.56 -36.82 57.17
CA GLU B 230 -7.28 -38.08 56.47
C GLU B 230 -6.94 -39.19 57.46
N TYR B 231 -6.15 -38.83 58.46
CA TYR B 231 -5.78 -39.77 59.51
C TYR B 231 -6.99 -40.15 60.35
N GLU B 232 -7.70 -39.14 60.86
CA GLU B 232 -8.84 -39.36 61.75
C GLU B 232 -9.95 -40.20 61.13
N LEU B 233 -10.10 -40.12 59.82
CA LEU B 233 -11.08 -40.94 59.12
C LEU B 233 -10.59 -42.37 59.01
N TYR B 234 -9.29 -42.53 58.89
CA TYR B 234 -8.67 -43.85 58.75
C TYR B 234 -8.69 -44.60 60.08
N LEU B 235 -8.49 -43.86 61.17
CA LEU B 235 -8.44 -44.46 62.50
C LEU B 235 -9.83 -44.61 63.10
N SER B 236 -10.83 -44.25 62.29
CA SER B 236 -12.24 -44.29 62.69
C SER B 236 -12.55 -43.42 63.92
N LYS B 237 -11.80 -42.33 64.07
CA LYS B 237 -12.14 -41.32 65.06
C LYS B 237 -13.06 -40.33 64.38
N MET B 238 -14.36 -40.57 64.49
CA MET B 238 -15.35 -39.82 63.72
C MET B 238 -15.70 -38.48 64.33
N GLU B 239 -15.74 -38.43 65.66
CA GLU B 239 -16.12 -37.21 66.36
C GLU B 239 -15.02 -36.15 66.22
N GLU B 240 -13.77 -36.61 66.15
CA GLU B 240 -12.64 -35.71 65.94
C GLU B 240 -12.58 -35.25 64.50
N ALA B 241 -12.85 -36.18 63.57
CA ALA B 241 -12.91 -35.87 62.15
C ALA B 241 -14.05 -34.90 61.89
N LYS B 242 -15.15 -35.08 62.63
CA LYS B 242 -16.32 -34.22 62.53
C LYS B 242 -15.96 -32.75 62.72
N SER B 243 -15.30 -32.45 63.84
CA SER B 243 -14.91 -31.08 64.17
C SER B 243 -13.78 -30.57 63.29
N THR B 244 -12.83 -31.44 62.98
CA THR B 244 -11.67 -31.06 62.16
C THR B 244 -12.09 -30.67 60.76
N ILE B 245 -12.93 -31.48 60.13
CA ILE B 245 -13.45 -31.19 58.80
C ILE B 245 -14.25 -29.89 58.81
N TYR B 246 -14.99 -29.66 59.89
CA TYR B 246 -15.76 -28.41 60.02
C TYR B 246 -14.87 -27.17 60.00
N LEU B 247 -13.63 -27.31 60.48
CA LEU B 247 -12.68 -26.22 60.43
C LEU B 247 -12.24 -25.97 58.99
N LEU B 248 -12.23 -27.02 58.19
CA LEU B 248 -11.83 -26.93 56.79
C LEU B 248 -12.89 -26.23 55.95
N LEU B 249 -14.15 -26.52 56.26
CA LEU B 249 -15.27 -25.87 55.58
C LEU B 249 -15.31 -24.39 55.89
N ASP B 250 -14.91 -24.02 57.11
CA ASP B 250 -14.88 -22.62 57.53
C ASP B 250 -13.93 -21.82 56.65
N ARG B 251 -12.80 -22.42 56.31
CA ARG B 251 -11.80 -21.79 55.47
C ARG B 251 -12.21 -21.79 54.00
N ASN B 252 -12.66 -22.95 53.52
CA ASN B 252 -13.06 -23.12 52.14
C ASN B 252 -14.21 -24.11 51.98
N PRO B 253 -15.47 -23.62 52.00
CA PRO B 253 -16.62 -24.50 51.86
C PRO B 253 -16.99 -24.74 50.39
N ASP B 254 -15.98 -24.72 49.52
CA ASP B 254 -16.18 -25.01 48.11
C ASP B 254 -15.44 -26.27 47.67
N ASN B 255 -14.79 -26.93 48.62
CA ASN B 255 -13.97 -28.10 48.32
C ASN B 255 -14.79 -29.38 48.45
N HIS B 256 -15.05 -30.02 47.31
CA HIS B 256 -15.94 -31.18 47.24
C HIS B 256 -15.52 -32.32 48.17
N GLN B 257 -14.22 -32.62 48.19
CA GLN B 257 -13.71 -33.74 48.99
C GLN B 257 -13.99 -33.57 50.47
N TYR B 258 -14.14 -32.32 50.91
CA TYR B 258 -14.47 -32.05 52.31
C TYR B 258 -15.84 -32.59 52.68
N TYR B 259 -16.80 -32.42 51.79
CA TYR B 259 -18.16 -32.90 52.01
C TYR B 259 -18.26 -34.42 51.99
N TYR B 260 -17.53 -35.04 51.07
CA TYR B 260 -17.51 -36.50 50.98
C TYR B 260 -16.91 -37.10 52.25
N ASN B 261 -15.99 -36.36 52.85
CA ASN B 261 -15.35 -36.79 54.10
C ASN B 261 -16.22 -36.55 55.32
N LEU B 262 -16.91 -35.41 55.35
CA LEU B 262 -17.81 -35.09 56.45
C LEU B 262 -18.97 -36.09 56.48
N GLN B 263 -19.43 -36.47 55.29
CA GLN B 263 -20.49 -37.45 55.15
C GLN B 263 -19.98 -38.80 55.67
N ARG B 264 -18.72 -39.08 55.37
CA ARG B 264 -18.05 -40.30 55.81
C ARG B 264 -17.82 -40.27 57.32
N ALA B 265 -17.55 -39.07 57.83
CA ALA B 265 -17.31 -38.88 59.26
C ALA B 265 -18.57 -39.15 60.08
N TYR B 266 -19.72 -38.73 59.56
CA TYR B 266 -20.99 -38.98 60.24
C TYR B 266 -21.41 -40.45 60.11
N GLY B 267 -20.73 -41.19 59.24
CA GLY B 267 -21.05 -42.58 59.02
C GLY B 267 -22.25 -42.74 58.09
N TYR B 268 -22.61 -41.63 57.43
CA TYR B 268 -23.74 -41.63 56.50
C TYR B 268 -23.29 -42.09 55.12
N GLU B 269 -21.99 -42.28 54.95
CA GLU B 269 -21.43 -42.72 53.68
C GLU B 269 -20.17 -43.57 53.89
N ASP B 270 -20.04 -44.63 53.11
CA ASP B 270 -18.85 -45.48 53.17
C ASP B 270 -17.68 -44.81 52.46
N ALA B 271 -16.54 -45.49 52.42
CA ALA B 271 -15.35 -44.95 51.78
C ALA B 271 -15.51 -44.80 50.27
N SER B 272 -16.37 -45.63 49.68
CA SER B 272 -16.64 -45.56 48.26
C SER B 272 -18.02 -44.97 47.99
N GLY B 273 -19.06 -45.77 48.22
CA GLY B 273 -20.42 -45.33 47.98
C GLY B 273 -21.08 -44.83 49.26
N LYS B 274 -22.18 -44.10 49.11
CA LYS B 274 -22.87 -43.51 50.26
C LYS B 274 -23.95 -44.45 50.80
N VAL B 275 -23.67 -45.09 51.92
CA VAL B 275 -24.62 -46.01 52.53
C VAL B 275 -24.55 -46.00 54.06
N LEU B 276 -25.70 -45.87 54.71
CA LEU B 276 -26.95 -45.57 54.03
C LEU B 276 -27.55 -44.27 54.56
N ASP B 277 -28.41 -44.40 55.56
CA ASP B 277 -29.07 -43.27 56.22
C ASP B 277 -29.54 -42.19 55.24
N SER B 278 -30.25 -42.62 54.20
CA SER B 278 -30.59 -41.76 53.07
C SER B 278 -31.38 -40.51 53.46
N ALA B 279 -32.11 -40.59 54.57
CA ALA B 279 -32.88 -39.45 55.05
C ALA B 279 -31.99 -38.45 55.80
N GLU B 280 -31.11 -38.97 56.64
CA GLU B 280 -30.21 -38.13 57.43
C GLU B 280 -29.08 -37.62 56.55
N TRP B 281 -28.85 -38.32 55.44
CA TRP B 281 -27.82 -37.95 54.47
C TRP B 281 -28.16 -36.60 53.83
N LEU B 282 -29.42 -36.45 53.41
CA LEU B 282 -29.90 -35.19 52.86
C LEU B 282 -29.93 -34.11 53.94
N ASN B 283 -30.32 -34.50 55.15
CA ASN B 283 -30.45 -33.56 56.27
C ASN B 283 -29.14 -32.84 56.61
N LEU B 284 -28.03 -33.54 56.45
CA LEU B 284 -26.72 -32.95 56.69
C LEU B 284 -26.51 -31.80 55.70
N TYR B 285 -26.72 -32.07 54.42
CA TYR B 285 -26.63 -31.05 53.38
C TYR B 285 -27.56 -29.88 53.66
N SER B 286 -28.70 -30.16 54.27
CA SER B 286 -29.66 -29.13 54.64
C SER B 286 -29.09 -28.26 55.75
N GLN B 287 -28.37 -28.88 56.67
CA GLN B 287 -27.67 -28.16 57.72
C GLN B 287 -26.48 -27.42 57.12
N LEU B 288 -25.95 -27.95 56.03
CA LEU B 288 -24.85 -27.31 55.33
C LEU B 288 -25.33 -26.09 54.55
N ALA B 289 -26.64 -25.91 54.49
CA ALA B 289 -27.20 -24.69 53.93
C ALA B 289 -27.07 -23.55 54.94
N LYS B 290 -26.93 -23.91 56.21
CA LYS B 290 -26.68 -22.93 57.26
C LYS B 290 -25.23 -22.47 57.18
N ARG B 291 -24.36 -23.39 56.78
CA ARG B 291 -23.02 -23.03 56.33
C ARG B 291 -23.26 -22.04 55.19
N TYR B 292 -22.58 -20.90 55.26
CA TYR B 292 -22.96 -19.70 54.50
C TYR B 292 -23.45 -19.95 53.07
N PRO B 293 -24.64 -19.43 52.75
CA PRO B 293 -25.36 -19.67 51.48
C PRO B 293 -24.55 -19.28 50.24
N LYS B 294 -23.41 -18.63 50.44
CA LYS B 294 -22.51 -18.27 49.35
C LYS B 294 -21.92 -19.50 48.66
N SER B 295 -22.14 -20.68 49.24
CA SER B 295 -21.63 -21.92 48.66
C SER B 295 -22.74 -22.72 47.98
N GLU B 296 -22.48 -23.14 46.75
CA GLU B 296 -23.44 -23.90 45.96
C GLU B 296 -23.36 -25.39 46.25
N CYS B 297 -22.27 -25.81 46.88
CA CYS B 297 -22.02 -27.22 47.19
C CYS B 297 -23.13 -27.99 47.93
N PRO B 298 -23.73 -27.40 48.98
CA PRO B 298 -24.77 -28.14 49.72
C PRO B 298 -25.97 -28.57 48.87
N THR B 299 -26.36 -27.77 47.88
CA THR B 299 -27.47 -28.11 47.02
C THR B 299 -27.06 -28.93 45.79
N ARG B 300 -25.88 -28.64 45.25
CA ARG B 300 -25.43 -29.25 44.00
C ARG B 300 -24.89 -30.67 44.17
N LEU B 301 -24.08 -30.88 45.20
CA LEU B 301 -23.48 -32.20 45.44
C LEU B 301 -24.46 -33.37 45.60
N PRO B 302 -25.55 -33.20 46.37
CA PRO B 302 -26.48 -34.33 46.49
C PRO B 302 -27.17 -34.71 45.17
N LEU B 303 -27.23 -33.78 44.23
CA LEU B 303 -27.86 -34.03 42.94
C LEU B 303 -27.18 -35.19 42.19
N GLU B 304 -25.93 -35.45 42.55
CA GLU B 304 -25.17 -36.56 41.98
C GLU B 304 -25.70 -37.91 42.46
N LYS B 305 -25.93 -38.01 43.77
CA LYS B 305 -26.33 -39.27 44.41
C LYS B 305 -27.83 -39.46 44.56
N LEU B 306 -28.62 -38.45 44.21
CA LEU B 306 -30.08 -38.55 44.32
C LEU B 306 -30.62 -39.57 43.33
N GLU B 307 -31.88 -39.98 43.51
CA GLU B 307 -32.43 -41.10 42.76
C GLU B 307 -33.95 -41.08 42.50
N GLY B 308 -34.33 -41.05 41.23
CA GLY B 308 -35.75 -41.08 40.91
C GLY B 308 -36.39 -39.80 41.40
N ASP B 309 -37.39 -39.93 42.27
CA ASP B 309 -38.05 -38.76 42.84
C ASP B 309 -37.12 -38.15 43.87
N GLU B 310 -37.53 -37.05 44.48
CA GLU B 310 -36.70 -36.25 45.40
C GLU B 310 -35.57 -35.56 44.63
N PHE B 311 -35.17 -36.16 43.52
CA PHE B 311 -34.25 -35.54 42.59
C PHE B 311 -35.03 -34.49 41.81
N LEU B 312 -36.21 -34.89 41.35
CA LEU B 312 -37.10 -34.02 40.59
C LEU B 312 -37.45 -32.76 41.36
N THR B 313 -37.68 -32.91 42.66
CA THR B 313 -38.01 -31.78 43.52
C THR B 313 -36.79 -30.86 43.67
N HIS B 314 -35.61 -31.47 43.88
CA HIS B 314 -34.39 -30.71 44.11
C HIS B 314 -33.79 -30.14 42.82
N VAL B 315 -33.88 -30.91 41.73
CA VAL B 315 -33.33 -30.44 40.46
C VAL B 315 -34.20 -29.32 39.89
N ASP B 316 -35.48 -29.30 40.26
CA ASP B 316 -36.38 -28.26 39.81
C ASP B 316 -36.04 -26.94 40.48
N LEU B 317 -35.84 -26.99 41.81
CA LEU B 317 -35.48 -25.80 42.56
C LEU B 317 -34.12 -25.26 42.14
N TYR B 318 -33.21 -26.18 41.81
CA TYR B 318 -31.85 -25.80 41.43
C TYR B 318 -31.82 -25.16 40.04
N LEU B 319 -32.56 -25.74 39.10
CA LEU B 319 -32.61 -25.22 37.74
C LEU B 319 -33.27 -23.84 37.69
N ARG B 320 -34.37 -23.70 38.42
CA ARG B 320 -35.05 -22.41 38.54
C ARG B 320 -34.12 -21.36 39.13
N LYS B 321 -33.35 -21.76 40.14
CA LYS B 321 -32.43 -20.86 40.84
C LYS B 321 -31.43 -20.21 39.90
N LYS B 322 -30.80 -21.02 39.06
CA LYS B 322 -29.80 -20.51 38.13
C LYS B 322 -30.42 -19.87 36.89
N LEU B 323 -31.65 -20.25 36.59
CA LEU B 323 -32.37 -19.71 35.44
C LEU B 323 -32.84 -18.27 35.70
N LYS B 324 -33.33 -18.02 36.91
CA LYS B 324 -33.78 -16.68 37.29
C LYS B 324 -32.59 -15.73 37.42
N ARG B 325 -31.43 -16.28 37.76
CA ARG B 325 -30.23 -15.46 37.93
C ARG B 325 -29.57 -15.18 36.59
N GLY B 326 -29.94 -15.94 35.57
CA GLY B 326 -29.42 -15.74 34.24
C GLY B 326 -27.98 -16.19 34.07
N ILE B 327 -27.64 -17.32 34.70
CA ILE B 327 -26.30 -17.88 34.59
C ILE B 327 -26.14 -18.68 33.30
N PRO B 328 -25.19 -18.27 32.45
CA PRO B 328 -24.90 -18.98 31.19
C PRO B 328 -24.27 -20.35 31.45
N SER B 329 -23.81 -20.58 32.67
CA SER B 329 -23.10 -21.80 33.02
C SER B 329 -24.04 -22.90 33.53
N VAL B 330 -25.34 -22.63 33.51
CA VAL B 330 -26.34 -23.53 34.10
C VAL B 330 -26.33 -24.94 33.51
N PHE B 331 -26.16 -25.04 32.20
CA PHE B 331 -26.14 -26.35 31.55
C PHE B 331 -24.86 -27.12 31.88
N VAL B 332 -23.73 -26.43 31.84
CA VAL B 332 -22.43 -27.05 32.07
C VAL B 332 -22.35 -27.66 33.47
N ASP B 333 -23.11 -27.09 34.39
CA ASP B 333 -23.18 -27.60 35.76
C ASP B 333 -23.93 -28.93 35.76
N VAL B 334 -25.15 -28.90 35.24
CA VAL B 334 -26.01 -30.08 35.21
C VAL B 334 -25.46 -31.14 34.26
N LYS B 335 -24.64 -30.71 33.31
CA LYS B 335 -24.08 -31.56 32.26
C LYS B 335 -23.54 -32.90 32.76
N SER B 336 -22.87 -32.88 33.91
CA SER B 336 -22.24 -34.07 34.47
C SER B 336 -23.25 -35.09 35.01
N LEU B 337 -24.49 -34.65 35.24
CA LEU B 337 -25.54 -35.53 35.75
C LEU B 337 -26.04 -36.51 34.69
N TYR B 338 -25.64 -36.28 33.44
CA TYR B 338 -26.15 -37.06 32.32
C TYR B 338 -25.46 -38.42 32.17
N LYS B 339 -24.58 -38.73 33.12
CA LYS B 339 -23.81 -39.98 33.05
C LYS B 339 -24.68 -41.23 33.14
N ASP B 340 -25.83 -41.12 33.79
CA ASP B 340 -26.71 -42.27 33.99
C ASP B 340 -27.79 -42.37 32.92
N THR B 341 -27.95 -41.31 32.13
CA THR B 341 -28.95 -41.23 31.06
C THR B 341 -30.40 -41.28 31.55
N LYS B 342 -30.60 -41.54 32.83
CA LYS B 342 -31.93 -41.50 33.42
C LYS B 342 -32.26 -40.06 33.81
N LYS B 343 -31.30 -39.39 34.43
CA LYS B 343 -31.46 -38.00 34.82
C LYS B 343 -31.49 -37.09 33.60
N CYS B 344 -30.87 -37.54 32.51
CA CYS B 344 -30.86 -36.79 31.26
C CYS B 344 -32.27 -36.55 30.73
N LYS B 345 -33.08 -37.60 30.73
CA LYS B 345 -34.48 -37.49 30.31
C LYS B 345 -35.30 -36.64 31.28
N VAL B 346 -35.08 -36.83 32.58
CA VAL B 346 -35.80 -36.11 33.61
C VAL B 346 -35.55 -34.62 33.50
N VAL B 347 -34.30 -34.23 33.32
CA VAL B 347 -33.93 -32.83 33.15
C VAL B 347 -34.48 -32.31 31.83
N GLU B 348 -34.38 -33.11 30.78
CA GLU B 348 -34.88 -32.74 29.45
C GLU B 348 -36.36 -32.39 29.45
N ASP B 349 -37.17 -33.30 30.00
CA ASP B 349 -38.61 -33.11 30.03
C ASP B 349 -39.01 -31.97 30.96
N LEU B 350 -38.17 -31.71 31.97
CA LEU B 350 -38.45 -30.66 32.93
C LEU B 350 -38.25 -29.28 32.30
N VAL B 351 -37.16 -29.12 31.56
CA VAL B 351 -36.87 -27.84 30.92
C VAL B 351 -37.64 -27.67 29.61
N SER B 352 -38.16 -28.78 29.09
CA SER B 352 -39.02 -28.71 27.91
C SER B 352 -40.36 -28.11 28.32
N LYS B 353 -40.81 -28.45 29.52
CA LYS B 353 -42.01 -27.86 30.09
C LYS B 353 -41.74 -26.41 30.47
N TYR B 354 -40.48 -26.12 30.80
CA TYR B 354 -40.06 -24.75 31.07
C TYR B 354 -40.17 -23.88 29.82
N ALA B 355 -39.91 -24.49 28.66
CA ALA B 355 -39.90 -23.77 27.39
C ALA B 355 -41.25 -23.12 27.10
N SER B 356 -42.29 -23.95 27.07
CA SER B 356 -43.66 -23.45 26.92
C SER B 356 -44.32 -23.43 28.30
N SER B 357 -44.15 -22.33 29.02
CA SER B 357 -44.76 -22.22 30.35
C SER B 357 -45.30 -20.85 30.81
N LEU B 358 -44.59 -19.71 30.70
CA LEU B 358 -43.49 -19.34 29.77
C LEU B 358 -43.85 -19.34 28.28
N SER B 359 -44.99 -19.92 27.94
CA SER B 359 -45.57 -19.74 26.63
C SER B 359 -46.45 -18.50 26.68
N THR B 360 -47.57 -18.63 27.37
CA THR B 360 -48.50 -17.53 27.62
C THR B 360 -48.09 -16.71 28.85
N THR B 361 -47.61 -17.39 29.88
CA THR B 361 -47.29 -16.75 31.15
C THR B 361 -45.79 -16.45 31.27
N ASN B 362 -45.40 -15.88 32.41
CA ASN B 362 -43.98 -15.70 32.74
C ASN B 362 -43.47 -16.66 33.81
N LYS B 363 -44.34 -17.57 34.26
CA LYS B 363 -44.00 -18.47 35.35
C LYS B 363 -43.84 -19.93 34.90
N PHE B 364 -42.96 -20.66 35.59
CA PHE B 364 -42.71 -22.07 35.28
C PHE B 364 -43.95 -22.93 35.51
N SER B 365 -44.01 -24.06 34.81
CA SER B 365 -45.06 -25.05 34.99
C SER B 365 -46.48 -24.47 34.94
N GLU B 366 -47.29 -24.83 35.94
CA GLU B 366 -48.66 -24.37 36.02
C GLU B 366 -49.01 -23.76 37.39
N ASP B 367 -48.77 -24.53 38.45
CA ASP B 367 -49.15 -24.13 39.80
C ASP B 367 -48.34 -22.94 40.34
N ASP B 368 -47.33 -22.52 39.59
CA ASP B 368 -46.50 -21.39 40.00
C ASP B 368 -47.22 -20.07 39.80
N ASP B 369 -48.34 -20.09 39.06
CA ASP B 369 -49.16 -18.89 38.88
C ASP B 369 -49.94 -18.60 40.16
N ASN B 370 -50.05 -19.60 41.03
CA ASN B 370 -50.71 -19.42 42.31
C ASN B 370 -49.78 -18.73 43.30
N SER B 371 -48.47 -18.90 43.09
CA SER B 371 -47.46 -18.21 43.88
C SER B 371 -47.04 -16.91 43.21
N GLN B 372 -47.65 -16.65 42.06
CA GLN B 372 -47.52 -15.37 41.34
C GLN B 372 -46.09 -14.98 40.92
N ILE B 373 -45.76 -13.71 41.12
CA ILE B 373 -44.56 -13.07 40.58
C ILE B 373 -44.49 -13.27 39.06
N GLU B 374 -43.29 -13.12 38.49
CA GLU B 374 -43.07 -13.25 37.05
C GLU B 374 -41.59 -13.03 36.75
N ILE B 375 -41.16 -13.45 35.56
CA ILE B 375 -39.80 -13.17 35.09
C ILE B 375 -39.82 -12.80 33.62
N PRO B 376 -39.07 -11.74 33.25
CA PRO B 376 -39.00 -11.25 31.86
C PRO B 376 -38.11 -12.04 30.91
N THR B 377 -36.85 -12.26 31.29
CA THR B 377 -35.83 -12.76 30.36
C THR B 377 -35.50 -14.25 30.44
N THR B 378 -36.21 -15.00 31.29
CA THR B 378 -35.90 -16.40 31.51
C THR B 378 -35.94 -17.30 30.27
N LEU B 379 -36.75 -16.91 29.29
CA LEU B 379 -36.83 -17.68 28.05
C LEU B 379 -35.49 -17.78 27.32
N LEU B 380 -34.68 -16.73 27.43
CA LEU B 380 -33.35 -16.72 26.83
C LEU B 380 -32.53 -17.89 27.36
N TRP B 381 -32.34 -17.92 28.68
CA TRP B 381 -31.48 -18.90 29.31
C TRP B 381 -32.10 -20.29 29.31
N THR B 382 -33.41 -20.34 29.11
CA THR B 382 -34.12 -21.60 28.96
C THR B 382 -33.86 -22.18 27.57
N TYR B 383 -33.97 -21.32 26.57
CA TYR B 383 -33.66 -21.71 25.19
C TYR B 383 -32.19 -22.10 25.06
N TYR B 384 -31.32 -21.34 25.73
CA TYR B 384 -29.89 -21.58 25.67
C TYR B 384 -29.54 -22.93 26.28
N PHE B 385 -30.23 -23.30 27.35
CA PHE B 385 -30.04 -24.60 27.98
C PHE B 385 -30.49 -25.69 27.00
N LEU B 386 -31.65 -25.50 26.42
CA LEU B 386 -32.21 -26.46 25.47
C LEU B 386 -31.36 -26.58 24.21
N ALA B 387 -30.79 -25.46 23.79
CA ALA B 387 -29.91 -25.44 22.62
C ALA B 387 -28.67 -26.29 22.89
N GLN B 388 -28.08 -26.11 24.07
CA GLN B 388 -26.90 -26.85 24.47
C GLN B 388 -27.24 -28.33 24.70
N HIS B 389 -28.40 -28.58 25.29
CA HIS B 389 -28.81 -29.94 25.64
C HIS B 389 -28.99 -30.84 24.42
N PHE B 390 -29.85 -30.43 23.50
CA PHE B 390 -30.14 -31.24 22.32
C PHE B 390 -28.92 -31.39 21.41
N ASP B 391 -28.00 -30.44 21.52
CA ASP B 391 -26.73 -30.54 20.81
C ASP B 391 -25.89 -31.66 21.41
N HIS B 392 -25.93 -31.77 22.73
CA HIS B 392 -25.20 -32.80 23.45
C HIS B 392 -25.83 -34.16 23.18
N VAL B 393 -27.16 -34.21 23.24
CA VAL B 393 -27.90 -35.45 22.95
C VAL B 393 -27.73 -35.84 21.48
N GLY B 394 -27.52 -34.85 20.63
CA GLY B 394 -27.21 -35.10 19.22
C GLY B 394 -28.37 -34.89 18.27
N GLU B 395 -29.42 -34.20 18.75
CA GLU B 395 -30.58 -33.92 17.91
C GLU B 395 -30.18 -33.02 16.76
N LEU B 396 -29.61 -31.86 17.09
CA LEU B 396 -29.07 -30.89 16.12
C LEU B 396 -30.14 -30.13 15.34
N GLU B 397 -31.29 -30.75 15.10
CA GLU B 397 -32.41 -30.05 14.48
C GLU B 397 -33.17 -29.27 15.54
N LYS B 398 -33.51 -29.95 16.63
CA LYS B 398 -34.18 -29.32 17.76
C LYS B 398 -33.22 -28.30 18.38
N ALA B 399 -31.95 -28.68 18.44
CA ALA B 399 -30.92 -27.80 19.01
C ALA B 399 -30.83 -26.49 18.24
N GLU B 400 -30.62 -26.60 16.94
CA GLU B 400 -30.44 -25.42 16.09
C GLU B 400 -31.67 -24.52 16.07
N LYS B 401 -32.84 -25.13 16.24
CA LYS B 401 -34.08 -24.37 16.28
C LYS B 401 -34.15 -23.50 17.53
N TYR B 402 -33.55 -23.99 18.62
CA TYR B 402 -33.58 -23.28 19.90
C TYR B 402 -32.61 -22.11 19.99
N VAL B 403 -31.41 -22.28 19.43
CA VAL B 403 -30.44 -21.18 19.44
C VAL B 403 -30.99 -20.03 18.60
N ASP B 404 -31.61 -20.38 17.48
CA ASP B 404 -32.21 -19.38 16.60
C ASP B 404 -33.28 -18.58 17.31
N LEU B 405 -34.06 -19.26 18.16
CA LEU B 405 -35.06 -18.57 18.97
C LEU B 405 -34.39 -17.61 19.95
N ALA B 406 -33.25 -18.01 20.48
CA ALA B 406 -32.51 -17.20 21.45
C ALA B 406 -31.81 -16.02 20.78
N ILE B 407 -31.24 -16.28 19.61
CA ILE B 407 -30.55 -15.23 18.85
C ILE B 407 -31.51 -14.16 18.37
N ASP B 408 -32.72 -14.57 17.99
CA ASP B 408 -33.75 -13.63 17.56
C ASP B 408 -34.14 -12.68 18.69
N HIS B 409 -34.10 -13.18 19.93
CA HIS B 409 -34.39 -12.36 21.09
C HIS B 409 -33.27 -11.38 21.37
N THR B 410 -32.04 -11.89 21.44
CA THR B 410 -30.88 -11.07 21.74
C THR B 410 -29.67 -11.45 20.88
N PRO B 411 -29.54 -10.80 19.72
CA PRO B 411 -28.49 -11.08 18.73
C PRO B 411 -27.08 -10.72 19.20
N THR B 412 -26.97 -10.04 20.33
CA THR B 412 -25.67 -9.55 20.79
C THR B 412 -24.94 -10.49 21.77
N LEU B 413 -25.60 -11.58 22.16
CA LEU B 413 -25.00 -12.50 23.13
C LEU B 413 -24.02 -13.46 22.48
N VAL B 414 -22.78 -13.44 22.96
CA VAL B 414 -21.70 -14.22 22.37
C VAL B 414 -21.90 -15.72 22.50
N GLU B 415 -22.32 -16.17 23.69
CA GLU B 415 -22.48 -17.59 23.98
C GLU B 415 -23.45 -18.29 23.03
N LEU B 416 -24.46 -17.56 22.58
CA LEU B 416 -25.47 -18.10 21.68
C LEU B 416 -24.86 -18.52 20.34
N PHE B 417 -23.92 -17.73 19.83
CA PHE B 417 -23.28 -18.04 18.57
C PHE B 417 -22.20 -19.11 18.71
N MET B 418 -21.67 -19.26 19.92
CA MET B 418 -20.72 -20.33 20.20
C MET B 418 -21.43 -21.68 20.05
N THR B 419 -22.64 -21.75 20.58
CA THR B 419 -23.43 -22.98 20.53
C THR B 419 -23.87 -23.31 19.10
N LYS B 420 -24.33 -22.30 18.37
CA LYS B 420 -24.78 -22.48 17.00
C LYS B 420 -23.63 -22.98 16.11
N ALA B 421 -22.42 -22.50 16.38
CA ALA B 421 -21.25 -22.92 15.64
C ALA B 421 -20.92 -24.39 15.88
N ARG B 422 -21.13 -24.83 17.13
CA ARG B 422 -20.88 -26.22 17.51
C ARG B 422 -21.84 -27.15 16.77
N ILE B 423 -23.11 -26.75 16.69
CA ILE B 423 -24.13 -27.55 16.04
C ILE B 423 -23.79 -27.74 14.56
N SER B 424 -23.34 -26.66 13.92
CA SER B 424 -22.92 -26.71 12.53
C SER B 424 -21.71 -27.63 12.39
N LYS B 425 -20.82 -27.59 13.38
CA LYS B 425 -19.66 -28.46 13.42
C LYS B 425 -20.09 -29.91 13.53
N HIS B 426 -21.10 -30.16 14.36
CA HIS B 426 -21.63 -31.51 14.54
C HIS B 426 -22.43 -31.96 13.32
N LYS B 427 -22.96 -30.99 12.56
CA LYS B 427 -23.70 -31.30 11.34
C LYS B 427 -22.74 -31.64 10.20
N GLY B 428 -21.45 -31.47 10.43
CA GLY B 428 -20.44 -31.81 9.44
C GLY B 428 -20.09 -30.66 8.53
N GLU B 429 -20.79 -29.53 8.70
CA GLU B 429 -20.53 -28.36 7.87
C GLU B 429 -19.53 -27.47 8.61
N LEU B 430 -18.26 -27.58 8.21
CA LEU B 430 -17.19 -26.89 8.91
C LEU B 430 -17.04 -25.42 8.52
N GLN B 431 -17.32 -25.11 7.25
CA GLN B 431 -17.17 -23.76 6.74
C GLN B 431 -18.06 -22.76 7.45
N THR B 432 -19.35 -23.09 7.53
CA THR B 432 -20.29 -22.20 8.19
C THR B 432 -20.06 -22.19 9.70
N ALA B 433 -19.55 -23.30 10.22
CA ALA B 433 -19.21 -23.37 11.64
C ALA B 433 -18.07 -22.40 11.95
N MET B 434 -17.10 -22.33 11.05
CA MET B 434 -15.97 -21.42 11.20
C MET B 434 -16.48 -19.98 11.17
N GLU B 435 -17.41 -19.71 10.28
CA GLU B 435 -17.97 -18.36 10.11
C GLU B 435 -18.77 -17.89 11.32
N ILE B 436 -19.60 -18.77 11.85
CA ILE B 436 -20.41 -18.44 13.02
C ILE B 436 -19.50 -18.16 14.21
N MET B 437 -18.44 -18.94 14.32
CA MET B 437 -17.47 -18.75 15.40
C MET B 437 -16.75 -17.42 15.21
N ASP B 438 -16.48 -17.07 13.95
CA ASP B 438 -15.82 -15.81 13.64
C ASP B 438 -16.76 -14.64 13.93
N HIS B 439 -18.06 -14.88 13.78
CA HIS B 439 -19.07 -13.90 14.12
C HIS B 439 -19.15 -13.73 15.63
N ALA B 440 -19.00 -14.85 16.34
CA ALA B 440 -18.99 -14.82 17.80
C ALA B 440 -17.78 -14.06 18.30
N ARG B 441 -16.66 -14.22 17.60
CA ARG B 441 -15.44 -13.49 17.93
C ARG B 441 -15.65 -11.99 17.71
N LYS B 442 -16.38 -11.65 16.65
CA LYS B 442 -16.65 -10.25 16.32
C LYS B 442 -17.49 -9.54 17.37
N LEU B 443 -18.20 -10.31 18.20
CA LEU B 443 -19.01 -9.73 19.26
C LEU B 443 -18.19 -9.35 20.49
N ASP B 444 -17.04 -10.00 20.67
CA ASP B 444 -16.10 -9.61 21.72
C ASP B 444 -14.66 -9.67 21.21
N LEU B 445 -14.07 -8.50 20.96
CA LEU B 445 -12.73 -8.43 20.37
C LEU B 445 -11.60 -8.34 21.39
N GLN B 446 -11.94 -8.11 22.66
CA GLN B 446 -10.92 -8.00 23.69
C GLN B 446 -10.74 -9.29 24.46
N ASP B 447 -11.55 -10.29 24.15
CA ASP B 447 -11.50 -11.57 24.83
C ASP B 447 -10.65 -12.55 24.03
N ARG B 448 -9.53 -12.98 24.59
CA ARG B 448 -8.63 -13.89 23.89
C ARG B 448 -9.24 -15.28 23.73
N PHE B 449 -10.09 -15.68 24.68
CA PHE B 449 -10.72 -16.99 24.66
C PHE B 449 -11.51 -17.22 23.38
N ILE B 450 -12.43 -16.30 23.11
CA ILE B 450 -13.29 -16.42 21.93
C ILE B 450 -12.47 -16.36 20.64
N ASN B 451 -11.34 -15.66 20.69
CA ASN B 451 -10.43 -15.60 19.56
C ASN B 451 -9.79 -16.96 19.32
N GLY B 452 -9.39 -17.61 20.40
CA GLY B 452 -8.77 -18.93 20.33
C GLY B 452 -9.71 -19.98 19.81
N LYS B 453 -10.95 -19.93 20.27
CA LYS B 453 -11.98 -20.85 19.79
C LYS B 453 -12.20 -20.64 18.29
N CYS B 454 -12.14 -19.38 17.87
CA CYS B 454 -12.32 -19.03 16.46
C CYS B 454 -11.20 -19.61 15.61
N ALA B 455 -9.97 -19.50 16.09
CA ALA B 455 -8.82 -20.00 15.36
C ALA B 455 -8.85 -21.52 15.26
N LYS B 456 -9.41 -22.17 16.28
CA LYS B 456 -9.52 -23.62 16.28
C LYS B 456 -10.45 -24.09 15.16
N TYR B 457 -11.61 -23.43 15.05
CA TYR B 457 -12.57 -23.77 14.01
C TYR B 457 -12.01 -23.45 12.63
N MET B 458 -11.17 -22.42 12.56
CA MET B 458 -10.47 -22.10 11.33
C MET B 458 -9.48 -23.20 10.99
N LEU B 459 -8.81 -23.69 12.02
CA LEU B 459 -7.87 -24.80 11.85
C LEU B 459 -8.58 -26.09 11.46
N ARG B 460 -9.71 -26.36 12.12
CA ARG B 460 -10.49 -27.56 11.80
C ARG B 460 -11.02 -27.50 10.37
N ASN B 461 -11.18 -26.29 9.84
CA ASN B 461 -11.63 -26.09 8.47
C ASN B 461 -10.45 -26.02 7.52
N ASP B 462 -9.27 -26.31 8.05
CA ASP B 462 -8.03 -26.36 7.26
C ASP B 462 -7.62 -25.01 6.66
N GLU B 463 -8.01 -23.93 7.31
CA GLU B 463 -7.51 -22.60 6.96
C GLU B 463 -6.43 -22.22 7.97
N ASN B 464 -5.19 -22.63 7.70
CA ASN B 464 -4.09 -22.45 8.63
C ASN B 464 -3.60 -21.02 8.72
N GLU B 465 -3.46 -20.38 7.56
CA GLU B 465 -2.98 -19.00 7.51
C GLU B 465 -4.03 -18.04 8.07
N LEU B 466 -5.30 -18.33 7.81
CA LEU B 466 -6.39 -17.50 8.31
C LEU B 466 -6.46 -17.54 9.84
N ALA B 467 -6.15 -18.69 10.42
CA ALA B 467 -6.12 -18.85 11.87
C ALA B 467 -4.92 -18.13 12.47
N ALA B 468 -3.77 -18.24 11.79
CA ALA B 468 -2.55 -17.60 12.27
C ALA B 468 -2.69 -16.09 12.35
N LYS B 469 -3.37 -15.51 11.37
CA LYS B 469 -3.63 -14.07 11.37
C LYS B 469 -4.57 -13.68 12.51
N THR B 470 -5.51 -14.56 12.81
CA THR B 470 -6.49 -14.29 13.85
C THR B 470 -5.86 -14.28 15.24
N VAL B 471 -4.96 -15.23 15.49
CA VAL B 471 -4.27 -15.29 16.78
C VAL B 471 -3.15 -14.26 16.89
N SER B 472 -2.78 -13.67 15.75
CA SER B 472 -1.74 -12.65 15.72
C SER B 472 -2.17 -11.41 16.50
N LEU B 473 -3.46 -11.30 16.79
CA LEU B 473 -4.02 -10.18 17.53
C LEU B 473 -3.64 -10.22 19.01
N PHE B 474 -3.55 -11.42 19.57
CA PHE B 474 -3.26 -11.57 21.01
C PHE B 474 -1.85 -12.01 21.36
N THR B 475 -0.96 -12.12 20.38
CA THR B 475 0.35 -12.69 20.63
C THR B 475 1.48 -11.66 20.57
N ARG B 476 2.61 -12.00 21.19
CA ARG B 476 3.82 -11.19 21.11
C ARG B 476 4.51 -11.56 19.79
N ASN B 477 4.46 -10.65 18.83
CA ASN B 477 4.86 -10.95 17.47
C ASN B 477 6.34 -10.69 17.14
N GLU B 478 7.16 -10.53 18.18
CA GLU B 478 8.57 -10.24 17.96
C GLU B 478 9.28 -11.43 17.32
N ALA B 479 9.54 -12.48 18.11
CA ALA B 479 10.20 -13.66 17.58
C ALA B 479 9.88 -14.91 18.41
N VAL B 480 10.29 -16.10 17.95
CA VAL B 480 10.49 -16.43 16.53
C VAL B 480 9.22 -16.26 15.69
N GLY B 481 9.44 -16.10 14.39
CA GLY B 481 8.41 -16.08 13.36
C GLY B 481 6.91 -15.99 13.66
N GLY B 482 6.42 -14.84 14.10
CA GLY B 482 4.99 -14.60 14.22
C GLY B 482 4.26 -15.15 15.44
N ALA B 483 2.94 -15.22 15.32
CA ALA B 483 2.07 -15.70 16.39
C ALA B 483 2.33 -17.17 16.69
N VAL B 484 2.47 -17.96 15.64
CA VAL B 484 2.66 -19.41 15.79
C VAL B 484 4.01 -19.71 16.44
N GLY B 485 5.02 -18.93 16.06
CA GLY B 485 6.33 -19.06 16.67
C GLY B 485 6.29 -18.70 18.14
N ASP B 486 5.48 -17.70 18.47
CA ASP B 486 5.33 -17.28 19.86
C ASP B 486 4.47 -18.25 20.67
N LEU B 487 3.47 -18.81 20.02
CA LEU B 487 2.62 -19.81 20.64
C LEU B 487 3.42 -21.06 20.98
N ALA B 488 4.47 -21.30 20.20
CA ALA B 488 5.38 -22.42 20.46
C ALA B 488 6.29 -22.10 21.63
N ASP B 489 6.75 -20.85 21.71
CA ASP B 489 7.62 -20.42 22.79
C ASP B 489 6.88 -20.47 24.12
N MET B 490 5.59 -20.16 24.09
CA MET B 490 4.78 -20.15 25.31
C MET B 490 4.17 -21.53 25.57
N GLN B 491 4.58 -22.50 24.75
CA GLN B 491 4.19 -23.89 24.92
C GLN B 491 2.70 -24.09 24.85
N CYS B 492 2.04 -23.40 23.92
CA CYS B 492 0.62 -23.58 23.73
C CYS B 492 0.43 -24.91 23.02
N LEU B 493 -0.07 -25.88 23.77
CA LEU B 493 -0.14 -27.26 23.29
C LEU B 493 -1.25 -27.49 22.28
N TRP B 494 -2.42 -26.92 22.55
CA TRP B 494 -3.59 -27.19 21.72
C TRP B 494 -3.43 -26.67 20.30
N TYR B 495 -2.78 -25.53 20.15
CA TYR B 495 -2.62 -24.95 18.81
C TYR B 495 -1.68 -25.77 17.94
N MET B 496 -0.54 -26.16 18.50
CA MET B 496 0.45 -26.91 17.75
C MET B 496 -0.13 -28.26 17.33
N LEU B 497 -1.02 -28.78 18.17
CA LEU B 497 -1.67 -30.05 17.91
C LEU B 497 -2.72 -29.94 16.80
N GLU B 498 -3.57 -28.92 16.90
CA GLU B 498 -4.61 -28.69 15.91
C GLU B 498 -4.05 -28.27 14.55
N ASP B 499 -2.97 -27.49 14.58
CA ASP B 499 -2.36 -27.00 13.34
C ASP B 499 -1.70 -28.14 12.57
N GLY B 500 -0.98 -29.00 13.28
CA GLY B 500 -0.29 -30.12 12.67
C GLY B 500 -1.26 -31.11 12.06
N LYS B 501 -2.35 -31.37 12.78
CA LYS B 501 -3.40 -32.27 12.31
C LYS B 501 -4.09 -31.73 11.05
N SER B 502 -4.23 -30.42 10.98
CA SER B 502 -4.78 -29.77 9.80
C SER B 502 -3.83 -29.96 8.62
N PHE B 503 -2.56 -29.67 8.85
CA PHE B 503 -1.52 -29.88 7.85
C PHE B 503 -1.47 -31.34 7.42
N ALA B 504 -1.75 -32.24 8.35
CA ALA B 504 -1.68 -33.68 8.10
C ALA B 504 -2.71 -34.13 7.07
N ARG B 505 -3.94 -33.65 7.21
CA ARG B 505 -5.00 -34.05 6.29
C ARG B 505 -5.00 -33.21 5.01
N GLN B 506 -4.15 -32.20 4.97
CA GLN B 506 -3.91 -31.45 3.75
C GLN B 506 -2.70 -32.04 3.06
N LYS B 507 -2.20 -33.14 3.63
CA LYS B 507 -1.05 -33.88 3.13
C LYS B 507 0.21 -33.02 3.07
N LYS B 508 0.23 -31.95 3.85
CA LYS B 508 1.41 -31.13 4.00
C LYS B 508 2.21 -31.73 5.15
N PHE B 509 3.06 -32.69 4.82
CA PHE B 509 3.69 -33.52 5.83
C PHE B 509 4.81 -32.78 6.54
N ALA B 510 5.55 -31.97 5.78
CA ALA B 510 6.65 -31.19 6.32
C ALA B 510 6.15 -30.29 7.45
N LEU B 511 5.05 -29.61 7.23
CA LEU B 511 4.52 -28.68 8.22
C LEU B 511 3.85 -29.40 9.38
N ALA B 512 3.20 -30.53 9.08
CA ALA B 512 2.57 -31.34 10.10
C ALA B 512 3.62 -31.94 11.03
N LEU B 513 4.68 -32.46 10.45
CA LEU B 513 5.79 -33.05 11.21
C LEU B 513 6.46 -31.98 12.07
N LYS B 514 6.47 -30.74 11.58
CA LYS B 514 7.05 -29.63 12.31
C LYS B 514 6.26 -29.32 13.58
N ARG B 515 4.96 -29.15 13.42
CA ARG B 515 4.08 -28.83 14.55
C ARG B 515 4.11 -29.94 15.61
N PHE B 516 4.10 -31.18 15.14
CA PHE B 516 4.12 -32.33 16.03
C PHE B 516 5.46 -32.42 16.77
N SER B 517 6.55 -32.09 16.08
CA SER B 517 7.86 -32.08 16.69
C SER B 517 7.96 -31.00 17.76
N THR B 518 7.18 -29.93 17.59
CA THR B 518 7.15 -28.85 18.57
C THR B 518 6.51 -29.32 19.86
N VAL B 519 5.46 -30.13 19.74
CA VAL B 519 4.82 -30.73 20.90
C VAL B 519 5.81 -31.62 21.63
N PHE B 520 6.60 -32.37 20.86
CA PHE B 520 7.67 -33.19 21.42
C PHE B 520 8.60 -32.33 22.26
N LYS B 521 9.06 -31.24 21.64
CA LYS B 521 10.02 -30.33 22.26
C LYS B 521 9.45 -29.70 23.53
N ILE B 522 8.15 -29.44 23.53
CA ILE B 522 7.48 -28.86 24.70
C ILE B 522 7.52 -29.82 25.88
N PHE B 523 7.23 -31.09 25.62
CA PHE B 523 7.28 -32.10 26.68
C PHE B 523 8.71 -32.35 27.15
N ASP B 524 9.65 -32.37 26.21
CA ASP B 524 11.06 -32.52 26.53
C ASP B 524 11.53 -31.36 27.41
N THR B 525 10.99 -30.18 27.14
CA THR B 525 11.34 -29.01 27.94
C THR B 525 10.84 -29.20 29.37
N TRP B 526 9.60 -29.62 29.51
CA TRP B 526 9.00 -29.85 30.83
C TRP B 526 9.78 -30.90 31.60
N ALA B 527 10.23 -31.93 30.89
CA ALA B 527 10.99 -33.02 31.51
C ALA B 527 12.34 -32.51 32.02
N ASP B 528 12.90 -31.53 31.33
CA ASP B 528 14.22 -31.02 31.67
C ASP B 528 14.15 -29.87 32.67
N ASP B 529 12.96 -29.31 32.84
CA ASP B 529 12.77 -28.12 33.67
C ASP B 529 12.97 -28.39 35.16
N GLN B 530 12.83 -29.64 35.57
CA GLN B 530 12.99 -30.03 36.97
C GLN B 530 14.45 -29.98 37.41
N PHE B 531 15.36 -29.94 36.44
CA PHE B 531 16.80 -30.06 36.68
C PHE B 531 17.33 -29.13 37.77
N ASP B 532 17.04 -27.83 37.64
CA ASP B 532 17.53 -26.84 38.61
C ASP B 532 16.90 -27.03 39.99
N PHE B 533 15.76 -27.70 40.05
CA PHE B 533 15.06 -27.86 41.32
C PHE B 533 15.63 -28.99 42.16
N HIS B 534 16.58 -29.73 41.61
CA HIS B 534 17.31 -30.73 42.37
C HIS B 534 18.30 -30.05 43.30
N PHE B 535 18.43 -28.73 43.13
CA PHE B 535 19.20 -27.89 44.02
C PHE B 535 18.30 -26.90 44.74
N PHE B 536 17.55 -26.12 43.96
CA PHE B 536 16.76 -25.01 44.48
C PHE B 536 15.68 -25.39 45.49
N ALA B 537 15.11 -26.58 45.36
CA ALA B 537 14.04 -27.00 46.25
C ALA B 537 14.57 -27.20 47.67
N PHE B 538 15.81 -27.64 47.77
CA PHE B 538 16.45 -27.84 49.07
C PHE B 538 16.92 -26.51 49.67
N ARG B 539 17.11 -25.52 48.80
CA ARG B 539 17.44 -24.18 49.27
C ARG B 539 16.22 -23.49 49.87
N LYS B 540 15.06 -23.73 49.27
CA LYS B 540 13.82 -23.21 49.83
C LYS B 540 13.36 -24.12 50.95
N GLY B 541 13.61 -25.41 50.81
CA GLY B 541 13.25 -26.38 51.81
C GLY B 541 11.82 -26.88 51.65
N SER B 542 11.34 -26.90 50.42
CA SER B 542 10.00 -27.41 50.14
C SER B 542 10.12 -28.87 49.74
N LEU B 543 10.09 -29.76 50.74
CA LEU B 543 10.39 -31.17 50.52
C LEU B 543 9.21 -31.95 49.96
N ARG B 544 8.04 -31.82 50.57
CA ARG B 544 6.86 -32.56 50.13
C ARG B 544 6.44 -32.13 48.73
N THR B 545 6.71 -30.87 48.41
CA THR B 545 6.45 -30.36 47.06
C THR B 545 7.46 -30.92 46.06
N TYR B 546 8.72 -31.02 46.48
CA TYR B 546 9.75 -31.57 45.62
C TYR B 546 9.45 -33.02 45.28
N LEU B 547 8.91 -33.74 46.25
CA LEU B 547 8.49 -35.12 46.05
C LEU B 547 7.43 -35.21 44.97
N ASP B 548 6.47 -34.29 45.02
CA ASP B 548 5.40 -34.24 44.04
C ASP B 548 5.95 -33.95 42.64
N LEU B 549 6.93 -33.05 42.58
CA LEU B 549 7.56 -32.70 41.32
C LEU B 549 8.23 -33.92 40.69
N MET B 550 8.88 -34.72 41.53
CA MET B 550 9.60 -35.90 41.05
C MET B 550 8.65 -36.95 40.46
N SER B 551 7.53 -37.18 41.13
CA SER B 551 6.58 -38.19 40.68
C SER B 551 5.79 -37.72 39.47
N TRP B 552 5.62 -36.41 39.35
CA TRP B 552 4.94 -35.82 38.21
C TRP B 552 5.77 -35.95 36.94
N GLU B 553 7.07 -35.69 37.06
CA GLU B 553 7.97 -35.76 35.92
C GLU B 553 8.14 -37.17 35.39
N ASP B 554 7.93 -38.14 36.26
CA ASP B 554 8.08 -39.56 35.91
C ASP B 554 7.02 -39.98 34.90
N SER B 555 5.81 -39.46 35.06
CA SER B 555 4.71 -39.76 34.14
C SER B 555 4.38 -38.61 33.19
N VAL B 556 5.29 -37.64 33.06
CA VAL B 556 5.02 -36.44 32.26
C VAL B 556 4.69 -36.69 30.79
N TYR B 557 5.24 -37.76 30.22
CA TYR B 557 4.99 -38.09 28.82
C TYR B 557 3.71 -38.89 28.63
N ASP B 558 3.04 -39.23 29.72
CA ASP B 558 1.78 -39.93 29.63
C ASP B 558 0.69 -38.88 29.58
N ASP B 559 0.38 -38.43 28.37
CA ASP B 559 -0.52 -37.30 28.17
C ASP B 559 -1.24 -37.48 26.84
N PRO B 560 -2.50 -37.06 26.77
CA PRO B 560 -3.26 -37.12 25.51
C PRO B 560 -2.56 -36.31 24.42
N SER B 561 -1.97 -35.18 24.81
CA SER B 561 -1.33 -34.29 23.87
C SER B 561 -0.10 -34.93 23.23
N PHE B 562 0.74 -35.54 24.05
CA PHE B 562 1.95 -36.20 23.54
C PHE B 562 1.57 -37.42 22.73
N ARG B 563 0.58 -38.15 23.24
CA ARG B 563 0.08 -39.34 22.57
C ARG B 563 -0.38 -38.99 21.17
N GLU B 564 -1.17 -37.93 21.07
CA GLU B 564 -1.71 -37.47 19.79
C GLU B 564 -0.61 -37.02 18.82
N ALA B 565 0.39 -36.32 19.36
CA ALA B 565 1.48 -35.81 18.53
C ALA B 565 2.38 -36.94 18.06
N ALA B 566 2.65 -37.90 18.93
CA ALA B 566 3.49 -39.02 18.58
C ALA B 566 2.79 -39.92 17.58
N GLN B 567 1.51 -40.18 17.83
CA GLN B 567 0.69 -41.02 16.97
C GLN B 567 0.60 -40.43 15.56
N GLY B 568 0.32 -39.13 15.50
CA GLY B 568 0.21 -38.44 14.23
C GLY B 568 1.50 -38.46 13.44
N SER B 569 2.62 -38.33 14.14
CA SER B 569 3.94 -38.37 13.52
C SER B 569 4.25 -39.75 12.94
N ILE B 570 3.94 -40.79 13.71
CA ILE B 570 4.21 -42.16 13.30
C ILE B 570 3.44 -42.53 12.02
N GLU B 571 2.17 -42.13 11.95
CA GLU B 571 1.37 -42.38 10.77
C GLU B 571 1.94 -41.71 9.52
N ILE B 572 2.48 -40.51 9.69
CA ILE B 572 3.12 -39.81 8.58
C ILE B 572 4.43 -40.48 8.19
N TYR B 573 5.17 -40.95 9.20
CA TYR B 573 6.41 -41.67 8.96
C TYR B 573 6.15 -42.99 8.23
N PHE B 574 4.98 -43.56 8.45
CA PHE B 574 4.55 -44.74 7.70
C PHE B 574 4.36 -44.36 6.25
N ALA B 575 3.71 -43.21 6.03
CA ALA B 575 3.44 -42.72 4.69
C ALA B 575 4.73 -42.41 3.93
N LEU B 576 5.73 -41.91 4.66
CA LEU B 576 7.02 -41.60 4.06
C LEU B 576 7.74 -42.86 3.62
N PHE B 577 7.48 -43.96 4.32
CA PHE B 577 8.07 -45.25 3.97
C PHE B 577 7.29 -45.93 2.84
N ASP B 578 5.96 -45.89 2.94
CA ASP B 578 5.10 -46.53 1.95
C ASP B 578 5.17 -45.84 0.59
N LEU B 579 4.87 -44.55 0.58
CA LEU B 579 4.77 -43.79 -0.67
C LEU B 579 6.04 -43.00 -0.97
N PRO B 580 6.61 -43.20 -2.16
CA PRO B 580 7.84 -42.50 -2.57
C PRO B 580 7.61 -41.01 -2.84
N PHE B 581 6.35 -40.61 -3.03
CA PHE B 581 6.03 -39.23 -3.35
C PHE B 581 5.61 -38.41 -2.14
N ALA B 582 5.55 -39.06 -0.98
CA ALA B 582 5.09 -38.41 0.24
C ALA B 582 6.09 -37.38 0.75
N LYS B 583 7.35 -37.59 0.39
CA LYS B 583 8.44 -36.70 0.81
C LYS B 583 8.24 -35.28 0.28
N TYR B 584 7.55 -35.17 -0.86
CA TYR B 584 7.40 -33.88 -1.53
C TYR B 584 6.20 -33.09 -1.03
N SER B 585 5.48 -33.64 -0.06
CA SER B 585 4.28 -33.02 0.49
C SER B 585 3.33 -32.54 -0.61
N PRO B 586 2.83 -33.47 -1.44
CA PRO B 586 2.01 -33.10 -2.59
C PRO B 586 0.66 -32.52 -2.17
N LYS B 587 0.08 -31.69 -3.01
CA LYS B 587 -1.27 -31.20 -2.76
C LYS B 587 -2.24 -32.37 -2.83
N LEU B 588 -3.34 -32.27 -2.08
CA LEU B 588 -4.32 -33.36 -1.99
C LEU B 588 -4.82 -33.93 -3.32
N PRO B 589 -5.12 -33.07 -4.32
CA PRO B 589 -5.49 -33.65 -5.62
C PRO B 589 -4.37 -34.46 -6.25
N ASP B 590 -3.14 -33.95 -6.18
CA ASP B 590 -1.99 -34.65 -6.73
C ASP B 590 -1.67 -35.92 -5.93
N PHE B 591 -1.98 -35.88 -4.63
CA PHE B 591 -1.74 -37.03 -3.76
C PHE B 591 -2.65 -38.19 -4.16
N GLU B 592 -3.89 -37.87 -4.51
CA GLU B 592 -4.86 -38.90 -4.86
C GLU B 592 -4.58 -39.51 -6.22
N LYS B 593 -4.00 -38.72 -7.12
CA LYS B 593 -3.65 -39.18 -8.46
C LYS B 593 -2.52 -40.21 -8.44
N LEU B 594 -1.47 -39.93 -7.67
CA LEU B 594 -0.31 -40.81 -7.58
C LEU B 594 -0.60 -42.05 -6.74
N SER B 595 -1.59 -41.95 -5.85
CA SER B 595 -1.95 -43.05 -4.98
C SER B 595 -2.87 -44.04 -5.68
N SER B 596 -3.56 -43.57 -6.72
CA SER B 596 -4.47 -44.42 -7.48
C SER B 596 -3.74 -45.25 -8.51
N GLY B 597 -2.66 -44.71 -9.05
CA GLY B 597 -1.85 -45.41 -10.03
C GLY B 597 -2.58 -45.74 -11.32
N GLU B 598 -3.62 -44.97 -11.62
CA GLU B 598 -4.38 -45.18 -12.85
C GLU B 598 -3.86 -44.32 -13.98
N ILE B 599 -3.00 -43.35 -13.63
CA ILE B 599 -2.44 -42.46 -14.61
C ILE B 599 -1.27 -43.11 -15.34
N ASN B 600 -1.01 -42.65 -16.57
CA ASN B 600 0.10 -43.17 -17.35
C ASN B 600 1.42 -42.58 -16.90
N GLU B 601 2.51 -43.03 -17.51
CA GLU B 601 3.85 -42.57 -17.15
C GLU B 601 4.10 -41.14 -17.61
N GLU B 602 3.35 -40.71 -18.62
CA GLU B 602 3.50 -39.37 -19.16
C GLU B 602 3.02 -38.34 -18.14
N GLU B 603 1.84 -38.56 -17.58
CA GLU B 603 1.28 -37.66 -16.58
C GLU B 603 2.04 -37.80 -15.26
N GLU B 604 2.50 -39.02 -14.97
CA GLU B 604 3.22 -39.31 -13.74
C GLU B 604 4.52 -38.52 -13.64
N LYS B 605 5.29 -38.51 -14.73
CA LYS B 605 6.55 -37.79 -14.76
C LYS B 605 6.35 -36.28 -14.62
N LYS B 606 5.22 -35.78 -15.11
CA LYS B 606 4.92 -34.36 -15.03
C LYS B 606 4.70 -33.92 -13.58
N ILE B 607 3.94 -34.72 -12.83
CA ILE B 607 3.66 -34.41 -11.44
C ILE B 607 4.92 -34.34 -10.59
N TYR B 608 5.81 -35.33 -10.75
CA TYR B 608 7.06 -35.37 -10.00
C TYR B 608 7.96 -34.18 -10.29
N LYS B 609 8.04 -33.78 -11.54
CA LYS B 609 8.81 -32.60 -11.93
C LYS B 609 8.29 -31.36 -11.24
N LYS B 610 6.97 -31.27 -11.10
CA LYS B 610 6.34 -30.16 -10.41
C LYS B 610 6.66 -30.21 -8.91
N LEU B 611 6.51 -31.39 -8.33
CA LEU B 611 6.71 -31.56 -6.89
C LEU B 611 8.14 -31.20 -6.48
N LYS B 612 9.09 -31.53 -7.34
CA LYS B 612 10.49 -31.22 -7.08
C LYS B 612 10.78 -29.72 -7.20
N LYS B 613 10.22 -29.09 -8.23
CA LYS B 613 10.40 -27.66 -8.42
C LYS B 613 9.77 -26.88 -7.27
N ASP B 614 8.59 -27.32 -6.86
CA ASP B 614 7.88 -26.70 -5.76
C ASP B 614 8.61 -26.92 -4.44
N LEU B 615 9.24 -28.08 -4.31
CA LEU B 615 10.05 -28.39 -3.14
C LEU B 615 11.27 -27.48 -3.09
N SER B 616 11.90 -27.27 -4.25
CA SER B 616 13.05 -26.40 -4.35
C SER B 616 12.70 -24.98 -3.92
N LYS B 617 11.50 -24.55 -4.25
CA LYS B 617 11.04 -23.23 -3.87
C LYS B 617 10.82 -23.13 -2.37
N ARG B 618 10.35 -24.22 -1.75
CA ARG B 618 10.15 -24.25 -0.30
C ARG B 618 11.48 -24.27 0.45
N LEU B 619 12.45 -25.02 -0.07
CA LEU B 619 13.78 -25.08 0.54
C LEU B 619 14.44 -23.72 0.44
N GLU B 620 14.27 -23.07 -0.70
CA GLU B 620 14.78 -21.71 -0.92
C GLU B 620 14.09 -20.76 0.05
N ARG B 621 12.81 -20.99 0.27
CA ARG B 621 12.02 -20.19 1.20
C ARG B 621 12.53 -20.41 2.63
N ALA B 622 12.88 -21.65 2.95
CA ALA B 622 13.36 -22.01 4.28
C ALA B 622 14.67 -21.30 4.62
N GLU B 623 15.55 -21.16 3.62
CA GLU B 623 16.84 -20.52 3.82
C GLU B 623 16.68 -19.02 4.12
N LYS B 624 15.76 -18.37 3.41
CA LYS B 624 15.49 -16.96 3.64
C LYS B 624 14.93 -16.76 5.04
N LEU B 625 14.16 -17.73 5.52
CA LEU B 625 13.63 -17.70 6.88
C LEU B 625 14.75 -17.83 7.90
N LYS B 626 15.70 -18.70 7.62
CA LYS B 626 16.83 -18.91 8.51
C LYS B 626 17.73 -17.69 8.57
N GLU B 627 17.87 -17.01 7.44
CA GLU B 627 18.64 -15.76 7.39
C GLU B 627 17.97 -14.70 8.25
N ALA B 628 16.65 -14.74 8.31
CA ALA B 628 15.87 -13.79 9.10
C ALA B 628 16.04 -14.04 10.60
N ASP B 629 15.97 -15.31 10.98
CA ASP B 629 16.15 -15.70 12.38
C ASP B 629 17.58 -15.40 12.84
N LYS B 630 18.54 -15.72 11.99
CA LYS B 630 19.95 -15.53 12.30
C LYS B 630 20.26 -14.08 12.62
N SER B 631 19.75 -13.16 11.80
CA SER B 631 19.94 -11.74 12.05
C SER B 631 18.76 -11.19 12.83
N ARG B 632 18.93 -11.10 14.15
CA ARG B 632 17.85 -10.76 15.08
C ARG B 632 18.32 -10.92 16.52
N LYS B 642 23.94 -17.31 20.51
CA LYS B 642 22.72 -17.26 19.71
C LYS B 642 22.27 -18.67 19.32
N TYR B 643 20.97 -18.85 19.21
CA TYR B 643 20.40 -20.14 18.83
C TYR B 643 19.33 -19.98 17.76
N ASP B 644 19.57 -20.56 16.59
CA ASP B 644 18.63 -20.46 15.48
C ASP B 644 17.78 -21.72 15.35
N GLU B 645 16.97 -21.75 14.30
CA GLU B 645 16.19 -22.94 13.99
C GLU B 645 16.53 -23.43 12.60
N ASP B 646 17.18 -24.58 12.52
CA ASP B 646 17.53 -25.17 11.22
C ASP B 646 16.32 -25.76 10.47
N PRO B 647 15.49 -26.57 11.15
CA PRO B 647 14.32 -27.06 10.42
C PRO B 647 13.12 -26.13 10.46
N LEU B 648 13.00 -25.25 9.48
CA LEU B 648 11.77 -24.46 9.30
C LEU B 648 10.59 -25.29 8.82
N GLY B 649 10.75 -26.62 8.86
CA GLY B 649 9.67 -27.55 8.64
C GLY B 649 9.93 -28.64 7.61
N GLU B 650 10.91 -28.44 6.75
CA GLU B 650 11.20 -29.40 5.68
C GLU B 650 12.20 -30.50 6.06
N ASN B 651 13.03 -30.24 7.05
CA ASN B 651 14.14 -31.13 7.38
C ASN B 651 13.72 -32.53 7.84
N LEU B 652 12.60 -32.61 8.56
CA LEU B 652 12.13 -33.86 9.12
C LEU B 652 11.60 -34.81 8.05
N VAL B 653 10.79 -34.27 7.15
CA VAL B 653 10.08 -35.09 6.15
C VAL B 653 11.03 -35.67 5.10
N ALA B 654 12.24 -35.13 5.02
CA ALA B 654 13.19 -35.56 4.00
C ALA B 654 14.12 -36.66 4.52
N THR B 655 13.80 -37.21 5.68
CA THR B 655 14.65 -38.20 6.33
C THR B 655 14.91 -39.42 5.45
N SER B 656 16.12 -39.97 5.57
CA SER B 656 16.52 -41.14 4.79
C SER B 656 15.76 -42.39 5.24
N GLU B 657 15.70 -42.56 6.55
CA GLU B 657 14.96 -43.68 7.13
C GLU B 657 13.85 -43.23 8.08
N PRO B 658 12.60 -43.24 7.58
CA PRO B 658 11.39 -42.92 8.36
C PRO B 658 11.09 -44.02 9.38
N LEU B 659 11.68 -45.19 9.18
CA LEU B 659 11.46 -46.32 10.06
C LEU B 659 11.95 -46.03 11.48
N LYS B 660 13.18 -45.56 11.58
CA LYS B 660 13.78 -45.20 12.86
C LYS B 660 13.01 -44.11 13.59
N GLU B 661 12.61 -43.09 12.85
CA GLU B 661 11.91 -41.94 13.44
C GLU B 661 10.59 -42.35 14.07
N ALA B 662 9.86 -43.25 13.41
CA ALA B 662 8.61 -43.77 13.95
C ALA B 662 8.90 -44.55 15.23
N GLN B 663 10.03 -45.25 15.23
CA GLN B 663 10.45 -46.05 16.36
C GLN B 663 10.81 -45.16 17.54
N LYS B 664 11.42 -44.01 17.25
CA LYS B 664 11.78 -43.06 18.29
C LYS B 664 10.54 -42.49 18.97
N CYS B 665 9.54 -42.15 18.15
CA CYS B 665 8.30 -41.59 18.65
C CYS B 665 7.53 -42.62 19.48
N LEU B 666 7.82 -43.90 19.21
CA LEU B 666 7.12 -44.99 19.85
C LEU B 666 7.72 -45.31 21.21
N GLU B 667 8.95 -44.85 21.45
CA GLU B 667 9.67 -45.14 22.69
C GLU B 667 8.89 -44.78 23.96
N LYS B 668 8.39 -43.55 24.02
CA LYS B 668 7.73 -43.07 25.23
C LYS B 668 6.22 -43.32 25.22
N LEU B 669 5.76 -44.01 24.18
CA LEU B 669 4.36 -44.43 24.10
C LEU B 669 4.17 -45.79 24.73
N LEU B 670 5.12 -46.68 24.48
CA LEU B 670 5.01 -48.09 24.88
C LEU B 670 4.82 -48.39 26.38
N PRO B 671 5.59 -47.73 27.27
CA PRO B 671 5.43 -48.01 28.71
C PRO B 671 4.01 -47.83 29.23
N TYR B 672 3.21 -47.00 28.56
CA TYR B 672 1.84 -46.73 28.98
C TYR B 672 0.82 -47.46 28.10
N GLY B 673 1.32 -48.44 27.35
CA GLY B 673 0.51 -49.15 26.37
C GLY B 673 -0.67 -49.97 26.88
N ASP B 674 -0.66 -50.31 28.16
CA ASP B 674 -1.76 -51.11 28.71
C ASP B 674 -3.06 -50.32 28.83
N LYS B 675 -2.96 -49.05 29.19
CA LYS B 675 -4.13 -48.18 29.23
C LYS B 675 -4.36 -47.51 27.88
N ASN B 676 -3.35 -47.57 27.01
CA ASN B 676 -3.47 -47.02 25.67
C ASN B 676 -3.00 -48.03 24.62
N PRO B 677 -3.83 -49.05 24.35
CA PRO B 677 -3.49 -50.19 23.49
C PRO B 677 -3.09 -49.78 22.07
N SER B 678 -3.45 -48.55 21.69
CA SER B 678 -3.11 -48.03 20.37
C SER B 678 -1.60 -48.01 20.14
N ALA B 679 -0.83 -47.88 21.21
CA ALA B 679 0.62 -47.91 21.13
C ALA B 679 1.13 -49.26 20.65
N TYR B 680 0.44 -50.32 21.06
CA TYR B 680 0.81 -51.67 20.67
C TYR B 680 0.51 -51.93 19.19
N ILE B 681 -0.61 -51.39 18.72
CA ILE B 681 -1.00 -51.55 17.32
C ILE B 681 -0.02 -50.86 16.38
N LEU B 682 0.33 -49.61 16.70
CA LEU B 682 1.31 -48.87 15.92
C LEU B 682 2.65 -49.59 15.89
N ALA B 683 3.00 -50.18 17.03
CA ALA B 683 4.22 -50.97 17.15
C ALA B 683 4.17 -52.17 16.22
N ALA B 684 3.03 -52.84 16.18
CA ALA B 684 2.84 -54.00 15.30
C ALA B 684 2.99 -53.56 13.85
N GLN B 685 2.35 -52.45 13.51
CA GLN B 685 2.42 -51.90 12.16
C GLN B 685 3.83 -51.49 11.77
N LEU B 686 4.59 -51.03 12.77
CA LEU B 686 5.96 -50.60 12.54
C LEU B 686 6.88 -51.77 12.19
N TYR B 687 6.93 -52.76 13.08
CA TYR B 687 7.85 -53.88 12.90
C TYR B 687 7.40 -54.83 11.79
N THR B 688 6.15 -54.68 11.35
CA THR B 688 5.67 -55.41 10.19
C THR B 688 6.39 -54.92 8.94
N ARG B 689 6.52 -53.60 8.85
CA ARG B 689 7.23 -52.98 7.72
C ARG B 689 8.73 -53.24 7.81
N LEU B 690 9.22 -53.44 9.03
CA LEU B 690 10.64 -53.66 9.28
C LEU B 690 11.07 -55.10 8.99
N LYS B 691 10.13 -55.90 8.50
CA LYS B 691 10.37 -57.32 8.23
C LYS B 691 10.79 -58.11 9.47
N ASN B 692 10.44 -57.57 10.64
CA ASN B 692 10.68 -58.26 11.90
C ASN B 692 9.34 -58.76 12.44
N PHE B 693 9.01 -60.00 12.11
CA PHE B 693 7.64 -60.50 12.32
C PHE B 693 7.34 -61.04 13.71
N ASP B 694 8.31 -61.67 14.35
CA ASP B 694 8.10 -62.21 15.69
C ASP B 694 7.86 -61.10 16.70
N THR B 695 8.56 -59.99 16.52
CA THR B 695 8.38 -58.82 17.38
C THR B 695 7.10 -58.08 16.99
N ALA B 696 6.65 -58.30 15.76
CA ALA B 696 5.42 -57.69 15.26
C ALA B 696 4.20 -58.42 15.81
N SER B 697 4.29 -59.74 15.90
CA SER B 697 3.16 -60.55 16.33
C SER B 697 2.87 -60.41 17.82
N LYS B 698 3.92 -60.34 18.63
CA LYS B 698 3.75 -60.18 20.07
C LYS B 698 3.06 -58.86 20.41
N TYR B 699 3.45 -57.80 19.71
CA TYR B 699 2.81 -56.50 19.88
C TYR B 699 1.36 -56.54 19.43
N LEU B 700 1.09 -57.24 18.34
CA LEU B 700 -0.27 -57.39 17.82
C LEU B 700 -1.12 -58.17 18.81
N GLU B 701 -0.51 -59.17 19.45
CA GLU B 701 -1.21 -60.00 20.43
C GLU B 701 -1.52 -59.25 21.73
N GLN B 702 -0.60 -58.41 22.18
CA GLN B 702 -0.84 -57.59 23.37
C GLN B 702 -2.01 -56.65 23.11
N ALA B 703 -2.11 -56.16 21.89
CA ALA B 703 -3.19 -55.26 21.51
C ALA B 703 -4.47 -56.06 21.30
N LYS B 704 -4.33 -57.37 21.13
CA LYS B 704 -5.48 -58.25 20.96
C LYS B 704 -6.07 -58.62 22.31
N VAL B 705 -5.22 -58.71 23.33
CA VAL B 705 -5.67 -58.99 24.69
C VAL B 705 -6.63 -57.92 25.19
N ILE B 706 -6.23 -56.66 25.06
CA ILE B 706 -7.07 -55.54 25.49
C ILE B 706 -7.88 -55.04 24.31
N LEU B 707 -9.18 -54.87 24.52
CA LEU B 707 -10.09 -54.28 23.53
C LEU B 707 -10.22 -55.11 22.25
N GLY B 708 -9.40 -56.15 22.11
CA GLY B 708 -9.21 -56.84 20.85
C GLY B 708 -10.28 -57.85 20.45
N GLN B 709 -9.86 -58.81 19.62
CA GLN B 709 -10.73 -59.83 19.03
C GLN B 709 -11.66 -59.24 17.97
N ASN B 710 -12.69 -58.52 18.43
CA ASN B 710 -13.66 -57.90 17.53
C ASN B 710 -13.30 -56.47 17.11
N ASP B 711 -12.19 -55.96 17.63
CA ASP B 711 -11.81 -54.56 17.41
C ASP B 711 -11.35 -54.33 15.96
N PRO B 712 -11.89 -53.27 15.33
CA PRO B 712 -11.61 -52.93 13.93
C PRO B 712 -10.14 -52.66 13.64
N THR B 713 -9.46 -51.95 14.54
CA THR B 713 -8.07 -51.59 14.34
C THR B 713 -7.13 -52.78 14.52
N VAL B 714 -7.60 -53.81 15.23
CA VAL B 714 -6.81 -55.01 15.44
C VAL B 714 -6.82 -55.92 14.22
N ILE B 715 -8.00 -56.17 13.68
CA ILE B 715 -8.15 -57.06 12.53
C ILE B 715 -7.58 -56.46 11.25
N SER B 716 -7.67 -55.15 11.11
CA SER B 716 -7.13 -54.48 9.94
C SER B 716 -5.60 -54.49 9.98
N THR B 717 -5.06 -54.53 11.20
CA THR B 717 -3.62 -54.60 11.40
C THR B 717 -3.12 -56.02 11.13
N GLU B 718 -3.88 -56.99 11.62
CA GLU B 718 -3.54 -58.40 11.44
C GLU B 718 -3.61 -58.78 9.96
N LYS B 719 -4.56 -58.16 9.26
CA LYS B 719 -4.68 -58.36 7.81
C LYS B 719 -3.46 -57.78 7.12
N PHE B 720 -2.99 -56.64 7.64
CA PHE B 720 -1.79 -56.01 7.13
C PHE B 720 -0.57 -56.85 7.45
N TYR B 721 -0.62 -57.51 8.61
CA TYR B 721 0.46 -58.39 9.05
C TYR B 721 0.57 -59.60 8.14
N ASN B 722 -0.56 -60.18 7.79
CA ASN B 722 -0.60 -61.35 6.91
C ASN B 722 -0.15 -61.04 5.49
N SER B 723 -0.43 -59.83 5.03
CA SER B 723 -0.11 -59.43 3.66
C SER B 723 1.40 -59.26 3.47
N ILE B 724 2.08 -58.82 4.50
CA ILE B 724 3.53 -58.58 4.43
C ILE B 724 4.34 -59.85 4.71
N LYS B 725 3.89 -60.64 5.68
CA LYS B 725 4.61 -61.85 6.08
C LYS B 725 4.65 -62.92 4.99
N THR B 726 3.52 -63.10 4.32
CA THR B 726 3.43 -64.07 3.23
C THR B 726 4.08 -63.53 1.97
N GLN B 727 4.47 -62.26 2.00
CA GLN B 727 5.13 -61.62 0.88
C GLN B 727 6.64 -61.76 0.99
N SER B 728 7.11 -62.17 2.16
CA SER B 728 8.54 -62.39 2.39
C SER B 728 9.01 -63.62 1.60
N ASN B 729 8.11 -64.57 1.42
CA ASN B 729 8.40 -65.76 0.62
C ASN B 729 7.74 -65.68 -0.76
N ALA B 730 7.84 -66.76 -1.52
CA ALA B 730 7.24 -66.82 -2.85
C ALA B 730 6.82 -68.24 -3.19
N ALA B 731 5.70 -68.38 -3.91
CA ALA B 731 5.18 -69.69 -4.28
C ALA B 731 4.45 -69.62 -5.62
N GLN C 5 -41.56 -17.84 -104.50
CA GLN C 5 -42.97 -17.58 -104.24
C GLN C 5 -43.87 -18.33 -105.22
N LEU C 6 -44.87 -19.00 -104.68
CA LEU C 6 -45.82 -19.78 -105.45
C LEU C 6 -45.13 -20.84 -106.31
N SER C 7 -44.88 -22.00 -105.72
CA SER C 7 -44.34 -23.15 -106.45
C SER C 7 -44.90 -24.46 -105.90
N PRO C 8 -45.21 -25.40 -106.79
CA PRO C 8 -45.80 -26.68 -106.39
C PRO C 8 -44.87 -27.56 -105.57
N LYS C 9 -43.59 -27.58 -105.94
CA LYS C 9 -42.63 -28.46 -105.27
C LYS C 9 -42.21 -27.96 -103.89
N GLU C 10 -42.02 -26.65 -103.77
CA GLU C 10 -41.53 -26.08 -102.52
C GLU C 10 -42.58 -26.00 -101.43
N ILE C 11 -43.85 -25.94 -101.83
CA ILE C 11 -44.96 -25.91 -100.87
C ILE C 11 -45.04 -27.23 -100.09
N THR C 12 -44.87 -28.34 -100.80
CA THR C 12 -44.93 -29.66 -100.19
C THR C 12 -43.83 -29.86 -99.13
N LEU C 13 -42.66 -29.30 -99.40
CA LEU C 13 -41.52 -29.42 -98.48
C LEU C 13 -41.57 -28.39 -97.35
N PHE C 14 -42.12 -27.22 -97.65
CA PHE C 14 -42.27 -26.15 -96.66
C PHE C 14 -43.27 -26.57 -95.58
N ARG C 15 -44.29 -27.32 -96.01
CA ARG C 15 -45.34 -27.77 -95.11
C ARG C 15 -44.82 -28.87 -94.18
N THR C 16 -44.00 -29.77 -94.73
CA THR C 16 -43.37 -30.82 -93.92
C THR C 16 -42.38 -30.24 -92.92
N ALA C 17 -41.79 -29.10 -93.28
CA ALA C 17 -40.86 -28.39 -92.42
C ALA C 17 -41.54 -27.94 -91.14
N LEU C 18 -42.77 -27.46 -91.27
CA LEU C 18 -43.57 -27.02 -90.15
C LEU C 18 -43.98 -28.20 -89.26
N LYS C 19 -44.42 -29.28 -89.90
CA LYS C 19 -44.83 -30.49 -89.20
C LYS C 19 -43.69 -31.01 -88.33
N CYS C 20 -42.47 -30.92 -88.87
CA CYS C 20 -41.29 -31.40 -88.16
C CYS C 20 -40.98 -30.61 -86.91
N TYR C 21 -41.35 -29.32 -86.90
CA TYR C 21 -41.16 -28.54 -85.68
C TYR C 21 -42.15 -28.97 -84.59
N GLU C 22 -43.41 -29.15 -84.99
CA GLU C 22 -44.47 -29.52 -84.07
C GLU C 22 -44.26 -30.89 -83.42
N THR C 23 -43.68 -31.80 -84.19
CA THR C 23 -43.47 -33.17 -83.74
C THR C 23 -42.14 -33.35 -83.03
N LYS C 24 -41.51 -32.22 -82.68
CA LYS C 24 -40.16 -32.21 -82.13
C LYS C 24 -39.23 -32.89 -83.14
N GLN C 25 -38.12 -33.43 -82.66
CA GLN C 25 -37.10 -34.02 -83.54
C GLN C 25 -36.76 -33.09 -84.71
N TYR C 26 -36.06 -32.00 -84.42
CA TYR C 26 -35.91 -30.91 -85.39
C TYR C 26 -34.82 -31.14 -86.43
N LYS C 27 -34.12 -32.27 -86.33
CA LYS C 27 -33.02 -32.56 -87.25
C LYS C 27 -33.53 -32.84 -88.66
N LYS C 28 -34.65 -33.55 -88.75
CA LYS C 28 -35.23 -33.92 -90.05
C LYS C 28 -35.80 -32.71 -90.80
N GLY C 29 -36.37 -31.77 -90.05
CA GLY C 29 -36.99 -30.59 -90.64
C GLY C 29 -36.00 -29.69 -91.33
N LEU C 30 -34.83 -29.53 -90.71
CA LEU C 30 -33.78 -28.68 -91.27
C LEU C 30 -33.32 -29.25 -92.62
N LYS C 31 -33.39 -30.57 -92.77
CA LYS C 31 -32.96 -31.25 -93.99
C LYS C 31 -33.83 -30.97 -95.22
N ALA C 32 -35.12 -30.68 -94.99
CA ALA C 32 -36.02 -30.40 -96.10
C ALA C 32 -36.05 -28.92 -96.48
N ILE C 33 -35.61 -28.07 -95.57
CA ILE C 33 -35.59 -26.62 -95.80
C ILE C 33 -34.32 -26.16 -96.53
N GLU C 34 -33.18 -26.70 -96.12
CA GLU C 34 -31.88 -26.26 -96.62
C GLU C 34 -31.72 -26.24 -98.16
N PRO C 35 -32.12 -27.33 -98.85
CA PRO C 35 -31.97 -27.31 -100.31
C PRO C 35 -32.76 -26.17 -100.95
N LEU C 36 -33.89 -25.81 -100.34
CA LEU C 36 -34.78 -24.79 -100.89
C LEU C 36 -34.27 -23.36 -100.65
N LEU C 37 -33.67 -23.14 -99.48
CA LEU C 37 -33.30 -21.78 -99.07
C LEU C 37 -32.01 -21.27 -99.69
N GLU C 38 -31.11 -22.19 -100.02
CA GLU C 38 -29.84 -21.83 -100.64
C GLU C 38 -30.10 -21.13 -101.97
N ARG C 39 -31.17 -21.55 -102.65
CA ARG C 39 -31.53 -20.99 -103.93
C ARG C 39 -32.70 -19.99 -103.86
N HIS C 40 -33.23 -19.80 -102.66
CA HIS C 40 -34.27 -18.79 -102.41
C HIS C 40 -34.06 -18.10 -101.07
N PRO C 41 -33.00 -17.29 -100.96
CA PRO C 41 -32.61 -16.71 -99.67
C PRO C 41 -33.52 -15.56 -99.21
N GLU C 42 -34.32 -15.01 -100.11
CA GLU C 42 -35.07 -13.79 -99.82
C GLU C 42 -36.50 -14.03 -99.32
N HIS C 43 -36.86 -15.29 -99.08
CA HIS C 43 -38.20 -15.60 -98.58
C HIS C 43 -38.28 -15.39 -97.07
N GLY C 44 -39.15 -14.48 -96.65
CA GLY C 44 -39.28 -14.10 -95.26
C GLY C 44 -39.69 -15.20 -94.30
N GLU C 45 -40.83 -15.84 -94.59
CA GLU C 45 -41.33 -16.92 -93.73
C GLU C 45 -40.34 -18.07 -93.67
N SER C 46 -39.70 -18.36 -94.80
CA SER C 46 -38.78 -19.48 -94.92
C SER C 46 -37.55 -19.35 -94.01
N LEU C 47 -36.97 -18.16 -93.97
CA LEU C 47 -35.80 -17.90 -93.15
C LEU C 47 -36.12 -18.11 -91.66
N ALA C 48 -37.34 -17.78 -91.28
CA ALA C 48 -37.78 -17.89 -89.90
C ALA C 48 -37.88 -19.35 -89.46
N ILE C 49 -38.43 -20.20 -90.33
CA ILE C 49 -38.61 -21.62 -90.03
C ILE C 49 -37.26 -22.28 -89.78
N LYS C 50 -36.24 -21.89 -90.55
CA LYS C 50 -34.87 -22.34 -90.32
C LYS C 50 -34.40 -21.86 -88.95
N GLY C 51 -34.77 -20.63 -88.61
CA GLY C 51 -34.36 -20.02 -87.35
C GLY C 51 -34.86 -20.74 -86.11
N ILE C 52 -36.15 -21.05 -86.06
CA ILE C 52 -36.69 -21.70 -84.87
C ILE C 52 -36.16 -23.13 -84.71
N LEU C 53 -35.85 -23.78 -85.82
CA LEU C 53 -35.26 -25.11 -85.77
C LEU C 53 -33.86 -25.03 -85.21
N LEU C 54 -33.12 -24.00 -85.63
CA LEU C 54 -31.77 -23.78 -85.11
C LEU C 54 -31.81 -23.30 -83.66
N HIS C 55 -32.94 -22.70 -83.27
CA HIS C 55 -33.12 -22.24 -81.90
C HIS C 55 -33.59 -23.37 -80.99
N SER C 56 -34.54 -24.17 -81.48
CA SER C 56 -35.18 -25.20 -80.67
C SER C 56 -34.20 -26.26 -80.19
N LEU C 57 -33.35 -26.76 -81.08
CA LEU C 57 -32.29 -27.65 -80.65
C LEU C 57 -31.13 -26.85 -80.08
N GLY C 58 -30.61 -25.89 -80.83
CA GLY C 58 -29.65 -24.95 -80.29
C GLY C 58 -28.32 -24.98 -81.01
N ASN C 59 -27.38 -24.15 -80.59
CA ASN C 59 -27.61 -23.04 -79.66
C ASN C 59 -26.79 -21.86 -80.18
N THR C 60 -27.29 -20.63 -80.11
CA THR C 60 -28.68 -20.29 -79.80
C THR C 60 -29.01 -19.16 -80.78
N LYS C 61 -28.14 -18.16 -80.79
CA LYS C 61 -28.22 -17.01 -81.68
C LYS C 61 -28.18 -17.42 -83.15
N GLU C 62 -27.83 -18.68 -83.41
CA GLU C 62 -27.91 -19.26 -84.74
C GLU C 62 -29.32 -19.10 -85.29
N GLY C 63 -30.30 -19.24 -84.40
CA GLY C 63 -31.69 -19.07 -84.77
C GLY C 63 -32.12 -17.61 -84.90
N TYR C 64 -31.78 -16.81 -83.89
CA TYR C 64 -32.17 -15.39 -83.84
C TYR C 64 -31.78 -14.58 -85.07
N ASP C 65 -30.61 -14.86 -85.62
CA ASP C 65 -30.11 -14.12 -86.78
C ASP C 65 -30.97 -14.37 -88.02
N ASN C 66 -31.40 -15.61 -88.20
CA ASN C 66 -32.26 -15.96 -89.32
C ASN C 66 -33.68 -15.45 -89.14
N VAL C 67 -34.13 -15.39 -87.89
CA VAL C 67 -35.47 -14.91 -87.56
C VAL C 67 -35.63 -13.42 -87.84
N ARG C 68 -34.68 -12.62 -87.33
CA ARG C 68 -34.73 -11.17 -87.52
C ARG C 68 -34.58 -10.79 -88.99
N LEU C 69 -33.80 -11.58 -89.73
CA LEU C 69 -33.62 -11.34 -91.16
C LEU C 69 -34.87 -11.72 -91.93
N GLY C 70 -35.54 -12.78 -91.47
CA GLY C 70 -36.77 -13.23 -92.09
C GLY C 70 -37.92 -12.29 -91.73
N LEU C 71 -37.84 -11.71 -90.54
CA LEU C 71 -38.85 -10.77 -90.07
C LEU C 71 -38.67 -9.42 -90.74
N ARG C 72 -37.47 -9.16 -91.24
CA ARG C 72 -37.17 -7.93 -91.97
C ARG C 72 -37.63 -8.01 -93.43
N ASN C 73 -37.49 -9.19 -94.01
CA ASN C 73 -37.90 -9.42 -95.39
C ASN C 73 -39.41 -9.45 -95.55
N ASP C 74 -40.08 -10.02 -94.56
CA ASP C 74 -41.53 -10.09 -94.56
C ASP C 74 -42.08 -9.16 -93.46
N VAL C 75 -42.76 -8.10 -93.89
CA VAL C 75 -43.12 -6.97 -93.04
C VAL C 75 -43.77 -7.27 -91.67
N GLY C 76 -44.87 -8.03 -91.61
CA GLY C 76 -45.43 -8.79 -92.71
C GLY C 76 -45.39 -10.27 -92.36
N SER C 77 -46.41 -11.01 -92.79
CA SER C 77 -46.56 -12.43 -92.45
C SER C 77 -46.59 -12.69 -90.95
N GLY C 78 -47.78 -12.94 -90.43
CA GLY C 78 -47.97 -13.28 -89.03
C GLY C 78 -47.13 -14.45 -88.53
N VAL C 79 -46.67 -15.27 -89.45
CA VAL C 79 -45.88 -16.45 -89.11
C VAL C 79 -44.54 -16.02 -88.53
N CYS C 80 -43.90 -15.05 -89.18
CA CYS C 80 -42.61 -14.54 -88.72
C CYS C 80 -42.71 -13.91 -87.33
N TRP C 81 -43.80 -13.19 -87.08
CA TRP C 81 -44.02 -12.63 -85.75
C TRP C 81 -44.35 -13.71 -84.74
N HIS C 82 -45.15 -14.70 -85.15
CA HIS C 82 -45.51 -15.81 -84.27
C HIS C 82 -44.27 -16.60 -83.87
N ILE C 83 -43.42 -16.92 -84.84
CA ILE C 83 -42.23 -17.70 -84.57
C ILE C 83 -41.24 -16.92 -83.70
N PHE C 84 -41.17 -15.61 -83.91
CA PHE C 84 -40.32 -14.76 -83.09
C PHE C 84 -40.81 -14.77 -81.65
N GLY C 85 -42.13 -14.83 -81.48
CA GLY C 85 -42.72 -14.89 -80.16
C GLY C 85 -42.47 -16.22 -79.48
N LEU C 86 -42.32 -17.26 -80.27
CA LEU C 86 -42.07 -18.60 -79.74
C LEU C 86 -40.70 -18.68 -79.07
N ILE C 87 -39.66 -18.26 -79.80
CA ILE C 87 -38.31 -18.33 -79.26
C ILE C 87 -38.08 -17.30 -78.16
N SER C 88 -38.84 -16.20 -78.19
CA SER C 88 -38.73 -15.18 -77.16
C SER C 88 -39.32 -15.69 -75.84
N ARG C 89 -40.48 -16.34 -75.94
CA ARG C 89 -41.14 -16.92 -74.77
C ARG C 89 -40.33 -18.07 -74.19
N ALA C 90 -39.68 -18.83 -75.07
CA ALA C 90 -38.84 -19.94 -74.67
C ALA C 90 -37.66 -19.47 -73.84
N ASP C 91 -37.05 -18.37 -74.26
CA ASP C 91 -35.88 -17.81 -73.57
C ASP C 91 -36.30 -16.86 -72.45
N LYS C 92 -37.58 -16.91 -72.08
CA LYS C 92 -38.12 -16.13 -70.97
C LYS C 92 -38.08 -14.61 -71.19
N ASP C 93 -38.01 -14.18 -72.46
CA ASP C 93 -38.17 -12.77 -72.76
C ASP C 93 -39.63 -12.55 -73.06
N TYR C 94 -40.39 -12.15 -72.05
CA TYR C 94 -41.84 -12.07 -72.16
C TYR C 94 -42.32 -10.78 -72.79
N VAL C 95 -41.68 -9.67 -72.45
CA VAL C 95 -42.08 -8.36 -72.97
C VAL C 95 -41.92 -8.29 -74.49
N GLN C 96 -40.98 -9.06 -75.03
CA GLN C 96 -40.77 -9.10 -76.46
C GLN C 96 -41.74 -10.09 -77.09
N ALA C 97 -42.00 -11.17 -76.38
CA ALA C 97 -42.91 -12.21 -76.85
C ALA C 97 -44.31 -11.66 -77.01
N ALA C 98 -44.75 -10.88 -76.04
CA ALA C 98 -46.08 -10.26 -76.09
C ALA C 98 -46.19 -9.33 -77.29
N LYS C 99 -45.13 -8.59 -77.56
CA LYS C 99 -45.10 -7.68 -78.71
C LYS C 99 -45.14 -8.45 -80.03
N CYS C 100 -44.67 -9.69 -80.00
CA CYS C 100 -44.69 -10.53 -81.19
C CYS C 100 -46.08 -11.14 -81.40
N TYR C 101 -46.72 -11.53 -80.30
CA TYR C 101 -48.03 -12.17 -80.39
C TYR C 101 -49.13 -11.20 -80.80
N ILE C 102 -49.02 -9.94 -80.38
CA ILE C 102 -49.97 -8.93 -80.81
C ILE C 102 -49.85 -8.68 -82.31
N ASN C 103 -48.64 -8.75 -82.82
CA ASN C 103 -48.40 -8.58 -84.25
C ASN C 103 -48.81 -9.82 -85.04
N ALA C 104 -48.64 -10.99 -84.43
CA ALA C 104 -49.02 -12.25 -85.06
C ALA C 104 -50.53 -12.36 -85.17
N HIS C 105 -51.24 -11.85 -84.17
CA HIS C 105 -52.70 -11.90 -84.17
C HIS C 105 -53.31 -10.81 -85.03
N LYS C 106 -52.62 -9.69 -85.15
CA LYS C 106 -53.08 -8.60 -86.00
C LYS C 106 -52.97 -8.98 -87.48
N LEU C 107 -52.02 -9.85 -87.79
CA LEU C 107 -51.84 -10.32 -89.15
C LEU C 107 -52.71 -11.54 -89.49
N GLU C 108 -53.04 -12.33 -88.46
CA GLU C 108 -54.03 -13.39 -88.61
C GLU C 108 -55.03 -13.31 -87.47
N LYS C 109 -56.18 -12.73 -87.75
CA LYS C 109 -57.18 -12.41 -86.73
C LYS C 109 -58.08 -13.59 -86.36
N ASN C 110 -58.15 -14.57 -87.25
CA ASN C 110 -59.02 -15.73 -87.04
C ASN C 110 -58.36 -16.81 -86.20
N ASN C 111 -57.09 -16.59 -85.85
CA ASN C 111 -56.34 -17.53 -85.02
C ASN C 111 -56.45 -17.18 -83.54
N SER C 112 -57.27 -17.95 -82.82
CA SER C 112 -57.58 -17.65 -81.44
C SER C 112 -56.47 -18.10 -80.49
N SER C 113 -55.67 -19.07 -80.93
CA SER C 113 -54.61 -19.62 -80.10
C SER C 113 -53.55 -18.58 -79.75
N LEU C 114 -53.33 -17.65 -80.67
CA LEU C 114 -52.41 -16.54 -80.42
C LEU C 114 -52.89 -15.69 -79.25
N LEU C 115 -54.19 -15.46 -79.18
CA LEU C 115 -54.78 -14.72 -78.07
C LEU C 115 -54.73 -15.53 -76.79
N ARG C 116 -54.88 -16.84 -76.92
CA ARG C 116 -54.87 -17.72 -75.77
C ARG C 116 -53.47 -17.77 -75.16
N ASP C 117 -52.46 -17.66 -76.01
CA ASP C 117 -51.07 -17.59 -75.56
C ASP C 117 -50.72 -16.21 -75.04
N LEU C 118 -51.17 -15.18 -75.75
CA LEU C 118 -50.90 -13.79 -75.39
C LEU C 118 -51.43 -13.45 -73.99
N ALA C 119 -52.59 -13.99 -73.65
CA ALA C 119 -53.19 -13.74 -72.34
C ALA C 119 -52.30 -14.24 -71.22
N LEU C 120 -51.62 -15.35 -71.47
CA LEU C 120 -50.67 -15.91 -70.51
C LEU C 120 -49.52 -14.93 -70.27
N LEU C 121 -48.97 -14.42 -71.36
CA LEU C 121 -47.86 -13.46 -71.29
C LEU C 121 -48.26 -12.16 -70.59
N GLN C 122 -49.42 -11.62 -70.95
CA GLN C 122 -49.87 -10.34 -70.40
C GLN C 122 -50.24 -10.43 -68.93
N SER C 123 -50.69 -11.61 -68.51
CA SER C 123 -50.98 -11.84 -67.09
C SER C 123 -49.67 -11.87 -66.31
N GLN C 124 -48.63 -12.38 -66.96
CA GLN C 124 -47.31 -12.50 -66.35
C GLN C 124 -46.63 -11.14 -66.24
N LEU C 125 -46.79 -10.32 -67.28
CA LEU C 125 -46.19 -9.01 -67.31
C LEU C 125 -47.02 -8.00 -66.53
N ARG C 126 -48.12 -8.49 -65.97
CA ARG C 126 -49.05 -7.66 -65.19
C ARG C 126 -49.59 -6.48 -66.00
N GLN C 127 -49.79 -6.68 -67.29
CA GLN C 127 -50.40 -5.67 -68.15
C GLN C 127 -51.90 -5.89 -68.14
N TYR C 128 -52.55 -5.37 -67.11
CA TYR C 128 -53.96 -5.67 -66.86
C TYR C 128 -54.87 -5.04 -67.90
N LYS C 129 -54.49 -3.87 -68.41
CA LYS C 129 -55.29 -3.19 -69.42
C LYS C 129 -55.40 -4.04 -70.68
N ALA C 130 -54.26 -4.41 -71.25
CA ALA C 130 -54.24 -5.21 -72.46
C ALA C 130 -54.72 -6.63 -72.21
N LEU C 131 -54.58 -7.09 -70.97
CA LEU C 131 -55.02 -8.42 -70.57
C LEU C 131 -56.53 -8.52 -70.73
N ALA C 132 -57.23 -7.53 -70.18
CA ALA C 132 -58.69 -7.49 -70.23
C ALA C 132 -59.22 -7.56 -71.66
N ASP C 133 -58.55 -6.84 -72.56
CA ASP C 133 -58.94 -6.84 -73.97
C ASP C 133 -58.78 -8.24 -74.57
N THR C 134 -57.73 -8.93 -74.17
CA THR C 134 -57.45 -10.26 -74.71
C THR C 134 -58.47 -11.28 -74.19
N ARG C 135 -58.72 -11.25 -72.88
CA ARG C 135 -59.70 -12.15 -72.28
C ARG C 135 -61.09 -11.87 -72.83
N ASN C 136 -61.37 -10.61 -73.14
CA ASN C 136 -62.63 -10.21 -73.74
C ASN C 136 -62.76 -10.73 -75.16
N ALA C 137 -61.68 -10.61 -75.93
CA ALA C 137 -61.65 -11.10 -77.30
C ALA C 137 -61.80 -12.62 -77.34
N LEU C 138 -61.33 -13.28 -76.29
CA LEU C 138 -61.45 -14.73 -76.18
C LEU C 138 -62.85 -15.17 -75.71
N LEU C 139 -63.48 -14.33 -74.90
CA LEU C 139 -64.83 -14.63 -74.43
C LEU C 139 -65.82 -14.57 -75.58
N GLN C 140 -65.62 -13.61 -76.48
CA GLN C 140 -66.49 -13.45 -77.63
C GLN C 140 -66.28 -14.59 -78.62
N ASP C 141 -65.05 -15.09 -78.68
CA ASP C 141 -64.73 -16.23 -79.53
C ASP C 141 -65.43 -17.50 -79.05
N ASN C 142 -65.45 -17.70 -77.74
CA ASN C 142 -66.05 -18.89 -77.16
C ASN C 142 -66.80 -18.59 -75.85
N PRO C 143 -68.02 -18.05 -75.99
CA PRO C 143 -68.87 -17.72 -74.83
C PRO C 143 -69.42 -18.96 -74.13
N GLY C 144 -69.23 -20.13 -74.74
CA GLY C 144 -69.76 -21.37 -74.19
C GLY C 144 -69.12 -21.81 -72.89
N VAL C 145 -67.80 -21.72 -72.82
CA VAL C 145 -67.06 -22.20 -71.65
C VAL C 145 -67.01 -21.17 -70.52
N ARG C 146 -67.29 -21.64 -69.30
CA ARG C 146 -67.34 -20.78 -68.12
C ARG C 146 -65.98 -20.15 -67.83
N ALA C 147 -64.91 -20.88 -68.13
CA ALA C 147 -63.54 -20.43 -67.86
C ALA C 147 -63.26 -19.06 -68.48
N ASN C 148 -63.73 -18.84 -69.70
CA ASN C 148 -63.51 -17.59 -70.39
C ASN C 148 -64.26 -16.42 -69.76
N TRP C 149 -65.38 -16.72 -69.09
CA TRP C 149 -66.15 -15.71 -68.37
C TRP C 149 -65.43 -15.30 -67.10
N SER C 150 -64.93 -16.29 -66.36
CA SER C 150 -64.21 -16.05 -65.12
C SER C 150 -62.92 -15.30 -65.39
N ALA C 151 -62.25 -15.66 -66.48
CA ALA C 151 -60.99 -15.04 -66.84
C ALA C 151 -61.12 -13.54 -67.10
N LEU C 152 -62.22 -13.13 -67.73
CA LEU C 152 -62.44 -11.71 -68.00
C LEU C 152 -62.88 -10.97 -66.75
N ALA C 153 -63.71 -11.62 -65.94
CA ALA C 153 -64.18 -11.02 -64.69
C ALA C 153 -63.02 -10.82 -63.72
N VAL C 154 -62.13 -11.80 -63.67
CA VAL C 154 -60.93 -11.71 -62.83
C VAL C 154 -60.00 -10.62 -63.37
N ALA C 155 -59.78 -10.63 -64.67
CA ALA C 155 -58.91 -9.65 -65.31
C ALA C 155 -59.39 -8.24 -65.02
N GLN C 156 -60.71 -8.05 -65.05
CA GLN C 156 -61.30 -6.75 -64.80
C GLN C 156 -61.24 -6.40 -63.31
N PHE C 157 -61.35 -7.43 -62.46
CA PHE C 157 -61.23 -7.25 -61.02
C PHE C 157 -59.82 -6.77 -60.66
N LEU C 158 -58.84 -7.24 -61.43
CA LEU C 158 -57.45 -6.88 -61.18
C LEU C 158 -57.18 -5.44 -61.60
N ARG C 159 -58.00 -4.93 -62.53
CA ARG C 159 -57.85 -3.56 -63.01
C ARG C 159 -58.50 -2.57 -62.04
N GLY C 160 -59.32 -3.09 -61.13
CA GLY C 160 -60.03 -2.25 -60.18
C GLY C 160 -61.43 -1.92 -60.65
N GLU C 161 -61.81 -2.45 -61.81
CA GLU C 161 -63.16 -2.24 -62.32
C GLU C 161 -64.06 -3.32 -61.75
N TYR C 162 -64.60 -3.07 -60.57
CA TYR C 162 -65.42 -4.06 -59.86
C TYR C 162 -66.81 -4.11 -60.44
N ALA C 163 -67.33 -2.94 -60.82
CA ALA C 163 -68.65 -2.85 -61.43
C ALA C 163 -68.70 -3.72 -62.68
N SER C 164 -67.69 -3.58 -63.53
CA SER C 164 -67.60 -4.36 -64.76
C SER C 164 -67.46 -5.85 -64.46
N ALA C 165 -66.77 -6.17 -63.38
CA ALA C 165 -66.61 -7.56 -62.95
C ALA C 165 -67.94 -8.14 -62.50
N TYR C 166 -68.73 -7.31 -61.81
CA TYR C 166 -70.03 -7.71 -61.30
C TYR C 166 -70.97 -8.09 -62.44
N LYS C 167 -70.99 -7.25 -63.47
CA LYS C 167 -71.86 -7.47 -64.63
C LYS C 167 -71.54 -8.78 -65.35
N ILE C 168 -70.25 -9.09 -65.46
CA ILE C 168 -69.81 -10.29 -66.17
C ILE C 168 -70.23 -11.57 -65.44
N VAL C 169 -69.97 -11.62 -64.14
CA VAL C 169 -70.36 -12.77 -63.33
C VAL C 169 -71.88 -12.90 -63.26
N ASP C 170 -72.56 -11.77 -63.11
CA ASP C 170 -74.02 -11.75 -63.00
C ASP C 170 -74.69 -12.17 -64.32
N ALA C 171 -74.07 -11.80 -65.43
CA ALA C 171 -74.58 -12.17 -66.75
C ALA C 171 -74.54 -13.67 -66.96
N PHE C 172 -73.41 -14.29 -66.59
CA PHE C 172 -73.21 -15.71 -66.80
C PHE C 172 -74.11 -16.55 -65.89
N GLU C 173 -74.23 -16.14 -64.64
CA GLU C 173 -74.98 -16.91 -63.65
C GLU C 173 -76.46 -16.99 -64.03
N SER C 174 -76.94 -16.02 -64.80
CA SER C 174 -78.32 -15.99 -65.23
C SER C 174 -78.59 -16.92 -66.42
N THR C 175 -77.54 -17.27 -67.15
CA THR C 175 -77.69 -18.11 -68.33
C THR C 175 -77.92 -19.59 -67.97
N ILE C 176 -77.72 -19.94 -66.71
CA ILE C 176 -78.07 -21.26 -66.20
C ILE C 176 -79.16 -21.19 -65.14
N ASN C 177 -80.40 -21.47 -65.53
CA ASN C 177 -81.54 -21.44 -64.63
C ASN C 177 -81.94 -22.82 -64.10
N GLN C 178 -81.33 -23.86 -64.65
CA GLN C 178 -81.73 -25.22 -64.31
C GLN C 178 -80.75 -25.87 -63.34
N GLY C 179 -79.60 -26.29 -63.87
CA GLY C 179 -78.53 -26.83 -63.05
C GLY C 179 -78.90 -27.98 -62.14
N VAL C 180 -78.41 -27.95 -60.90
CA VAL C 180 -77.45 -26.94 -60.46
C VAL C 180 -76.01 -27.16 -60.97
N PRO C 181 -75.45 -28.38 -60.79
CA PRO C 181 -74.16 -28.63 -61.45
C PRO C 181 -74.40 -28.74 -62.95
N VAL C 182 -73.48 -28.38 -63.86
CA VAL C 182 -72.09 -27.89 -63.64
C VAL C 182 -71.13 -28.68 -62.74
N ASP C 183 -70.12 -28.01 -62.21
CA ASP C 183 -69.12 -28.64 -61.36
C ASP C 183 -69.58 -28.68 -59.91
N THR C 184 -70.28 -27.62 -59.52
CA THR C 184 -70.70 -27.35 -58.14
C THR C 184 -69.55 -26.82 -57.28
N GLN C 185 -68.32 -27.19 -57.62
CA GLN C 185 -67.14 -26.58 -57.01
C GLN C 185 -66.76 -25.30 -57.73
N GLU C 186 -66.85 -25.31 -59.06
CA GLU C 186 -66.67 -24.11 -59.86
C GLU C 186 -67.70 -23.09 -59.40
N GLU C 187 -68.92 -23.59 -59.19
CA GLU C 187 -70.04 -22.78 -58.73
C GLU C 187 -69.77 -22.21 -57.34
N SER C 188 -69.27 -23.06 -56.45
CA SER C 188 -68.95 -22.65 -55.09
C SER C 188 -67.89 -21.57 -55.05
N GLU C 189 -66.85 -21.74 -55.87
CA GLU C 189 -65.75 -20.79 -55.92
C GLU C 189 -66.13 -19.48 -56.61
N ALA C 190 -66.97 -19.57 -57.63
CA ALA C 190 -67.42 -18.40 -58.36
C ALA C 190 -68.20 -17.46 -57.46
N MET C 191 -69.02 -18.05 -56.59
CA MET C 191 -69.84 -17.27 -55.67
C MET C 191 -69.00 -16.54 -54.63
N LEU C 192 -68.00 -17.22 -54.09
CA LEU C 192 -67.09 -16.61 -53.13
C LEU C 192 -66.33 -15.46 -53.78
N PHE C 193 -65.94 -15.66 -55.04
CA PHE C 193 -65.29 -14.60 -55.81
C PHE C 193 -66.29 -13.49 -56.10
N MET C 194 -67.54 -13.88 -56.36
CA MET C 194 -68.60 -12.92 -56.60
C MET C 194 -68.85 -12.08 -55.36
N ASN C 195 -68.78 -12.71 -54.20
CA ASN C 195 -68.94 -12.01 -52.93
C ASN C 195 -67.77 -11.06 -52.68
N LEU C 196 -66.61 -11.38 -53.24
CA LEU C 196 -65.44 -10.53 -53.14
C LEU C 196 -65.57 -9.32 -54.06
N VAL C 197 -66.16 -9.54 -55.23
CA VAL C 197 -66.42 -8.46 -56.18
C VAL C 197 -67.38 -7.46 -55.54
N ILE C 198 -68.44 -7.97 -54.93
CA ILE C 198 -69.44 -7.13 -54.26
C ILE C 198 -68.85 -6.37 -53.07
N LEU C 199 -68.08 -7.08 -52.24
CA LEU C 199 -67.43 -6.48 -51.08
C LEU C 199 -66.52 -5.32 -51.47
N LYS C 200 -65.85 -5.48 -52.61
CA LYS C 200 -64.89 -4.48 -53.08
C LYS C 200 -65.60 -3.29 -53.73
N LYS C 201 -66.88 -3.46 -54.06
CA LYS C 201 -67.63 -2.42 -54.74
C LYS C 201 -68.75 -1.81 -53.89
N ASP C 202 -69.71 -2.65 -53.49
CA ASP C 202 -70.89 -2.17 -52.76
C ASP C 202 -70.67 -2.13 -51.24
N GLY C 203 -69.45 -2.44 -50.80
CA GLY C 203 -69.12 -2.37 -49.39
C GLY C 203 -69.40 -3.65 -48.62
N VAL C 204 -69.29 -3.56 -47.29
CA VAL C 204 -69.46 -4.71 -46.41
C VAL C 204 -70.93 -5.10 -46.21
N GLU C 205 -71.78 -4.08 -46.07
CA GLU C 205 -73.20 -4.28 -45.82
C GLU C 205 -73.85 -5.17 -46.88
N ASP C 206 -73.61 -4.85 -48.14
CA ASP C 206 -74.14 -5.65 -49.25
C ASP C 206 -73.48 -7.03 -49.31
N ALA C 207 -72.18 -7.07 -49.05
CA ALA C 207 -71.41 -8.30 -49.11
C ALA C 207 -71.92 -9.33 -48.10
N TYR C 208 -72.39 -8.84 -46.96
CA TYR C 208 -72.93 -9.71 -45.93
C TYR C 208 -74.26 -10.34 -46.36
N LYS C 209 -75.09 -9.54 -47.03
CA LYS C 209 -76.38 -10.02 -47.52
C LYS C 209 -76.22 -11.05 -48.63
N HIS C 210 -75.26 -10.83 -49.52
CA HIS C 210 -75.01 -11.74 -50.62
C HIS C 210 -74.48 -13.07 -50.10
N LEU C 211 -73.64 -12.99 -49.07
CA LEU C 211 -73.02 -14.18 -48.48
C LEU C 211 -74.05 -15.12 -47.86
N LEU C 212 -75.03 -14.57 -47.18
CA LEU C 212 -76.06 -15.37 -46.51
C LEU C 212 -76.97 -16.06 -47.53
N SER C 213 -77.08 -15.48 -48.71
CA SER C 213 -77.94 -16.02 -49.76
C SER C 213 -77.29 -17.19 -50.49
N ILE C 214 -75.95 -17.20 -50.52
CA ILE C 214 -75.20 -18.22 -51.22
C ILE C 214 -74.72 -19.35 -50.32
N GLU C 215 -75.18 -19.37 -49.08
CA GLU C 215 -74.75 -20.36 -48.10
C GLU C 215 -74.94 -21.80 -48.59
N LYS C 216 -76.02 -22.04 -49.33
CA LYS C 216 -76.30 -23.36 -49.87
C LYS C 216 -75.33 -23.74 -50.98
N LYS C 217 -74.77 -22.74 -51.65
CA LYS C 217 -73.88 -22.97 -52.79
C LYS C 217 -72.40 -23.09 -52.42
N VAL C 218 -72.04 -22.70 -51.20
CA VAL C 218 -70.63 -22.74 -50.81
C VAL C 218 -70.22 -24.06 -50.16
N LEU C 219 -69.29 -24.75 -50.79
CA LEU C 219 -68.83 -26.04 -50.29
C LEU C 219 -67.82 -25.88 -49.17
N ASP C 220 -66.96 -24.87 -49.30
CA ASP C 220 -65.94 -24.60 -48.28
C ASP C 220 -66.64 -23.94 -47.09
N ARG C 221 -66.85 -24.73 -46.03
CA ARG C 221 -67.61 -24.28 -44.88
C ARG C 221 -66.76 -23.31 -44.05
N VAL C 222 -65.45 -23.53 -44.04
CA VAL C 222 -64.53 -22.67 -43.31
C VAL C 222 -64.46 -21.27 -43.93
N ALA C 223 -64.30 -21.22 -45.26
CA ALA C 223 -64.23 -19.95 -45.98
C ALA C 223 -65.49 -19.13 -45.76
N PHE C 224 -66.64 -19.78 -45.78
CA PHE C 224 -67.93 -19.12 -45.55
C PHE C 224 -68.00 -18.51 -44.15
N LEU C 225 -67.84 -19.36 -43.15
CA LEU C 225 -67.99 -18.95 -41.75
C LEU C 225 -66.99 -17.89 -41.33
N GLU C 226 -65.77 -17.98 -41.84
CA GLU C 226 -64.73 -16.99 -41.56
C GLU C 226 -65.09 -15.65 -42.18
N THR C 227 -65.56 -15.69 -43.41
CA THR C 227 -65.97 -14.49 -44.13
C THR C 227 -67.19 -13.88 -43.44
N ARG C 228 -68.04 -14.75 -42.89
CA ARG C 228 -69.24 -14.33 -42.18
C ARG C 228 -68.88 -13.58 -40.90
N ALA C 229 -67.96 -14.15 -40.12
CA ALA C 229 -67.54 -13.57 -38.85
C ALA C 229 -66.84 -12.23 -39.04
N GLU C 230 -66.05 -12.11 -40.11
CA GLU C 230 -65.38 -10.86 -40.43
C GLU C 230 -66.38 -9.74 -40.69
N TYR C 231 -67.43 -10.08 -41.44
CA TYR C 231 -68.49 -9.12 -41.74
C TYR C 231 -69.26 -8.75 -40.48
N GLU C 232 -69.73 -9.76 -39.75
CA GLU C 232 -70.55 -9.54 -38.57
C GLU C 232 -69.83 -8.72 -37.50
N LEU C 233 -68.51 -8.81 -37.46
CA LEU C 233 -67.72 -8.00 -36.54
C LEU C 233 -67.63 -6.55 -37.03
N TYR C 234 -67.61 -6.38 -38.35
CA TYR C 234 -67.52 -5.05 -38.95
C TYR C 234 -68.83 -4.28 -38.81
N LEU C 235 -69.94 -5.00 -38.94
CA LEU C 235 -71.26 -4.38 -38.88
C LEU C 235 -71.73 -4.24 -37.44
N SER C 236 -70.84 -4.60 -36.52
CA SER C 236 -71.12 -4.58 -35.08
C SER C 236 -72.31 -5.46 -34.69
N LYS C 237 -72.51 -6.54 -35.44
CA LYS C 237 -73.46 -7.57 -35.06
C LYS C 237 -72.73 -8.56 -34.18
N MET C 238 -72.79 -8.35 -32.87
CA MET C 238 -71.97 -9.11 -31.93
C MET C 238 -72.57 -10.47 -31.58
N GLU C 239 -73.90 -10.53 -31.48
CA GLU C 239 -74.57 -11.76 -31.09
C GLU C 239 -74.51 -12.80 -32.21
N GLU C 240 -74.52 -12.33 -33.45
CA GLU C 240 -74.41 -13.21 -34.61
C GLU C 240 -72.96 -13.68 -34.78
N ALA C 241 -72.03 -12.76 -34.55
CA ALA C 241 -70.61 -13.10 -34.59
C ALA C 241 -70.28 -14.08 -33.48
N LYS C 242 -70.94 -13.90 -32.34
CA LYS C 242 -70.77 -14.78 -31.19
C LYS C 242 -70.99 -16.24 -31.54
N SER C 243 -72.15 -16.54 -32.11
CA SER C 243 -72.51 -17.90 -32.48
C SER C 243 -71.70 -18.40 -33.67
N THR C 244 -71.45 -17.52 -34.63
CA THR C 244 -70.71 -17.90 -35.83
C THR C 244 -69.28 -18.32 -35.51
N ILE C 245 -68.61 -17.53 -34.68
CA ILE C 245 -67.25 -17.83 -34.25
C ILE C 245 -67.22 -19.13 -33.45
N TYR C 246 -68.27 -19.37 -32.66
CA TYR C 246 -68.39 -20.61 -31.89
C TYR C 246 -68.43 -21.84 -32.79
N LEU C 247 -68.98 -21.69 -33.99
CA LEU C 247 -69.00 -22.77 -34.97
C LEU C 247 -67.59 -23.04 -35.49
N LEU C 248 -66.78 -21.99 -35.55
CA LEU C 248 -65.41 -22.10 -36.02
C LEU C 248 -64.51 -22.82 -35.00
N LEU C 249 -64.74 -22.53 -33.73
CA LEU C 249 -64.00 -23.19 -32.65
C LEU C 249 -64.34 -24.67 -32.58
N ASP C 250 -65.58 -25.01 -32.92
CA ASP C 250 -66.02 -26.40 -32.92
C ASP C 250 -65.21 -27.23 -33.92
N ARG C 251 -64.95 -26.64 -35.08
CA ARG C 251 -64.18 -27.30 -36.13
C ARG C 251 -62.70 -27.28 -35.82
N ASN C 252 -62.19 -26.11 -35.44
CA ASN C 252 -60.78 -25.95 -35.14
C ASN C 252 -60.54 -24.93 -34.03
N PRO C 253 -60.47 -25.40 -32.78
CA PRO C 253 -60.22 -24.53 -31.63
C PRO C 253 -58.73 -24.32 -31.40
N ASP C 254 -57.94 -24.34 -32.47
CA ASP C 254 -56.51 -24.09 -32.38
C ASP C 254 -56.11 -22.81 -33.10
N ASN C 255 -57.09 -22.11 -33.65
CA ASN C 255 -56.83 -20.92 -34.45
C ASN C 255 -56.89 -19.65 -33.60
N HIS C 256 -55.73 -19.04 -33.41
CA HIS C 256 -55.58 -17.88 -32.51
C HIS C 256 -56.52 -16.72 -32.84
N GLN C 257 -56.65 -16.39 -34.12
CA GLN C 257 -57.47 -15.27 -34.55
C GLN C 257 -58.94 -15.43 -34.15
N TYR C 258 -59.38 -16.69 -34.00
CA TYR C 258 -60.75 -16.96 -33.60
C TYR C 258 -61.02 -16.45 -32.19
N TYR C 259 -60.06 -16.65 -31.29
CA TYR C 259 -60.19 -16.19 -29.92
C TYR C 259 -60.13 -14.67 -29.83
N TYR C 260 -59.25 -14.07 -30.64
CA TYR C 260 -59.14 -12.62 -30.69
C TYR C 260 -60.43 -12.01 -31.21
N ASN C 261 -61.10 -12.73 -32.11
CA ASN C 261 -62.37 -12.29 -32.68
C ASN C 261 -63.54 -12.53 -31.75
N LEU C 262 -63.53 -13.68 -31.06
CA LEU C 262 -64.57 -14.00 -30.10
C LEU C 262 -64.53 -13.00 -28.95
N GLN C 263 -63.33 -12.62 -28.56
CA GLN C 263 -63.13 -11.61 -27.52
C GLN C 263 -63.67 -10.27 -27.99
N ARG C 264 -63.45 -9.99 -29.27
CA ARG C 264 -63.92 -8.75 -29.88
C ARG C 264 -65.44 -8.75 -29.98
N ALA C 265 -66.02 -9.93 -30.20
CA ALA C 265 -67.46 -10.08 -30.31
C ALA C 265 -68.16 -9.82 -28.98
N TYR C 266 -67.56 -10.28 -27.89
CA TYR C 266 -68.11 -10.05 -26.56
C TYR C 266 -67.91 -8.60 -26.11
N GLY C 267 -67.08 -7.87 -26.84
CA GLY C 267 -66.79 -6.49 -26.51
C GLY C 267 -65.77 -6.38 -25.38
N TYR C 268 -65.11 -7.49 -25.08
CA TYR C 268 -64.11 -7.54 -24.02
C TYR C 268 -62.76 -7.08 -24.56
N GLU C 269 -62.69 -6.89 -25.87
CA GLU C 269 -61.46 -6.45 -26.53
C GLU C 269 -61.77 -5.60 -27.75
N ASP C 270 -61.01 -4.53 -27.94
CA ASP C 270 -61.16 -3.68 -29.12
C ASP C 270 -60.51 -4.34 -30.34
N ALA C 271 -60.57 -3.65 -31.47
CA ALA C 271 -60.01 -4.16 -32.71
C ALA C 271 -58.48 -4.26 -32.64
N SER C 272 -57.88 -3.45 -31.79
CA SER C 272 -56.43 -3.47 -31.60
C SER C 272 -56.07 -4.09 -30.25
N GLY C 273 -56.24 -3.32 -29.18
CA GLY C 273 -55.92 -3.78 -27.84
C GLY C 273 -57.14 -4.29 -27.11
N LYS C 274 -56.93 -5.04 -26.04
CA LYS C 274 -58.02 -5.63 -25.29
C LYS C 274 -58.46 -4.71 -24.16
N VAL C 275 -59.59 -4.03 -24.35
CA VAL C 275 -60.10 -3.11 -23.34
C VAL C 275 -61.63 -3.07 -23.31
N LEU C 276 -62.21 -3.21 -22.13
CA LEU C 276 -61.46 -3.54 -20.92
C LEU C 276 -61.96 -4.85 -20.31
N ASP C 277 -62.91 -4.72 -19.39
CA ASP C 277 -63.53 -5.85 -18.71
C ASP C 277 -62.54 -6.93 -18.29
N SER C 278 -61.46 -6.52 -17.64
CA SER C 278 -60.32 -7.39 -17.35
C SER C 278 -60.68 -8.64 -16.54
N ALA C 279 -61.75 -8.57 -15.77
CA ALA C 279 -62.19 -9.71 -14.97
C ALA C 279 -63.00 -10.70 -15.82
N GLU C 280 -63.89 -10.18 -16.65
CA GLU C 280 -64.72 -11.01 -17.50
C GLU C 280 -63.93 -11.52 -18.71
N TRP C 281 -62.83 -10.83 -19.01
CA TRP C 281 -61.96 -11.21 -20.10
C TRP C 281 -61.32 -12.56 -19.82
N LEU C 282 -60.81 -12.72 -18.60
CA LEU C 282 -60.26 -13.99 -18.16
C LEU C 282 -61.34 -15.05 -18.07
N ASN C 283 -62.52 -14.65 -17.60
CA ASN C 283 -63.63 -15.56 -17.40
C ASN C 283 -64.05 -16.28 -18.68
N LEU C 284 -63.96 -15.58 -19.81
CA LEU C 284 -64.27 -16.17 -21.11
C LEU C 284 -63.32 -17.32 -21.39
N TYR C 285 -62.01 -17.06 -21.29
CA TYR C 285 -61.00 -18.08 -21.48
C TYR C 285 -61.18 -19.25 -20.51
N SER C 286 -61.69 -18.96 -19.32
CA SER C 286 -61.99 -19.98 -18.34
C SER C 286 -63.16 -20.83 -18.81
N GLN C 287 -64.12 -20.19 -19.47
CA GLN C 287 -65.23 -20.91 -20.07
C GLN C 287 -64.72 -21.67 -21.29
N LEU C 288 -63.67 -21.13 -21.91
CA LEU C 288 -63.05 -21.80 -23.06
C LEU C 288 -62.27 -23.03 -22.64
N ALA C 289 -62.10 -23.23 -21.34
CA ALA C 289 -61.52 -24.46 -20.83
C ALA C 289 -62.55 -25.58 -20.91
N LYS C 290 -63.83 -25.20 -21.00
CA LYS C 290 -64.90 -26.18 -21.21
C LYS C 290 -64.91 -26.63 -22.67
N ARG C 291 -64.55 -25.71 -23.56
CA ARG C 291 -64.19 -26.06 -24.93
C ARG C 291 -63.05 -27.05 -24.78
N TYR C 292 -63.17 -28.20 -25.47
CA TYR C 292 -62.41 -29.41 -25.15
C TYR C 292 -60.94 -29.18 -24.77
N PRO C 293 -60.53 -29.71 -23.61
CA PRO C 293 -59.22 -29.50 -22.99
C PRO C 293 -58.07 -29.87 -23.91
N LYS C 294 -58.37 -30.49 -25.04
CA LYS C 294 -57.36 -30.85 -26.04
C LYS C 294 -56.68 -29.62 -26.64
N SER C 295 -57.21 -28.44 -26.35
CA SER C 295 -56.61 -27.19 -26.84
C SER C 295 -55.88 -26.45 -25.72
N GLU C 296 -54.64 -26.06 -26.00
CA GLU C 296 -53.82 -25.35 -25.04
C GLU C 296 -54.10 -23.85 -25.07
N CYS C 297 -54.75 -23.40 -26.14
CA CYS C 297 -55.04 -21.99 -26.36
C CYS C 297 -55.76 -21.23 -25.22
N PRO C 298 -56.81 -21.83 -24.61
CA PRO C 298 -57.50 -21.11 -23.54
C PRO C 298 -56.59 -20.73 -22.37
N THR C 299 -55.60 -21.56 -22.09
CA THR C 299 -54.64 -21.28 -21.02
C THR C 299 -53.45 -20.44 -21.47
N ARG C 300 -52.99 -20.68 -22.70
CA ARG C 300 -51.77 -20.03 -23.19
C ARG C 300 -51.99 -18.59 -23.66
N LEU C 301 -53.07 -18.35 -24.40
CA LEU C 301 -53.37 -17.03 -24.93
C LEU C 301 -53.44 -15.87 -23.91
N PRO C 302 -54.12 -16.08 -22.77
CA PRO C 302 -54.17 -14.97 -21.79
C PRO C 302 -52.81 -14.60 -21.22
N LEU C 303 -51.85 -15.53 -21.27
CA LEU C 303 -50.52 -15.29 -20.75
C LEU C 303 -49.83 -14.11 -21.44
N GLU C 304 -50.28 -13.80 -22.66
CA GLU C 304 -49.73 -12.68 -23.42
C GLU C 304 -50.12 -11.33 -22.81
N LYS C 305 -51.41 -11.18 -22.47
CA LYS C 305 -51.93 -9.90 -22.00
C LYS C 305 -51.99 -9.74 -20.48
N LEU C 306 -51.75 -10.82 -19.76
CA LEU C 306 -51.77 -10.77 -18.29
C LEU C 306 -50.56 -10.04 -17.72
N GLU C 307 -50.68 -9.59 -16.48
CA GLU C 307 -49.63 -8.81 -15.82
C GLU C 307 -49.70 -8.86 -14.29
N GLY C 308 -48.55 -8.67 -13.65
CA GLY C 308 -48.48 -8.65 -12.20
C GLY C 308 -48.70 -10.00 -11.54
N ASP C 309 -49.62 -10.05 -10.58
CA ASP C 309 -49.85 -11.28 -9.82
C ASP C 309 -50.63 -12.33 -10.60
N GLU C 310 -51.74 -11.93 -11.20
CA GLU C 310 -52.56 -12.85 -11.99
C GLU C 310 -51.77 -13.58 -13.07
N PHE C 311 -50.67 -12.98 -13.52
CA PHE C 311 -49.76 -13.63 -14.46
C PHE C 311 -48.94 -14.69 -13.75
N LEU C 312 -48.42 -14.33 -12.58
CA LEU C 312 -47.59 -15.23 -11.78
C LEU C 312 -48.30 -16.53 -11.44
N THR C 313 -49.58 -16.44 -11.11
CA THR C 313 -50.38 -17.61 -10.77
C THR C 313 -50.59 -18.52 -11.97
N HIS C 314 -50.91 -17.92 -13.12
CA HIS C 314 -51.21 -18.68 -14.33
C HIS C 314 -49.96 -19.21 -15.03
N VAL C 315 -48.88 -18.44 -15.02
CA VAL C 315 -47.64 -18.88 -15.64
C VAL C 315 -47.00 -20.00 -14.82
N ASP C 316 -47.32 -20.04 -13.53
CA ASP C 316 -46.83 -21.08 -12.64
C ASP C 316 -47.53 -22.40 -12.95
N LEU C 317 -48.85 -22.35 -13.09
CA LEU C 317 -49.64 -23.53 -13.40
C LEU C 317 -49.31 -24.07 -14.78
N TYR C 318 -49.02 -23.18 -15.71
CA TYR C 318 -48.73 -23.57 -17.09
C TYR C 318 -47.37 -24.22 -17.23
N LEU C 319 -46.36 -23.65 -16.57
CA LEU C 319 -45.01 -24.18 -16.64
C LEU C 319 -44.91 -25.55 -15.98
N ARG C 320 -45.54 -25.69 -14.81
CA ARG C 320 -45.61 -26.97 -14.12
C ARG C 320 -46.26 -28.02 -15.01
N LYS C 321 -47.31 -27.62 -15.70
CA LYS C 321 -48.08 -28.51 -16.56
C LYS C 321 -47.20 -29.17 -17.62
N LYS C 322 -46.41 -28.36 -18.30
CA LYS C 322 -45.53 -28.85 -19.36
C LYS C 322 -44.26 -29.51 -18.81
N LEU C 323 -43.88 -29.12 -17.60
CA LEU C 323 -42.70 -29.71 -16.98
C LEU C 323 -42.97 -31.13 -16.50
N LYS C 324 -44.16 -31.36 -15.95
CA LYS C 324 -44.55 -32.69 -15.49
C LYS C 324 -44.76 -33.64 -16.66
N ARG C 325 -45.17 -33.09 -17.79
CA ARG C 325 -45.42 -33.89 -18.99
C ARG C 325 -44.12 -34.17 -19.74
N GLY C 326 -43.08 -33.40 -19.45
CA GLY C 326 -41.78 -33.57 -20.06
C GLY C 326 -41.74 -33.11 -21.51
N ILE C 327 -42.40 -31.99 -21.79
CA ILE C 327 -42.40 -31.40 -23.13
C ILE C 327 -41.15 -30.57 -23.36
N PRO C 328 -40.36 -30.93 -24.38
CA PRO C 328 -39.14 -30.19 -24.74
C PRO C 328 -39.46 -28.83 -25.36
N SER C 329 -40.72 -28.62 -25.73
CA SER C 329 -41.13 -27.40 -26.41
C SER C 329 -41.56 -26.31 -25.44
N VAL C 330 -41.43 -26.60 -24.14
CA VAL C 330 -41.93 -25.71 -23.10
C VAL C 330 -41.33 -24.30 -23.15
N PHE C 331 -40.02 -24.20 -23.40
CA PHE C 331 -39.37 -22.90 -23.45
C PHE C 331 -39.76 -22.10 -24.70
N VAL C 332 -39.75 -22.79 -25.84
CA VAL C 332 -40.05 -22.13 -27.12
C VAL C 332 -41.45 -21.55 -27.12
N ASP C 333 -42.33 -22.15 -26.34
CA ASP C 333 -43.70 -21.66 -26.18
C ASP C 333 -43.68 -20.35 -25.40
N VAL C 334 -43.10 -20.40 -24.21
CA VAL C 334 -43.03 -19.24 -23.32
C VAL C 334 -42.11 -18.15 -23.87
N LYS C 335 -41.19 -18.55 -24.74
CA LYS C 335 -40.17 -17.67 -25.32
C LYS C 335 -40.71 -16.31 -25.78
N SER C 336 -41.90 -16.32 -26.39
CA SER C 336 -42.49 -15.12 -26.95
C SER C 336 -42.94 -14.11 -25.89
N LEU C 337 -43.07 -14.57 -24.65
CA LEU C 337 -43.50 -13.70 -23.55
C LEU C 337 -42.40 -12.73 -23.12
N TYR C 338 -41.18 -12.96 -23.61
CA TYR C 338 -40.03 -12.18 -23.16
C TYR C 338 -39.90 -10.83 -23.87
N LYS C 339 -40.90 -10.50 -24.69
CA LYS C 339 -40.89 -9.25 -25.46
C LYS C 339 -40.91 -8.01 -24.58
N ASP C 340 -41.51 -8.13 -23.39
CA ASP C 340 -41.63 -6.99 -22.48
C ASP C 340 -40.48 -6.93 -21.47
N THR C 341 -39.72 -8.02 -21.39
CA THR C 341 -38.57 -8.12 -20.48
C THR C 341 -38.94 -8.07 -18.99
N LYS C 342 -40.19 -7.77 -18.70
CA LYS C 342 -40.68 -7.79 -17.32
C LYS C 342 -41.07 -9.20 -16.92
N LYS C 343 -41.78 -9.88 -17.82
CA LYS C 343 -42.21 -11.25 -17.59
C LYS C 343 -41.02 -12.20 -17.64
N CYS C 344 -39.98 -11.80 -18.37
CA CYS C 344 -38.76 -12.60 -18.49
C CYS C 344 -38.13 -12.83 -17.13
N LYS C 345 -38.04 -11.77 -16.33
CA LYS C 345 -37.51 -11.87 -14.97
C LYS C 345 -38.44 -12.72 -14.09
N VAL C 346 -39.74 -12.53 -14.27
CA VAL C 346 -40.73 -13.26 -13.48
C VAL C 346 -40.63 -14.77 -13.73
N VAL C 347 -40.52 -15.14 -15.01
CA VAL C 347 -40.37 -16.55 -15.37
C VAL C 347 -39.01 -17.08 -14.94
N GLU C 348 -37.97 -16.27 -15.12
CA GLU C 348 -36.61 -16.64 -14.74
C GLU C 348 -36.50 -17.00 -13.26
N ASP C 349 -37.00 -16.12 -12.41
CA ASP C 349 -36.93 -16.32 -10.97
C ASP C 349 -37.82 -17.49 -10.52
N LEU C 350 -38.87 -17.75 -11.30
CA LEU C 350 -39.80 -18.83 -10.98
C LEU C 350 -39.19 -20.20 -11.22
N VAL C 351 -38.54 -20.37 -12.36
CA VAL C 351 -37.92 -21.64 -12.72
C VAL C 351 -36.56 -21.82 -12.07
N SER C 352 -35.99 -20.72 -11.57
CA SER C 352 -34.76 -20.79 -10.80
C SER C 352 -35.07 -21.40 -9.44
N LYS C 353 -36.25 -21.06 -8.91
CA LYS C 353 -36.74 -21.67 -7.68
C LYS C 353 -37.15 -23.10 -7.93
N TYR C 354 -37.56 -23.40 -9.16
CA TYR C 354 -37.88 -24.76 -9.57
C TYR C 354 -36.64 -25.64 -9.57
N ALA C 355 -35.50 -25.04 -9.91
CA ALA C 355 -34.24 -25.77 -10.01
C ALA C 355 -33.86 -26.41 -8.67
N SER C 356 -33.74 -25.56 -7.65
CA SER C 356 -33.51 -26.04 -6.30
C SER C 356 -34.83 -26.04 -5.56
N SER C 357 -35.57 -27.14 -5.66
CA SER C 357 -36.85 -27.24 -4.96
C SER C 357 -37.29 -28.60 -4.38
N LEU C 358 -37.20 -29.76 -5.07
CA LEU C 358 -36.35 -30.14 -6.22
C LEU C 358 -34.84 -30.15 -5.94
N SER C 359 -34.44 -29.57 -4.82
CA SER C 359 -33.08 -29.75 -4.31
C SER C 359 -33.09 -31.00 -3.43
N THR C 360 -33.71 -30.87 -2.27
CA THR C 360 -33.89 -31.98 -1.34
C THR C 360 -35.14 -32.80 -1.65
N THR C 361 -36.21 -32.11 -2.06
CA THR C 361 -37.50 -32.75 -2.28
C THR C 361 -37.75 -33.01 -3.77
N ASN C 362 -38.92 -33.56 -4.09
CA ASN C 362 -39.34 -33.70 -5.48
C ASN C 362 -40.43 -32.72 -5.93
N LYS C 363 -40.81 -31.81 -5.04
CA LYS C 363 -41.91 -30.89 -5.34
C LYS C 363 -41.46 -29.44 -5.52
N PHE C 364 -42.18 -28.71 -6.36
CA PHE C 364 -41.88 -27.30 -6.64
C PHE C 364 -42.05 -26.43 -5.40
N SER C 365 -41.33 -25.31 -5.37
CA SER C 365 -41.45 -24.31 -4.31
C SER C 365 -41.36 -24.89 -2.90
N GLU C 366 -42.31 -24.51 -2.05
CA GLU C 366 -42.34 -24.98 -0.66
C GLU C 366 -43.69 -25.57 -0.26
N ASP C 367 -44.76 -24.80 -0.46
CA ASP C 367 -46.09 -25.18 -0.01
C ASP C 367 -46.67 -26.37 -0.77
N ASP C 368 -45.97 -26.82 -1.82
CA ASP C 368 -46.42 -27.96 -2.60
C ASP C 368 -46.17 -29.27 -1.88
N ASP C 369 -45.36 -29.23 -0.82
CA ASP C 369 -45.11 -30.41 0.00
C ASP C 369 -46.33 -30.71 0.86
N ASN C 370 -47.20 -29.70 1.01
CA ASN C 370 -48.45 -29.88 1.74
C ASN C 370 -49.49 -30.55 0.86
N SER C 371 -49.35 -30.39 -0.45
CA SER C 371 -50.21 -31.06 -1.41
C SER C 371 -49.58 -32.37 -1.86
N GLN C 372 -48.41 -32.66 -1.31
CA GLN C 372 -47.73 -33.96 -1.46
C GLN C 372 -47.36 -34.32 -2.90
N ILE C 373 -47.59 -35.60 -3.25
CA ILE C 373 -47.11 -36.22 -4.50
C ILE C 373 -45.60 -36.03 -4.67
N GLU C 374 -45.11 -36.17 -5.91
CA GLU C 374 -43.68 -36.07 -6.23
C GLU C 374 -43.48 -36.27 -7.73
N ILE C 375 -42.30 -35.87 -8.24
CA ILE C 375 -41.94 -36.15 -9.63
C ILE C 375 -40.47 -36.54 -9.73
N PRO C 376 -40.17 -37.59 -10.51
CA PRO C 376 -38.80 -38.09 -10.70
C PRO C 376 -37.93 -37.30 -11.69
N THR C 377 -38.43 -37.07 -12.91
CA THR C 377 -37.59 -36.58 -14.01
C THR C 377 -37.71 -35.09 -14.35
N THR C 378 -38.49 -34.35 -13.57
CA THR C 378 -38.73 -32.94 -13.87
C THR C 378 -37.48 -32.07 -13.88
N LEU C 379 -36.45 -32.48 -13.14
CA LEU C 379 -35.19 -31.75 -13.09
C LEU C 379 -34.54 -31.64 -14.47
N LEU C 380 -34.72 -32.68 -15.27
CA LEU C 380 -34.19 -32.70 -16.64
C LEU C 380 -34.76 -31.52 -17.41
N TRP C 381 -36.09 -31.46 -17.51
CA TRP C 381 -36.76 -30.45 -18.32
C TRP C 381 -36.72 -29.08 -17.67
N THR C 382 -36.46 -29.06 -16.36
CA THR C 382 -36.24 -27.79 -15.66
C THR C 382 -34.86 -27.27 -16.01
N TYR C 383 -33.87 -28.14 -15.97
CA TYR C 383 -32.50 -27.79 -16.36
C TYR C 383 -32.46 -27.39 -17.84
N TYR C 384 -33.18 -28.13 -18.67
CA TYR C 384 -33.22 -27.87 -20.10
C TYR C 384 -33.85 -26.52 -20.40
N PHE C 385 -34.87 -26.16 -19.62
CA PHE C 385 -35.50 -24.85 -19.74
C PHE C 385 -34.50 -23.77 -19.36
N LEU C 386 -33.84 -23.97 -18.22
CA LEU C 386 -32.86 -23.02 -17.72
C LEU C 386 -31.68 -22.87 -18.66
N ALA C 387 -31.30 -23.97 -19.29
CA ALA C 387 -30.20 -23.96 -20.25
C ALA C 387 -30.56 -23.09 -21.45
N GLN C 388 -31.79 -23.27 -21.94
CA GLN C 388 -32.29 -22.49 -23.06
C GLN C 388 -32.50 -21.02 -22.69
N HIS C 389 -32.98 -20.80 -21.46
CA HIS C 389 -33.32 -19.47 -21.00
C HIS C 389 -32.10 -18.54 -20.94
N PHE C 390 -31.09 -18.94 -20.17
CA PHE C 390 -29.89 -18.12 -19.99
C PHE C 390 -29.10 -17.96 -21.28
N ASP C 391 -29.25 -18.90 -22.20
CA ASP C 391 -28.63 -18.79 -23.51
C ASP C 391 -29.30 -17.68 -24.31
N HIS C 392 -30.62 -17.56 -24.16
CA HIS C 392 -31.37 -16.51 -24.82
C HIS C 392 -31.07 -15.16 -24.19
N VAL C 393 -31.06 -15.11 -22.86
CA VAL C 393 -30.75 -13.89 -22.14
C VAL C 393 -29.29 -13.48 -22.36
N GLY C 394 -28.44 -14.46 -22.60
CA GLY C 394 -27.05 -14.20 -22.96
C GLY C 394 -26.02 -14.40 -21.87
N GLU C 395 -26.41 -15.09 -20.80
CA GLU C 395 -25.47 -15.40 -19.72
C GLU C 395 -24.33 -16.30 -20.19
N LEU C 396 -24.70 -17.45 -20.72
CA LEU C 396 -23.76 -18.43 -21.32
C LEU C 396 -22.89 -19.16 -20.30
N GLU C 397 -22.58 -18.53 -19.18
CA GLU C 397 -21.88 -19.20 -18.10
C GLU C 397 -22.89 -20.00 -17.30
N LYS C 398 -23.98 -19.33 -16.92
CA LYS C 398 -25.08 -19.99 -16.20
C LYS C 398 -25.73 -21.01 -17.13
N ALA C 399 -25.87 -20.64 -18.39
CA ALA C 399 -26.48 -21.50 -19.39
C ALA C 399 -25.73 -22.81 -19.55
N GLU C 400 -24.44 -22.73 -19.84
CA GLU C 400 -23.61 -23.91 -20.07
C GLU C 400 -23.50 -24.81 -18.85
N LYS C 401 -23.60 -24.23 -17.66
CA LYS C 401 -23.55 -24.99 -16.43
C LYS C 401 -24.80 -25.86 -16.29
N TYR C 402 -25.92 -25.38 -16.82
CA TYR C 402 -27.19 -26.10 -16.71
C TYR C 402 -27.34 -27.28 -17.67
N VAL C 403 -26.89 -27.10 -18.91
CA VAL C 403 -26.95 -28.20 -19.88
C VAL C 403 -26.08 -29.35 -19.42
N ASP C 404 -24.90 -29.01 -18.89
CA ASP C 404 -23.97 -30.00 -18.35
C ASP C 404 -24.65 -30.78 -17.23
N LEU C 405 -25.44 -30.09 -16.42
CA LEU C 405 -26.22 -30.73 -15.36
C LEU C 405 -27.24 -31.69 -15.98
N ALA C 406 -27.80 -31.29 -17.11
CA ALA C 406 -28.80 -32.10 -17.81
C ALA C 406 -28.16 -33.26 -18.55
N ILE C 407 -27.01 -33.01 -19.17
CA ILE C 407 -26.28 -34.04 -19.91
C ILE C 407 -25.78 -35.13 -18.98
N ASP C 408 -25.35 -34.74 -17.78
CA ASP C 408 -24.91 -35.69 -16.78
C ASP C 408 -26.05 -36.61 -16.33
N HIS C 409 -27.28 -36.07 -16.34
CA HIS C 409 -28.46 -36.83 -15.96
C HIS C 409 -28.80 -37.87 -17.03
N THR C 410 -28.91 -37.42 -18.27
CA THR C 410 -29.23 -38.29 -19.39
C THR C 410 -28.42 -37.91 -20.63
N PRO C 411 -27.25 -38.54 -20.80
CA PRO C 411 -26.32 -38.22 -21.89
C PRO C 411 -26.86 -38.55 -23.28
N THR C 412 -27.99 -39.25 -23.35
CA THR C 412 -28.51 -39.72 -24.63
C THR C 412 -29.54 -38.78 -25.27
N LEU C 413 -29.93 -37.72 -24.58
CA LEU C 413 -30.95 -36.81 -25.08
C LEU C 413 -30.38 -35.82 -26.10
N VAL C 414 -30.93 -35.84 -27.30
CA VAL C 414 -30.42 -35.05 -28.42
C VAL C 414 -30.55 -33.54 -28.20
N GLU C 415 -31.71 -33.12 -27.69
CA GLU C 415 -32.01 -31.70 -27.51
C GLU C 415 -30.99 -31.00 -26.62
N LEU C 416 -30.46 -31.74 -25.65
CA LEU C 416 -29.46 -31.21 -24.71
C LEU C 416 -28.19 -30.79 -25.43
N PHE C 417 -27.78 -31.57 -26.43
CA PHE C 417 -26.57 -31.26 -27.18
C PHE C 417 -26.79 -30.17 -28.22
N MET C 418 -28.03 -30.01 -28.66
CA MET C 418 -28.37 -28.91 -29.56
C MET C 418 -28.19 -27.59 -28.84
N THR C 419 -28.64 -27.54 -27.58
CA THR C 419 -28.56 -26.34 -26.77
C THR C 419 -27.12 -26.00 -26.41
N LYS C 420 -26.36 -27.01 -26.00
CA LYS C 420 -24.95 -26.80 -25.66
C LYS C 420 -24.18 -26.29 -26.86
N ALA C 421 -24.53 -26.79 -28.05
CA ALA C 421 -23.90 -26.36 -29.28
C ALA C 421 -24.21 -24.89 -29.59
N ARG C 422 -25.42 -24.46 -29.26
CA ARG C 422 -25.82 -23.07 -29.46
C ARG C 422 -25.01 -22.14 -28.57
N ILE C 423 -24.82 -22.54 -27.32
CA ILE C 423 -24.09 -21.74 -26.35
C ILE C 423 -22.63 -21.58 -26.77
N SER C 424 -22.04 -22.66 -27.27
CA SER C 424 -20.68 -22.62 -27.78
C SER C 424 -20.58 -21.68 -28.97
N LYS C 425 -21.63 -21.68 -29.79
CA LYS C 425 -21.73 -20.77 -30.93
C LYS C 425 -21.78 -19.33 -30.48
N HIS C 426 -22.52 -19.07 -29.41
CA HIS C 426 -22.65 -17.73 -28.86
C HIS C 426 -21.38 -17.28 -28.14
N LYS C 427 -20.61 -18.25 -27.65
CA LYS C 427 -19.35 -17.95 -26.97
C LYS C 427 -18.23 -17.64 -27.96
N GLY C 428 -18.51 -17.79 -29.24
CA GLY C 428 -17.56 -17.48 -30.28
C GLY C 428 -16.72 -18.68 -30.72
N GLU C 429 -16.92 -19.81 -30.06
CA GLU C 429 -16.18 -21.02 -30.42
C GLU C 429 -17.00 -21.83 -31.42
N LEU C 430 -16.67 -21.70 -32.69
CA LEU C 430 -17.43 -22.38 -33.75
C LEU C 430 -16.99 -23.82 -33.89
N GLN C 431 -15.70 -24.07 -33.65
CA GLN C 431 -15.15 -25.41 -33.78
C GLN C 431 -15.79 -26.37 -32.78
N THR C 432 -15.84 -25.96 -31.52
CA THR C 432 -16.43 -26.79 -30.48
C THR C 432 -17.94 -26.90 -30.66
N ALA C 433 -18.55 -25.85 -31.21
CA ALA C 433 -19.97 -25.86 -31.52
C ALA C 433 -20.27 -26.87 -32.62
N MET C 434 -19.39 -26.91 -33.61
CA MET C 434 -19.54 -27.84 -34.72
C MET C 434 -19.43 -29.28 -34.21
N GLU C 435 -18.48 -29.51 -33.30
CA GLU C 435 -18.26 -30.84 -32.75
C GLU C 435 -19.44 -31.30 -31.90
N ILE C 436 -19.96 -30.42 -31.06
CA ILE C 436 -21.10 -30.76 -30.22
C ILE C 436 -22.33 -31.05 -31.07
N MET C 437 -22.52 -30.27 -32.13
CA MET C 437 -23.64 -30.46 -33.03
C MET C 437 -23.53 -31.78 -33.79
N ASP C 438 -22.30 -32.16 -34.14
CA ASP C 438 -22.06 -33.42 -34.82
C ASP C 438 -22.31 -34.58 -33.87
N HIS C 439 -22.07 -34.35 -32.58
CA HIS C 439 -22.35 -35.35 -31.56
C HIS C 439 -23.85 -35.55 -31.39
N ALA C 440 -24.60 -34.45 -31.50
CA ALA C 440 -26.05 -34.52 -31.40
C ALA C 440 -26.62 -35.29 -32.58
N ARG C 441 -26.02 -35.10 -33.75
CA ARG C 441 -26.43 -35.81 -34.95
C ARG C 441 -26.17 -37.31 -34.79
N LYS C 442 -25.08 -37.64 -34.13
CA LYS C 442 -24.71 -39.05 -33.89
C LYS C 442 -25.72 -39.76 -33.00
N LEU C 443 -26.52 -39.00 -32.25
CA LEU C 443 -27.53 -39.58 -31.38
C LEU C 443 -28.80 -39.97 -32.12
N ASP C 444 -29.05 -39.33 -33.26
CA ASP C 444 -30.16 -39.72 -34.14
C ASP C 444 -29.73 -39.65 -35.60
N LEU C 445 -29.49 -40.82 -36.20
CA LEU C 445 -28.96 -40.89 -37.56
C LEU C 445 -30.05 -40.95 -38.63
N GLN C 446 -31.30 -41.17 -38.21
CA GLN C 446 -32.40 -41.25 -39.16
C GLN C 446 -33.18 -39.95 -39.27
N ASP C 447 -32.79 -38.95 -38.48
CA ASP C 447 -33.47 -37.67 -38.48
C ASP C 447 -32.74 -36.67 -39.36
N ARG C 448 -33.41 -36.23 -40.43
CA ARG C 448 -32.80 -35.30 -41.37
C ARG C 448 -32.60 -33.91 -40.77
N PHE C 449 -33.47 -33.53 -39.85
CA PHE C 449 -33.41 -32.21 -39.22
C PHE C 449 -32.07 -32.02 -38.51
N ILE C 450 -31.77 -32.93 -37.59
CA ILE C 450 -30.55 -32.84 -36.79
C ILE C 450 -29.31 -32.94 -37.68
N ASN C 451 -29.43 -33.65 -38.79
CA ASN C 451 -28.36 -33.73 -39.77
C ASN C 451 -28.14 -32.38 -40.42
N GLY C 452 -29.25 -31.72 -40.75
CA GLY C 452 -29.22 -30.42 -41.38
C GLY C 452 -28.61 -29.35 -40.48
N LYS C 453 -28.97 -29.39 -39.20
CA LYS C 453 -28.39 -28.48 -38.22
C LYS C 453 -26.88 -28.67 -38.11
N CYS C 454 -26.45 -29.92 -38.20
CA CYS C 454 -25.03 -30.24 -38.12
C CYS C 454 -24.27 -29.64 -39.29
N ALA C 455 -24.82 -29.77 -40.49
CA ALA C 455 -24.19 -29.26 -41.69
C ALA C 455 -24.11 -27.73 -41.69
N LYS C 456 -25.11 -27.10 -41.08
CA LYS C 456 -25.15 -25.65 -40.98
C LYS C 456 -23.98 -25.17 -40.12
N TYR C 457 -23.80 -25.79 -38.97
CA TYR C 457 -22.72 -25.44 -38.06
C TYR C 457 -21.36 -25.73 -38.67
N MET C 458 -21.31 -26.75 -39.53
CA MET C 458 -20.11 -27.05 -40.30
C MET C 458 -19.85 -25.92 -41.29
N LEU C 459 -20.92 -25.41 -41.89
CA LEU C 459 -20.82 -24.28 -42.80
C LEU C 459 -20.38 -23.01 -42.08
N ARG C 460 -20.94 -22.77 -40.90
CA ARG C 460 -20.57 -21.60 -40.12
C ARG C 460 -19.09 -21.66 -39.72
N ASN C 461 -18.56 -22.88 -39.62
CA ASN C 461 -17.16 -23.08 -39.27
C ASN C 461 -16.30 -23.15 -40.54
N ASP C 462 -16.93 -22.89 -41.68
CA ASP C 462 -16.25 -22.86 -42.98
C ASP C 462 -15.69 -24.22 -43.41
N GLU C 463 -16.32 -25.30 -42.97
CA GLU C 463 -15.99 -26.62 -43.48
C GLU C 463 -17.05 -26.98 -44.52
N ASN C 464 -16.81 -26.57 -45.76
CA ASN C 464 -17.80 -26.73 -46.82
C ASN C 464 -17.92 -28.16 -47.32
N GLU C 465 -16.77 -28.81 -47.51
CA GLU C 465 -16.75 -30.19 -47.99
C GLU C 465 -17.29 -31.15 -46.92
N LEU C 466 -16.98 -30.85 -45.66
CA LEU C 466 -17.45 -31.69 -44.56
C LEU C 466 -18.97 -31.63 -44.44
N ALA C 467 -19.55 -30.48 -44.75
CA ALA C 467 -21.00 -30.33 -44.72
C ALA C 467 -21.64 -31.09 -45.86
N ALA C 468 -21.04 -31.03 -47.04
CA ALA C 468 -21.56 -31.71 -48.22
C ALA C 468 -21.60 -33.22 -48.02
N LYS C 469 -20.56 -33.75 -47.36
CA LYS C 469 -20.49 -35.17 -47.05
C LYS C 469 -21.58 -35.57 -46.06
N THR C 470 -21.88 -34.65 -45.13
CA THR C 470 -22.89 -34.90 -44.12
C THR C 470 -24.32 -34.90 -44.69
N VAL C 471 -24.62 -33.96 -45.57
CA VAL C 471 -25.94 -33.88 -46.18
C VAL C 471 -26.11 -34.91 -47.29
N SER C 472 -25.00 -35.50 -47.73
CA SER C 472 -25.05 -36.51 -48.78
C SER C 472 -25.84 -37.74 -48.36
N LEU C 473 -26.05 -37.87 -47.05
CA LEU C 473 -26.77 -39.00 -46.49
C LEU C 473 -28.26 -38.94 -46.79
N PHE C 474 -28.82 -37.73 -46.81
CA PHE C 474 -30.26 -37.53 -46.96
C PHE C 474 -30.72 -37.04 -48.33
N THR C 475 -29.79 -36.94 -49.28
CA THR C 475 -30.10 -36.34 -50.57
C THR C 475 -30.14 -37.39 -51.67
N ARG C 476 -30.77 -37.05 -52.79
CA ARG C 476 -30.74 -37.93 -53.94
C ARG C 476 -29.41 -37.69 -54.63
N ASN C 477 -28.48 -38.62 -54.45
CA ASN C 477 -27.12 -38.41 -54.91
C ASN C 477 -26.90 -38.89 -56.33
N GLU C 478 -27.99 -39.31 -56.98
CA GLU C 478 -27.94 -39.75 -58.38
C GLU C 478 -27.85 -38.53 -59.31
N ALA C 479 -27.02 -37.56 -58.93
CA ALA C 479 -26.81 -36.32 -59.70
C ALA C 479 -28.07 -35.44 -59.73
N VAL C 480 -28.01 -34.24 -60.31
CA VAL C 480 -26.81 -33.47 -60.65
C VAL C 480 -25.87 -33.18 -59.47
N GLY C 481 -24.61 -32.93 -59.80
CA GLY C 481 -23.54 -32.63 -58.84
C GLY C 481 -23.69 -32.95 -57.37
N GLY C 482 -24.17 -34.14 -57.03
CA GLY C 482 -24.16 -34.59 -55.66
C GLY C 482 -25.26 -34.04 -54.77
N ALA C 483 -25.00 -34.07 -53.47
CA ALA C 483 -25.92 -33.58 -52.46
C ALA C 483 -26.21 -32.09 -52.63
N VAL C 484 -25.17 -31.31 -52.91
CA VAL C 484 -25.33 -29.87 -53.06
C VAL C 484 -26.14 -29.57 -54.32
N GLY C 485 -25.88 -30.32 -55.37
CA GLY C 485 -26.61 -30.20 -56.62
C GLY C 485 -28.08 -30.57 -56.46
N ASP C 486 -28.35 -31.56 -55.62
CA ASP C 486 -29.72 -31.97 -55.37
C ASP C 486 -30.44 -30.97 -54.48
N LEU C 487 -29.71 -30.41 -53.52
CA LEU C 487 -30.25 -29.37 -52.66
C LEU C 487 -30.59 -28.10 -53.45
N ALA C 488 -29.87 -27.91 -54.55
CA ALA C 488 -30.14 -26.78 -55.44
C ALA C 488 -31.39 -27.06 -56.26
N ASP C 489 -31.54 -28.30 -56.71
CA ASP C 489 -32.70 -28.70 -57.50
C ASP C 489 -33.98 -28.64 -56.66
N MET C 490 -33.86 -28.98 -55.39
CA MET C 490 -35.02 -29.00 -54.51
C MET C 490 -35.25 -27.64 -53.85
N GLN C 491 -34.49 -26.65 -54.31
CA GLN C 491 -34.66 -25.27 -53.90
C GLN C 491 -34.46 -25.06 -52.40
N CYS C 492 -33.45 -25.71 -51.85
CA CYS C 492 -33.11 -25.50 -50.45
C CYS C 492 -32.38 -24.18 -50.33
N LEU C 493 -33.07 -23.18 -49.80
CA LEU C 493 -32.57 -21.82 -49.79
C LEU C 493 -31.47 -21.64 -48.76
N TRP C 494 -31.66 -22.21 -47.57
CA TRP C 494 -30.75 -21.99 -46.47
C TRP C 494 -29.34 -22.56 -46.72
N TYR C 495 -29.27 -23.70 -47.40
CA TYR C 495 -27.97 -24.32 -47.65
C TYR C 495 -27.14 -23.50 -48.64
N MET C 496 -27.77 -23.08 -49.74
CA MET C 496 -27.07 -22.31 -50.77
C MET C 496 -26.57 -20.99 -50.20
N LEU C 497 -27.34 -20.45 -49.25
CA LEU C 497 -27.01 -19.18 -48.61
C LEU C 497 -25.83 -19.32 -47.64
N GLU C 498 -25.89 -20.32 -46.78
CA GLU C 498 -24.84 -20.56 -45.79
C GLU C 498 -23.53 -21.01 -46.45
N ASP C 499 -23.65 -21.79 -47.52
CA ASP C 499 -22.49 -22.30 -48.23
C ASP C 499 -21.80 -21.15 -48.96
N GLY C 500 -22.61 -20.30 -49.59
CA GLY C 500 -22.10 -19.16 -50.32
C GLY C 500 -21.46 -18.12 -49.43
N LYS C 501 -22.10 -17.84 -48.30
CA LYS C 501 -21.55 -16.88 -47.33
C LYS C 501 -20.24 -17.38 -46.75
N SER C 502 -20.15 -18.70 -46.58
CA SER C 502 -18.91 -19.33 -46.11
C SER C 502 -17.81 -19.17 -47.16
N PHE C 503 -18.13 -19.47 -48.41
CA PHE C 503 -17.21 -19.29 -49.52
C PHE C 503 -16.81 -17.82 -49.66
N ALA C 504 -17.72 -16.92 -49.33
CA ALA C 504 -17.49 -15.48 -49.44
C ALA C 504 -16.39 -15.00 -48.50
N ARG C 505 -16.43 -15.45 -47.26
CA ARG C 505 -15.44 -15.01 -46.27
C ARG C 505 -14.14 -15.80 -46.33
N GLN C 506 -14.12 -16.86 -47.14
CA GLN C 506 -12.89 -17.59 -47.40
C GLN C 506 -12.24 -17.06 -48.68
N LYS C 507 -12.83 -15.99 -49.20
CA LYS C 507 -12.37 -15.31 -50.41
C LYS C 507 -12.38 -16.24 -51.62
N LYS C 508 -13.17 -17.31 -51.54
CA LYS C 508 -13.39 -18.17 -52.70
C LYS C 508 -14.61 -17.60 -53.40
N PHE C 509 -14.37 -16.67 -54.30
CA PHE C 509 -15.42 -15.84 -54.87
C PHE C 509 -16.25 -16.56 -55.92
N ALA C 510 -15.58 -17.36 -56.75
CA ALA C 510 -16.24 -18.09 -57.81
C ALA C 510 -17.35 -18.99 -57.26
N LEU C 511 -17.04 -19.69 -56.17
CA LEU C 511 -18.00 -20.62 -55.58
C LEU C 511 -19.09 -19.87 -54.83
N ALA C 512 -18.73 -18.75 -54.22
CA ALA C 512 -19.70 -17.93 -53.51
C ALA C 512 -20.69 -17.33 -54.49
N LEU C 513 -20.18 -16.83 -55.61
CA LEU C 513 -21.01 -16.28 -56.67
C LEU C 513 -21.92 -17.36 -57.23
N LYS C 514 -21.41 -18.59 -57.27
CA LYS C 514 -22.16 -19.73 -57.78
C LYS C 514 -23.34 -20.05 -56.87
N ARG C 515 -23.07 -20.20 -55.58
CA ARG C 515 -24.11 -20.52 -54.61
C ARG C 515 -25.17 -19.42 -54.57
N PHE C 516 -24.71 -18.17 -54.61
CA PHE C 516 -25.61 -17.02 -54.57
C PHE C 516 -26.49 -16.94 -55.82
N SER C 517 -25.90 -17.27 -56.97
CA SER C 517 -26.64 -17.28 -58.23
C SER C 517 -27.72 -18.34 -58.22
N THR C 518 -27.51 -19.40 -57.44
CA THR C 518 -28.50 -20.46 -57.32
C THR C 518 -29.74 -19.94 -56.59
N VAL C 519 -29.51 -19.13 -55.55
CA VAL C 519 -30.60 -18.49 -54.84
C VAL C 519 -31.37 -17.60 -55.82
N PHE C 520 -30.64 -16.88 -56.66
CA PHE C 520 -31.24 -16.09 -57.73
C PHE C 520 -32.12 -16.96 -58.61
N LYS C 521 -31.54 -18.08 -59.06
CA LYS C 521 -32.22 -19.00 -59.96
C LYS C 521 -33.48 -19.60 -59.34
N ILE C 522 -33.43 -19.87 -58.03
CA ILE C 522 -34.58 -20.42 -57.32
C ILE C 522 -35.73 -19.40 -57.29
N PHE C 523 -35.39 -18.14 -57.03
CA PHE C 523 -36.37 -17.07 -57.02
C PHE C 523 -36.92 -16.81 -58.41
N ASP C 524 -36.05 -16.85 -59.41
CA ASP C 524 -36.47 -16.70 -60.80
C ASP C 524 -37.44 -17.82 -61.18
N THR C 525 -37.19 -19.01 -60.65
CA THR C 525 -38.06 -20.14 -60.90
C THR C 525 -39.43 -19.90 -60.28
N TRP C 526 -39.42 -19.43 -59.03
CA TRP C 526 -40.66 -19.12 -58.32
C TRP C 526 -41.49 -18.06 -59.04
N ALA C 527 -40.81 -17.06 -59.58
CA ALA C 527 -41.49 -16.00 -60.33
C ALA C 527 -42.13 -16.51 -61.61
N ASP C 528 -41.50 -17.52 -62.22
CA ASP C 528 -41.95 -18.04 -63.50
C ASP C 528 -42.98 -19.16 -63.34
N ASP C 529 -43.12 -19.68 -62.13
CA ASP C 529 -43.97 -20.85 -61.90
C ASP C 529 -45.46 -20.56 -62.05
N GLN C 530 -45.83 -19.29 -61.89
CA GLN C 530 -47.23 -18.87 -61.99
C GLN C 530 -47.73 -18.90 -63.43
N PHE C 531 -46.80 -18.94 -64.39
CA PHE C 531 -47.11 -18.80 -65.80
C PHE C 531 -48.24 -19.71 -66.28
N ASP C 532 -48.09 -21.01 -66.03
CA ASP C 532 -49.10 -21.98 -66.45
C ASP C 532 -50.43 -21.79 -65.74
N PHE C 533 -50.39 -21.13 -64.59
CA PHE C 533 -51.59 -20.95 -63.78
C PHE C 533 -52.44 -19.76 -64.26
N HIS C 534 -51.93 -19.04 -65.24
CA HIS C 534 -52.73 -17.99 -65.88
C HIS C 534 -53.75 -18.65 -66.81
N PHE C 535 -53.60 -19.94 -66.99
CA PHE C 535 -54.55 -20.76 -67.73
C PHE C 535 -55.22 -21.77 -66.79
N PHE C 536 -54.39 -22.58 -66.15
CA PHE C 536 -54.85 -23.71 -65.35
C PHE C 536 -55.77 -23.33 -64.18
N ALA C 537 -55.59 -22.14 -63.62
CA ALA C 537 -56.40 -21.72 -62.49
C ALA C 537 -57.85 -21.50 -62.89
N PHE C 538 -58.05 -21.03 -64.12
CA PHE C 538 -59.40 -20.82 -64.63
C PHE C 538 -60.03 -22.12 -65.09
N ARG C 539 -59.19 -23.10 -65.41
N ARG C 539 -59.20 -23.11 -65.43
CA ARG C 539 -59.68 -24.40 -65.83
CA ARG C 539 -59.71 -24.41 -65.83
C ARG C 539 -60.23 -25.16 -64.63
C ARG C 539 -60.25 -25.14 -64.61
N LYS C 540 -59.57 -24.98 -63.48
CA LYS C 540 -60.04 -25.56 -62.23
C LYS C 540 -61.12 -24.67 -61.64
N GLY C 541 -60.97 -23.36 -61.84
CA GLY C 541 -61.93 -22.40 -61.36
C GLY C 541 -61.69 -21.92 -59.95
N SER C 542 -60.43 -21.90 -59.52
CA SER C 542 -60.10 -21.39 -58.21
C SER C 542 -59.70 -19.93 -58.34
N LEU C 543 -60.69 -19.05 -58.24
CA LEU C 543 -60.51 -17.64 -58.55
C LEU C 543 -59.87 -16.84 -57.42
N ARG C 544 -60.41 -16.97 -56.21
CA ARG C 544 -59.90 -16.21 -55.07
C ARG C 544 -58.48 -16.65 -54.72
N THR C 545 -58.18 -17.92 -54.99
CA THR C 545 -56.83 -18.46 -54.79
C THR C 545 -55.87 -17.91 -55.83
N TYR C 546 -56.34 -17.80 -57.07
CA TYR C 546 -55.53 -17.25 -58.15
C TYR C 546 -55.15 -15.80 -57.86
N LEU C 547 -56.08 -15.06 -57.27
CA LEU C 547 -55.81 -13.68 -56.87
C LEU C 547 -54.66 -13.63 -55.88
N ASP C 548 -54.66 -14.56 -54.94
CA ASP C 548 -53.59 -14.65 -53.94
C ASP C 548 -52.25 -14.97 -54.59
N LEU C 549 -52.27 -15.87 -55.56
CA LEU C 549 -51.06 -16.25 -56.28
C LEU C 549 -50.47 -15.02 -56.97
N MET C 550 -51.35 -14.22 -57.57
CA MET C 550 -50.93 -13.02 -58.29
C MET C 550 -50.29 -12.02 -57.35
N SER C 551 -50.90 -11.82 -56.19
CA SER C 551 -50.41 -10.83 -55.23
C SER C 551 -49.15 -11.31 -54.53
N TRP C 552 -49.02 -12.63 -54.40
CA TRP C 552 -47.84 -13.22 -53.80
C TRP C 552 -46.63 -13.09 -54.72
N GLU C 553 -46.83 -13.36 -56.00
CA GLU C 553 -45.75 -13.32 -56.99
C GLU C 553 -45.24 -11.90 -57.20
N ASP C 554 -46.09 -10.91 -56.94
CA ASP C 554 -45.73 -9.52 -57.15
C ASP C 554 -44.60 -9.10 -56.20
N SER C 555 -44.67 -9.60 -54.97
CA SER C 555 -43.64 -9.32 -53.96
C SER C 555 -42.70 -10.50 -53.70
N VAL C 556 -42.66 -11.46 -54.61
CA VAL C 556 -41.88 -12.69 -54.40
C VAL C 556 -40.37 -12.46 -54.16
N TYR C 557 -39.82 -11.40 -54.74
CA TYR C 557 -38.40 -11.10 -54.58
C TYR C 557 -38.14 -10.30 -53.31
N ASP C 558 -39.20 -9.96 -52.58
CA ASP C 558 -39.03 -9.26 -51.31
C ASP C 558 -38.92 -10.29 -50.21
N ASP C 559 -37.68 -10.73 -49.97
CA ASP C 559 -37.42 -11.85 -49.08
C ASP C 559 -36.06 -11.66 -48.43
N PRO C 560 -35.91 -12.09 -47.17
CA PRO C 560 -34.61 -12.01 -46.50
C PRO C 560 -33.57 -12.83 -47.25
N SER C 561 -34.00 -13.95 -47.81
CA SER C 561 -33.09 -14.86 -48.52
C SER C 561 -32.55 -14.24 -49.80
N PHE C 562 -33.43 -13.63 -50.60
CA PHE C 562 -32.99 -13.00 -51.85
C PHE C 562 -32.14 -11.78 -51.58
N ARG C 563 -32.55 -11.00 -50.58
CA ARG C 563 -31.81 -9.81 -50.18
C ARG C 563 -30.37 -10.16 -49.82
N GLU C 564 -30.23 -11.18 -48.99
CA GLU C 564 -28.92 -11.62 -48.50
C GLU C 564 -28.05 -12.13 -49.65
N ALA C 565 -28.66 -12.86 -50.58
CA ALA C 565 -27.94 -13.41 -51.72
C ALA C 565 -27.53 -12.32 -52.70
N ALA C 566 -28.41 -11.35 -52.89
CA ALA C 566 -28.13 -10.23 -53.79
C ALA C 566 -27.06 -9.33 -53.19
N GLN C 567 -27.18 -9.07 -51.89
CA GLN C 567 -26.23 -8.23 -51.18
C GLN C 567 -24.83 -8.81 -51.26
N GLY C 568 -24.72 -10.10 -50.98
CA GLY C 568 -23.44 -10.78 -51.01
C GLY C 568 -22.81 -10.78 -52.39
N SER C 569 -23.63 -10.95 -53.42
CA SER C 569 -23.15 -10.94 -54.80
C SER C 569 -22.58 -9.58 -55.18
N ILE C 570 -23.31 -8.53 -54.81
CA ILE C 570 -22.90 -7.16 -55.11
C ILE C 570 -21.56 -6.82 -54.44
N GLU C 571 -21.42 -7.23 -53.19
CA GLU C 571 -20.19 -7.01 -52.44
C GLU C 571 -18.99 -7.67 -53.10
N ILE C 572 -19.20 -8.85 -53.67
CA ILE C 572 -18.13 -9.54 -54.39
C ILE C 572 -17.84 -8.84 -55.71
N TYR C 573 -18.89 -8.37 -56.37
CA TYR C 573 -18.74 -7.63 -57.62
C TYR C 573 -18.00 -6.31 -57.40
N PHE C 574 -18.17 -5.72 -56.21
CA PHE C 574 -17.42 -4.53 -55.85
C PHE C 574 -15.94 -4.86 -55.71
N ALA C 575 -15.66 -5.97 -55.04
CA ALA C 575 -14.29 -6.42 -54.82
C ALA C 575 -13.62 -6.76 -56.14
N LEU C 576 -14.39 -7.32 -57.06
CA LEU C 576 -13.89 -7.69 -58.38
C LEU C 576 -13.52 -6.44 -59.17
N PHE C 577 -14.24 -5.35 -58.90
CA PHE C 577 -13.96 -4.07 -59.54
C PHE C 577 -12.77 -3.38 -58.86
N ASP C 578 -12.77 -3.39 -57.54
CA ASP C 578 -11.71 -2.74 -56.77
C ASP C 578 -10.39 -3.46 -56.92
N LEU C 579 -10.39 -4.76 -56.63
CA LEU C 579 -9.15 -5.55 -56.62
C LEU C 579 -8.97 -6.34 -57.90
N PRO C 580 -7.82 -6.14 -58.57
CA PRO C 580 -7.50 -6.85 -59.81
C PRO C 580 -7.16 -8.32 -59.57
N PHE C 581 -6.85 -8.67 -58.32
CA PHE C 581 -6.43 -10.03 -57.98
C PHE C 581 -7.59 -10.88 -57.44
N ALA C 582 -8.76 -10.27 -57.33
CA ALA C 582 -9.93 -10.95 -56.76
C ALA C 582 -10.48 -12.03 -57.71
N LYS C 583 -10.22 -11.88 -59.00
CA LYS C 583 -10.71 -12.80 -60.02
C LYS C 583 -10.18 -14.22 -59.83
N TYR C 584 -9.01 -14.34 -59.22
CA TYR C 584 -8.35 -15.63 -59.08
C TYR C 584 -8.79 -16.37 -57.82
N SER C 585 -9.70 -15.77 -57.07
CA SER C 585 -10.18 -16.32 -55.81
C SER C 585 -9.02 -16.77 -54.92
N PRO C 586 -8.15 -15.82 -54.54
CA PRO C 586 -6.94 -16.20 -53.80
C PRO C 586 -7.27 -16.74 -52.41
N LYS C 587 -6.41 -17.60 -51.88
CA LYS C 587 -6.58 -18.06 -50.51
C LYS C 587 -6.42 -16.87 -49.59
N LEU C 588 -7.08 -16.91 -48.44
CA LEU C 588 -7.07 -15.80 -47.49
C LEU C 588 -5.68 -15.25 -47.13
N PRO C 589 -4.69 -16.12 -46.90
CA PRO C 589 -3.35 -15.56 -46.66
C PRO C 589 -2.80 -14.80 -47.87
N ASP C 590 -2.99 -15.32 -49.07
CA ASP C 590 -2.52 -14.62 -50.27
C ASP C 590 -3.33 -13.35 -50.52
N PHE C 591 -4.60 -13.37 -50.11
CA PHE C 591 -5.45 -12.20 -50.26
C PHE C 591 -5.00 -11.05 -49.37
N GLU C 592 -4.58 -11.39 -48.16
CA GLU C 592 -4.17 -10.38 -47.18
C GLU C 592 -2.83 -9.77 -47.53
N LYS C 593 -1.98 -10.56 -48.17
CA LYS C 593 -0.67 -10.08 -48.59
C LYS C 593 -0.78 -9.07 -49.74
N LEU C 594 -1.65 -9.37 -50.71
CA LEU C 594 -1.83 -8.49 -51.86
C LEU C 594 -2.66 -7.26 -51.51
N SER C 595 -3.47 -7.38 -50.46
CA SER C 595 -4.34 -6.29 -50.04
C SER C 595 -3.60 -5.27 -49.16
N SER C 596 -2.52 -5.71 -48.53
CA SER C 596 -1.74 -4.83 -47.67
C SER C 596 -0.76 -3.98 -48.47
N GLY C 597 -0.29 -4.52 -49.59
CA GLY C 597 0.63 -3.82 -50.46
C GLY C 597 1.96 -3.48 -49.82
N GLU C 598 2.34 -4.25 -48.81
CA GLU C 598 3.61 -4.03 -48.12
C GLU C 598 4.71 -4.89 -48.74
N ILE C 599 4.30 -5.84 -49.60
CA ILE C 599 5.24 -6.75 -50.24
C ILE C 599 5.95 -6.11 -51.43
N ASN C 600 7.14 -6.61 -51.74
CA ASN C 600 7.89 -6.13 -52.91
C ASN C 600 7.38 -6.78 -54.18
N GLU C 601 7.95 -6.38 -55.31
CA GLU C 601 7.51 -6.90 -56.61
C GLU C 601 7.96 -8.33 -56.85
N GLU C 602 9.00 -8.77 -56.14
CA GLU C 602 9.52 -10.13 -56.29
C GLU C 602 8.50 -11.15 -55.79
N GLU C 603 8.00 -10.93 -54.57
CA GLU C 603 7.02 -11.81 -53.97
C GLU C 603 5.66 -11.67 -54.64
N GLU C 604 5.36 -10.45 -55.08
CA GLU C 604 4.06 -10.17 -55.72
C GLU C 604 3.89 -10.96 -57.01
N LYS C 605 4.93 -10.98 -57.83
CA LYS C 605 4.88 -11.71 -59.10
C LYS C 605 4.77 -13.22 -58.87
N LYS C 606 5.33 -13.70 -57.77
CA LYS C 606 5.25 -15.13 -57.44
C LYS C 606 3.82 -15.53 -57.12
N ILE C 607 3.13 -14.71 -56.33
CA ILE C 607 1.74 -14.97 -55.96
C ILE C 607 0.85 -15.06 -57.20
N TYR C 608 0.99 -14.10 -58.11
CA TYR C 608 0.19 -14.09 -59.33
C TYR C 608 0.42 -15.33 -60.20
N LYS C 609 1.68 -15.76 -60.32
CA LYS C 609 2.00 -16.97 -61.07
C LYS C 609 1.30 -18.18 -60.46
N LYS C 610 1.23 -18.21 -59.13
CA LYS C 610 0.53 -19.26 -58.42
C LYS C 610 -0.97 -19.17 -58.65
N LEU C 611 -1.50 -17.95 -58.51
CA LEU C 611 -2.95 -17.72 -58.65
C LEU C 611 -3.44 -18.07 -60.05
N LYS C 612 -2.62 -17.82 -61.07
CA LYS C 612 -2.99 -18.14 -62.43
C LYS C 612 -2.96 -19.64 -62.67
N LYS C 613 -1.94 -20.32 -62.14
CA LYS C 613 -1.81 -21.76 -62.29
C LYS C 613 -2.96 -22.49 -61.60
N ASP C 614 -3.34 -22.02 -60.43
CA ASP C 614 -4.43 -22.63 -59.67
C ASP C 614 -5.77 -22.40 -60.37
N LEU C 615 -5.92 -21.26 -61.01
CA LEU C 615 -7.13 -20.96 -61.78
C LEU C 615 -7.25 -21.91 -62.96
N SER C 616 -6.13 -22.15 -63.64
CA SER C 616 -6.10 -23.06 -64.79
C SER C 616 -6.51 -24.47 -64.36
N LYS C 617 -6.08 -24.87 -63.16
CA LYS C 617 -6.43 -26.17 -62.64
C LYS C 617 -7.92 -26.26 -62.28
N ARG C 618 -8.49 -25.17 -61.79
CA ARG C 618 -9.91 -25.13 -61.47
C ARG C 618 -10.74 -25.15 -62.75
N LEU C 619 -10.29 -24.41 -63.75
CA LEU C 619 -10.96 -24.37 -65.05
C LEU C 619 -10.92 -25.74 -65.74
N GLU C 620 -9.77 -26.38 -65.70
CA GLU C 620 -9.61 -27.71 -66.26
C GLU C 620 -10.52 -28.69 -65.51
N ARG C 621 -10.64 -28.47 -64.21
CA ARG C 621 -11.53 -29.26 -63.37
C ARG C 621 -12.98 -29.06 -63.77
N ALA C 622 -13.33 -27.81 -64.08
CA ALA C 622 -14.69 -27.45 -64.45
C ALA C 622 -15.12 -28.14 -65.75
N GLU C 623 -14.19 -28.23 -66.69
CA GLU C 623 -14.47 -28.84 -67.98
C GLU C 623 -14.75 -30.33 -67.82
N LYS C 624 -13.97 -30.98 -66.95
CA LYS C 624 -14.17 -32.39 -66.65
C LYS C 624 -15.52 -32.64 -66.00
N LEU C 625 -15.98 -31.69 -65.19
CA LEU C 625 -17.30 -31.79 -64.58
C LEU C 625 -18.39 -31.68 -65.64
N LYS C 626 -18.16 -30.79 -66.61
CA LYS C 626 -19.12 -30.59 -67.69
C LYS C 626 -19.20 -31.82 -68.59
N GLU C 627 -18.07 -32.48 -68.81
CA GLU C 627 -18.05 -33.71 -69.59
C GLU C 627 -18.84 -34.81 -68.88
N ALA C 628 -18.83 -34.76 -67.54
CA ALA C 628 -19.59 -35.72 -66.75
C ALA C 628 -21.08 -35.43 -66.81
N ASP C 629 -21.45 -34.15 -66.70
CA ASP C 629 -22.84 -33.73 -66.79
C ASP C 629 -23.41 -33.97 -68.20
N LYS C 630 -22.60 -33.62 -69.20
CA LYS C 630 -23.01 -33.76 -70.60
C LYS C 630 -23.35 -35.21 -70.93
N SER C 631 -22.50 -36.14 -70.51
CA SER C 631 -22.74 -37.55 -70.72
C SER C 631 -23.46 -38.16 -69.52
N ARG C 632 -24.78 -38.27 -69.64
CA ARG C 632 -25.65 -38.67 -68.53
C ARG C 632 -27.11 -38.52 -68.92
N LYS C 642 -31.43 -31.73 -74.23
CA LYS C 642 -30.61 -31.81 -73.03
C LYS C 642 -30.18 -30.43 -72.55
N TYR C 643 -30.05 -30.28 -71.23
CA TYR C 643 -29.63 -29.01 -70.66
C TYR C 643 -28.54 -29.24 -69.62
N ASP C 644 -27.36 -28.68 -69.89
CA ASP C 644 -26.22 -28.84 -69.00
C ASP C 644 -26.02 -27.60 -68.15
N GLU C 645 -24.95 -27.60 -67.37
CA GLU C 645 -24.55 -26.42 -66.62
C GLU C 645 -23.14 -26.03 -67.03
N ASP C 646 -23.03 -24.92 -67.75
CA ASP C 646 -21.72 -24.44 -68.20
C ASP C 646 -20.87 -23.80 -67.08
N PRO C 647 -21.46 -22.89 -66.28
CA PRO C 647 -20.64 -22.35 -65.19
C PRO C 647 -20.67 -23.22 -63.94
N LEU C 648 -19.71 -24.12 -63.81
CA LEU C 648 -19.52 -24.87 -62.57
C LEU C 648 -19.00 -23.98 -61.42
N GLY C 649 -19.02 -22.67 -61.65
CA GLY C 649 -18.77 -21.68 -60.63
C GLY C 649 -17.75 -20.62 -61.00
N GLU C 650 -16.93 -20.89 -62.00
CA GLU C 650 -15.86 -19.97 -62.34
C GLU C 650 -16.24 -18.88 -63.36
N ASN C 651 -17.27 -19.14 -64.16
CA ASN C 651 -17.65 -18.24 -65.24
C ASN C 651 -18.11 -16.85 -64.79
N LEU C 652 -18.77 -16.80 -63.65
CA LEU C 652 -19.33 -15.56 -63.12
C LEU C 652 -18.25 -14.60 -62.65
N VAL C 653 -17.26 -15.12 -61.94
CA VAL C 653 -16.23 -14.30 -61.32
C VAL C 653 -15.29 -13.65 -62.34
N ALA C 654 -15.29 -14.17 -63.57
CA ALA C 654 -14.37 -13.69 -64.60
C ALA C 654 -14.98 -12.60 -65.47
N THR C 655 -16.13 -12.07 -65.05
CA THR C 655 -16.88 -11.10 -65.85
C THR C 655 -16.05 -9.88 -66.23
N SER C 656 -16.31 -9.33 -67.41
CA SER C 656 -15.55 -8.19 -67.93
C SER C 656 -15.84 -6.93 -67.11
N GLU C 657 -17.13 -6.64 -66.89
CA GLU C 657 -17.51 -5.54 -66.01
C GLU C 657 -18.39 -6.04 -64.87
N PRO C 658 -17.80 -6.20 -63.68
CA PRO C 658 -18.55 -6.64 -62.49
C PRO C 658 -19.54 -5.60 -61.99
N LEU C 659 -19.34 -4.34 -62.35
CA LEU C 659 -20.24 -3.26 -61.96
C LEU C 659 -21.62 -3.48 -62.58
N LYS C 660 -21.62 -3.87 -63.85
CA LYS C 660 -22.86 -4.19 -64.57
C LYS C 660 -23.64 -5.27 -63.84
N GLU C 661 -22.93 -6.32 -63.45
CA GLU C 661 -23.53 -7.45 -62.77
C GLU C 661 -24.11 -7.04 -61.42
N ALA C 662 -23.40 -6.15 -60.73
CA ALA C 662 -23.87 -5.62 -59.46
C ALA C 662 -25.17 -4.84 -59.65
N GLN C 663 -25.26 -4.12 -60.76
CA GLN C 663 -26.44 -3.32 -61.05
C GLN C 663 -27.65 -4.20 -61.32
N LYS C 664 -27.41 -5.34 -61.95
CA LYS C 664 -28.47 -6.31 -62.21
C LYS C 664 -29.01 -6.85 -60.89
N CYS C 665 -28.10 -7.14 -59.98
CA CYS C 665 -28.45 -7.66 -58.66
C CYS C 665 -29.18 -6.61 -57.84
N LEU C 666 -28.96 -5.35 -58.18
CA LEU C 666 -29.53 -4.24 -57.44
C LEU C 666 -30.97 -3.92 -57.88
N GLU C 667 -31.33 -4.38 -59.07
CA GLU C 667 -32.64 -4.07 -59.65
C GLU C 667 -33.83 -4.43 -58.77
N LYS C 668 -33.87 -5.67 -58.28
CA LYS C 668 -35.03 -6.16 -57.53
C LYS C 668 -34.90 -5.91 -56.04
N LEU C 669 -33.84 -5.22 -55.65
CA LEU C 669 -33.64 -4.80 -54.28
C LEU C 669 -34.26 -3.43 -54.06
N LEU C 670 -34.09 -2.56 -55.05
CA LEU C 670 -34.51 -1.16 -54.96
C LEU C 670 -35.98 -0.88 -54.65
N PRO C 671 -36.93 -1.60 -55.31
CA PRO C 671 -38.35 -1.34 -55.04
C PRO C 671 -38.74 -1.48 -53.57
N TYR C 672 -37.98 -2.27 -52.82
CA TYR C 672 -38.26 -2.50 -51.41
C TYR C 672 -37.27 -1.77 -50.51
N GLY C 673 -36.54 -0.82 -51.10
CA GLY C 673 -35.48 -0.11 -50.40
C GLY C 673 -35.89 0.73 -49.21
N ASP C 674 -37.16 1.14 -49.15
CA ASP C 674 -37.62 1.97 -48.04
C ASP C 674 -37.70 1.22 -46.71
N LYS C 675 -38.11 -0.05 -46.77
CA LYS C 675 -38.12 -0.88 -45.57
C LYS C 675 -36.78 -1.58 -45.40
N ASN C 676 -35.98 -1.57 -46.46
CA ASN C 676 -34.65 -2.15 -46.43
C ASN C 676 -33.61 -1.17 -46.98
N PRO C 677 -33.26 -0.15 -46.19
CA PRO C 677 -32.42 0.97 -46.62
C PRO C 677 -31.06 0.53 -47.15
N SER C 678 -30.67 -0.71 -46.84
CA SER C 678 -29.41 -1.27 -47.31
C SER C 678 -29.34 -1.29 -48.83
N ALA C 679 -30.49 -1.40 -49.49
CA ALA C 679 -30.53 -1.39 -50.95
C ALA C 679 -30.07 -0.04 -51.51
N TYR C 680 -30.41 1.03 -50.81
CA TYR C 680 -30.02 2.38 -51.24
C TYR C 680 -28.52 2.61 -51.05
N ILE C 681 -27.97 2.09 -49.95
CA ILE C 681 -26.55 2.23 -49.65
C ILE C 681 -25.71 1.48 -50.68
N LEU C 682 -26.10 0.24 -50.98
CA LEU C 682 -25.42 -0.54 -52.00
C LEU C 682 -25.47 0.20 -53.34
N ALA C 683 -26.60 0.82 -53.61
CA ALA C 683 -26.77 1.64 -54.79
C ALA C 683 -25.83 2.83 -54.77
N ALA C 684 -25.75 3.48 -53.61
CA ALA C 684 -24.85 4.62 -53.42
C ALA C 684 -23.41 4.19 -53.63
N GLN C 685 -23.04 3.07 -53.04
CA GLN C 685 -21.70 2.52 -53.19
C GLN C 685 -21.42 2.12 -54.63
N LEU C 686 -22.47 1.69 -55.33
CA LEU C 686 -22.33 1.27 -56.72
C LEU C 686 -21.97 2.43 -57.65
N TYR C 687 -22.83 3.44 -57.68
CA TYR C 687 -22.65 4.57 -58.60
C TYR C 687 -21.50 5.49 -58.21
N THR C 688 -21.01 5.35 -56.98
CA THR C 688 -19.81 6.07 -56.56
C THR C 688 -18.64 5.54 -57.38
N ARG C 689 -18.59 4.22 -57.54
CA ARG C 689 -17.55 3.58 -58.34
C ARG C 689 -17.76 3.86 -59.83
N LEU C 690 -19.01 4.13 -60.20
CA LEU C 690 -19.36 4.37 -61.60
C LEU C 690 -19.05 5.80 -62.05
N LYS C 691 -18.47 6.60 -61.16
CA LYS C 691 -18.20 8.01 -61.41
C LYS C 691 -19.46 8.81 -61.73
N ASN C 692 -20.61 8.27 -61.33
CA ASN C 692 -21.88 8.96 -61.45
C ASN C 692 -22.33 9.41 -60.07
N PHE C 693 -21.95 10.63 -59.70
CA PHE C 693 -22.06 11.07 -58.31
C PHE C 693 -23.44 11.62 -57.90
N ASP C 694 -24.12 12.30 -58.82
CA ASP C 694 -25.44 12.83 -58.51
C ASP C 694 -26.45 11.71 -58.27
N THR C 695 -26.32 10.63 -59.03
CA THR C 695 -27.20 9.48 -58.87
C THR C 695 -26.79 8.67 -57.64
N ALA C 696 -25.54 8.81 -57.23
CA ALA C 696 -25.03 8.13 -56.04
C ALA C 696 -25.48 8.87 -54.78
N SER C 697 -25.50 10.19 -54.86
CA SER C 697 -25.81 11.03 -53.70
C SER C 697 -27.28 10.97 -53.32
N LYS C 698 -28.16 10.93 -54.31
CA LYS C 698 -29.59 10.84 -54.05
C LYS C 698 -29.91 9.53 -53.33
N TYR C 699 -29.25 8.45 -53.75
CA TYR C 699 -29.42 7.16 -53.12
C TYR C 699 -28.88 7.19 -51.69
N LEU C 700 -27.74 7.87 -51.52
CA LEU C 700 -27.13 8.03 -50.21
C LEU C 700 -28.01 8.89 -49.31
N GLU C 701 -28.69 9.88 -49.90
CA GLU C 701 -29.58 10.75 -49.15
C GLU C 701 -30.86 10.04 -48.71
N GLN C 702 -31.41 9.18 -49.59
CA GLN C 702 -32.59 8.40 -49.25
C GLN C 702 -32.27 7.45 -48.11
N ALA C 703 -31.06 6.92 -48.11
CA ALA C 703 -30.61 5.99 -47.09
C ALA C 703 -30.28 6.75 -45.82
N LYS C 704 -30.10 8.06 -45.94
CA LYS C 704 -29.81 8.90 -44.79
C LYS C 704 -31.11 9.30 -44.09
N VAL C 705 -32.18 9.42 -44.86
CA VAL C 705 -33.50 9.72 -44.31
C VAL C 705 -33.95 8.63 -43.34
N ILE C 706 -33.83 7.38 -43.76
CA ILE C 706 -34.20 6.24 -42.93
C ILE C 706 -32.97 5.74 -42.19
N LEU C 707 -33.09 5.56 -40.87
CA LEU C 707 -32.03 4.97 -40.06
C LEU C 707 -30.74 5.79 -40.00
N GLY C 708 -30.67 6.85 -40.80
CA GLY C 708 -29.40 7.52 -41.04
C GLY C 708 -28.90 8.46 -39.96
N GLN C 709 -28.06 9.41 -40.40
CA GLN C 709 -27.39 10.40 -39.55
C GLN C 709 -26.25 9.86 -38.69
N ASN C 710 -26.59 9.17 -37.60
CA ASN C 710 -25.57 8.57 -36.74
C ASN C 710 -25.24 7.12 -37.08
N ASP C 711 -25.90 6.59 -38.11
CA ASP C 711 -25.74 5.20 -38.50
C ASP C 711 -24.37 4.95 -39.11
N PRO C 712 -23.70 3.88 -38.67
CA PRO C 712 -22.34 3.53 -39.11
C PRO C 712 -22.23 3.29 -40.62
N THR C 713 -23.21 2.60 -41.20
CA THR C 713 -23.16 2.27 -42.62
C THR C 713 -23.39 3.47 -43.54
N VAL C 714 -24.05 4.51 -43.01
CA VAL C 714 -24.30 5.70 -43.78
C VAL C 714 -23.07 6.61 -43.86
N ILE C 715 -22.45 6.84 -42.70
CA ILE C 715 -21.29 7.73 -42.62
C ILE C 715 -20.05 7.13 -43.27
N SER C 716 -19.93 5.81 -43.20
CA SER C 716 -18.80 5.11 -43.81
C SER C 716 -18.92 5.13 -45.32
N THR C 717 -20.16 5.20 -45.80
CA THR C 717 -20.42 5.27 -47.24
C THR C 717 -20.15 6.68 -47.74
N GLU C 718 -20.59 7.67 -46.98
CA GLU C 718 -20.38 9.07 -47.33
C GLU C 718 -18.90 9.42 -47.35
N LYS C 719 -18.15 8.78 -46.45
CA LYS C 719 -16.70 8.95 -46.39
C LYS C 719 -16.08 8.38 -47.67
N PHE C 720 -16.63 7.27 -48.14
CA PHE C 720 -16.20 6.66 -49.39
C PHE C 720 -16.62 7.51 -50.58
N TYR C 721 -17.79 8.12 -50.49
CA TYR C 721 -18.31 8.97 -51.54
C TYR C 721 -17.45 10.23 -51.68
N ASN C 722 -17.07 10.82 -50.55
CA ASN C 722 -16.23 12.00 -50.56
C ASN C 722 -14.84 11.71 -51.09
N SER C 723 -14.38 10.49 -50.84
CA SER C 723 -13.03 10.06 -51.25
C SER C 723 -12.91 9.92 -52.76
N ILE C 724 -14.00 9.47 -53.39
CA ILE C 724 -13.99 9.25 -54.84
C ILE C 724 -14.32 10.51 -55.63
N LYS C 725 -15.27 11.30 -55.13
CA LYS C 725 -15.70 12.50 -55.84
C LYS C 725 -14.60 13.56 -55.90
N THR C 726 -13.88 13.75 -54.80
CA THR C 726 -12.78 14.69 -54.76
C THR C 726 -11.53 14.14 -55.44
N GLN C 727 -11.57 12.87 -55.81
CA GLN C 727 -10.46 12.23 -56.49
C GLN C 727 -10.60 12.38 -57.99
N SER C 728 -11.79 12.79 -58.41
CA SER C 728 -12.08 13.05 -59.83
C SER C 728 -11.30 14.29 -60.27
N ASN C 729 -11.04 15.18 -59.31
CA ASN C 729 -10.26 16.38 -59.57
C ASN C 729 -8.83 16.24 -59.05
N ALA C 730 -8.07 17.31 -59.13
CA ALA C 730 -6.69 17.32 -58.64
C ALA C 730 -6.29 18.71 -58.15
N GLN D 5 15.92 45.11 73.01
CA GLN D 5 15.44 46.09 72.05
C GLN D 5 15.49 47.50 72.63
N LEU D 6 16.06 48.42 71.84
CA LEU D 6 16.19 49.83 72.21
C LEU D 6 16.92 50.05 73.53
N SER D 7 18.24 50.21 73.45
CA SER D 7 19.05 50.59 74.60
C SER D 7 20.18 51.54 74.19
N PRO D 8 20.43 52.58 75.00
CA PRO D 8 21.44 53.60 74.71
C PRO D 8 22.89 53.11 74.78
N LYS D 9 23.20 52.26 75.75
CA LYS D 9 24.57 51.81 75.97
C LYS D 9 25.04 50.80 74.92
N GLU D 10 24.12 49.91 74.52
CA GLU D 10 24.45 48.84 73.59
C GLU D 10 24.62 49.35 72.15
N ILE D 11 24.03 50.51 71.86
CA ILE D 11 24.15 51.13 70.54
C ILE D 11 25.61 51.45 70.20
N THR D 12 26.35 51.95 71.18
CA THR D 12 27.75 52.31 70.98
C THR D 12 28.59 51.09 70.62
N LEU D 13 28.28 49.95 71.24
CA LEU D 13 29.01 48.72 70.97
C LEU D 13 28.50 47.98 69.74
N PHE D 14 27.20 48.10 69.47
CA PHE D 14 26.61 47.47 68.30
C PHE D 14 27.14 48.13 67.04
N ARG D 15 27.38 49.43 67.10
CA ARG D 15 27.91 50.15 65.95
C ARG D 15 29.36 49.80 65.71
N THR D 16 30.13 49.66 66.79
CA THR D 16 31.54 49.28 66.69
C THR D 16 31.68 47.89 66.09
N ALA D 17 30.69 47.04 66.33
CA ALA D 17 30.68 45.70 65.77
C ALA D 17 30.60 45.76 64.25
N LEU D 18 29.75 46.63 63.73
CA LEU D 18 29.62 46.81 62.29
C LEU D 18 30.84 47.49 61.70
N LYS D 19 31.29 48.56 62.33
CA LYS D 19 32.49 49.28 61.90
C LYS D 19 33.70 48.34 61.88
N CYS D 20 33.78 47.45 62.85
CA CYS D 20 34.89 46.51 62.91
C CYS D 20 34.87 45.53 61.75
N TYR D 21 33.69 45.20 61.25
CA TYR D 21 33.59 44.31 60.10
C TYR D 21 34.08 45.02 58.83
N GLU D 22 33.67 46.29 58.69
CA GLU D 22 34.02 47.09 57.52
C GLU D 22 35.53 47.30 57.45
N THR D 23 36.16 47.41 58.62
CA THR D 23 37.60 47.66 58.73
C THR D 23 38.44 46.39 58.81
N LYS D 24 37.82 45.25 58.51
CA LYS D 24 38.43 43.93 58.70
C LYS D 24 38.87 43.71 60.15
N GLN D 25 39.80 42.78 60.36
CA GLN D 25 40.19 42.38 61.71
C GLN D 25 38.99 42.13 62.63
N TYR D 26 38.35 40.98 62.42
CA TYR D 26 37.05 40.70 63.02
C TYR D 26 37.17 40.26 64.48
N LYS D 27 38.39 40.17 64.97
CA LYS D 27 38.64 39.74 66.34
C LYS D 27 38.22 40.81 67.35
N LYS D 28 38.46 42.07 67.02
CA LYS D 28 38.18 43.19 67.92
C LYS D 28 36.67 43.45 68.10
N GLY D 29 35.91 43.29 67.03
CA GLY D 29 34.48 43.53 67.06
C GLY D 29 33.74 42.52 67.90
N LEU D 30 34.14 41.26 67.78
CA LEU D 30 33.53 40.17 68.53
C LEU D 30 33.73 40.35 70.03
N LYS D 31 34.84 40.98 70.41
CA LYS D 31 35.15 41.21 71.82
C LYS D 31 34.15 42.17 72.45
N ALA D 32 33.60 43.07 71.63
CA ALA D 32 32.62 44.03 72.09
C ALA D 32 31.20 43.46 72.00
N ILE D 33 31.08 42.36 71.25
CA ILE D 33 29.80 41.70 71.04
C ILE D 33 29.45 40.75 72.18
N GLU D 34 30.44 39.98 72.62
CA GLU D 34 30.23 38.92 73.61
C GLU D 34 29.55 39.32 74.94
N PRO D 35 30.03 40.39 75.61
CA PRO D 35 29.43 40.72 76.90
C PRO D 35 27.94 41.09 76.84
N LEU D 36 27.53 41.78 75.78
CA LEU D 36 26.15 42.23 75.65
C LEU D 36 25.22 41.13 75.16
N LEU D 37 25.73 40.28 74.28
CA LEU D 37 24.88 39.29 73.61
C LEU D 37 24.62 38.07 74.48
N GLU D 38 25.56 37.77 75.37
CA GLU D 38 25.42 36.64 76.28
C GLU D 38 24.24 36.87 77.23
N ARG D 39 23.99 38.13 77.56
CA ARG D 39 22.89 38.51 78.42
C ARG D 39 21.69 39.04 77.63
N HIS D 40 21.86 39.12 76.31
CA HIS D 40 20.77 39.49 75.41
C HIS D 40 20.82 38.64 74.14
N PRO D 41 20.56 37.33 74.27
CA PRO D 41 20.72 36.37 73.17
C PRO D 41 19.61 36.45 72.12
N GLU D 42 18.51 37.12 72.45
CA GLU D 42 17.30 37.05 71.62
C GLU D 42 17.18 38.15 70.56
N HIS D 43 18.20 38.99 70.43
CA HIS D 43 18.19 40.04 69.41
C HIS D 43 18.64 39.48 68.05
N GLY D 44 17.76 39.59 67.06
CA GLY D 44 18.01 39.05 65.74
C GLY D 44 19.22 39.63 65.04
N GLU D 45 19.24 40.95 64.91
CA GLU D 45 20.34 41.64 64.25
C GLU D 45 21.67 41.37 64.95
N SER D 46 21.62 41.27 66.27
CA SER D 46 22.82 41.05 67.08
C SER D 46 23.49 39.72 66.76
N LEU D 47 22.68 38.66 66.63
CA LEU D 47 23.18 37.34 66.34
C LEU D 47 23.88 37.25 64.99
N ALA D 48 23.39 38.01 64.02
CA ALA D 48 23.95 37.99 62.66
C ALA D 48 25.36 38.58 62.65
N ILE D 49 25.55 39.68 63.36
CA ILE D 49 26.85 40.32 63.45
C ILE D 49 27.86 39.40 64.12
N LYS D 50 27.40 38.67 65.13
CA LYS D 50 28.22 37.67 65.79
C LYS D 50 28.61 36.58 64.78
N GLY D 51 27.62 36.15 63.99
CA GLY D 51 27.82 35.10 63.01
C GLY D 51 28.79 35.45 61.89
N ILE D 52 28.58 36.61 61.28
CA ILE D 52 29.40 37.03 60.13
C ILE D 52 30.85 37.28 60.53
N LEU D 53 31.05 37.67 61.78
CA LEU D 53 32.38 37.88 62.32
C LEU D 53 33.08 36.53 62.45
N LEU D 54 32.33 35.53 62.92
CA LEU D 54 32.84 34.17 63.07
C LEU D 54 33.04 33.46 61.73
N HIS D 55 32.32 33.90 60.71
CA HIS D 55 32.47 33.35 59.36
C HIS D 55 33.67 33.97 58.65
N SER D 56 33.80 35.29 58.81
CA SER D 56 34.80 36.07 58.08
C SER D 56 36.21 35.60 58.39
N LEU D 57 36.49 35.37 59.66
CA LEU D 57 37.74 34.74 60.04
C LEU D 57 37.65 33.23 59.83
N GLY D 58 36.59 32.62 60.37
CA GLY D 58 36.27 31.23 60.07
C GLY D 58 36.14 30.35 61.30
N ASN D 59 35.81 29.07 61.14
CA ASN D 59 35.36 28.42 59.90
C ASN D 59 34.53 27.21 60.31
N THR D 60 33.30 27.08 59.83
CA THR D 60 32.61 28.05 58.98
C THR D 60 31.16 28.12 59.46
N LYS D 61 30.56 26.94 59.58
CA LYS D 61 29.18 26.77 60.02
C LYS D 61 28.93 27.34 61.41
N GLU D 62 30.02 27.65 62.13
CA GLU D 62 29.93 28.39 63.39
C GLU D 62 29.21 29.71 63.17
N GLY D 63 29.48 30.33 62.02
CA GLY D 63 28.84 31.58 61.65
C GLY D 63 27.39 31.39 61.22
N TYR D 64 27.17 30.41 60.34
CA TYR D 64 25.84 30.13 59.79
C TYR D 64 24.81 29.91 60.89
N ASP D 65 25.22 29.27 61.98
CA ASP D 65 24.32 28.96 63.09
C ASP D 65 23.84 30.22 63.78
N ASN D 66 24.74 31.18 63.95
CA ASN D 66 24.38 32.46 64.55
C ASN D 66 23.60 33.35 63.60
N VAL D 67 23.92 33.25 62.30
CA VAL D 67 23.21 34.02 61.28
C VAL D 67 21.76 33.54 61.12
N ARG D 68 21.59 32.23 60.96
CA ARG D 68 20.26 31.65 60.76
C ARG D 68 19.36 31.84 61.97
N LEU D 69 19.93 31.83 63.17
CA LEU D 69 19.17 32.04 64.39
C LEU D 69 18.73 33.49 64.49
N GLY D 70 19.59 34.40 64.03
CA GLY D 70 19.27 35.82 64.05
C GLY D 70 18.25 36.20 63.02
N LEU D 71 18.28 35.53 61.87
CA LEU D 71 17.33 35.78 60.79
C LEU D 71 15.99 35.14 61.13
N ARG D 72 16.04 34.15 62.02
CA ARG D 72 14.82 33.51 62.50
C ARG D 72 14.18 34.35 63.59
N ASN D 73 15.02 34.99 64.41
CA ASN D 73 14.53 35.86 65.47
C ASN D 73 13.97 37.18 64.92
N ASP D 74 14.61 37.70 63.89
CA ASP D 74 14.14 38.91 63.22
C ASP D 74 13.62 38.56 61.83
N VAL D 75 12.31 38.67 61.64
CA VAL D 75 11.63 38.14 60.46
C VAL D 75 12.19 38.51 59.06
N GLY D 76 12.33 39.81 58.72
CA GLY D 76 12.22 40.93 59.64
C GLY D 76 13.49 41.76 59.62
N SER D 77 13.37 43.03 60.02
CA SER D 77 14.47 44.00 59.94
C SER D 77 14.97 44.14 58.52
N GLY D 78 16.28 44.33 58.37
CA GLY D 78 16.89 44.40 57.04
C GLY D 78 18.33 43.95 57.08
N VAL D 79 18.94 44.03 58.26
CA VAL D 79 20.34 43.69 58.44
C VAL D 79 20.60 42.19 58.33
N CYS D 80 19.73 41.40 58.94
CA CYS D 80 19.89 39.94 58.97
C CYS D 80 19.88 39.31 57.59
N TRP D 81 19.02 39.78 56.70
CA TRP D 81 18.97 39.27 55.34
C TRP D 81 20.22 39.67 54.57
N HIS D 82 20.67 40.90 54.78
CA HIS D 82 21.87 41.41 54.13
C HIS D 82 23.08 40.58 54.54
N ILE D 83 23.19 40.30 55.83
CA ILE D 83 24.33 39.54 56.36
C ILE D 83 24.34 38.10 55.85
N PHE D 84 23.15 37.51 55.73
CA PHE D 84 23.02 36.15 55.20
C PHE D 84 23.42 36.10 53.74
N GLY D 85 23.10 37.14 52.99
CA GLY D 85 23.45 37.20 51.58
C GLY D 85 24.93 37.41 51.39
N LEU D 86 25.57 38.05 52.35
CA LEU D 86 26.99 38.31 52.30
C LEU D 86 27.79 37.01 52.41
N ILE D 87 27.49 36.21 53.42
CA ILE D 87 28.20 34.95 53.64
C ILE D 87 27.84 33.92 52.57
N SER D 88 26.65 34.07 51.99
CA SER D 88 26.20 33.18 50.92
C SER D 88 27.02 33.46 49.67
N ARG D 89 27.20 34.74 49.37
CA ARG D 89 28.00 35.16 48.22
C ARG D 89 29.46 34.79 48.44
N ALA D 90 29.90 34.87 49.69
CA ALA D 90 31.26 34.49 50.05
C ALA D 90 31.51 33.01 49.78
N ASP D 91 30.53 32.19 50.13
CA ASP D 91 30.65 30.74 49.96
C ASP D 91 30.19 30.29 48.57
N LYS D 92 30.00 31.26 47.69
CA LYS D 92 29.66 31.02 46.28
C LYS D 92 28.30 30.34 46.05
N ASP D 93 27.39 30.44 47.02
CA ASP D 93 26.02 30.00 46.80
C ASP D 93 25.24 31.23 46.35
N TYR D 94 25.10 31.36 45.03
CA TYR D 94 24.56 32.58 44.44
C TYR D 94 23.04 32.65 44.40
N VAL D 95 22.38 31.52 44.12
CA VAL D 95 20.93 31.49 44.08
C VAL D 95 20.34 31.82 45.45
N GLN D 96 21.10 31.52 46.49
CA GLN D 96 20.66 31.77 47.85
C GLN D 96 20.95 33.21 48.24
N ALA D 97 22.09 33.73 47.78
CA ALA D 97 22.50 35.10 48.08
C ALA D 97 21.58 36.13 47.44
N ALA D 98 21.23 35.91 46.17
CA ALA D 98 20.35 36.81 45.45
C ALA D 98 18.98 36.91 46.12
N LYS D 99 18.48 35.78 46.60
CA LYS D 99 17.20 35.72 47.30
C LYS D 99 17.27 36.46 48.63
N CYS D 100 18.46 36.62 49.18
CA CYS D 100 18.65 37.38 50.40
C CYS D 100 18.61 38.86 50.10
N TYR D 101 19.23 39.25 48.99
CA TYR D 101 19.31 40.66 48.61
C TYR D 101 17.97 41.25 48.18
N ILE D 102 17.15 40.45 47.51
CA ILE D 102 15.82 40.92 47.11
C ILE D 102 14.96 41.14 48.35
N ASN D 103 15.14 40.29 49.35
CA ASN D 103 14.43 40.42 50.61
C ASN D 103 15.05 41.53 51.45
N ALA D 104 16.36 41.71 51.28
CA ALA D 104 17.07 42.78 51.97
C ALA D 104 16.64 44.13 51.43
N HIS D 105 16.38 44.19 50.12
CA HIS D 105 15.94 45.43 49.50
C HIS D 105 14.44 45.69 49.64
N LYS D 106 13.64 44.63 49.71
CA LYS D 106 12.21 44.80 49.89
C LYS D 106 11.91 45.30 51.30
N LEU D 107 12.77 44.94 52.24
CA LEU D 107 12.65 45.38 53.62
C LEU D 107 13.32 46.73 53.85
N GLU D 108 14.32 47.03 53.02
CA GLU D 108 14.92 48.37 53.03
C GLU D 108 15.03 48.91 51.61
N LYS D 109 14.08 49.75 51.21
CA LYS D 109 13.98 50.20 49.82
C LYS D 109 14.92 51.38 49.48
N ASN D 110 15.34 52.11 50.51
CA ASN D 110 16.16 53.30 50.29
C ASN D 110 17.66 53.01 50.20
N ASN D 111 18.03 51.75 50.42
CA ASN D 111 19.44 51.35 50.33
C ASN D 111 19.77 50.87 48.92
N SER D 112 20.45 51.71 48.17
CA SER D 112 20.70 51.45 46.75
C SER D 112 21.82 50.46 46.50
N SER D 113 22.74 50.34 47.46
CA SER D 113 23.90 49.46 47.30
C SER D 113 23.47 48.00 47.19
N LEU D 114 22.38 47.64 47.86
CA LEU D 114 21.83 46.30 47.80
C LEU D 114 21.44 45.93 46.37
N LEU D 115 20.85 46.89 45.65
CA LEU D 115 20.47 46.68 44.26
C LEU D 115 21.71 46.58 43.38
N ARG D 116 22.74 47.34 43.75
CA ARG D 116 23.98 47.36 42.98
C ARG D 116 24.68 46.01 43.10
N ASP D 117 24.52 45.38 44.26
CA ASP D 117 25.06 44.05 44.49
C ASP D 117 24.17 42.99 43.84
N LEU D 118 22.86 43.17 43.97
CA LEU D 118 21.89 42.22 43.44
C LEU D 118 22.02 41.98 41.94
N ALA D 119 22.32 43.05 41.20
CA ALA D 119 22.48 42.96 39.76
C ALA D 119 23.66 42.05 39.39
N LEU D 120 24.70 42.08 40.21
CA LEU D 120 25.87 41.23 40.00
C LEU D 120 25.49 39.76 40.11
N LEU D 121 24.75 39.42 41.16
CA LEU D 121 24.29 38.06 41.38
C LEU D 121 23.35 37.60 40.27
N GLN D 122 22.43 38.47 39.88
CA GLN D 122 21.43 38.15 38.86
C GLN D 122 22.06 38.01 37.46
N SER D 123 23.13 38.75 37.23
CA SER D 123 23.87 38.62 35.97
C SER D 123 24.59 37.28 35.93
N GLN D 124 25.05 36.84 37.10
CA GLN D 124 25.78 35.58 37.23
C GLN D 124 24.83 34.39 37.07
N LEU D 125 23.64 34.51 37.64
CA LEU D 125 22.65 33.45 37.56
C LEU D 125 21.93 33.46 36.23
N ARG D 126 22.29 34.41 35.37
CA ARG D 126 21.69 34.58 34.06
C ARG D 126 20.18 34.76 34.15
N GLN D 127 19.73 35.45 35.19
CA GLN D 127 18.32 35.79 35.34
C GLN D 127 18.10 37.14 34.68
N TYR D 128 17.91 37.13 33.36
CA TYR D 128 17.90 38.36 32.59
C TYR D 128 16.67 39.23 32.87
N LYS D 129 15.54 38.60 33.16
CA LYS D 129 14.31 39.34 33.46
C LYS D 129 14.47 40.21 34.70
N ALA D 130 14.85 39.58 35.81
CA ALA D 130 15.01 40.29 37.07
C ALA D 130 16.20 41.23 37.04
N LEU D 131 17.18 40.90 36.20
CA LEU D 131 18.36 41.72 36.02
C LEU D 131 17.94 43.07 35.44
N ALA D 132 17.15 43.02 34.38
CA ALA D 132 16.66 44.23 33.71
C ALA D 132 15.89 45.14 34.66
N ASP D 133 15.08 44.54 35.53
CA ASP D 133 14.32 45.29 36.52
C ASP D 133 15.23 45.99 37.52
N THR D 134 16.32 45.32 37.89
CA THR D 134 17.26 45.86 38.86
C THR D 134 18.08 47.01 38.29
N ARG D 135 18.59 46.82 37.08
CA ARG D 135 19.39 47.85 36.41
C ARG D 135 18.55 49.10 36.16
N ASN D 136 17.27 48.90 35.88
CA ASN D 136 16.34 50.01 35.66
C ASN D 136 16.08 50.79 36.95
N ALA D 137 15.92 50.07 38.05
CA ALA D 137 15.71 50.68 39.36
C ALA D 137 16.96 51.47 39.77
N LEU D 138 18.11 51.03 39.28
CA LEU D 138 19.37 51.71 39.55
C LEU D 138 19.54 52.93 38.65
N LEU D 139 19.01 52.83 37.44
CA LEU D 139 19.06 53.95 36.49
C LEU D 139 18.18 55.10 36.99
N GLN D 140 17.04 54.74 37.58
CA GLN D 140 16.13 55.74 38.13
C GLN D 140 16.71 56.37 39.38
N ASP D 141 17.48 55.59 40.13
CA ASP D 141 18.14 56.07 41.33
C ASP D 141 19.25 57.06 41.01
N ASN D 142 20.05 56.75 39.99
CA ASN D 142 21.16 57.61 39.59
C ASN D 142 21.31 57.67 38.07
N PRO D 143 20.47 58.48 37.41
CA PRO D 143 20.51 58.66 35.96
C PRO D 143 21.72 59.46 35.52
N GLY D 144 22.44 60.04 36.48
CA GLY D 144 23.59 60.86 36.18
C GLY D 144 24.76 60.11 35.57
N VAL D 145 25.08 58.93 36.11
CA VAL D 145 26.22 58.17 35.63
C VAL D 145 25.89 57.35 34.39
N ARG D 146 26.76 57.44 33.38
CA ARG D 146 26.57 56.78 32.11
C ARG D 146 26.52 55.26 32.26
N ALA D 147 27.28 54.75 33.22
CA ALA D 147 27.38 53.31 33.46
C ALA D 147 26.02 52.66 33.69
N ASN D 148 25.15 53.34 34.43
CA ASN D 148 23.82 52.82 34.73
C ASN D 148 22.94 52.74 33.48
N TRP D 149 23.22 53.61 32.51
CA TRP D 149 22.51 53.58 31.24
C TRP D 149 22.97 52.40 30.42
N SER D 150 24.29 52.20 30.37
CA SER D 150 24.89 51.10 29.63
C SER D 150 24.49 49.74 30.19
N ALA D 151 24.45 49.66 31.52
CA ALA D 151 24.12 48.41 32.21
C ALA D 151 22.70 47.93 31.89
N LEU D 152 21.78 48.88 31.78
CA LEU D 152 20.38 48.54 31.46
C LEU D 152 20.24 48.19 29.98
N ALA D 153 20.93 48.93 29.14
CA ALA D 153 20.88 48.69 27.70
C ALA D 153 21.44 47.33 27.35
N VAL D 154 22.54 46.95 28.01
CA VAL D 154 23.15 45.64 27.80
C VAL D 154 22.24 44.53 28.32
N ALA D 155 21.69 44.73 29.51
CA ALA D 155 20.78 43.77 30.12
C ALA D 155 19.59 43.52 29.21
N GLN D 156 19.08 44.59 28.61
CA GLN D 156 17.93 44.51 27.73
C GLN D 156 18.31 43.85 26.41
N PHE D 157 19.56 44.10 25.99
CA PHE D 157 20.10 43.48 24.78
C PHE D 157 20.21 41.96 24.98
N LEU D 158 20.53 41.55 26.20
CA LEU D 158 20.70 40.14 26.52
C LEU D 158 19.37 39.41 26.57
N ARG D 159 18.30 40.15 26.82
CA ARG D 159 16.97 39.57 26.90
C ARG D 159 16.41 39.39 25.50
N GLY D 160 17.08 40.03 24.53
CA GLY D 160 16.64 40.00 23.15
C GLY D 160 15.81 41.22 22.81
N GLU D 161 15.64 42.11 23.78
CA GLU D 161 14.87 43.32 23.57
C GLU D 161 15.77 44.40 22.99
N TYR D 162 15.91 44.43 21.67
CA TYR D 162 16.80 45.36 21.00
C TYR D 162 16.17 46.73 20.88
N ALA D 163 14.87 46.76 20.64
CA ALA D 163 14.12 48.01 20.53
C ALA D 163 14.26 48.85 21.79
N SER D 164 14.04 48.21 22.94
CA SER D 164 14.16 48.89 24.22
C SER D 164 15.60 49.34 24.47
N ALA D 165 16.55 48.55 23.99
CA ALA D 165 17.96 48.88 24.10
C ALA D 165 18.31 50.11 23.27
N TYR D 166 17.68 50.20 22.09
CA TYR D 166 17.91 51.32 21.18
C TYR D 166 17.48 52.64 21.80
N LYS D 167 16.30 52.65 22.41
CA LYS D 167 15.75 53.85 23.03
C LYS D 167 16.64 54.35 24.17
N ILE D 168 17.19 53.42 24.94
CA ILE D 168 18.01 53.76 26.10
C ILE D 168 19.31 54.45 25.71
N VAL D 169 20.02 53.87 24.74
CA VAL D 169 21.26 54.46 24.25
C VAL D 169 21.00 55.80 23.59
N ASP D 170 19.93 55.85 22.79
CA ASP D 170 19.58 57.07 22.06
C ASP D 170 19.10 58.18 23.00
N ALA D 171 18.43 57.79 24.09
CA ALA D 171 17.98 58.76 25.08
C ALA D 171 19.16 59.44 25.76
N PHE D 172 20.15 58.64 26.14
CA PHE D 172 21.32 59.17 26.83
C PHE D 172 22.18 60.03 25.91
N GLU D 173 22.38 59.56 24.67
CA GLU D 173 23.28 60.23 23.74
C GLU D 173 22.82 61.64 23.39
N SER D 174 21.52 61.88 23.52
CA SER D 174 20.95 63.19 23.23
C SER D 174 21.13 64.19 24.37
N THR D 175 21.34 63.67 25.58
CA THR D 175 21.47 64.53 26.76
C THR D 175 22.83 65.21 26.84
N ILE D 176 23.77 64.79 26.00
CA ILE D 176 25.04 65.48 25.86
C ILE D 176 25.20 66.08 24.47
N ASN D 177 24.98 67.38 24.36
CA ASN D 177 25.09 68.08 23.08
C ASN D 177 26.42 68.80 22.90
N GLN D 178 27.21 68.87 23.96
CA GLN D 178 28.45 69.65 23.93
C GLN D 178 29.69 68.79 23.79
N GLY D 179 30.09 68.14 24.89
CA GLY D 179 31.21 67.21 24.88
C GLY D 179 32.51 67.79 24.35
N VAL D 180 33.23 67.01 23.55
CA VAL D 180 32.89 65.61 23.28
C VAL D 180 33.23 64.63 24.42
N PRO D 181 34.48 64.66 24.93
CA PRO D 181 34.74 63.86 26.14
C PRO D 181 34.06 64.53 27.33
N VAL D 182 33.59 63.84 28.37
CA VAL D 182 33.65 62.39 28.66
C VAL D 182 34.99 61.63 28.58
N ASP D 183 34.91 60.32 28.37
CA ASP D 183 36.08 59.46 28.32
C ASP D 183 36.69 59.42 26.92
N THR D 184 35.82 59.45 25.91
CA THR D 184 36.15 59.26 24.49
C THR D 184 36.39 57.78 24.13
N GLN D 185 36.82 56.98 25.09
CA GLN D 185 36.86 55.54 24.90
C GLN D 185 35.50 54.91 25.24
N GLU D 186 34.88 55.40 26.29
CA GLU D 186 33.52 54.98 26.63
C GLU D 186 32.61 55.29 25.45
N GLU D 187 32.80 56.47 24.87
CA GLU D 187 32.02 56.92 23.73
C GLU D 187 32.24 56.00 22.52
N SER D 188 33.50 55.66 22.26
CA SER D 188 33.84 54.79 21.14
C SER D 188 33.19 53.42 21.28
N GLU D 189 33.22 52.87 22.48
CA GLU D 189 32.62 51.56 22.73
C GLU D 189 31.09 51.63 22.74
N ALA D 190 30.55 52.72 23.26
CA ALA D 190 29.10 52.90 23.29
C ALA D 190 28.55 52.94 21.88
N MET D 191 29.25 53.65 21.00
CA MET D 191 28.84 53.78 19.61
C MET D 191 28.90 52.43 18.89
N LEU D 192 29.98 51.69 19.11
CA LEU D 192 30.12 50.37 18.53
C LEU D 192 29.04 49.42 19.03
N PHE D 193 28.70 49.54 20.31
CA PHE D 193 27.63 48.76 20.89
C PHE D 193 26.28 49.19 20.34
N MET D 194 26.12 50.50 20.14
CA MET D 194 24.90 51.04 19.56
C MET D 194 24.75 50.52 18.15
N ASN D 195 25.88 50.43 17.44
CA ASN D 195 25.88 49.89 16.09
C ASN D 195 25.54 48.40 16.09
N LEU D 196 25.84 47.73 17.19
CA LEU D 196 25.50 46.32 17.35
C LEU D 196 23.99 46.16 17.60
N VAL D 197 23.44 47.10 18.36
CA VAL D 197 22.01 47.11 18.64
C VAL D 197 21.21 47.25 17.35
N ILE D 198 21.62 48.19 16.51
CA ILE D 198 20.94 48.45 15.24
C ILE D 198 21.01 47.25 14.29
N LEU D 199 22.19 46.66 14.16
CA LEU D 199 22.38 45.49 13.32
C LEU D 199 21.45 44.35 13.74
N LYS D 200 21.26 44.22 15.03
CA LYS D 200 20.44 43.16 15.59
C LYS D 200 18.96 43.48 15.49
N LYS D 201 18.63 44.75 15.25
CA LYS D 201 17.23 45.16 15.17
C LYS D 201 16.80 45.61 13.78
N ASP D 202 17.43 46.67 13.27
CA ASP D 202 17.02 47.26 11.99
C ASP D 202 17.71 46.62 10.79
N GLY D 203 18.53 45.60 11.04
CA GLY D 203 19.20 44.87 9.97
C GLY D 203 20.56 45.44 9.60
N VAL D 204 21.10 44.92 8.50
CA VAL D 204 22.43 45.31 8.04
C VAL D 204 22.43 46.66 7.33
N GLU D 205 21.39 46.91 6.54
CA GLU D 205 21.26 48.15 5.77
C GLU D 205 21.37 49.38 6.67
N ASP D 206 20.59 49.40 7.74
CA ASP D 206 20.60 50.50 8.69
C ASP D 206 21.92 50.56 9.46
N ALA D 207 22.43 49.39 9.85
CA ALA D 207 23.66 49.30 10.62
C ALA D 207 24.86 49.88 9.87
N TYR D 208 24.88 49.70 8.56
CA TYR D 208 25.97 50.22 7.74
C TYR D 208 25.96 51.74 7.69
N LYS D 209 24.77 52.33 7.58
CA LYS D 209 24.64 53.77 7.51
C LYS D 209 25.06 54.40 8.84
N HIS D 210 24.70 53.75 9.94
CA HIS D 210 25.05 54.23 11.26
C HIS D 210 26.55 54.15 11.51
N LEU D 211 27.18 53.10 11.00
CA LEU D 211 28.62 52.90 11.17
C LEU D 211 29.43 54.00 10.50
N LEU D 212 29.01 54.40 9.30
CA LEU D 212 29.71 55.45 8.57
C LEU D 212 29.54 56.80 9.25
N SER D 213 28.46 56.95 10.01
CA SER D 213 28.17 58.20 10.69
C SER D 213 28.99 58.35 11.96
N ILE D 214 29.37 57.24 12.57
CA ILE D 214 30.12 57.25 13.81
C ILE D 214 31.62 57.09 13.61
N GLU D 215 32.07 57.13 12.35
CA GLU D 215 33.49 56.92 12.03
C GLU D 215 34.41 57.88 12.77
N LYS D 216 33.96 59.11 12.96
CA LYS D 216 34.75 60.12 13.67
C LYS D 216 34.88 59.79 15.15
N LYS D 217 33.92 59.05 15.68
CA LYS D 217 33.88 58.74 17.11
C LYS D 217 34.57 57.44 17.54
N VAL D 218 34.87 56.57 16.58
CA VAL D 218 35.44 55.27 16.92
C VAL D 218 36.97 55.25 16.91
N LEU D 219 37.54 54.95 18.08
CA LEU D 219 38.99 54.92 18.23
C LEU D 219 39.60 53.62 17.72
N ASP D 220 38.89 52.52 17.94
CA ASP D 220 39.36 51.20 17.52
C ASP D 220 39.21 51.11 16.00
N ARG D 221 40.32 51.29 15.30
CA ARG D 221 40.30 51.38 13.85
C ARG D 221 40.07 50.02 13.19
N VAL D 222 40.58 48.96 13.82
CA VAL D 222 40.39 47.61 13.30
C VAL D 222 38.94 47.18 13.44
N ALA D 223 38.35 47.45 14.60
CA ALA D 223 36.95 47.11 14.85
C ALA D 223 36.02 47.80 13.85
N PHE D 224 36.30 49.06 13.56
CA PHE D 224 35.51 49.79 12.58
C PHE D 224 35.62 49.15 11.21
N LEU D 225 36.86 49.04 10.72
CA LEU D 225 37.11 48.55 9.38
C LEU D 225 36.63 47.10 9.17
N GLU D 226 36.77 46.27 10.21
CA GLU D 226 36.29 44.89 10.13
C GLU D 226 34.76 44.86 10.06
N THR D 227 34.12 45.66 10.90
CA THR D 227 32.67 45.74 10.92
C THR D 227 32.17 46.32 9.60
N ARG D 228 32.94 47.23 9.03
CA ARG D 228 32.61 47.85 7.76
C ARG D 228 32.66 46.83 6.62
N ALA D 229 33.73 46.05 6.58
CA ALA D 229 33.93 45.07 5.50
C ALA D 229 32.86 43.99 5.48
N GLU D 230 32.41 43.57 6.65
CA GLU D 230 31.35 42.56 6.73
C GLU D 230 30.05 43.08 6.13
N TYR D 231 29.74 44.35 6.41
CA TYR D 231 28.53 44.99 5.91
C TYR D 231 28.59 45.12 4.39
N GLU D 232 29.67 45.72 3.90
CA GLU D 232 29.84 45.99 2.47
C GLU D 232 29.81 44.72 1.61
N LEU D 233 30.23 43.61 2.19
CA LEU D 233 30.16 42.32 1.50
C LEU D 233 28.75 41.79 1.51
N TYR D 234 28.02 42.08 2.58
CA TYR D 234 26.65 41.60 2.75
C TYR D 234 25.72 42.36 1.81
N LEU D 235 26.00 43.65 1.64
CA LEU D 235 25.19 44.52 0.80
C LEU D 235 25.60 44.40 -0.66
N SER D 236 26.56 43.52 -0.93
CA SER D 236 27.12 43.32 -2.26
C SER D 236 27.73 44.60 -2.83
N LYS D 237 28.23 45.45 -1.93
CA LYS D 237 29.02 46.61 -2.35
C LYS D 237 30.45 46.13 -2.44
N MET D 238 30.85 45.71 -3.63
CA MET D 238 32.14 45.04 -3.82
C MET D 238 33.31 46.02 -3.93
N GLU D 239 33.09 47.15 -4.59
CA GLU D 239 34.15 48.12 -4.81
C GLU D 239 34.52 48.82 -3.51
N GLU D 240 33.53 49.00 -2.64
CA GLU D 240 33.77 49.62 -1.33
C GLU D 240 34.47 48.64 -0.41
N ALA D 241 34.06 47.37 -0.46
CA ALA D 241 34.71 46.33 0.33
C ALA D 241 36.14 46.15 -0.14
N LYS D 242 36.34 46.23 -1.46
CA LYS D 242 37.66 46.08 -2.07
C LYS D 242 38.67 47.06 -1.45
N SER D 243 38.33 48.34 -1.41
CA SER D 243 39.22 49.34 -0.85
C SER D 243 39.33 49.22 0.67
N THR D 244 38.22 48.92 1.33
CA THR D 244 38.17 48.80 2.78
C THR D 244 39.06 47.68 3.28
N ILE D 245 38.94 46.52 2.66
CA ILE D 245 39.75 45.35 3.00
C ILE D 245 41.24 45.63 2.76
N TYR D 246 41.54 46.37 1.70
CA TYR D 246 42.91 46.76 1.41
C TYR D 246 43.53 47.59 2.54
N LEU D 247 42.69 48.36 3.22
CA LEU D 247 43.16 49.13 4.36
C LEU D 247 43.52 48.21 5.51
N LEU D 248 42.81 47.09 5.60
CA LEU D 248 43.06 46.11 6.64
C LEU D 248 44.34 45.33 6.38
N LEU D 249 44.60 45.00 5.13
CA LEU D 249 45.83 44.30 4.76
C LEU D 249 47.05 45.19 5.02
N ASP D 250 46.88 46.49 4.82
CA ASP D 250 47.96 47.44 5.07
C ASP D 250 48.36 47.42 6.54
N ARG D 251 47.37 47.30 7.41
CA ARG D 251 47.61 47.27 8.84
C ARG D 251 48.16 45.90 9.28
N ASN D 252 47.51 44.84 8.83
CA ASN D 252 47.89 43.48 9.20
C ASN D 252 47.66 42.50 8.05
N PRO D 253 48.68 42.31 7.21
CA PRO D 253 48.57 41.38 6.07
C PRO D 253 48.93 39.96 6.47
N ASP D 254 48.70 39.60 7.72
CA ASP D 254 48.92 38.25 8.20
C ASP D 254 47.61 37.61 8.64
N ASN D 255 46.53 38.35 8.44
CA ASN D 255 45.21 37.93 8.89
C ASN D 255 44.47 37.19 7.76
N HIS D 256 44.29 35.90 7.92
CA HIS D 256 43.74 35.04 6.88
C HIS D 256 42.39 35.44 6.31
N GLN D 257 41.45 35.78 7.19
CA GLN D 257 40.08 36.11 6.77
C GLN D 257 40.03 37.31 5.82
N TYR D 258 41.04 38.18 5.91
CA TYR D 258 41.12 39.35 5.05
C TYR D 258 41.25 38.92 3.58
N TYR D 259 42.07 37.91 3.33
CA TYR D 259 42.27 37.40 1.99
C TYR D 259 41.00 36.72 1.48
N TYR D 260 40.34 35.97 2.37
CA TYR D 260 39.08 35.33 2.02
C TYR D 260 38.03 36.39 1.75
N ASN D 261 38.14 37.52 2.43
CA ASN D 261 37.21 38.62 2.21
C ASN D 261 37.55 39.43 0.97
N LEU D 262 38.84 39.67 0.75
CA LEU D 262 39.27 40.41 -0.44
C LEU D 262 38.96 39.60 -1.69
N GLN D 263 39.12 38.29 -1.58
CA GLN D 263 38.80 37.38 -2.68
C GLN D 263 37.31 37.43 -2.97
N ARG D 264 36.52 37.51 -1.90
CA ARG D 264 35.07 37.57 -2.01
C ARG D 264 34.60 38.88 -2.62
N ALA D 265 35.33 39.95 -2.32
CA ALA D 265 35.00 41.28 -2.85
C ALA D 265 35.24 41.34 -4.36
N TYR D 266 36.29 40.68 -4.83
CA TYR D 266 36.58 40.61 -6.26
C TYR D 266 35.59 39.67 -6.95
N GLY D 267 34.85 38.90 -6.17
CA GLY D 267 33.92 37.93 -6.70
C GLY D 267 34.62 36.67 -7.15
N TYR D 268 35.87 36.51 -6.74
CA TYR D 268 36.66 35.34 -7.12
C TYR D 268 36.37 34.19 -6.18
N GLU D 269 35.59 34.47 -5.14
CA GLU D 269 35.20 33.45 -4.17
C GLU D 269 33.83 33.75 -3.60
N ASP D 270 33.01 32.70 -3.46
CA ASP D 270 31.70 32.85 -2.83
C ASP D 270 31.89 32.95 -1.32
N ALA D 271 30.78 33.05 -0.58
CA ALA D 271 30.85 33.13 0.87
C ALA D 271 31.40 31.84 1.47
N SER D 272 31.20 30.73 0.75
CA SER D 272 31.70 29.43 1.18
C SER D 272 32.89 28.96 0.36
N GLY D 273 32.61 28.50 -0.86
CA GLY D 273 33.64 27.98 -1.74
C GLY D 273 34.16 29.01 -2.71
N LYS D 274 35.30 28.72 -3.32
CA LYS D 274 35.94 29.67 -4.24
C LYS D 274 35.46 29.45 -5.66
N VAL D 275 34.55 30.32 -6.11
CA VAL D 275 34.00 30.23 -7.45
C VAL D 275 33.69 31.61 -8.03
N LEU D 276 34.17 31.87 -9.25
CA LEU D 276 35.07 30.94 -9.93
C LEU D 276 36.40 31.61 -10.23
N ASP D 277 36.52 32.16 -11.44
CA ASP D 277 37.70 32.87 -11.90
C ASP D 277 39.02 32.21 -11.47
N SER D 278 39.13 30.90 -11.70
CA SER D 278 40.25 30.12 -11.17
C SER D 278 41.61 30.62 -11.63
N ALA D 279 41.63 31.28 -12.79
CA ALA D 279 42.86 31.86 -13.32
C ALA D 279 43.14 33.20 -12.65
N GLU D 280 42.09 34.00 -12.49
CA GLU D 280 42.21 35.32 -11.90
C GLU D 280 42.32 35.24 -10.37
N TRP D 281 41.88 34.11 -9.81
CA TRP D 281 41.96 33.88 -8.38
C TRP D 281 43.42 33.80 -7.95
N LEU D 282 44.20 33.03 -8.70
CA LEU D 282 45.64 32.95 -8.48
C LEU D 282 46.29 34.29 -8.74
N ASN D 283 45.82 34.97 -9.78
CA ASN D 283 46.38 36.25 -10.19
C ASN D 283 46.34 37.29 -9.08
N LEU D 284 45.28 37.27 -8.27
CA LEU D 284 45.16 38.18 -7.14
C LEU D 284 46.28 37.92 -6.14
N TYR D 285 46.44 36.65 -5.75
CA TYR D 285 47.49 36.24 -4.84
C TYR D 285 48.88 36.60 -5.37
N SER D 286 49.03 36.55 -6.69
CA SER D 286 50.29 36.95 -7.32
C SER D 286 50.47 38.46 -7.18
N GLN D 287 49.37 39.19 -7.30
CA GLN D 287 49.41 40.64 -7.07
C GLN D 287 49.55 40.93 -5.58
N LEU D 288 49.06 40.01 -4.75
CA LEU D 288 49.21 40.15 -3.31
C LEU D 288 50.64 39.85 -2.87
N ALA D 289 51.46 39.36 -3.79
CA ALA D 289 52.88 39.20 -3.53
C ALA D 289 53.54 40.58 -3.56
N LYS D 290 52.87 41.55 -4.18
CA LYS D 290 53.34 42.93 -4.18
C LYS D 290 53.08 43.55 -2.81
N ARG D 291 51.99 43.15 -2.16
CA ARG D 291 51.82 43.42 -0.73
C ARG D 291 53.07 42.81 -0.12
N TYR D 292 53.83 43.63 0.60
CA TYR D 292 55.23 43.32 0.89
C TYR D 292 55.49 41.86 1.28
N PRO D 293 56.45 41.23 0.60
CA PRO D 293 56.76 39.80 0.68
C PRO D 293 57.02 39.28 2.10
N LYS D 294 57.05 40.19 3.08
CA LYS D 294 57.21 39.81 4.47
C LYS D 294 56.07 38.91 4.98
N SER D 295 55.02 38.76 4.17
CA SER D 295 53.90 37.89 4.50
C SER D 295 53.91 36.62 3.66
N GLU D 296 53.75 35.47 4.29
CA GLU D 296 53.73 34.19 3.58
C GLU D 296 52.36 33.85 3.02
N CYS D 297 51.33 34.54 3.48
CA CYS D 297 49.96 34.27 3.06
C CYS D 297 49.71 34.25 1.54
N PRO D 298 50.26 35.21 0.78
CA PRO D 298 50.01 35.18 -0.66
C PRO D 298 50.47 33.89 -1.35
N THR D 299 51.56 33.29 -0.87
CA THR D 299 52.04 32.04 -1.45
C THR D 299 51.41 30.81 -0.81
N ARG D 300 51.18 30.86 0.50
CA ARG D 300 50.70 29.71 1.25
C ARG D 300 49.21 29.43 1.10
N LEU D 301 48.40 30.49 1.19
CA LEU D 301 46.94 30.35 1.07
C LEU D 301 46.42 29.66 -0.20
N PRO D 302 46.98 30.00 -1.38
CA PRO D 302 46.51 29.30 -2.58
C PRO D 302 46.81 27.81 -2.59
N LEU D 303 47.81 27.37 -1.82
CA LEU D 303 48.16 25.95 -1.76
C LEU D 303 46.99 25.11 -1.24
N GLU D 304 46.10 25.74 -0.51
CA GLU D 304 44.92 25.06 0.03
C GLU D 304 43.93 24.68 -1.08
N LYS D 305 43.65 25.62 -1.97
CA LYS D 305 42.63 25.41 -2.99
C LYS D 305 43.16 24.95 -4.35
N LEU D 306 44.48 24.97 -4.53
CA LEU D 306 45.08 24.50 -5.77
C LEU D 306 45.04 22.99 -5.88
N GLU D 307 45.17 22.46 -7.09
CA GLU D 307 45.13 21.02 -7.30
C GLU D 307 45.83 20.64 -8.61
N GLY D 308 46.32 19.41 -8.67
CA GLY D 308 46.99 18.88 -9.85
C GLY D 308 48.35 19.48 -10.16
N ASP D 309 48.53 19.92 -11.41
CA ASP D 309 49.85 20.41 -11.85
C ASP D 309 50.20 21.81 -11.36
N GLU D 310 49.20 22.67 -11.21
CA GLU D 310 49.47 24.02 -10.72
C GLU D 310 49.82 23.95 -9.24
N PHE D 311 49.37 22.89 -8.57
CA PHE D 311 49.72 22.65 -7.18
C PHE D 311 51.16 22.13 -7.08
N LEU D 312 51.51 21.17 -7.94
CA LEU D 312 52.84 20.59 -7.94
C LEU D 312 53.92 21.65 -8.13
N THR D 313 53.65 22.61 -9.00
CA THR D 313 54.58 23.69 -9.27
C THR D 313 54.75 24.60 -8.06
N HIS D 314 53.63 24.95 -7.43
CA HIS D 314 53.65 25.89 -6.32
C HIS D 314 54.10 25.28 -4.99
N VAL D 315 53.72 24.03 -4.75
CA VAL D 315 54.13 23.36 -3.53
C VAL D 315 55.62 23.03 -3.58
N ASP D 316 56.15 22.90 -4.79
CA ASP D 316 57.57 22.63 -4.97
C ASP D 316 58.38 23.87 -4.62
N LEU D 317 57.93 25.02 -5.11
CA LEU D 317 58.58 26.28 -4.81
C LEU D 317 58.50 26.64 -3.34
N TYR D 318 57.39 26.26 -2.71
CA TYR D 318 57.16 26.57 -1.31
C TYR D 318 58.05 25.71 -0.41
N LEU D 319 58.15 24.43 -0.74
CA LEU D 319 58.96 23.50 0.03
C LEU D 319 60.45 23.81 -0.07
N ARG D 320 60.91 24.11 -1.29
CA ARG D 320 62.28 24.54 -1.48
C ARG D 320 62.57 25.80 -0.70
N LYS D 321 61.62 26.73 -0.73
CA LYS D 321 61.77 28.02 -0.06
C LYS D 321 62.03 27.83 1.43
N LYS D 322 61.24 26.99 2.08
CA LYS D 322 61.38 26.75 3.51
C LYS D 322 62.51 25.80 3.87
N LEU D 323 62.89 24.92 2.93
CA LEU D 323 63.99 24.00 3.17
C LEU D 323 65.35 24.69 3.11
N LYS D 324 65.50 25.62 2.16
CA LYS D 324 66.74 26.36 2.03
C LYS D 324 66.94 27.30 3.21
N ARG D 325 65.82 27.75 3.79
CA ARG D 325 65.87 28.65 4.94
C ARG D 325 66.09 27.87 6.23
N GLY D 326 65.84 26.57 6.19
CA GLY D 326 66.04 25.71 7.34
C GLY D 326 64.99 25.94 8.42
N ILE D 327 63.74 26.10 7.99
CA ILE D 327 62.64 26.30 8.92
C ILE D 327 62.17 24.97 9.51
N PRO D 328 62.26 24.83 10.84
CA PRO D 328 61.82 23.59 11.53
C PRO D 328 60.31 23.41 11.51
N SER D 329 59.58 24.48 11.22
CA SER D 329 58.12 24.45 11.26
C SER D 329 57.50 24.08 9.92
N VAL D 330 58.35 23.80 8.93
CA VAL D 330 57.89 23.60 7.55
C VAL D 330 56.85 22.47 7.41
N PHE D 331 57.05 21.37 8.12
CA PHE D 331 56.12 20.26 8.04
C PHE D 331 54.79 20.62 8.68
N VAL D 332 54.85 21.26 9.83
CA VAL D 332 53.64 21.64 10.56
C VAL D 332 52.79 22.59 9.73
N ASP D 333 53.46 23.33 8.85
CA ASP D 333 52.80 24.26 7.94
C ASP D 333 52.03 23.51 6.86
N VAL D 334 52.73 22.68 6.09
CA VAL D 334 52.15 21.93 4.99
C VAL D 334 51.20 20.84 5.51
N LYS D 335 51.40 20.46 6.76
CA LYS D 335 50.66 19.38 7.42
C LYS D 335 49.15 19.41 7.19
N SER D 336 48.58 20.60 7.18
CA SER D 336 47.13 20.77 7.03
C SER D 336 46.63 20.47 5.62
N LEU D 337 47.54 20.43 4.64
CA LEU D 337 47.17 20.13 3.26
C LEU D 337 46.85 18.66 3.06
N TYR D 338 47.16 17.85 4.07
CA TYR D 338 47.01 16.41 3.96
C TYR D 338 45.58 15.94 4.18
N LYS D 339 44.66 16.89 4.34
CA LYS D 339 43.26 16.57 4.62
C LYS D 339 42.58 15.80 3.50
N ASP D 340 43.06 15.99 2.26
CA ASP D 340 42.45 15.35 1.10
C ASP D 340 43.15 14.05 0.72
N THR D 341 44.30 13.79 1.31
CA THR D 341 45.10 12.58 1.08
C THR D 341 45.65 12.42 -0.35
N LYS D 342 45.25 13.31 -1.25
CA LYS D 342 45.83 13.31 -2.60
C LYS D 342 47.15 14.05 -2.61
N LYS D 343 47.15 15.21 -1.97
CA LYS D 343 48.35 16.04 -1.88
C LYS D 343 49.38 15.39 -0.97
N CYS D 344 48.91 14.56 -0.05
CA CYS D 344 49.79 13.84 0.86
C CYS D 344 50.78 13.00 0.06
N LYS D 345 50.26 12.29 -0.94
CA LYS D 345 51.12 11.49 -1.82
C LYS D 345 52.05 12.38 -2.64
N VAL D 346 51.50 13.50 -3.13
CA VAL D 346 52.25 14.43 -3.95
C VAL D 346 53.43 15.02 -3.18
N VAL D 347 53.18 15.45 -1.96
CA VAL D 347 54.22 16.02 -1.12
C VAL D 347 55.23 14.95 -0.71
N GLU D 348 54.72 13.76 -0.37
CA GLU D 348 55.57 12.65 0.03
C GLU D 348 56.57 12.27 -1.06
N ASP D 349 56.08 12.05 -2.27
CA ASP D 349 56.94 11.68 -3.39
C ASP D 349 57.88 12.81 -3.79
N LEU D 350 57.45 14.04 -3.54
CA LEU D 350 58.24 15.22 -3.91
C LEU D 350 59.47 15.39 -3.03
N VAL D 351 59.28 15.28 -1.71
CA VAL D 351 60.39 15.45 -0.78
C VAL D 351 61.21 14.17 -0.65
N SER D 352 60.65 13.06 -1.14
CA SER D 352 61.39 11.81 -1.21
C SER D 352 62.43 11.92 -2.32
N LYS D 353 62.07 12.58 -3.39
CA LYS D 353 63.01 12.85 -4.47
C LYS D 353 64.02 13.90 -4.00
N TYR D 354 63.59 14.76 -3.08
CA TYR D 354 64.48 15.74 -2.47
C TYR D 354 65.54 15.03 -1.64
N ALA D 355 65.16 13.92 -1.02
CA ALA D 355 66.06 13.17 -0.15
C ALA D 355 67.29 12.68 -0.89
N SER D 356 67.07 11.91 -1.96
CA SER D 356 68.17 11.48 -2.82
C SER D 356 68.22 12.38 -4.04
N SER D 357 68.92 13.50 -3.93
CA SER D 357 69.03 14.43 -5.06
C SER D 357 70.35 15.19 -5.29
N LEU D 358 71.00 15.83 -4.30
CA LEU D 358 71.01 15.59 -2.84
C LEU D 358 71.55 14.23 -2.39
N SER D 359 71.68 13.31 -3.34
CA SER D 359 72.42 12.08 -3.13
C SER D 359 73.87 12.36 -3.50
N THR D 360 74.10 12.49 -4.81
CA THR D 360 75.40 12.86 -5.35
C THR D 360 75.61 14.37 -5.36
N THR D 361 74.54 15.10 -5.66
CA THR D 361 74.62 16.56 -5.81
C THR D 361 74.13 17.26 -4.55
N ASN D 362 74.12 18.59 -4.56
CA ASN D 362 73.50 19.38 -3.51
C ASN D 362 72.20 20.05 -3.94
N LYS D 363 71.76 19.75 -5.16
CA LYS D 363 70.59 20.40 -5.73
C LYS D 363 69.40 19.44 -5.86
N PHE D 364 68.19 20.01 -5.74
CA PHE D 364 66.96 19.23 -5.84
C PHE D 364 66.80 18.62 -7.23
N SER D 365 66.06 17.52 -7.31
CA SER D 365 65.72 16.88 -8.57
C SER D 365 66.90 16.64 -9.50
N GLU D 366 66.73 17.03 -10.77
CA GLU D 366 67.75 16.84 -11.78
C GLU D 366 68.05 18.13 -12.56
N ASP D 367 67.00 18.72 -13.12
CA ASP D 367 67.14 19.89 -14.00
C ASP D 367 67.62 21.15 -13.27
N ASP D 368 67.70 21.07 -11.95
CA ASP D 368 68.16 22.20 -11.15
C ASP D 368 69.67 22.38 -11.25
N ASP D 369 70.34 21.36 -11.77
CA ASP D 369 71.79 21.42 -11.99
C ASP D 369 72.10 22.34 -13.16
N ASN D 370 71.07 22.62 -13.96
CA ASN D 370 71.19 23.53 -15.09
C ASN D 370 71.11 24.99 -14.64
N SER D 371 70.42 25.22 -13.53
CA SER D 371 70.34 26.56 -12.93
C SER D 371 71.40 26.71 -11.85
N GLN D 372 72.16 25.63 -11.64
CA GLN D 372 73.33 25.61 -10.76
C GLN D 372 73.07 25.93 -9.29
N ILE D 373 73.96 26.74 -8.71
CA ILE D 373 74.07 26.97 -7.26
C ILE D 373 74.18 25.61 -6.54
N GLU D 374 73.98 25.59 -5.22
CA GLU D 374 74.12 24.40 -4.37
C GLU D 374 73.61 24.77 -2.97
N ILE D 375 73.34 23.77 -2.13
CA ILE D 375 73.00 24.00 -0.73
C ILE D 375 73.69 22.96 0.16
N PRO D 376 74.29 23.42 1.28
CA PRO D 376 75.01 22.52 2.20
C PRO D 376 74.14 21.71 3.19
N THR D 377 73.26 22.37 3.93
CA THR D 377 72.60 21.73 5.08
C THR D 377 71.15 21.28 4.87
N THR D 378 70.65 21.42 3.64
CA THR D 378 69.24 21.11 3.36
C THR D 378 68.80 19.67 3.63
N LEU D 379 69.74 18.73 3.59
CA LEU D 379 69.42 17.32 3.84
C LEU D 379 68.84 17.07 5.23
N LEU D 380 69.29 17.86 6.20
CA LEU D 380 68.79 17.78 7.57
C LEU D 380 67.28 17.95 7.59
N TRP D 381 66.84 19.10 7.11
CA TRP D 381 65.44 19.50 7.20
C TRP D 381 64.56 18.69 6.26
N THR D 382 65.18 18.07 5.27
CA THR D 382 64.47 17.14 4.40
C THR D 382 64.27 15.83 5.15
N TYR D 383 65.32 15.35 5.80
CA TYR D 383 65.24 14.16 6.64
C TYR D 383 64.27 14.40 7.78
N TYR D 384 64.34 15.59 8.37
CA TYR D 384 63.46 15.97 9.47
C TYR D 384 62.01 16.06 9.01
N PHE D 385 61.81 16.55 7.80
CA PHE D 385 60.47 16.62 7.21
C PHE D 385 59.95 15.20 7.00
N LEU D 386 60.77 14.36 6.40
CA LEU D 386 60.40 12.97 6.12
C LEU D 386 60.15 12.20 7.41
N ALA D 387 60.92 12.51 8.46
CA ALA D 387 60.75 11.87 9.76
C ALA D 387 59.38 12.20 10.33
N GLN D 388 59.00 13.47 10.25
CA GLN D 388 57.70 13.89 10.74
C GLN D 388 56.58 13.37 9.86
N HIS D 389 56.84 13.35 8.54
CA HIS D 389 55.83 12.95 7.58
C HIS D 389 55.38 11.52 7.76
N PHE D 390 56.33 10.60 7.70
CA PHE D 390 56.01 9.17 7.81
C PHE D 390 55.51 8.81 9.20
N ASP D 391 55.87 9.61 10.20
CA ASP D 391 55.34 9.44 11.54
C ASP D 391 53.87 9.82 11.54
N HIS D 392 53.52 10.86 10.77
CA HIS D 392 52.14 11.29 10.63
C HIS D 392 51.34 10.27 9.85
N VAL D 393 51.91 9.81 8.74
CA VAL D 393 51.28 8.79 7.90
C VAL D 393 51.19 7.46 8.65
N GLY D 394 52.14 7.22 9.54
CA GLY D 394 52.08 6.04 10.40
C GLY D 394 53.01 4.90 10.02
N GLU D 395 53.99 5.20 9.16
CA GLU D 395 54.96 4.18 8.74
C GLU D 395 55.82 3.69 9.91
N LEU D 396 56.45 4.64 10.60
CA LEU D 396 57.24 4.41 11.81
C LEU D 396 58.59 3.72 11.59
N GLU D 397 58.68 2.86 10.58
CA GLU D 397 59.97 2.28 10.21
C GLU D 397 60.73 3.27 9.34
N LYS D 398 60.04 3.78 8.33
CA LYS D 398 60.61 4.79 7.45
C LYS D 398 60.84 6.06 8.26
N ALA D 399 59.90 6.35 9.15
CA ALA D 399 59.99 7.54 9.99
C ALA D 399 61.25 7.51 10.85
N GLU D 400 61.42 6.44 11.63
CA GLU D 400 62.56 6.31 12.52
C GLU D 400 63.90 6.25 11.78
N LYS D 401 63.86 5.74 10.55
CA LYS D 401 65.06 5.64 9.73
C LYS D 401 65.57 7.02 9.35
N TYR D 402 64.63 7.96 9.22
CA TYR D 402 64.98 9.32 8.83
C TYR D 402 65.53 10.16 9.97
N VAL D 403 64.96 10.01 11.17
CA VAL D 403 65.46 10.74 12.33
C VAL D 403 66.89 10.32 12.63
N ASP D 404 67.15 9.02 12.51
CA ASP D 404 68.50 8.50 12.73
C ASP D 404 69.48 9.14 11.76
N LEU D 405 69.05 9.32 10.53
CA LEU D 405 69.86 10.02 9.52
C LEU D 405 70.09 11.47 9.91
N ALA D 406 69.07 12.08 10.51
CA ALA D 406 69.13 13.47 10.91
C ALA D 406 70.02 13.65 12.14
N ILE D 407 69.90 12.73 13.09
CA ILE D 407 70.69 12.76 14.32
C ILE D 407 72.16 12.52 13.99
N ASP D 408 72.43 11.64 13.03
CA ASP D 408 73.78 11.37 12.57
C ASP D 408 74.39 12.63 11.96
N HIS D 409 73.54 13.45 11.34
CA HIS D 409 73.98 14.69 10.74
C HIS D 409 74.32 15.73 11.82
N THR D 410 73.37 15.97 12.71
CA THR D 410 73.54 16.94 13.78
C THR D 410 72.89 16.47 15.08
N PRO D 411 73.68 15.78 15.93
CA PRO D 411 73.18 15.19 17.19
C PRO D 411 72.74 16.22 18.23
N THR D 412 73.04 17.49 18.00
CA THR D 412 72.76 18.53 18.99
C THR D 412 71.41 19.23 18.80
N LEU D 413 70.70 18.89 17.74
CA LEU D 413 69.42 19.53 17.43
C LEU D 413 68.27 18.93 18.24
N VAL D 414 67.59 19.77 19.02
CA VAL D 414 66.53 19.33 19.95
C VAL D 414 65.31 18.73 19.26
N GLU D 415 64.87 19.37 18.18
CA GLU D 415 63.66 18.95 17.47
C GLU D 415 63.74 17.50 16.97
N LEU D 416 64.94 17.07 16.62
CA LEU D 416 65.15 15.73 16.11
C LEU D 416 64.78 14.66 17.13
N PHE D 417 65.13 14.91 18.39
CA PHE D 417 64.85 13.96 19.45
C PHE D 417 63.39 14.03 19.91
N MET D 418 62.76 15.17 19.69
CA MET D 418 61.34 15.31 19.98
C MET D 418 60.56 14.39 19.05
N THR D 419 60.94 14.38 17.79
CA THR D 419 60.25 13.57 16.79
C THR D 419 60.52 12.08 17.03
N LYS D 420 61.78 11.74 17.29
CA LYS D 420 62.15 10.35 17.54
C LYS D 420 61.42 9.79 18.76
N ALA D 421 61.22 10.62 19.77
CA ALA D 421 60.50 10.22 20.97
C ALA D 421 59.03 9.96 20.67
N ARG D 422 58.48 10.77 19.77
CA ARG D 422 57.08 10.65 19.35
C ARG D 422 56.87 9.32 18.63
N ILE D 423 57.81 9.00 17.74
CA ILE D 423 57.74 7.79 16.95
C ILE D 423 57.80 6.54 17.83
N SER D 424 58.67 6.58 18.84
CA SER D 424 58.77 5.47 19.79
C SER D 424 57.47 5.30 20.56
N LYS D 425 56.82 6.42 20.86
CA LYS D 425 55.53 6.40 21.54
C LYS D 425 54.47 5.72 20.66
N HIS D 426 54.54 5.99 19.36
CA HIS D 426 53.63 5.38 18.41
C HIS D 426 53.99 3.92 18.19
N LYS D 427 55.25 3.58 18.46
CA LYS D 427 55.72 2.20 18.36
C LYS D 427 55.26 1.38 19.57
N GLY D 428 54.67 2.06 20.55
CA GLY D 428 54.13 1.40 21.72
C GLY D 428 55.14 1.29 22.85
N GLU D 429 56.37 1.73 22.58
CA GLU D 429 57.42 1.67 23.59
C GLU D 429 57.51 2.99 24.35
N LEU D 430 56.92 3.01 25.54
CA LEU D 430 56.85 4.24 26.33
C LEU D 430 58.13 4.54 27.10
N GLN D 431 58.81 3.48 27.54
CA GLN D 431 60.01 3.66 28.37
C GLN D 431 61.12 4.39 27.61
N THR D 432 61.43 3.90 26.42
CA THR D 432 62.47 4.51 25.62
C THR D 432 62.04 5.89 25.09
N ALA D 433 60.73 6.06 24.91
CA ALA D 433 60.18 7.34 24.49
C ALA D 433 60.43 8.41 25.55
N MET D 434 60.24 8.03 26.82
CA MET D 434 60.48 8.93 27.94
C MET D 434 61.94 9.33 28.00
N GLU D 435 62.82 8.36 27.75
CA GLU D 435 64.26 8.58 27.80
C GLU D 435 64.73 9.55 26.72
N ILE D 436 64.22 9.37 25.51
CA ILE D 436 64.59 10.24 24.39
C ILE D 436 64.12 11.66 24.65
N MET D 437 62.93 11.79 25.22
CA MET D 437 62.37 13.10 25.54
C MET D 437 63.21 13.80 26.61
N ASP D 438 63.72 13.01 27.55
CA ASP D 438 64.59 13.54 28.60
C ASP D 438 65.93 13.94 28.03
N HIS D 439 66.35 13.26 26.96
CA HIS D 439 67.58 13.61 26.27
C HIS D 439 67.40 14.94 25.53
N ALA D 440 66.21 15.15 24.98
CA ALA D 440 65.88 16.40 24.30
C ALA D 440 65.81 17.56 25.28
N ARG D 441 65.31 17.28 26.47
CA ARG D 441 65.25 18.29 27.54
C ARG D 441 66.64 18.69 27.97
N LYS D 442 67.55 17.72 28.00
CA LYS D 442 68.94 17.98 28.39
C LYS D 442 69.67 18.86 27.38
N LEU D 443 69.16 18.94 26.16
CA LEU D 443 69.77 19.76 25.13
C LEU D 443 69.40 21.24 25.27
N ASP D 444 68.28 21.51 25.93
CA ASP D 444 67.90 22.88 26.28
C ASP D 444 67.33 22.92 27.70
N LEU D 445 68.14 23.40 28.65
CA LEU D 445 67.73 23.38 30.06
C LEU D 445 67.02 24.66 30.48
N GLN D 446 67.05 25.67 29.63
CA GLN D 446 66.43 26.95 29.97
C GLN D 446 65.05 27.09 29.34
N ASP D 447 64.65 26.10 28.55
CA ASP D 447 63.36 26.13 27.87
C ASP D 447 62.32 25.33 28.66
N ARG D 448 61.28 26.01 29.13
CA ARG D 448 60.23 25.36 29.90
C ARG D 448 59.39 24.42 29.03
N PHE D 449 59.26 24.75 27.75
CA PHE D 449 58.46 23.95 26.82
C PHE D 449 58.96 22.51 26.75
N ILE D 450 60.25 22.35 26.44
CA ILE D 450 60.85 21.03 26.28
C ILE D 450 60.80 20.27 27.61
N ASN D 451 60.82 21.01 28.72
CA ASN D 451 60.68 20.43 30.05
C ASN D 451 59.28 19.87 30.27
N GLY D 452 58.28 20.63 29.82
CA GLY D 452 56.89 20.20 29.98
C GLY D 452 56.57 18.95 29.19
N LYS D 453 57.08 18.89 27.96
CA LYS D 453 56.92 17.70 27.12
C LYS D 453 57.61 16.51 27.76
N CYS D 454 58.74 16.76 28.40
CA CYS D 454 59.49 15.71 29.08
C CYS D 454 58.68 15.14 30.23
N ALA D 455 58.04 16.02 31.00
CA ALA D 455 57.23 15.60 32.14
C ALA D 455 55.99 14.85 31.66
N LYS D 456 55.48 15.23 30.50
CA LYS D 456 54.30 14.58 29.92
C LYS D 456 54.60 13.12 29.58
N TYR D 457 55.71 12.90 28.90
CA TYR D 457 56.14 11.55 28.54
C TYR D 457 56.47 10.71 29.77
N MET D 458 56.93 11.38 30.82
CA MET D 458 57.14 10.73 32.10
C MET D 458 55.81 10.31 32.70
N LEU D 459 54.81 11.19 32.56
CA LEU D 459 53.46 10.89 33.03
C LEU D 459 52.83 9.76 32.23
N ARG D 460 53.00 9.80 30.91
CA ARG D 460 52.47 8.75 30.05
C ARG D 460 53.13 7.41 30.36
N ASN D 461 54.36 7.47 30.88
CA ASN D 461 55.09 6.28 31.28
C ASN D 461 54.83 5.94 32.74
N ASP D 462 53.88 6.65 33.34
CA ASP D 462 53.45 6.42 34.71
C ASP D 462 54.56 6.68 35.73
N GLU D 463 55.47 7.60 35.40
CA GLU D 463 56.45 8.08 36.35
C GLU D 463 55.99 9.43 36.87
N ASN D 464 55.14 9.42 37.89
CA ASN D 464 54.52 10.64 38.40
C ASN D 464 55.48 11.50 39.22
N GLU D 465 56.24 10.85 40.10
CA GLU D 465 57.16 11.54 40.98
C GLU D 465 58.33 12.09 40.20
N LEU D 466 58.77 11.34 39.19
CA LEU D 466 59.88 11.76 38.34
C LEU D 466 59.49 12.98 37.51
N ALA D 467 58.22 13.03 37.12
CA ALA D 467 57.69 14.16 36.35
C ALA D 467 57.57 15.40 37.22
N ALA D 468 57.10 15.20 38.46
CA ALA D 468 56.94 16.30 39.40
C ALA D 468 58.29 16.94 39.73
N LYS D 469 59.32 16.11 39.87
CA LYS D 469 60.67 16.61 40.11
C LYS D 469 61.17 17.38 38.90
N THR D 470 60.78 16.92 37.71
CA THR D 470 61.23 17.53 36.47
C THR D 470 60.66 18.94 36.30
N VAL D 471 59.39 19.10 36.62
CA VAL D 471 58.73 20.41 36.52
C VAL D 471 59.08 21.31 37.70
N SER D 472 59.67 20.73 38.74
CA SER D 472 60.06 21.51 39.92
C SER D 472 61.10 22.57 39.57
N LEU D 473 61.73 22.40 38.40
CA LEU D 473 62.76 23.31 37.93
C LEU D 473 62.19 24.65 37.47
N PHE D 474 60.99 24.62 36.88
CA PHE D 474 60.40 25.83 36.30
C PHE D 474 59.24 26.47 37.08
N THR D 475 58.93 25.93 38.24
CA THR D 475 57.73 26.36 38.96
C THR D 475 58.07 27.18 40.20
N ARG D 476 57.07 27.89 40.71
CA ARG D 476 57.24 28.60 41.97
C ARG D 476 57.09 27.53 43.04
N ASN D 477 58.21 27.14 43.63
CA ASN D 477 58.25 26.02 44.55
C ASN D 477 57.96 26.46 45.98
N GLU D 478 57.47 27.70 46.11
CA GLU D 478 57.13 28.26 47.40
C GLU D 478 55.85 27.66 47.98
N ALA D 479 55.48 26.45 47.55
CA ALA D 479 54.27 25.78 48.03
C ALA D 479 53.03 26.57 47.57
N VAL D 480 51.79 26.13 47.82
CA VAL D 480 51.40 24.87 48.47
C VAL D 480 51.51 23.65 47.55
N GLY D 481 51.54 22.48 48.17
CA GLY D 481 51.69 21.21 47.46
C GLY D 481 52.88 21.06 46.53
N GLY D 482 53.87 21.93 46.66
CA GLY D 482 55.08 21.78 45.87
C GLY D 482 54.93 22.31 44.45
N ALA D 483 55.77 21.78 43.56
CA ALA D 483 55.75 22.17 42.17
C ALA D 483 54.41 21.87 41.52
N VAL D 484 53.86 20.70 41.83
CA VAL D 484 52.57 20.29 41.29
C VAL D 484 51.47 21.17 41.85
N GLY D 485 51.62 21.53 43.12
CA GLY D 485 50.69 22.41 43.79
C GLY D 485 50.60 23.77 43.16
N ASP D 486 51.72 24.26 42.64
CA ASP D 486 51.74 25.55 41.95
C ASP D 486 51.08 25.43 40.59
N LEU D 487 51.26 24.27 39.93
CA LEU D 487 50.61 24.02 38.65
C LEU D 487 49.09 24.00 38.81
N ALA D 488 48.64 23.66 40.00
CA ALA D 488 47.21 23.69 40.31
C ALA D 488 46.74 25.13 40.50
N ASP D 489 47.57 25.93 41.15
CA ASP D 489 47.27 27.34 41.38
C ASP D 489 47.22 28.14 40.08
N MET D 490 48.09 27.79 39.14
CA MET D 490 48.16 28.50 37.87
C MET D 490 47.21 27.93 36.84
N GLN D 491 46.38 26.98 37.29
CA GLN D 491 45.32 26.40 36.48
C GLN D 491 45.87 25.72 35.23
N CYS D 492 46.99 25.02 35.40
CA CYS D 492 47.57 24.25 34.32
C CYS D 492 46.73 22.99 34.13
N LEU D 493 45.96 22.96 33.06
CA LEU D 493 44.97 21.92 32.86
C LEU D 493 45.58 20.58 32.43
N TRP D 494 46.55 20.63 31.52
CA TRP D 494 47.08 19.41 30.93
C TRP D 494 47.82 18.52 31.94
N TYR D 495 48.52 19.13 32.88
CA TYR D 495 49.27 18.35 33.86
C TYR D 495 48.33 17.63 34.81
N MET D 496 47.32 18.35 35.31
CA MET D 496 46.37 17.76 36.25
C MET D 496 45.61 16.62 35.57
N LEU D 497 45.41 16.76 34.27
CA LEU D 497 44.72 15.73 33.50
C LEU D 497 45.63 14.53 33.24
N GLU D 498 46.85 14.78 32.79
CA GLU D 498 47.81 13.71 32.52
C GLU D 498 48.25 12.97 33.78
N ASP D 499 48.38 13.71 34.87
CA ASP D 499 48.80 13.11 36.14
C ASP D 499 47.66 12.23 36.66
N GLY D 500 46.43 12.73 36.57
CA GLY D 500 45.27 12.00 37.03
C GLY D 500 45.00 10.76 36.23
N LYS D 501 45.16 10.85 34.91
CA LYS D 501 44.97 9.70 34.03
C LYS D 501 46.02 8.64 34.31
N SER D 502 47.22 9.08 34.68
CA SER D 502 48.29 8.16 35.04
C SER D 502 47.96 7.40 36.32
N PHE D 503 47.53 8.14 37.34
CA PHE D 503 47.11 7.53 38.60
C PHE D 503 45.97 6.54 38.39
N ALA D 504 45.12 6.84 37.41
CA ALA D 504 43.96 6.01 37.11
C ALA D 504 44.36 4.61 36.66
N ARG D 505 45.36 4.52 35.79
CA ARG D 505 45.79 3.23 35.28
C ARG D 505 46.77 2.53 36.20
N GLN D 506 47.22 3.22 37.25
CA GLN D 506 48.02 2.59 38.29
C GLN D 506 47.12 2.16 39.43
N LYS D 507 45.82 2.33 39.23
CA LYS D 507 44.80 1.98 40.21
C LYS D 507 44.94 2.75 41.52
N LYS D 508 45.63 3.90 41.45
CA LYS D 508 45.69 4.81 42.59
C LYS D 508 44.51 5.74 42.45
N PHE D 509 43.38 5.35 43.02
CA PHE D 509 42.12 6.02 42.74
C PHE D 509 41.99 7.35 43.50
N ALA D 510 42.47 7.35 44.74
CA ALA D 510 42.40 8.55 45.57
C ALA D 510 43.10 9.73 44.90
N LEU D 511 44.29 9.48 44.38
CA LEU D 511 45.09 10.54 43.76
C LEU D 511 44.56 10.92 42.38
N ALA D 512 44.04 9.94 41.66
CA ALA D 512 43.45 10.19 40.36
C ALA D 512 42.23 11.08 40.52
N LEU D 513 41.40 10.76 41.51
CA LEU D 513 40.23 11.55 41.83
C LEU D 513 40.62 12.95 42.28
N LYS D 514 41.77 13.06 42.95
CA LYS D 514 42.27 14.33 43.41
C LYS D 514 42.63 15.25 42.24
N ARG D 515 43.45 14.73 41.33
CA ARG D 515 43.89 15.50 40.16
C ARG D 515 42.71 15.92 39.30
N PHE D 516 41.76 15.00 39.13
CA PHE D 516 40.57 15.28 38.33
C PHE D 516 39.71 16.36 38.97
N SER D 517 39.61 16.33 40.29
CA SER D 517 38.83 17.31 41.04
C SER D 517 39.44 18.70 40.90
N THR D 518 40.74 18.76 40.68
CA THR D 518 41.41 20.03 40.49
C THR D 518 40.99 20.64 39.15
N VAL D 519 40.86 19.78 38.14
CA VAL D 519 40.36 20.21 36.83
C VAL D 519 38.94 20.75 37.00
N PHE D 520 38.15 20.07 37.83
CA PHE D 520 36.83 20.54 38.19
C PHE D 520 36.93 21.94 38.80
N LYS D 521 37.85 22.08 39.77
CA LYS D 521 38.04 23.33 40.48
C LYS D 521 38.49 24.47 39.56
N ILE D 522 39.32 24.13 38.57
CA ILE D 522 39.81 25.12 37.63
C ILE D 522 38.69 25.68 36.76
N PHE D 523 37.82 24.80 36.28
CA PHE D 523 36.67 25.23 35.48
C PHE D 523 35.67 26.02 36.31
N ASP D 524 35.46 25.58 37.55
CA ASP D 524 34.58 26.30 38.47
C ASP D 524 35.10 27.70 38.74
N THR D 525 36.42 27.83 38.80
CA THR D 525 37.06 29.13 39.00
C THR D 525 36.78 30.03 37.80
N TRP D 526 36.99 29.48 36.61
CA TRP D 526 36.75 30.20 35.37
C TRP D 526 35.29 30.66 35.27
N ALA D 527 34.39 29.78 35.72
CA ALA D 527 32.97 30.08 35.71
C ALA D 527 32.65 31.23 36.66
N ASP D 528 33.43 31.33 37.73
CA ASP D 528 33.19 32.33 38.77
C ASP D 528 33.93 33.66 38.55
N ASP D 529 34.93 33.65 37.66
CA ASP D 529 35.79 34.82 37.48
C ASP D 529 35.09 36.03 36.87
N GLN D 530 33.99 35.77 36.17
CA GLN D 530 33.23 36.84 35.50
C GLN D 530 32.48 37.73 36.48
N PHE D 531 32.29 37.26 37.72
CA PHE D 531 31.44 37.93 38.71
C PHE D 531 31.71 39.42 38.87
N ASP D 532 32.96 39.78 39.12
CA ASP D 532 33.33 41.17 39.33
C ASP D 532 33.14 42.02 38.07
N PHE D 533 33.13 41.36 36.92
CA PHE D 533 33.02 42.07 35.65
C PHE D 533 31.57 42.42 35.32
N HIS D 534 30.64 41.95 36.14
CA HIS D 534 29.25 42.34 36.01
C HIS D 534 29.07 43.75 36.54
N PHE D 535 30.14 44.27 37.15
CA PHE D 535 30.22 45.66 37.57
C PHE D 535 31.32 46.37 36.80
N PHE D 536 32.53 45.81 36.89
CA PHE D 536 33.72 46.44 36.37
C PHE D 536 33.70 46.73 34.87
N ALA D 537 33.01 45.90 34.10
CA ALA D 537 32.96 46.07 32.65
C ALA D 537 32.22 47.33 32.24
N PHE D 538 31.18 47.68 33.01
CA PHE D 538 30.41 48.88 32.71
C PHE D 538 31.13 50.12 33.22
N ARG D 539 32.01 49.94 34.20
N ARG D 539 31.99 49.94 34.22
CA ARG D 539 32.76 51.05 34.74
CA ARG D 539 32.78 51.04 34.75
C ARG D 539 33.85 51.49 33.74
C ARG D 539 33.80 51.49 33.72
N LYS D 540 34.44 50.52 33.07
CA LYS D 540 35.40 50.80 32.01
C LYS D 540 34.64 51.14 30.73
N GLY D 541 33.48 50.52 30.56
CA GLY D 541 32.64 50.76 29.41
C GLY D 541 32.97 49.87 28.22
N SER D 542 33.46 48.66 28.50
CA SER D 542 33.76 47.71 27.44
C SER D 542 32.53 46.81 27.26
N LEU D 543 31.60 47.26 26.43
CA LEU D 543 30.29 46.62 26.32
C LEU D 543 30.26 45.40 25.41
N ARG D 544 30.79 45.54 24.20
CA ARG D 544 30.79 44.44 23.24
C ARG D 544 31.71 43.31 23.71
N THR D 545 32.75 43.67 24.47
CA THR D 545 33.66 42.69 25.04
C THR D 545 32.98 41.94 26.19
N TYR D 546 32.20 42.66 27.00
CA TYR D 546 31.46 42.04 28.09
C TYR D 546 30.49 41.01 27.54
N LEU D 547 29.92 41.31 26.38
CA LEU D 547 29.00 40.41 25.69
C LEU D 547 29.68 39.09 25.35
N ASP D 548 30.91 39.16 24.85
CA ASP D 548 31.69 37.97 24.50
C ASP D 548 31.98 37.14 25.74
N LEU D 549 32.26 37.84 26.84
CA LEU D 549 32.53 37.19 28.12
C LEU D 549 31.31 36.39 28.58
N MET D 550 30.14 36.99 28.41
CA MET D 550 28.89 36.36 28.84
C MET D 550 28.59 35.10 28.03
N SER D 551 28.79 35.16 26.72
CA SER D 551 28.49 34.02 25.86
C SER D 551 29.54 32.93 26.00
N TRP D 552 30.76 33.33 26.36
CA TRP D 552 31.84 32.37 26.57
C TRP D 552 31.61 31.57 27.85
N GLU D 553 31.20 32.24 28.90
CA GLU D 553 30.96 31.61 30.19
C GLU D 553 29.79 30.63 30.16
N ASP D 554 28.86 30.85 29.23
CA ASP D 554 27.68 30.00 29.12
C ASP D 554 28.07 28.59 28.69
N SER D 555 29.03 28.50 27.77
CA SER D 555 29.53 27.21 27.31
C SER D 555 30.90 26.85 27.87
N VAL D 556 31.31 27.54 28.93
CA VAL D 556 32.66 27.37 29.48
C VAL D 556 33.01 25.94 29.90
N TYR D 557 32.01 25.17 30.31
CA TYR D 557 32.23 23.78 30.73
C TYR D 557 32.22 22.81 29.56
N ASP D 558 31.96 23.31 28.35
CA ASP D 558 31.96 22.46 27.18
C ASP D 558 33.37 22.47 26.61
N ASP D 559 34.20 21.57 27.11
CA ASP D 559 35.63 21.57 26.81
C ASP D 559 36.14 20.13 26.86
N PRO D 560 37.13 19.81 26.02
CA PRO D 560 37.73 18.48 26.05
C PRO D 560 38.33 18.15 27.41
N SER D 561 38.89 19.16 28.07
CA SER D 561 39.55 18.95 29.36
C SER D 561 38.56 18.59 30.47
N PHE D 562 37.45 19.30 30.55
CA PHE D 562 36.46 19.02 31.59
C PHE D 562 35.81 17.67 31.31
N ARG D 563 35.55 17.41 30.04
CA ARG D 563 34.95 16.14 29.62
C ARG D 563 35.83 14.98 30.05
N GLU D 564 37.13 15.09 29.79
CA GLU D 564 38.08 14.02 30.10
C GLU D 564 38.17 13.77 31.60
N ALA D 565 38.17 14.85 32.38
CA ALA D 565 38.26 14.74 33.83
C ALA D 565 36.97 14.20 34.44
N ALA D 566 35.83 14.65 33.92
CA ALA D 566 34.54 14.20 34.42
C ALA D 566 34.30 12.75 34.02
N GLN D 567 34.66 12.41 32.80
CA GLN D 567 34.50 11.05 32.29
C GLN D 567 35.31 10.06 33.13
N GLY D 568 36.57 10.39 33.37
CA GLY D 568 37.47 9.55 34.15
C GLY D 568 37.02 9.36 35.59
N SER D 569 36.49 10.42 36.19
CA SER D 569 36.02 10.35 37.57
C SER D 569 34.83 9.40 37.69
N ILE D 570 33.91 9.51 36.75
CA ILE D 570 32.71 8.67 36.74
C ILE D 570 33.11 7.20 36.61
N GLU D 571 34.08 6.93 35.73
CA GLU D 571 34.60 5.59 35.56
C GLU D 571 35.23 5.04 36.83
N ILE D 572 35.91 5.91 37.59
CA ILE D 572 36.49 5.53 38.86
C ILE D 572 35.40 5.34 39.91
N TYR D 573 34.40 6.22 39.87
CA TYR D 573 33.25 6.14 40.77
C TYR D 573 32.43 4.87 40.52
N PHE D 574 32.42 4.41 39.27
CA PHE D 574 31.79 3.15 38.93
C PHE D 574 32.55 2.01 39.57
N ALA D 575 33.87 2.07 39.49
CA ALA D 575 34.74 1.03 40.07
C ALA D 575 34.59 0.98 41.59
N LEU D 576 34.40 2.14 42.20
CA LEU D 576 34.24 2.23 43.64
C LEU D 576 32.94 1.59 44.11
N PHE D 577 31.95 1.61 43.24
CA PHE D 577 30.67 0.98 43.53
C PHE D 577 30.72 -0.52 43.28
N ASP D 578 31.32 -0.90 42.15
CA ASP D 578 31.41 -2.31 41.76
C ASP D 578 32.32 -3.10 42.69
N LEU D 579 33.55 -2.65 42.84
CA LEU D 579 34.55 -3.38 43.62
C LEU D 579 34.70 -2.83 45.03
N PRO D 580 34.54 -3.70 46.04
CA PRO D 580 34.64 -3.33 47.46
C PRO D 580 36.07 -3.02 47.89
N PHE D 581 37.05 -3.46 47.10
CA PHE D 581 38.46 -3.27 47.44
C PHE D 581 39.06 -2.04 46.77
N ALA D 582 38.24 -1.35 45.98
CA ALA D 582 38.71 -0.20 45.21
C ALA D 582 39.00 1.01 46.11
N LYS D 583 38.33 1.07 47.26
CA LYS D 583 38.48 2.17 48.20
C LYS D 583 39.90 2.28 48.74
N TYR D 584 40.59 1.16 48.80
CA TYR D 584 41.93 1.11 49.40
C TYR D 584 43.04 1.46 48.41
N SER D 585 42.63 1.80 47.19
CA SER D 585 43.58 2.15 46.13
C SER D 585 44.70 1.12 45.98
N PRO D 586 44.34 -0.13 45.67
CA PRO D 586 45.35 -1.20 45.65
C PRO D 586 46.34 -1.04 44.51
N LYS D 587 47.54 -1.57 44.70
CA LYS D 587 48.53 -1.60 43.63
C LYS D 587 48.03 -2.53 42.53
N LEU D 588 48.42 -2.26 41.29
CA LEU D 588 47.96 -3.04 40.13
C LEU D 588 48.09 -4.57 40.26
N PRO D 589 49.21 -5.08 40.78
CA PRO D 589 49.26 -6.55 40.97
C PRO D 589 48.21 -7.06 41.96
N ASP D 590 48.03 -6.37 43.07
CA ASP D 590 47.03 -6.75 44.07
C ASP D 590 45.61 -6.56 43.54
N PHE D 591 45.44 -5.58 42.66
CA PHE D 591 44.14 -5.28 42.09
C PHE D 591 43.64 -6.43 41.20
N GLU D 592 44.56 -7.00 40.43
CA GLU D 592 44.19 -8.06 39.49
C GLU D 592 43.91 -9.38 40.19
N LYS D 593 44.55 -9.59 41.34
CA LYS D 593 44.33 -10.81 42.12
C LYS D 593 42.93 -10.83 42.71
N LEU D 594 42.51 -9.69 43.26
CA LEU D 594 41.20 -9.58 43.89
C LEU D 594 40.07 -9.49 42.86
N SER D 595 40.41 -9.03 41.66
CA SER D 595 39.43 -8.88 40.59
C SER D 595 39.18 -10.20 39.87
N SER D 596 40.13 -11.11 39.96
CA SER D 596 40.01 -12.42 39.33
C SER D 596 39.19 -13.38 40.18
N GLY D 597 39.27 -13.20 41.50
CA GLY D 597 38.52 -14.03 42.42
C GLY D 597 38.88 -15.50 42.39
N GLU D 598 40.10 -15.80 41.94
CA GLU D 598 40.56 -17.18 41.87
C GLU D 598 41.33 -17.57 43.13
N ILE D 599 41.68 -16.57 43.94
CA ILE D 599 42.41 -16.81 45.18
C ILE D 599 41.48 -17.26 46.31
N ASN D 600 42.03 -17.98 47.28
CA ASN D 600 41.26 -18.46 48.43
C ASN D 600 41.03 -17.36 49.45
N GLU D 601 40.29 -17.68 50.51
CA GLU D 601 39.97 -16.70 51.54
C GLU D 601 41.18 -16.36 52.40
N GLU D 602 42.16 -17.27 52.44
CA GLU D 602 43.35 -17.04 53.23
C GLU D 602 44.20 -15.92 52.64
N GLU D 603 44.44 -16.00 51.34
CA GLU D 603 45.23 -14.98 50.66
C GLU D 603 44.42 -13.69 50.54
N GLU D 604 43.11 -13.83 50.37
CA GLU D 604 42.22 -12.68 50.23
C GLU D 604 42.20 -11.81 51.48
N LYS D 605 42.10 -12.45 52.64
CA LYS D 605 42.09 -11.73 53.91
C LYS D 605 43.42 -11.03 54.18
N LYS D 606 44.50 -11.66 53.73
CA LYS D 606 45.84 -11.11 53.92
C LYS D 606 46.03 -9.84 53.12
N ILE D 607 45.58 -9.87 51.86
CA ILE D 607 45.66 -8.71 50.99
C ILE D 607 44.88 -7.53 51.58
N TYR D 608 43.68 -7.81 52.06
CA TYR D 608 42.84 -6.78 52.68
C TYR D 608 43.51 -6.18 53.92
N LYS D 609 44.16 -7.02 54.72
CA LYS D 609 44.89 -6.54 55.89
C LYS D 609 46.00 -5.56 55.52
N LYS D 610 46.68 -5.83 54.40
CA LYS D 610 47.73 -4.93 53.93
C LYS D 610 47.12 -3.62 53.42
N LEU D 611 46.08 -3.72 52.60
CA LEU D 611 45.44 -2.55 51.98
C LEU D 611 44.90 -1.58 53.03
N LYS D 612 44.41 -2.13 54.13
CA LYS D 612 43.88 -1.31 55.20
C LYS D 612 45.01 -0.57 55.93
N LYS D 613 46.11 -1.28 56.18
CA LYS D 613 47.27 -0.70 56.84
C LYS D 613 47.94 0.38 55.98
N ASP D 614 48.05 0.11 54.69
CA ASP D 614 48.65 1.07 53.76
C ASP D 614 47.79 2.32 53.65
N LEU D 615 46.48 2.15 53.74
CA LEU D 615 45.55 3.27 53.75
C LEU D 615 45.77 4.12 54.99
N SER D 616 45.95 3.45 56.12
CA SER D 616 46.19 4.13 57.39
C SER D 616 47.46 4.97 57.32
N LYS D 617 48.47 4.46 56.63
CA LYS D 617 49.73 5.18 56.45
C LYS D 617 49.54 6.41 55.55
N ARG D 618 48.68 6.28 54.55
CA ARG D 618 48.35 7.40 53.67
C ARG D 618 47.51 8.44 54.41
N LEU D 619 46.59 7.97 55.22
CA LEU D 619 45.75 8.87 56.03
C LEU D 619 46.61 9.61 57.03
N GLU D 620 47.53 8.89 57.67
CA GLU D 620 48.47 9.48 58.61
C GLU D 620 49.37 10.48 57.90
N ARG D 621 49.78 10.13 56.69
CA ARG D 621 50.60 11.01 55.87
C ARG D 621 49.84 12.29 55.51
N ALA D 622 48.55 12.13 55.23
CA ALA D 622 47.70 13.25 54.84
C ALA D 622 47.59 14.28 55.96
N GLU D 623 47.54 13.79 57.20
CA GLU D 623 47.42 14.66 58.35
C GLU D 623 48.67 15.52 58.53
N LYS D 624 49.84 14.91 58.35
CA LYS D 624 51.10 15.64 58.46
C LYS D 624 51.22 16.72 57.37
N LEU D 625 50.66 16.44 56.20
CA LEU D 625 50.62 17.41 55.11
C LEU D 625 49.73 18.60 55.46
N LYS D 626 48.60 18.32 56.09
CA LYS D 626 47.66 19.36 56.47
C LYS D 626 48.24 20.25 57.56
N GLU D 627 49.01 19.66 58.47
CA GLU D 627 49.70 20.42 59.51
C GLU D 627 50.73 21.35 58.87
N ALA D 628 51.29 20.91 57.75
CA ALA D 628 52.27 21.71 57.01
C ALA D 628 51.61 22.90 56.31
N ASP D 629 50.46 22.66 55.69
CA ASP D 629 49.73 23.74 55.03
C ASP D 629 49.22 24.75 56.05
N LYS D 630 48.71 24.23 57.17
CA LYS D 630 48.15 25.05 58.23
C LYS D 630 49.19 26.02 58.80
N SER D 631 50.38 25.52 59.07
CA SER D 631 51.47 26.36 59.58
C SER D 631 52.35 26.84 58.43
N ARG D 632 52.11 28.08 58.00
CA ARG D 632 52.74 28.66 56.81
C ARG D 632 52.12 30.00 56.48
N LYS D 642 42.78 32.65 56.37
CA LYS D 642 43.55 31.53 55.82
C LYS D 642 42.64 30.43 55.29
N TYR D 643 43.09 29.75 54.23
CA TYR D 643 42.32 28.66 53.65
C TYR D 643 43.22 27.46 53.37
N ASP D 644 42.91 26.33 54.00
CA ASP D 644 43.71 25.12 53.84
C ASP D 644 43.07 24.15 52.87
N GLU D 645 43.68 22.98 52.73
CA GLU D 645 43.13 21.91 51.91
C GLU D 645 42.93 20.65 52.75
N ASP D 646 41.68 20.30 53.01
CA ASP D 646 41.36 19.09 53.77
C ASP D 646 41.59 17.79 52.98
N PRO D 647 41.09 17.70 51.74
CA PRO D 647 41.37 16.46 51.02
C PRO D 647 42.71 16.46 50.28
N LEU D 648 43.76 15.98 50.92
CA LEU D 648 45.03 15.73 50.23
C LEU D 648 44.97 14.55 49.27
N GLY D 649 43.76 14.07 49.02
CA GLY D 649 43.49 13.09 47.98
C GLY D 649 42.71 11.85 48.39
N GLU D 650 42.67 11.56 49.68
CA GLU D 650 42.01 10.34 50.15
C GLU D 650 40.53 10.51 50.47
N ASN D 651 40.11 11.75 50.76
CA ASN D 651 38.73 12.00 51.19
C ASN D 651 37.69 11.68 50.13
N LEU D 652 38.05 11.90 48.87
CA LEU D 652 37.13 11.71 47.76
C LEU D 652 36.83 10.23 47.53
N VAL D 653 37.87 9.41 47.56
CA VAL D 653 37.75 7.99 47.25
C VAL D 653 36.97 7.23 48.32
N ALA D 654 36.82 7.87 49.48
CA ALA D 654 36.18 7.22 50.63
C ALA D 654 34.68 7.50 50.72
N THR D 655 34.10 8.08 49.67
CA THR D 655 32.69 8.47 49.68
C THR D 655 31.74 7.30 49.97
N SER D 656 30.64 7.60 50.66
CA SER D 656 29.67 6.57 51.04
C SER D 656 28.94 6.05 49.80
N GLU D 657 28.44 6.97 48.99
CA GLU D 657 27.81 6.60 47.73
C GLU D 657 28.50 7.28 46.55
N PRO D 658 29.29 6.51 45.79
CA PRO D 658 29.98 7.01 44.60
C PRO D 658 29.02 7.33 43.46
N LEU D 659 27.81 6.77 43.52
CA LEU D 659 26.80 7.00 42.49
C LEU D 659 26.39 8.46 42.42
N LYS D 660 26.07 9.05 43.57
CA LYS D 660 25.71 10.46 43.64
C LYS D 660 26.87 11.32 43.14
N GLU D 661 28.10 10.98 43.51
CA GLU D 661 29.26 11.74 43.07
C GLU D 661 29.41 11.63 41.55
N ALA D 662 29.16 10.44 41.02
CA ALA D 662 29.18 10.22 39.58
C ALA D 662 28.06 11.03 38.92
N GLN D 663 26.94 11.15 39.62
CA GLN D 663 25.78 11.87 39.13
C GLN D 663 26.07 13.37 39.03
N LYS D 664 26.84 13.88 40.00
CA LYS D 664 27.25 15.29 40.00
C LYS D 664 28.18 15.58 38.83
N CYS D 665 29.10 14.66 38.56
CA CYS D 665 30.07 14.83 37.48
C CYS D 665 29.38 14.81 36.12
N LEU D 666 28.21 14.19 36.08
CA LEU D 666 27.47 14.02 34.84
C LEU D 666 26.62 15.25 34.51
N GLU D 667 26.37 16.09 35.52
CA GLU D 667 25.52 17.26 35.36
C GLU D 667 25.90 18.17 34.21
N LYS D 668 27.17 18.56 34.15
CA LYS D 668 27.63 19.52 33.16
C LYS D 668 28.14 18.84 31.89
N LEU D 669 28.00 17.52 31.83
CA LEU D 669 28.33 16.77 30.63
C LEU D 669 27.12 16.65 29.71
N LEU D 670 25.97 16.39 30.33
CA LEU D 670 24.72 16.12 29.61
C LEU D 670 24.20 17.18 28.64
N PRO D 671 24.21 18.47 29.02
CA PRO D 671 23.69 19.50 28.10
C PRO D 671 24.35 19.50 26.72
N TYR D 672 25.57 18.99 26.64
CA TYR D 672 26.32 18.95 25.39
C TYR D 672 26.37 17.52 24.84
N GLY D 673 25.50 16.67 25.35
CA GLY D 673 25.49 15.26 25.00
C GLY D 673 25.19 14.91 23.55
N ASP D 674 24.55 15.82 22.83
CA ASP D 674 24.23 15.55 21.44
C ASP D 674 25.47 15.55 20.54
N LYS D 675 26.41 16.43 20.84
CA LYS D 675 27.68 16.45 20.11
C LYS D 675 28.69 15.52 20.77
N ASN D 676 28.41 15.13 22.01
CA ASN D 676 29.27 14.20 22.74
C ASN D 676 28.45 13.07 23.34
N PRO D 677 28.04 12.11 22.49
CA PRO D 677 27.11 11.03 22.85
C PRO D 677 27.63 10.16 24.00
N SER D 678 28.93 10.24 24.28
CA SER D 678 29.54 9.49 25.37
C SER D 678 28.92 9.84 26.72
N ALA D 679 28.42 11.07 26.85
CA ALA D 679 27.75 11.51 28.06
C ALA D 679 26.47 10.72 28.28
N TYR D 680 25.79 10.38 27.20
CA TYR D 680 24.55 9.60 27.28
C TYR D 680 24.84 8.16 27.69
N ILE D 681 25.93 7.60 27.17
CA ILE D 681 26.32 6.23 27.50
C ILE D 681 26.67 6.10 28.98
N LEU D 682 27.47 7.03 29.48
CA LEU D 682 27.84 7.06 30.89
C LEU D 682 26.59 7.19 31.76
N ALA D 683 25.64 7.98 31.30
CA ALA D 683 24.36 8.14 31.99
C ALA D 683 23.63 6.81 32.06
N ALA D 684 23.63 6.07 30.96
CA ALA D 684 22.99 4.77 30.91
C ALA D 684 23.66 3.81 31.89
N GLN D 685 24.98 3.81 31.89
CA GLN D 685 25.76 2.97 32.81
C GLN D 685 25.52 3.34 34.27
N LEU D 686 25.29 4.62 34.53
CA LEU D 686 25.03 5.09 35.88
C LEU D 686 23.69 4.59 36.40
N TYR D 687 22.62 4.93 35.69
CA TYR D 687 21.26 4.61 36.12
C TYR D 687 20.94 3.13 35.98
N THR D 688 21.77 2.40 35.24
CA THR D 688 21.66 0.94 35.20
C THR D 688 22.03 0.42 36.58
N ARG D 689 23.09 0.98 37.15
CA ARG D 689 23.52 0.63 38.49
C ARG D 689 22.55 1.13 39.55
N LEU D 690 21.85 2.22 39.22
CA LEU D 690 20.91 2.83 40.15
C LEU D 690 19.57 2.09 40.19
N LYS D 691 19.48 1.01 39.43
CA LYS D 691 18.25 0.23 39.33
C LYS D 691 17.08 1.06 38.80
N ASN D 692 17.40 2.15 38.13
CA ASN D 692 16.40 3.00 37.49
C ASN D 692 16.50 2.78 35.99
N PHE D 693 15.69 1.86 35.49
CA PHE D 693 15.85 1.35 34.12
C PHE D 693 15.21 2.20 33.03
N ASP D 694 14.09 2.84 33.33
CA ASP D 694 13.43 3.69 32.34
C ASP D 694 14.28 4.92 32.01
N THR D 695 14.93 5.49 33.02
CA THR D 695 15.82 6.63 32.80
C THR D 695 17.15 6.18 32.20
N ALA D 696 17.48 4.91 32.40
CA ALA D 696 18.70 4.34 31.83
C ALA D 696 18.49 4.02 30.35
N SER D 697 17.30 3.55 30.02
CA SER D 697 17.00 3.12 28.65
C SER D 697 16.87 4.30 27.69
N LYS D 698 16.25 5.38 28.14
CA LYS D 698 16.09 6.57 27.31
C LYS D 698 17.44 7.18 26.96
N TYR D 699 18.34 7.23 27.95
CA TYR D 699 19.69 7.73 27.73
C TYR D 699 20.46 6.83 26.78
N LEU D 700 20.27 5.52 26.92
CA LEU D 700 20.92 4.56 26.05
C LEU D 700 20.37 4.70 24.63
N GLU D 701 19.08 5.01 24.53
CA GLU D 701 18.44 5.21 23.24
C GLU D 701 18.91 6.49 22.55
N GLN D 702 19.09 7.54 23.34
CA GLN D 702 19.59 8.81 22.81
C GLN D 702 20.99 8.61 22.24
N ALA D 703 21.77 7.77 22.90
CA ALA D 703 23.13 7.46 22.46
C ALA D 703 23.11 6.48 21.30
N LYS D 704 21.99 5.79 21.11
CA LYS D 704 21.86 4.83 20.02
C LYS D 704 21.49 5.54 18.72
N VAL D 705 20.74 6.63 18.83
CA VAL D 705 20.37 7.44 17.67
C VAL D 705 21.60 7.99 16.97
N ILE D 706 22.51 8.56 17.74
CA ILE D 706 23.75 9.12 17.21
C ILE D 706 24.86 8.08 17.28
N LEU D 707 25.57 7.87 16.17
CA LEU D 707 26.75 7.00 16.12
C LEU D 707 26.45 5.53 16.43
N GLY D 708 25.23 5.25 16.87
CA GLY D 708 24.89 3.95 17.44
C GLY D 708 24.63 2.80 16.49
N GLN D 709 23.88 1.82 17.01
CA GLN D 709 23.56 0.57 16.31
C GLN D 709 24.80 -0.34 16.15
N ASN D 710 25.77 0.03 15.34
CA ASN D 710 26.98 -0.77 15.16
C ASN D 710 28.11 -0.41 16.12
N ASP D 711 27.89 0.61 16.93
CA ASP D 711 28.94 1.15 17.79
C ASP D 711 29.27 0.21 18.95
N PRO D 712 30.56 -0.05 19.16
CA PRO D 712 31.04 -0.98 20.20
C PRO D 712 30.62 -0.57 21.61
N THR D 713 30.69 0.73 21.91
CA THR D 713 30.37 1.21 23.25
C THR D 713 28.88 1.17 23.54
N VAL D 714 28.07 1.14 22.48
CA VAL D 714 26.62 1.07 22.63
C VAL D 714 26.15 -0.34 22.97
N ILE D 715 26.67 -1.32 22.24
CA ILE D 715 26.28 -2.72 22.45
C ILE D 715 26.78 -3.27 23.79
N SER D 716 27.97 -2.82 24.21
CA SER D 716 28.53 -3.27 25.48
C SER D 716 27.76 -2.67 26.65
N THR D 717 27.17 -1.49 26.43
CA THR D 717 26.38 -0.83 27.46
C THR D 717 25.02 -1.49 27.59
N GLU D 718 24.40 -1.79 26.45
CA GLU D 718 23.11 -2.45 26.42
C GLU D 718 23.23 -3.87 26.95
N LYS D 719 24.38 -4.50 26.70
CA LYS D 719 24.66 -5.83 27.21
C LYS D 719 24.74 -5.77 28.72
N PHE D 720 25.33 -4.68 29.21
CA PHE D 720 25.42 -4.42 30.64
C PHE D 720 24.05 -4.10 31.21
N TYR D 721 23.23 -3.42 30.41
CA TYR D 721 21.87 -3.06 30.80
C TYR D 721 20.99 -4.30 30.94
N ASN D 722 21.10 -5.22 29.98
CA ASN D 722 20.35 -6.46 29.99
C ASN D 722 20.75 -7.36 31.15
N SER D 723 22.02 -7.28 31.53
CA SER D 723 22.55 -8.12 32.61
C SER D 723 21.99 -7.72 33.96
N ILE D 724 21.76 -6.42 34.14
CA ILE D 724 21.25 -5.89 35.40
C ILE D 724 19.72 -5.92 35.49
N LYS D 725 19.06 -5.61 34.37
CA LYS D 725 17.59 -5.55 34.37
C LYS D 725 16.95 -6.90 34.61
N THR D 726 17.49 -7.94 34.00
CA THR D 726 16.99 -9.30 34.20
C THR D 726 17.46 -9.87 35.53
N GLN D 727 18.34 -9.13 36.21
CA GLN D 727 18.86 -9.54 37.50
C GLN D 727 18.00 -9.00 38.65
N SER D 728 17.13 -8.05 38.33
CA SER D 728 16.22 -7.48 39.32
C SER D 728 15.16 -8.51 39.71
N ASN D 729 14.83 -9.40 38.78
CA ASN D 729 13.87 -10.47 39.03
C ASN D 729 14.58 -11.81 39.22
N ALA D 730 13.78 -12.88 39.32
CA ALA D 730 14.34 -14.22 39.48
C ALA D 730 13.44 -15.28 38.84
N MET E 1 15.00 18.79 -19.65
N MET E 1 17.63 18.49 -20.62
CA MET E 1 16.04 17.90 -20.15
CA MET E 1 16.39 18.10 -19.96
C MET E 1 16.30 16.76 -19.19
C MET E 1 16.59 16.93 -19.01
N ASP E 2 15.74 16.87 -17.98
CA ASP E 2 15.85 15.81 -16.99
C ASP E 2 14.60 14.92 -17.06
N ILE E 3 14.77 13.70 -17.55
CA ILE E 3 13.67 12.74 -17.57
C ILE E 3 13.79 11.79 -16.37
N ARG E 4 12.65 11.41 -15.81
CA ARG E 4 12.63 10.69 -14.55
C ARG E 4 11.22 10.20 -14.25
N PRO E 5 11.10 9.19 -13.36
CA PRO E 5 9.77 8.69 -12.98
C PRO E 5 8.92 9.79 -12.36
N ALA E 6 7.61 9.77 -12.63
CA ALA E 6 6.71 10.80 -12.16
C ALA E 6 6.31 10.57 -10.70
N ARG E 7 6.23 11.66 -9.94
CA ARG E 7 5.81 11.61 -8.54
C ARG E 7 4.43 12.25 -8.36
N ILE E 8 3.90 12.16 -7.15
CA ILE E 8 2.61 12.79 -6.84
C ILE E 8 2.71 14.30 -7.01
N SER E 9 3.81 14.87 -6.53
CA SER E 9 4.00 16.31 -6.49
C SER E 9 3.99 16.96 -7.87
N ASP E 10 4.40 16.22 -8.89
CA ASP E 10 4.40 16.75 -10.26
C ASP E 10 3.22 16.29 -11.14
N LEU E 11 2.16 15.78 -10.51
CA LEU E 11 0.96 15.40 -11.25
C LEU E 11 0.22 16.59 -11.86
N THR E 12 0.08 17.67 -11.09
CA THR E 12 -0.60 18.87 -11.58
C THR E 12 0.17 19.48 -12.74
N GLY E 13 1.49 19.32 -12.72
CA GLY E 13 2.34 19.82 -13.78
C GLY E 13 2.11 19.07 -15.08
N MET E 14 1.79 17.78 -14.94
CA MET E 14 1.48 16.95 -16.10
C MET E 14 0.15 17.39 -16.68
N GLN E 15 -0.81 17.67 -15.79
CA GLN E 15 -2.13 18.12 -16.18
C GLN E 15 -2.05 19.43 -16.95
N ASN E 16 -1.19 20.33 -16.48
CA ASN E 16 -0.96 21.61 -17.13
C ASN E 16 -0.38 21.41 -18.53
N CYS E 17 0.62 20.54 -18.61
CA CYS E 17 1.25 20.21 -19.89
C CYS E 17 0.24 19.59 -20.85
N ASN E 18 -0.73 18.86 -20.29
CA ASN E 18 -1.80 18.27 -21.09
C ASN E 18 -2.82 19.29 -21.54
N LEU E 19 -3.12 20.26 -20.67
CA LEU E 19 -4.09 21.30 -20.99
C LEU E 19 -3.54 22.28 -22.01
N HIS E 20 -2.25 22.17 -22.29
CA HIS E 20 -1.58 23.13 -23.16
C HIS E 20 -1.45 22.60 -24.59
N ASN E 21 -1.25 21.30 -24.73
CA ASN E 21 -1.02 20.71 -26.04
C ASN E 21 -1.98 19.59 -26.42
N LEU E 22 -3.04 19.36 -25.65
CA LEU E 22 -4.01 18.31 -25.99
C LEU E 22 -5.44 18.77 -25.80
N PRO E 23 -6.35 18.28 -26.66
CA PRO E 23 -7.74 18.77 -26.62
C PRO E 23 -8.93 18.17 -25.78
N GLU E 24 -9.06 17.03 -25.06
CA GLU E 24 -8.21 15.86 -24.72
C GLU E 24 -7.61 15.97 -23.32
N ASN E 25 -8.46 16.23 -22.33
CA ASN E 25 -8.01 16.52 -20.98
C ASN E 25 -8.82 15.77 -19.94
N TYR E 26 -8.23 15.58 -18.78
CA TYR E 26 -8.87 14.89 -17.67
C TYR E 26 -8.71 15.76 -16.41
N GLN E 27 -9.43 15.44 -15.34
CA GLN E 27 -9.30 16.23 -14.11
C GLN E 27 -8.35 15.47 -13.21
N LEU E 28 -7.79 16.17 -12.21
CA LEU E 28 -6.60 15.70 -11.52
C LEU E 28 -6.80 14.36 -10.84
N LYS E 29 -8.04 14.05 -10.44
CA LYS E 29 -8.32 12.79 -9.77
C LYS E 29 -7.97 11.60 -10.66
N TYR E 30 -8.06 11.79 -11.96
CA TYR E 30 -7.78 10.72 -12.91
C TYR E 30 -6.27 10.51 -13.02
N TYR E 31 -5.52 11.59 -12.81
CA TYR E 31 -4.07 11.48 -12.74
C TYR E 31 -3.69 10.78 -11.44
N LEU E 32 -4.39 11.15 -10.37
CA LEU E 32 -4.22 10.54 -9.06
C LEU E 32 -4.51 9.05 -9.18
N TYR E 33 -5.55 8.73 -9.95
CA TYR E 33 -5.95 7.35 -10.18
C TYR E 33 -4.86 6.56 -10.88
N HIS E 34 -4.08 7.21 -11.74
CA HIS E 34 -2.96 6.56 -12.42
C HIS E 34 -1.81 6.33 -11.46
N ALA E 35 -1.54 7.31 -10.61
CA ALA E 35 -0.42 7.24 -9.67
C ALA E 35 -0.61 6.14 -8.64
N ILE E 36 -1.82 6.04 -8.10
CA ILE E 36 -2.11 5.03 -7.09
C ILE E 36 -2.20 3.62 -7.69
N SER E 37 -2.83 3.49 -8.85
CA SER E 37 -3.04 2.17 -9.45
C SER E 37 -1.77 1.63 -10.13
N TRP E 38 -1.00 2.50 -10.76
CA TRP E 38 0.25 2.09 -11.41
C TRP E 38 1.35 3.11 -11.17
N PRO E 39 1.99 3.05 -10.00
CA PRO E 39 2.92 4.10 -9.55
C PRO E 39 4.21 4.28 -10.35
N MET E 40 4.74 3.23 -10.96
CA MET E 40 6.01 3.35 -11.66
C MET E 40 5.91 3.48 -13.19
N LEU E 41 4.68 3.55 -13.71
CA LEU E 41 4.48 3.55 -15.15
C LEU E 41 4.63 4.91 -15.83
N SER E 42 4.36 5.97 -15.10
CA SER E 42 4.37 7.31 -15.70
C SER E 42 5.70 8.01 -15.52
N TYR E 43 6.18 8.67 -16.57
CA TYR E 43 7.45 9.39 -16.55
C TYR E 43 7.28 10.86 -16.91
N VAL E 44 8.30 11.66 -16.60
CA VAL E 44 8.19 13.12 -16.71
C VAL E 44 9.53 13.74 -17.12
N ALA E 45 9.46 14.72 -18.03
CA ALA E 45 10.64 15.48 -18.44
C ALA E 45 10.57 16.87 -17.82
N THR E 46 11.69 17.35 -17.29
CA THR E 46 11.68 18.57 -16.48
C THR E 46 12.68 19.64 -16.92
N ASP E 47 12.24 20.88 -16.93
CA ASP E 47 13.11 22.02 -17.24
C ASP E 47 13.91 22.44 -16.00
N PRO E 48 14.95 23.29 -16.19
CA PRO E 48 15.80 23.73 -15.08
C PRO E 48 15.08 24.30 -13.86
N LYS E 49 13.83 24.73 -14.00
CA LYS E 49 13.12 25.30 -12.85
C LYS E 49 12.28 24.28 -12.08
N GLY E 50 12.29 23.03 -12.52
CA GLY E 50 11.60 21.98 -11.80
C GLY E 50 10.15 21.78 -12.24
N ARG E 51 9.78 22.43 -13.33
CA ARG E 51 8.41 22.36 -13.84
C ARG E 51 8.29 21.33 -14.95
N VAL E 52 7.14 20.65 -15.01
CA VAL E 52 6.93 19.59 -15.98
C VAL E 52 6.84 20.12 -17.41
N VAL E 53 7.68 19.57 -18.27
CA VAL E 53 7.76 20.00 -19.67
C VAL E 53 7.12 18.98 -20.59
N GLY E 54 7.42 17.69 -20.36
CA GLY E 54 6.81 16.62 -21.11
C GLY E 54 6.48 15.49 -20.16
N TYR E 55 5.61 14.59 -20.59
CA TYR E 55 5.14 13.53 -19.70
C TYR E 55 4.62 12.36 -20.51
N VAL E 56 4.45 11.23 -19.84
CA VAL E 56 3.70 10.13 -20.40
C VAL E 56 2.79 9.55 -19.32
N LEU E 57 1.49 9.59 -19.56
CA LEU E 57 0.52 9.02 -18.63
C LEU E 57 0.26 7.60 -19.05
N ALA E 58 0.79 6.65 -18.30
CA ALA E 58 0.69 5.24 -18.67
C ALA E 58 -0.09 4.44 -17.65
N LYS E 59 -0.67 3.34 -18.12
CA LYS E 59 -1.44 2.44 -17.27
C LYS E 59 -1.49 1.04 -17.85
N MET E 60 -1.89 0.09 -17.03
CA MET E 60 -2.17 -1.26 -17.50
C MET E 60 -3.68 -1.34 -17.67
N GLU E 61 -4.13 -2.08 -18.67
CA GLU E 61 -5.55 -2.15 -18.97
C GLU E 61 -6.33 -2.83 -17.85
N GLU E 62 -7.31 -2.12 -17.29
CA GLU E 62 -8.10 -2.64 -16.18
C GLU E 62 -8.90 -3.86 -16.60
N GLU E 63 -9.44 -3.82 -17.81
CA GLU E 63 -10.18 -4.94 -18.36
C GLU E 63 -9.50 -5.45 -19.63
N PRO E 64 -8.44 -6.27 -19.46
CA PRO E 64 -7.60 -6.78 -20.55
C PRO E 64 -8.40 -7.49 -21.64
N LYS E 65 -7.95 -7.37 -22.88
CA LYS E 65 -8.62 -8.02 -24.00
C LYS E 65 -8.20 -9.50 -24.01
N ASP E 66 -9.19 -10.39 -23.96
CA ASP E 66 -8.97 -11.85 -23.99
C ASP E 66 -8.29 -12.40 -22.74
N GLY E 67 -7.87 -11.52 -21.85
CA GLY E 67 -7.24 -11.94 -20.60
C GLY E 67 -5.74 -11.74 -20.57
N ILE E 68 -5.17 -11.26 -21.67
CA ILE E 68 -3.74 -11.02 -21.72
C ILE E 68 -3.45 -9.58 -21.28
N PRO E 69 -2.51 -9.42 -20.33
CA PRO E 69 -2.19 -8.10 -19.77
C PRO E 69 -1.44 -7.24 -20.77
N HIS E 70 -1.79 -5.95 -20.82
CA HIS E 70 -1.13 -5.02 -21.72
C HIS E 70 -1.20 -3.60 -21.21
N GLY E 71 -0.23 -2.79 -21.63
CA GLY E 71 -0.15 -1.41 -21.21
C GLY E 71 -0.91 -0.50 -22.15
N HIS E 72 -1.25 0.68 -21.65
CA HIS E 72 -1.97 1.67 -22.45
C HIS E 72 -1.47 3.07 -22.16
N ILE E 73 -1.07 3.78 -23.20
CA ILE E 73 -0.71 5.19 -23.06
C ILE E 73 -1.99 6.01 -23.14
N THR E 74 -2.38 6.62 -22.02
CA THR E 74 -3.58 7.44 -22.01
C THR E 74 -3.30 8.84 -22.54
N SER E 75 -2.11 9.35 -22.24
CA SER E 75 -1.71 10.67 -22.73
C SER E 75 -0.19 10.84 -22.76
N VAL E 76 0.29 11.57 -23.77
CA VAL E 76 1.68 12.00 -23.82
C VAL E 76 1.80 13.27 -24.65
N SER E 77 2.55 14.24 -24.16
CA SER E 77 2.83 15.45 -24.92
C SER E 77 4.07 16.18 -24.42
N VAL E 78 4.62 17.03 -25.28
CA VAL E 78 5.75 17.87 -24.92
C VAL E 78 5.39 19.30 -25.30
N MET E 79 5.78 20.25 -24.45
CA MET E 79 5.59 21.66 -24.76
C MET E 79 6.23 21.96 -26.11
N ARG E 80 5.64 22.89 -26.86
CA ARG E 80 6.12 23.21 -28.20
C ARG E 80 7.59 23.58 -28.21
N SER E 81 8.03 24.25 -27.14
CA SER E 81 9.41 24.71 -27.02
C SER E 81 10.40 23.55 -27.04
N TYR E 82 10.06 22.47 -26.33
CA TYR E 82 10.97 21.35 -26.11
C TYR E 82 10.78 20.17 -27.06
N ARG E 83 10.05 20.40 -28.14
CA ARG E 83 9.84 19.36 -29.13
C ARG E 83 11.07 19.15 -30.00
N HIS E 84 11.03 18.14 -30.87
CA HIS E 84 12.14 17.80 -31.75
C HIS E 84 13.44 17.57 -30.99
N LEU E 85 13.34 16.93 -29.83
CA LEU E 85 14.49 16.67 -28.98
C LEU E 85 14.72 15.17 -28.77
N GLY E 86 13.64 14.44 -28.57
CA GLY E 86 13.71 13.04 -28.22
C GLY E 86 13.07 12.79 -26.87
N LEU E 87 12.49 13.83 -26.29
CA LEU E 87 11.82 13.73 -25.00
C LEU E 87 10.71 12.67 -24.98
N ALA E 88 9.84 12.69 -25.99
CA ALA E 88 8.72 11.75 -26.04
C ALA E 88 9.20 10.31 -26.22
N LYS E 89 10.14 10.12 -27.15
CA LYS E 89 10.66 8.77 -27.41
C LYS E 89 11.28 8.19 -26.15
N ARG E 90 12.04 9.01 -25.43
CA ARG E 90 12.72 8.59 -24.21
C ARG E 90 11.74 8.37 -23.05
N LEU E 91 10.66 9.14 -23.03
CA LEU E 91 9.62 8.96 -22.02
C LEU E 91 8.89 7.65 -22.25
N MET E 92 8.74 7.28 -23.52
CA MET E 92 8.01 6.07 -23.89
C MET E 92 8.79 4.80 -23.55
N VAL E 93 10.10 4.81 -23.81
CA VAL E 93 10.93 3.63 -23.58
C VAL E 93 11.10 3.31 -22.09
N GLN E 94 11.09 4.34 -21.26
CA GLN E 94 11.18 4.15 -19.82
C GLN E 94 9.89 3.53 -19.31
N SER E 95 8.78 4.08 -19.78
CA SER E 95 7.47 3.60 -19.37
C SER E 95 7.20 2.19 -19.88
N GLN E 96 7.72 1.89 -21.07
CA GLN E 96 7.55 0.57 -21.67
C GLN E 96 8.27 -0.50 -20.86
N ARG E 97 9.48 -0.17 -20.40
CA ARG E 97 10.28 -1.09 -19.61
C ARG E 97 9.56 -1.46 -18.32
N ALA E 98 8.94 -0.47 -17.70
CA ALA E 98 8.25 -0.67 -16.43
C ALA E 98 7.01 -1.55 -16.60
N MET E 99 6.34 -1.41 -17.74
CA MET E 99 5.17 -2.21 -18.04
C MET E 99 5.51 -3.69 -18.07
N VAL E 100 6.61 -4.01 -18.75
CA VAL E 100 7.05 -5.39 -18.93
C VAL E 100 7.58 -6.00 -17.63
N GLU E 101 8.45 -5.27 -16.94
CA GLU E 101 9.10 -5.80 -15.75
C GLU E 101 8.18 -5.94 -14.54
N VAL E 102 7.40 -4.91 -14.27
CA VAL E 102 6.53 -4.92 -13.09
C VAL E 102 5.23 -5.71 -13.32
N TYR E 103 4.54 -5.40 -14.42
CA TYR E 103 3.22 -5.97 -14.67
C TYR E 103 3.19 -7.11 -15.69
N GLY E 104 4.32 -7.41 -16.31
CA GLY E 104 4.40 -8.49 -17.27
C GLY E 104 3.52 -8.26 -18.49
N ALA E 105 3.51 -7.03 -18.98
CA ALA E 105 2.69 -6.66 -20.13
C ALA E 105 3.18 -7.35 -21.41
N LYS E 106 2.26 -7.98 -22.14
CA LYS E 106 2.65 -8.65 -23.38
C LYS E 106 2.67 -7.67 -24.55
N TYR E 107 2.03 -6.51 -24.40
CA TYR E 107 2.10 -5.45 -25.40
C TYR E 107 1.62 -4.12 -24.84
N MET E 108 1.62 -3.09 -25.68
CA MET E 108 1.11 -1.78 -25.29
C MET E 108 0.30 -1.15 -26.42
N SER E 109 -0.66 -0.29 -26.05
CA SER E 109 -1.57 0.29 -27.03
C SER E 109 -1.92 1.75 -26.77
N LEU E 110 -2.33 2.46 -27.81
CA LEU E 110 -2.74 3.86 -27.69
C LEU E 110 -3.71 4.28 -28.80
N HIS E 111 -4.17 5.52 -28.74
CA HIS E 111 -5.04 6.09 -29.76
C HIS E 111 -4.48 7.38 -30.31
N VAL E 112 -4.51 7.51 -31.63
CA VAL E 112 -4.10 8.75 -32.29
C VAL E 112 -5.08 9.13 -33.38
N ARG E 113 -5.38 10.42 -33.49
CA ARG E 113 -6.22 10.90 -34.58
C ARG E 113 -5.46 10.83 -35.89
N LYS E 114 -6.18 10.47 -36.96
CA LYS E 114 -5.59 10.22 -38.26
C LYS E 114 -4.82 11.42 -38.83
N SER E 115 -5.21 12.62 -38.42
CA SER E 115 -4.59 13.83 -38.96
C SER E 115 -3.32 14.25 -38.21
N ASN E 116 -2.97 13.53 -37.14
CA ASN E 116 -1.79 13.88 -36.36
C ASN E 116 -0.56 13.22 -36.96
N ARG E 117 0.21 14.02 -37.70
CA ARG E 117 1.33 13.49 -38.47
C ARG E 117 2.53 13.23 -37.57
N ALA E 118 2.74 14.13 -36.60
CA ALA E 118 3.84 14.00 -35.67
C ALA E 118 3.70 12.76 -34.79
N ALA E 119 2.49 12.49 -34.33
CA ALA E 119 2.23 11.36 -33.45
C ALA E 119 2.43 10.02 -34.17
N ILE E 120 1.80 9.87 -35.34
CA ILE E 120 1.93 8.65 -36.13
C ILE E 120 3.39 8.36 -36.49
N HIS E 121 4.11 9.40 -36.89
CA HIS E 121 5.51 9.27 -37.28
C HIS E 121 6.36 8.87 -36.07
N LEU E 122 5.86 9.17 -34.88
CA LEU E 122 6.54 8.82 -33.64
C LEU E 122 6.37 7.35 -33.29
N TYR E 123 5.12 6.87 -33.33
CA TYR E 123 4.82 5.50 -32.94
C TYR E 123 5.12 4.48 -34.03
N ARG E 124 4.57 4.69 -35.23
CA ARG E 124 4.71 3.70 -36.30
C ARG E 124 6.14 3.57 -36.81
N ASP E 125 6.88 4.68 -36.80
CA ASP E 125 8.22 4.67 -37.39
C ASP E 125 9.34 4.52 -36.35
N THR E 126 9.46 5.46 -35.43
CA THR E 126 10.54 5.44 -34.46
C THR E 126 10.32 4.49 -33.28
N LEU E 127 9.06 4.29 -32.90
CA LEU E 127 8.74 3.39 -31.78
C LEU E 127 8.21 2.02 -32.23
N GLN E 128 8.16 1.80 -33.54
CA GLN E 128 7.79 0.50 -34.11
C GLN E 128 6.41 -0.03 -33.69
N PHE E 129 5.42 0.84 -33.71
CA PHE E 129 4.03 0.44 -33.49
C PHE E 129 3.39 -0.11 -34.76
N ASP E 130 2.39 -0.96 -34.60
CA ASP E 130 1.57 -1.43 -35.72
C ASP E 130 0.21 -0.76 -35.64
N VAL E 131 -0.43 -0.56 -36.78
CA VAL E 131 -1.77 0.01 -36.79
C VAL E 131 -2.77 -1.13 -36.71
N GLN E 132 -3.40 -1.27 -35.54
CA GLN E 132 -4.31 -2.39 -35.28
C GLN E 132 -5.60 -2.22 -36.06
N GLY E 133 -6.03 -0.97 -36.21
CA GLY E 133 -7.25 -0.68 -36.93
C GLY E 133 -7.64 0.79 -36.83
N ILE E 134 -8.86 1.09 -37.22
CA ILE E 134 -9.37 2.46 -37.18
C ILE E 134 -10.73 2.53 -36.47
N GLU E 135 -10.84 3.46 -35.52
CA GLU E 135 -12.07 3.63 -34.76
C GLU E 135 -12.81 4.88 -35.20
N SER E 136 -14.00 4.69 -35.76
CA SER E 136 -14.76 5.78 -36.35
C SER E 136 -15.31 6.76 -35.31
N LYS E 137 -15.08 8.04 -35.55
CA LYS E 137 -15.59 9.12 -34.70
C LYS E 137 -15.30 8.90 -33.21
N TYR E 138 -14.05 8.53 -32.92
CA TYR E 138 -13.60 8.27 -31.57
C TYR E 138 -13.51 9.56 -30.77
N TYR E 139 -12.94 10.58 -31.38
CA TYR E 139 -12.77 11.87 -30.73
C TYR E 139 -14.04 12.72 -30.75
N ALA E 140 -14.13 13.68 -29.83
CA ALA E 140 -15.33 14.48 -29.63
C ALA E 140 -15.73 15.25 -30.89
N ASP E 141 -14.74 15.72 -31.64
CA ASP E 141 -15.01 16.47 -32.86
C ASP E 141 -15.42 15.54 -34.02
N GLY E 142 -15.34 14.24 -33.78
CA GLY E 142 -15.81 13.27 -34.75
C GLY E 142 -14.70 12.67 -35.59
N GLU E 143 -13.47 13.04 -35.29
CA GLU E 143 -12.33 12.52 -36.04
C GLU E 143 -12.03 11.07 -35.71
N ASP E 144 -11.64 10.31 -36.73
CA ASP E 144 -11.31 8.90 -36.56
C ASP E 144 -9.99 8.72 -35.82
N ALA E 145 -9.84 7.60 -35.12
CA ALA E 145 -8.63 7.35 -34.35
C ALA E 145 -7.95 6.04 -34.76
N TYR E 146 -6.65 6.11 -35.00
CA TYR E 146 -5.87 4.90 -35.24
C TYR E 146 -5.61 4.19 -33.92
N ALA E 147 -5.93 2.91 -33.88
CA ALA E 147 -5.58 2.08 -32.72
C ALA E 147 -4.23 1.45 -32.99
N MET E 148 -3.22 1.87 -32.22
CA MET E 148 -1.86 1.40 -32.43
C MET E 148 -1.43 0.41 -31.36
N HIS E 149 -0.70 -0.63 -31.77
CA HIS E 149 -0.26 -1.69 -30.86
C HIS E 149 1.22 -1.96 -31.05
N LYS E 150 1.96 -2.08 -29.95
CA LYS E 150 3.34 -2.55 -30.02
C LYS E 150 3.49 -3.85 -29.25
N ASP E 151 3.72 -4.94 -29.97
CA ASP E 151 3.83 -6.25 -29.36
C ASP E 151 5.26 -6.49 -28.90
N PHE E 152 5.42 -7.02 -27.68
CA PHE E 152 6.74 -7.30 -27.13
C PHE E 152 7.14 -8.74 -27.39
N SER E 153 7.96 -8.95 -28.43
CA SER E 153 8.43 -10.30 -28.76
C SER E 153 9.70 -10.23 -29.61
N MET F 1 -16.02 -26.25 39.58
N MET F 1 -18.53 -26.36 41.00
CA MET F 1 -16.79 -25.82 40.74
CA MET F 1 -17.09 -26.29 40.82
C MET F 1 -16.08 -26.24 42.03
C MET F 1 -16.34 -26.70 42.08
N ASP F 2 -15.08 -27.09 41.90
CA ASP F 2 -14.27 -27.52 43.03
C ASP F 2 -13.00 -26.67 43.10
N ILE F 3 -12.93 -25.79 44.11
CA ILE F 3 -11.73 -24.99 44.34
C ILE F 3 -10.88 -25.61 45.45
N ARG F 4 -9.57 -25.52 45.31
CA ARG F 4 -8.64 -26.25 46.16
C ARG F 4 -7.21 -25.77 45.93
N PRO F 5 -6.30 -26.06 46.88
CA PRO F 5 -4.89 -25.69 46.70
C PRO F 5 -4.28 -26.34 45.46
N ALA F 6 -3.40 -25.61 44.78
CA ALA F 6 -2.81 -26.11 43.54
C ALA F 6 -1.67 -27.11 43.79
N ARG F 7 -1.62 -28.13 42.94
CA ARG F 7 -0.55 -29.12 42.98
C ARG F 7 0.37 -28.97 41.79
N ILE F 8 1.48 -29.72 41.82
CA ILE F 8 2.43 -29.74 40.71
C ILE F 8 1.73 -30.31 39.48
N SER F 9 0.94 -31.36 39.71
CA SER F 9 0.31 -32.11 38.64
C SER F 9 -0.65 -31.27 37.79
N ASP F 10 -1.28 -30.28 38.40
CA ASP F 10 -2.19 -29.40 37.66
C ASP F 10 -1.60 -28.03 37.26
N LEU F 11 -0.27 -27.92 37.29
CA LEU F 11 0.40 -26.69 36.86
C LEU F 11 0.22 -26.44 35.36
N THR F 12 0.40 -27.49 34.56
CA THR F 12 0.23 -27.39 33.13
C THR F 12 -1.21 -27.02 32.79
N GLY F 13 -2.13 -27.45 33.64
CA GLY F 13 -3.54 -27.12 33.47
C GLY F 13 -3.80 -25.64 33.68
N MET F 14 -3.05 -25.04 34.61
CA MET F 14 -3.15 -23.62 34.87
C MET F 14 -2.57 -22.83 33.70
N GLN F 15 -1.44 -23.32 33.20
CA GLN F 15 -0.76 -22.70 32.06
C GLN F 15 -1.67 -22.65 30.84
N ASN F 16 -2.41 -23.74 30.63
CA ASN F 16 -3.36 -23.81 29.53
C ASN F 16 -4.46 -22.78 29.71
N CYS F 17 -5.00 -22.71 30.91
CA CYS F 17 -6.02 -21.73 31.26
C CYS F 17 -5.49 -20.31 31.14
N ASN F 18 -4.20 -20.14 31.40
CA ASN F 18 -3.57 -18.83 31.25
C ASN F 18 -3.40 -18.48 29.78
N LEU F 19 -3.10 -19.51 28.97
CA LEU F 19 -2.90 -19.34 27.54
C LEU F 19 -4.20 -19.09 26.78
N HIS F 20 -5.33 -19.25 27.47
CA HIS F 20 -6.61 -19.13 26.80
C HIS F 20 -7.27 -17.77 27.02
N ASN F 21 -7.08 -17.19 28.21
CA ASN F 21 -7.74 -15.93 28.53
C ASN F 21 -6.82 -14.77 28.88
N LEU F 22 -5.53 -14.93 28.65
CA LEU F 22 -4.62 -13.83 28.90
C LEU F 22 -3.58 -13.66 27.81
N PRO F 23 -3.25 -12.41 27.50
CA PRO F 23 -2.21 -12.09 26.51
C PRO F 23 -0.85 -12.07 27.21
N GLU F 24 -0.90 -12.16 28.53
CA GLU F 24 0.29 -12.24 29.36
C GLU F 24 0.52 -13.69 29.78
N ASN F 25 1.60 -14.28 29.28
CA ASN F 25 1.84 -15.72 29.40
C ASN F 25 3.22 -16.06 29.97
N TYR F 26 3.34 -17.24 30.57
CA TYR F 26 4.62 -17.69 31.12
C TYR F 26 4.96 -19.11 30.67
N GLN F 27 6.21 -19.48 30.94
CA GLN F 27 6.73 -20.77 30.54
C GLN F 27 6.62 -21.63 31.77
N LEU F 28 6.59 -22.95 31.61
CA LEU F 28 6.14 -23.82 32.69
C LEU F 28 7.09 -23.73 33.88
N LYS F 29 8.37 -23.49 33.59
CA LYS F 29 9.39 -23.40 34.62
C LYS F 29 9.09 -22.29 35.62
N TYR F 30 8.40 -21.25 35.16
CA TYR F 30 8.05 -20.13 36.03
C TYR F 30 6.92 -20.53 36.97
N TYR F 31 6.08 -21.45 36.49
CA TYR F 31 5.04 -22.02 37.35
C TYR F 31 5.70 -22.95 38.37
N LEU F 32 6.69 -23.70 37.91
CA LEU F 32 7.46 -24.59 38.78
C LEU F 32 8.14 -23.75 39.85
N TYR F 33 8.67 -22.61 39.45
CA TYR F 33 9.32 -21.68 40.37
C TYR F 33 8.39 -21.16 41.45
N HIS F 34 7.11 -21.00 41.11
CA HIS F 34 6.11 -20.55 42.07
C HIS F 34 5.74 -21.66 43.03
N ALA F 35 5.60 -22.87 42.51
CA ALA F 35 5.19 -24.01 43.30
C ALA F 35 6.25 -24.38 44.34
N ILE F 36 7.51 -24.37 43.92
CA ILE F 36 8.61 -24.72 44.79
C ILE F 36 8.90 -23.63 45.84
N SER F 37 8.84 -22.37 45.41
CA SER F 37 9.17 -21.25 46.28
C SER F 37 8.06 -20.89 47.26
N TRP F 38 6.81 -20.99 46.79
CA TRP F 38 5.65 -20.71 47.63
C TRP F 38 4.55 -21.74 47.38
N PRO F 39 4.67 -22.93 48.01
CA PRO F 39 3.82 -24.09 47.72
C PRO F 39 2.34 -23.97 48.09
N MET F 40 2.00 -23.19 49.10
CA MET F 40 0.61 -23.12 49.56
C MET F 40 -0.17 -21.89 49.08
N LEU F 41 0.45 -21.06 48.26
CA LEU F 41 -0.18 -19.80 47.86
C LEU F 41 -1.16 -19.90 46.68
N SER F 42 -0.95 -20.87 45.80
CA SER F 42 -1.76 -20.97 44.58
C SER F 42 -2.96 -21.90 44.72
N TYR F 43 -4.10 -21.45 44.20
CA TYR F 43 -5.34 -22.23 44.24
C TYR F 43 -5.93 -22.45 42.85
N VAL F 44 -6.82 -23.42 42.73
CA VAL F 44 -7.32 -23.84 41.43
C VAL F 44 -8.79 -24.29 41.49
N ALA F 45 -9.57 -23.90 40.49
CA ALA F 45 -10.95 -24.35 40.38
C ALA F 45 -11.05 -25.40 39.27
N THR F 46 -11.78 -26.48 39.55
CA THR F 46 -11.77 -27.64 38.65
C THR F 46 -13.17 -28.08 38.21
N ASP F 47 -13.29 -28.42 36.93
CA ASP F 47 -14.55 -28.93 36.39
C ASP F 47 -14.68 -30.42 36.71
N PRO F 48 -15.89 -30.99 36.55
CA PRO F 48 -16.12 -32.41 36.84
C PRO F 48 -15.17 -33.41 36.16
N LYS F 49 -14.49 -33.01 35.08
CA LYS F 49 -13.58 -33.94 34.40
C LYS F 49 -12.13 -33.84 34.88
N GLY F 50 -11.89 -32.98 35.87
CA GLY F 50 -10.57 -32.90 36.47
C GLY F 50 -9.60 -31.92 35.81
N ARG F 51 -10.10 -31.12 34.88
CA ARG F 51 -9.24 -30.15 34.21
C ARG F 51 -9.37 -28.76 34.81
N VAL F 52 -8.25 -28.04 34.83
CA VAL F 52 -8.21 -26.72 35.45
C VAL F 52 -9.03 -25.68 34.68
N VAL F 53 -9.95 -25.03 35.39
CA VAL F 53 -10.84 -24.05 34.79
C VAL F 53 -10.45 -22.62 35.19
N GLY F 54 -10.13 -22.43 36.46
CA GLY F 54 -9.65 -21.14 36.94
C GLY F 54 -8.51 -21.34 37.92
N TYR F 55 -7.75 -20.29 38.15
CA TYR F 55 -6.56 -20.40 38.97
C TYR F 55 -6.15 -19.05 39.54
N VAL F 56 -5.26 -19.08 40.53
CA VAL F 56 -4.56 -17.89 40.97
C VAL F 56 -3.09 -18.21 41.20
N LEU F 57 -2.21 -17.55 40.44
CA LEU F 57 -0.78 -17.75 40.61
C LEU F 57 -0.27 -16.72 41.60
N ALA F 58 0.08 -17.17 42.80
CA ALA F 58 0.47 -16.27 43.86
C ALA F 58 1.91 -16.47 44.31
N LYS F 59 2.50 -15.40 44.84
CA LYS F 59 3.87 -15.43 45.33
C LYS F 59 4.08 -14.33 46.36
N MET F 60 5.19 -14.42 47.09
CA MET F 60 5.64 -13.34 47.95
C MET F 60 6.73 -12.59 47.20
N GLU F 61 6.82 -11.28 47.42
CA GLU F 61 7.80 -10.47 46.70
C GLU F 61 9.22 -10.84 47.11
N GLU F 62 10.03 -11.25 46.13
CA GLU F 62 11.39 -11.68 46.39
C GLU F 62 12.24 -10.52 46.93
N GLU F 63 12.02 -9.34 46.36
CA GLU F 63 12.72 -8.14 46.80
C GLU F 63 11.70 -7.14 47.36
N PRO F 64 11.31 -7.33 48.63
CA PRO F 64 10.26 -6.55 49.29
C PRO F 64 10.54 -5.06 49.23
N LYS F 65 9.49 -4.26 49.11
CA LYS F 65 9.66 -2.82 49.07
C LYS F 65 9.85 -2.33 50.50
N ASP F 66 10.96 -1.63 50.73
CA ASP F 66 11.28 -1.04 52.04
C ASP F 66 11.56 -2.07 53.13
N GLY F 67 11.36 -3.34 52.85
CA GLY F 67 11.64 -4.40 53.80
C GLY F 67 10.42 -5.04 54.44
N ILE F 68 9.24 -4.56 54.06
CA ILE F 68 8.00 -5.13 54.59
C ILE F 68 7.49 -6.25 53.68
N PRO F 69 7.16 -7.41 54.29
CA PRO F 69 6.71 -8.56 53.51
C PRO F 69 5.32 -8.36 52.93
N HIS F 70 5.13 -8.75 51.67
CA HIS F 70 3.83 -8.63 51.03
C HIS F 70 3.64 -9.63 49.89
N GLY F 71 2.39 -9.94 49.60
CA GLY F 71 2.05 -10.90 48.56
C GLY F 71 1.90 -10.25 47.20
N HIS F 72 2.01 -11.06 46.16
CA HIS F 72 1.83 -10.56 44.81
C HIS F 72 1.10 -11.57 43.95
N ILE F 73 0.01 -11.14 43.31
CA ILE F 73 -0.69 -11.98 42.35
C ILE F 73 -0.03 -11.81 40.99
N THR F 74 0.60 -12.87 40.49
CA THR F 74 1.23 -12.80 39.17
C THR F 74 0.24 -13.05 38.05
N SER F 75 -0.71 -13.95 38.27
CA SER F 75 -1.74 -14.22 37.27
C SER F 75 -3.02 -14.82 37.85
N VAL F 76 -4.15 -14.45 37.26
CA VAL F 76 -5.44 -15.07 37.57
C VAL F 76 -6.40 -14.95 36.38
N SER F 77 -7.09 -16.04 36.05
CA SER F 77 -8.11 -16.02 35.02
C SER F 77 -9.08 -17.19 35.14
N VAL F 78 -10.25 -17.05 34.51
CA VAL F 78 -11.25 -18.11 34.47
C VAL F 78 -11.68 -18.34 33.04
N MET F 79 -11.89 -19.60 32.66
CA MET F 79 -12.44 -19.93 31.35
C MET F 79 -13.77 -19.21 31.17
N ARG F 80 -14.07 -18.79 29.95
CA ARG F 80 -15.26 -17.97 29.69
C ARG F 80 -16.54 -18.63 30.18
N SER F 81 -16.62 -19.95 30.02
CA SER F 81 -17.83 -20.69 30.38
C SER F 81 -18.16 -20.56 31.86
N TYR F 82 -17.14 -20.61 32.71
CA TYR F 82 -17.34 -20.67 34.14
C TYR F 82 -17.21 -19.31 34.82
N ARG F 83 -17.25 -18.24 34.02
CA ARG F 83 -17.18 -16.89 34.56
C ARG F 83 -18.49 -16.47 35.18
N HIS F 84 -18.49 -15.27 35.77
CA HIS F 84 -19.68 -14.71 36.42
C HIS F 84 -20.29 -15.63 37.47
N LEU F 85 -19.43 -16.29 38.24
CA LEU F 85 -19.87 -17.21 39.27
C LEU F 85 -19.42 -16.80 40.66
N GLY F 86 -18.19 -16.31 40.75
CA GLY F 86 -17.56 -16.01 42.03
C GLY F 86 -16.32 -16.87 42.22
N LEU F 87 -15.99 -17.63 41.17
CA LEU F 87 -14.81 -18.48 41.18
C LEU F 87 -13.53 -17.71 41.49
N ALA F 88 -13.35 -16.57 40.82
CA ALA F 88 -12.15 -15.76 41.01
C ALA F 88 -12.05 -15.16 42.41
N LYS F 89 -13.16 -14.62 42.92
CA LYS F 89 -13.18 -14.00 44.24
C LYS F 89 -12.83 -15.02 45.32
N ARG F 90 -13.35 -16.24 45.16
CA ARG F 90 -13.11 -17.31 46.12
C ARG F 90 -11.67 -17.81 46.07
N LEU F 91 -11.06 -17.77 44.90
CA LEU F 91 -9.66 -18.15 44.74
C LEU F 91 -8.74 -17.15 45.43
N MET F 92 -9.13 -15.88 45.39
CA MET F 92 -8.32 -14.80 45.95
C MET F 92 -8.29 -14.85 47.47
N VAL F 93 -9.43 -15.11 48.09
CA VAL F 93 -9.52 -15.13 49.55
C VAL F 93 -8.75 -16.30 50.14
N GLN F 94 -8.68 -17.40 49.39
CA GLN F 94 -7.92 -18.57 49.82
C GLN F 94 -6.43 -18.28 49.76
N SER F 95 -6.00 -17.67 48.66
CA SER F 95 -4.60 -17.32 48.47
C SER F 95 -4.17 -16.24 49.45
N GLN F 96 -5.10 -15.33 49.74
CA GLN F 96 -4.83 -14.22 50.66
C GLN F 96 -4.55 -14.71 52.08
N ARG F 97 -5.35 -15.68 52.53
CA ARG F 97 -5.25 -16.21 53.88
C ARG F 97 -3.89 -16.86 54.10
N ALA F 98 -3.40 -17.59 53.10
CA ALA F 98 -2.13 -18.28 53.20
C ALA F 98 -0.96 -17.29 53.26
N MET F 99 -1.09 -16.18 52.56
CA MET F 99 -0.06 -15.14 52.55
C MET F 99 0.19 -14.61 53.95
N VAL F 100 -0.89 -14.33 54.67
CA VAL F 100 -0.81 -13.76 56.01
C VAL F 100 -0.32 -14.81 57.01
N GLU F 101 -0.92 -15.99 56.94
CA GLU F 101 -0.64 -17.05 57.92
C GLU F 101 0.75 -17.65 57.79
N VAL F 102 1.15 -18.00 56.57
CA VAL F 102 2.43 -18.66 56.36
C VAL F 102 3.63 -17.71 56.30
N TYR F 103 3.53 -16.67 55.49
CA TYR F 103 4.66 -15.77 55.27
C TYR F 103 4.57 -14.43 56.00
N GLY F 104 3.47 -14.21 56.70
CA GLY F 104 3.27 -12.97 57.43
C GLY F 104 3.21 -11.74 56.55
N ALA F 105 2.51 -11.86 55.42
CA ALA F 105 2.38 -10.76 54.48
C ALA F 105 1.59 -9.60 55.10
N LYS F 106 2.13 -8.38 55.00
CA LYS F 106 1.48 -7.17 55.52
C LYS F 106 0.46 -6.61 54.54
N TYR F 107 0.59 -6.97 53.27
CA TYR F 107 -0.37 -6.58 52.22
C TYR F 107 -0.15 -7.41 50.95
N MET F 108 -0.91 -7.11 49.89
CA MET F 108 -0.68 -7.74 48.60
C MET F 108 -0.82 -6.75 47.44
N SER F 109 -0.22 -7.08 46.31
CA SER F 109 -0.23 -6.18 45.16
C SER F 109 -0.47 -6.91 43.84
N LEU F 110 -0.98 -6.17 42.86
CA LEU F 110 -1.18 -6.72 41.52
C LEU F 110 -1.17 -5.61 40.47
N HIS F 111 -1.24 -6.01 39.20
CA HIS F 111 -1.28 -5.05 38.11
C HIS F 111 -2.44 -5.34 37.16
N VAL F 112 -3.16 -4.29 36.75
CA VAL F 112 -4.25 -4.44 35.79
C VAL F 112 -4.21 -3.37 34.71
N ARG F 113 -4.47 -3.76 33.47
CA ARG F 113 -4.56 -2.79 32.38
C ARG F 113 -5.82 -1.94 32.49
N LYS F 114 -5.69 -0.67 32.15
CA LYS F 114 -6.76 0.30 32.35
C LYS F 114 -8.05 -0.05 31.62
N SER F 115 -7.93 -0.78 30.52
CA SER F 115 -9.10 -1.12 29.71
C SER F 115 -9.81 -2.39 30.17
N ASN F 116 -9.26 -3.08 31.16
CA ASN F 116 -9.89 -4.29 31.65
C ASN F 116 -10.91 -3.95 32.71
N ARG F 117 -12.17 -3.94 32.33
CA ARG F 117 -13.24 -3.46 33.20
C ARG F 117 -13.62 -4.53 34.22
N ALA F 118 -13.60 -5.79 33.78
CA ALA F 118 -13.92 -6.92 34.65
C ALA F 118 -12.89 -7.04 35.77
N ALA F 119 -11.63 -6.82 35.44
CA ALA F 119 -10.56 -6.93 36.44
C ALA F 119 -10.66 -5.84 37.50
N ILE F 120 -10.76 -4.60 37.05
CA ILE F 120 -10.88 -3.45 37.96
C ILE F 120 -12.08 -3.59 38.89
N HIS F 121 -13.22 -4.00 38.33
CA HIS F 121 -14.45 -4.13 39.11
C HIS F 121 -14.36 -5.24 40.16
N LEU F 122 -13.49 -6.22 39.92
CA LEU F 122 -13.30 -7.32 40.87
C LEU F 122 -12.45 -6.92 42.06
N TYR F 123 -11.31 -6.29 41.80
CA TYR F 123 -10.38 -5.94 42.85
C TYR F 123 -10.78 -4.66 43.60
N ARG F 124 -11.03 -3.60 42.84
CA ARG F 124 -11.31 -2.30 43.43
C ARG F 124 -12.61 -2.24 44.22
N ASP F 125 -13.62 -2.97 43.75
CA ASP F 125 -14.95 -2.92 44.36
C ASP F 125 -15.29 -4.10 45.26
N THR F 126 -15.30 -5.31 44.69
CA THR F 126 -15.70 -6.49 45.43
C THR F 126 -14.61 -7.05 46.34
N LEU F 127 -13.35 -6.85 45.96
CA LEU F 127 -12.23 -7.32 46.76
C LEU F 127 -11.58 -6.22 47.58
N GLN F 128 -12.11 -5.00 47.47
CA GLN F 128 -11.67 -3.86 48.27
C GLN F 128 -10.19 -3.50 48.12
N PHE F 129 -9.70 -3.49 46.89
CA PHE F 129 -8.34 -3.05 46.61
C PHE F 129 -8.22 -1.53 46.51
N ASP F 130 -7.02 -1.02 46.78
CA ASP F 130 -6.74 0.40 46.61
C ASP F 130 -5.86 0.58 45.38
N VAL F 131 -6.00 1.71 44.70
CA VAL F 131 -5.15 2.00 43.55
C VAL F 131 -3.91 2.76 44.00
N GLN F 132 -2.77 2.08 43.99
CA GLN F 132 -1.53 2.64 44.48
C GLN F 132 -1.00 3.70 43.51
N GLY F 133 -1.19 3.46 42.22
CA GLY F 133 -0.73 4.37 41.19
C GLY F 133 -0.91 3.80 39.81
N ILE F 134 -0.30 4.43 38.82
CA ILE F 134 -0.38 3.98 37.43
C ILE F 134 1.01 3.85 36.80
N GLU F 135 1.28 2.71 36.18
CA GLU F 135 2.56 2.48 35.53
C GLU F 135 2.40 2.56 34.02
N SER F 136 3.02 3.56 33.42
CA SER F 136 2.86 3.85 32.00
C SER F 136 3.53 2.82 31.09
N LYS F 137 2.79 2.36 30.09
CA LYS F 137 3.28 1.40 29.11
C LYS F 137 3.91 0.18 29.77
N TYR F 138 3.22 -0.36 30.76
CA TYR F 138 3.70 -1.53 31.49
C TYR F 138 3.61 -2.78 30.62
N TYR F 139 2.47 -2.94 29.94
CA TYR F 139 2.25 -4.11 29.10
C TYR F 139 2.91 -3.99 27.73
N ALA F 140 3.12 -5.13 27.09
CA ALA F 140 3.88 -5.22 25.84
C ALA F 140 3.30 -4.37 24.71
N ASP F 141 1.97 -4.29 24.63
CA ASP F 141 1.32 -3.51 23.58
C ASP F 141 1.36 -2.01 23.86
N GLY F 142 1.83 -1.65 25.06
CA GLY F 142 2.01 -0.25 25.41
C GLY F 142 0.91 0.33 26.28
N GLU F 143 -0.04 -0.52 26.67
CA GLU F 143 -1.14 -0.08 27.51
C GLU F 143 -0.70 0.14 28.95
N ASP F 144 -1.25 1.19 29.59
CA ASP F 144 -0.92 1.52 30.97
C ASP F 144 -1.52 0.52 31.96
N ALA F 145 -0.86 0.37 33.11
CA ALA F 145 -1.30 -0.58 34.13
C ALA F 145 -1.54 0.10 35.47
N TYR F 146 -2.69 -0.19 36.08
CA TYR F 146 -2.98 0.28 37.43
C TYR F 146 -2.25 -0.59 38.44
N ALA F 147 -1.53 0.04 39.36
CA ALA F 147 -0.90 -0.67 40.45
C ALA F 147 -1.86 -0.72 41.63
N MET F 148 -2.35 -1.91 41.94
CA MET F 148 -3.32 -2.08 43.02
C MET F 148 -2.73 -2.72 44.27
N HIS F 149 -3.14 -2.21 45.43
CA HIS F 149 -2.63 -2.69 46.70
C HIS F 149 -3.78 -2.92 47.68
N LYS F 150 -3.75 -4.06 48.37
CA LYS F 150 -4.69 -4.29 49.47
C LYS F 150 -3.94 -4.48 50.78
N ASP F 151 -4.09 -3.52 51.68
CA ASP F 151 -3.38 -3.54 52.95
C ASP F 151 -4.15 -4.37 53.98
N PHE F 152 -3.45 -5.23 54.72
CA PHE F 152 -4.11 -6.06 55.73
C PHE F 152 -4.05 -5.39 57.09
N SER F 153 -5.13 -4.71 57.47
CA SER F 153 -5.21 -4.05 58.77
C SER F 153 -6.54 -4.28 59.44
N MET G 1 -48.08 -23.33 -32.73
N MET G 1 -49.39 -23.36 -30.21
CA MET G 1 -49.22 -23.78 -31.94
CA MET G 1 -49.27 -23.39 -31.67
C MET G 1 -50.53 -23.33 -32.58
C MET G 1 -50.56 -23.00 -32.37
N ASP G 2 -50.43 -22.45 -33.57
CA ASP G 2 -51.58 -21.98 -34.33
C ASP G 2 -51.76 -22.79 -35.59
N ILE G 3 -52.81 -23.62 -35.62
CA ILE G 3 -53.13 -24.38 -36.83
C ILE G 3 -54.27 -23.71 -37.59
N ARG G 4 -54.19 -23.77 -38.91
CA ARG G 4 -55.07 -22.99 -39.78
C ARG G 4 -54.90 -23.46 -41.22
N PRO G 5 -55.87 -23.14 -42.08
CA PRO G 5 -55.75 -23.49 -43.50
C PRO G 5 -54.51 -22.85 -44.13
N ALA G 6 -53.87 -23.58 -45.04
CA ALA G 6 -52.66 -23.11 -45.68
C ALA G 6 -52.98 -22.10 -46.78
N ARG G 7 -52.19 -21.05 -46.88
CA ARG G 7 -52.40 -20.04 -47.91
C ARG G 7 -51.25 -20.09 -48.92
N ILE G 8 -51.35 -19.30 -49.98
CA ILE G 8 -50.29 -19.26 -50.99
C ILE G 8 -48.99 -18.76 -50.38
N SER G 9 -49.08 -17.73 -49.56
CA SER G 9 -47.90 -17.06 -49.00
C SER G 9 -47.04 -17.97 -48.13
N ASP G 10 -47.67 -18.96 -47.50
CA ASP G 10 -46.92 -19.89 -46.66
C ASP G 10 -46.60 -21.24 -47.33
N LEU G 11 -46.72 -21.28 -48.66
CA LEU G 11 -46.33 -22.48 -49.41
C LEU G 11 -44.84 -22.74 -49.34
N THR G 12 -44.05 -21.68 -49.50
CA THR G 12 -42.60 -21.80 -49.42
C THR G 12 -42.21 -22.24 -48.01
N GLY G 13 -43.02 -21.83 -47.04
CA GLY G 13 -42.81 -22.22 -45.66
C GLY G 13 -43.05 -23.70 -45.46
N MET G 14 -44.00 -24.25 -46.20
CA MET G 14 -44.26 -25.68 -46.16
C MET G 14 -43.11 -26.45 -46.81
N GLN G 15 -42.65 -25.94 -47.95
CA GLN G 15 -41.56 -26.57 -48.68
C GLN G 15 -40.29 -26.63 -47.84
N ASN G 16 -40.01 -25.55 -47.11
CA ASN G 16 -38.85 -25.49 -46.23
C ASN G 16 -38.95 -26.53 -45.12
N CYS G 17 -40.13 -26.61 -44.51
CA CYS G 17 -40.41 -27.58 -43.47
C CYS G 17 -40.27 -29.00 -44.03
N ASN G 18 -40.59 -29.16 -45.31
CA ASN G 18 -40.45 -30.45 -45.96
C ASN G 18 -38.99 -30.80 -46.21
N LEU G 19 -38.19 -29.79 -46.56
CA LEU G 19 -36.77 -30.00 -46.84
C LEU G 19 -35.98 -30.25 -45.56
N HIS G 20 -36.62 -30.07 -44.40
CA HIS G 20 -35.93 -30.18 -43.13
C HIS G 20 -36.11 -31.56 -42.51
N ASN G 21 -37.29 -32.16 -42.70
CA ASN G 21 -37.59 -33.43 -42.04
C ASN G 21 -38.01 -34.58 -42.97
N LEU G 22 -37.87 -34.40 -44.27
CA LEU G 22 -38.25 -35.46 -45.21
C LEU G 22 -37.27 -35.66 -46.36
N PRO G 23 -37.11 -36.91 -46.78
CA PRO G 23 -36.23 -37.27 -47.90
C PRO G 23 -37.03 -37.17 -49.19
N GLU G 24 -38.33 -36.96 -49.07
CA GLU G 24 -39.22 -36.87 -50.22
C GLU G 24 -39.69 -35.45 -50.42
N ASN G 25 -39.11 -34.77 -51.42
CA ASN G 25 -39.29 -33.35 -51.61
C ASN G 25 -39.69 -33.03 -53.05
N TYR G 26 -40.34 -31.87 -53.21
CA TYR G 26 -40.85 -31.43 -54.49
C TYR G 26 -40.42 -29.96 -54.68
N GLN G 27 -40.58 -29.43 -55.89
CA GLN G 27 -40.21 -28.04 -56.14
C GLN G 27 -41.50 -27.25 -56.01
N LEU G 28 -41.38 -25.95 -55.82
CA LEU G 28 -42.49 -25.14 -55.32
C LEU G 28 -43.72 -25.21 -56.24
N LYS G 29 -43.48 -25.45 -57.51
CA LYS G 29 -44.57 -25.54 -58.48
C LYS G 29 -45.57 -26.66 -58.15
N TYR G 30 -45.07 -27.72 -57.51
CA TYR G 30 -45.93 -28.84 -57.15
C TYR G 30 -46.83 -28.48 -55.97
N TYR G 31 -46.33 -27.59 -55.12
CA TYR G 31 -47.13 -27.07 -54.02
C TYR G 31 -48.19 -26.14 -54.58
N LEU G 32 -47.79 -25.35 -55.59
CA LEU G 32 -48.71 -24.47 -56.29
C LEU G 32 -49.84 -25.27 -56.93
N TYR G 33 -49.48 -26.41 -57.51
CA TYR G 33 -50.46 -27.29 -58.13
C TYR G 33 -51.49 -27.79 -57.13
N HIS G 34 -51.06 -27.98 -55.89
CA HIS G 34 -51.98 -28.39 -54.83
C HIS G 34 -52.87 -27.25 -54.42
N ALA G 35 -52.29 -26.05 -54.32
CA ALA G 35 -53.01 -24.88 -53.86
C ALA G 35 -54.10 -24.46 -54.84
N ILE G 36 -53.77 -24.47 -56.12
CA ILE G 36 -54.73 -24.08 -57.15
C ILE G 36 -55.81 -25.13 -57.38
N SER G 37 -55.40 -26.40 -57.38
CA SER G 37 -56.32 -27.49 -57.67
C SER G 37 -57.24 -27.84 -56.48
N TRP G 38 -56.70 -27.78 -55.27
CA TRP G 38 -57.47 -28.06 -54.06
C TRP G 38 -57.14 -27.06 -52.96
N PRO G 39 -57.73 -25.86 -53.02
CA PRO G 39 -57.34 -24.74 -52.16
C PRO G 39 -57.64 -24.92 -50.66
N MET G 40 -58.67 -25.68 -50.30
CA MET G 40 -59.04 -25.81 -48.90
C MET G 40 -58.55 -27.10 -48.21
N LEU G 41 -57.79 -27.92 -48.92
CA LEU G 41 -57.38 -29.22 -48.37
C LEU G 41 -56.15 -29.18 -47.46
N SER G 42 -55.26 -28.21 -47.69
CA SER G 42 -54.00 -28.17 -46.96
C SER G 42 -54.03 -27.26 -45.73
N TYR G 43 -53.46 -27.74 -44.63
CA TYR G 43 -53.43 -26.99 -43.38
C TYR G 43 -52.01 -26.79 -42.86
N VAL G 44 -51.83 -25.85 -41.95
CA VAL G 44 -50.50 -25.44 -41.51
C VAL G 44 -50.46 -25.02 -40.04
N ALA G 45 -49.39 -25.42 -39.35
CA ALA G 45 -49.18 -25.01 -37.96
C ALA G 45 -48.09 -23.95 -37.92
N THR G 46 -48.30 -22.91 -37.13
CA THR G 46 -47.43 -21.74 -37.15
C THR G 46 -46.87 -21.36 -35.79
N ASP G 47 -45.60 -21.01 -35.74
CA ASP G 47 -44.96 -20.53 -34.51
C ASP G 47 -45.26 -19.05 -34.32
N PRO G 48 -45.02 -18.51 -33.11
CA PRO G 48 -45.27 -17.10 -32.82
C PRO G 48 -44.64 -16.08 -33.79
N LYS G 49 -43.64 -16.49 -34.56
CA LYS G 49 -42.99 -15.57 -35.49
C LYS G 49 -43.59 -15.57 -36.89
N GLY G 50 -44.62 -16.40 -37.10
CA GLY G 50 -45.32 -16.42 -38.36
C GLY G 50 -44.74 -17.38 -39.39
N ARG G 51 -43.80 -18.21 -38.95
CA ARG G 51 -43.15 -19.17 -39.84
C ARG G 51 -43.76 -20.56 -39.72
N VAL G 52 -43.79 -21.29 -40.83
CA VAL G 52 -44.41 -22.61 -40.87
C VAL G 52 -43.61 -23.64 -40.08
N VAL G 53 -44.29 -24.30 -39.15
CA VAL G 53 -43.66 -25.30 -38.29
C VAL G 53 -44.09 -26.71 -38.72
N GLY G 54 -45.38 -26.87 -39.00
CA GLY G 54 -45.91 -28.13 -39.49
C GLY G 54 -46.94 -27.89 -40.58
N TYR G 55 -47.23 -28.92 -41.35
CA TYR G 55 -48.13 -28.80 -42.49
C TYR G 55 -48.74 -30.13 -42.88
N VAL G 56 -49.78 -30.07 -43.70
CA VAL G 56 -50.28 -31.26 -44.37
C VAL G 56 -50.61 -30.94 -45.83
N LEU G 57 -49.94 -31.61 -46.75
CA LEU G 57 -50.19 -31.41 -48.18
C LEU G 57 -51.21 -32.44 -48.63
N ALA G 58 -52.43 -31.98 -48.88
CA ALA G 58 -53.54 -32.88 -49.20
C ALA G 58 -54.08 -32.68 -50.61
N LYS G 59 -54.65 -33.75 -51.17
CA LYS G 59 -55.24 -33.69 -52.50
C LYS G 59 -56.29 -34.76 -52.71
N MET G 60 -57.08 -34.60 -53.76
CA MET G 60 -58.00 -35.64 -54.20
C MET G 60 -57.35 -36.35 -55.38
N GLU G 61 -57.59 -37.64 -55.53
CA GLU G 61 -56.95 -38.42 -56.58
C GLU G 61 -57.46 -38.02 -57.97
N GLU G 62 -56.54 -37.59 -58.83
CA GLU G 62 -56.87 -37.14 -60.17
C GLU G 62 -57.45 -38.27 -61.02
N GLU G 63 -56.88 -39.46 -60.86
CA GLU G 63 -57.33 -40.64 -61.57
C GLU G 63 -57.85 -41.62 -60.52
N PRO G 64 -59.10 -41.43 -60.07
CA PRO G 64 -59.64 -42.19 -58.95
C PRO G 64 -59.56 -43.70 -59.12
N LYS G 65 -59.23 -44.36 -58.01
CA LYS G 65 -59.17 -45.82 -57.96
C LYS G 65 -60.57 -46.37 -57.76
N ASP G 66 -60.95 -47.35 -58.57
CA ASP G 66 -62.25 -48.02 -58.51
C ASP G 66 -63.40 -47.16 -59.04
N GLY G 67 -63.13 -45.88 -59.25
CA GLY G 67 -64.10 -44.96 -59.82
C GLY G 67 -64.74 -44.11 -58.75
N ILE G 68 -64.41 -44.43 -57.50
CA ILE G 68 -64.90 -43.70 -56.33
C ILE G 68 -63.91 -42.64 -55.87
N PRO G 69 -64.41 -41.42 -55.59
CA PRO G 69 -63.55 -40.29 -55.20
C PRO G 69 -62.94 -40.48 -53.82
N HIS G 70 -61.67 -40.12 -53.67
CA HIS G 70 -60.97 -40.27 -52.40
C HIS G 70 -59.83 -39.27 -52.22
N GLY G 71 -59.48 -38.99 -50.97
CA GLY G 71 -58.42 -38.06 -50.65
C GLY G 71 -57.06 -38.72 -50.56
N HIS G 72 -56.01 -37.93 -50.69
CA HIS G 72 -54.65 -38.48 -50.59
C HIS G 72 -53.70 -37.51 -49.89
N ILE G 73 -53.01 -37.99 -48.86
CA ILE G 73 -51.98 -37.20 -48.22
C ILE G 73 -50.68 -37.40 -48.98
N THR G 74 -50.20 -36.34 -49.63
CA THR G 74 -48.94 -36.41 -50.38
C THR G 74 -47.72 -36.23 -49.48
N SER G 75 -47.83 -35.34 -48.50
CA SER G 75 -46.75 -35.13 -47.55
C SER G 75 -47.26 -34.51 -46.24
N VAL G 76 -46.63 -34.89 -45.13
CA VAL G 76 -46.90 -34.25 -43.84
C VAL G 76 -45.69 -34.37 -42.93
N SER G 77 -45.33 -33.28 -42.25
CA SER G 77 -44.25 -33.31 -41.26
C SER G 77 -44.28 -32.14 -40.29
N VAL G 78 -43.60 -32.32 -39.16
CA VAL G 78 -43.45 -31.26 -38.16
C VAL G 78 -41.98 -31.12 -37.78
N MET G 79 -41.53 -29.88 -37.57
CA MET G 79 -40.19 -29.61 -37.10
C MET G 79 -39.94 -30.34 -35.78
N ARG G 80 -38.69 -30.77 -35.56
CA ARG G 80 -38.35 -31.57 -34.38
C ARG G 80 -38.76 -30.93 -33.06
N SER G 81 -38.62 -29.62 -32.96
CA SER G 81 -38.90 -28.89 -31.74
C SER G 81 -40.35 -29.04 -31.28
N TYR G 82 -41.27 -28.98 -32.24
CA TYR G 82 -42.69 -28.93 -31.93
C TYR G 82 -43.37 -30.29 -32.02
N ARG G 83 -42.56 -31.35 -32.05
CA ARG G 83 -43.10 -32.70 -32.11
C ARG G 83 -43.66 -33.15 -30.76
N HIS G 84 -44.28 -34.33 -30.74
CA HIS G 84 -44.89 -34.89 -29.53
C HIS G 84 -45.87 -33.92 -28.87
N LEU G 85 -46.66 -33.24 -29.69
CA LEU G 85 -47.62 -32.27 -29.21
C LEU G 85 -49.06 -32.64 -29.57
N GLY G 86 -49.24 -33.12 -30.80
CA GLY G 86 -50.55 -33.38 -31.35
C GLY G 86 -50.81 -32.56 -32.58
N LEU G 87 -49.79 -31.81 -33.00
CA LEU G 87 -49.88 -30.97 -34.20
C LEU G 87 -50.25 -31.75 -35.47
N ALA G 88 -49.59 -32.87 -35.70
CA ALA G 88 -49.84 -33.65 -36.92
C ALA G 88 -51.24 -34.25 -36.97
N LYS G 89 -51.67 -34.87 -35.87
CA LYS G 89 -52.99 -35.49 -35.82
C LYS G 89 -54.09 -34.45 -36.01
N ARG G 90 -53.90 -33.27 -35.41
CA ARG G 90 -54.88 -32.19 -35.52
C ARG G 90 -54.93 -31.61 -36.94
N LEU G 91 -53.79 -31.61 -37.62
CA LEU G 91 -53.75 -31.16 -39.00
C LEU G 91 -54.50 -32.15 -39.89
N MET G 92 -54.44 -33.42 -39.53
CA MET G 92 -55.05 -34.49 -40.31
C MET G 92 -56.57 -34.44 -40.26
N VAL G 93 -57.13 -34.18 -39.09
CA VAL G 93 -58.58 -34.15 -38.92
C VAL G 93 -59.20 -32.94 -39.62
N GLN G 94 -58.43 -31.86 -39.72
CA GLN G 94 -58.87 -30.66 -40.42
C GLN G 94 -58.94 -30.94 -41.92
N SER G 95 -57.88 -31.55 -42.43
CA SER G 95 -57.79 -31.87 -43.85
C SER G 95 -58.80 -32.95 -44.27
N GLN G 96 -59.04 -33.90 -43.37
CA GLN G 96 -59.96 -35.00 -43.64
C GLN G 96 -61.39 -34.50 -43.79
N ARG G 97 -61.77 -33.57 -42.91
CA ARG G 97 -63.12 -33.01 -42.91
C ARG G 97 -63.41 -32.26 -44.22
N ALA G 98 -62.42 -31.53 -44.70
CA ALA G 98 -62.56 -30.75 -45.92
C ALA G 98 -62.73 -31.63 -47.15
N MET G 99 -62.04 -32.78 -47.15
CA MET G 99 -62.14 -33.74 -48.25
C MET G 99 -63.57 -34.25 -48.41
N VAL G 100 -64.20 -34.60 -47.29
CA VAL G 100 -65.54 -35.16 -47.29
C VAL G 100 -66.58 -34.11 -47.67
N GLU G 101 -66.48 -32.94 -47.04
CA GLU G 101 -67.49 -31.91 -47.22
C GLU G 101 -67.47 -31.27 -48.62
N VAL G 102 -66.28 -30.88 -49.07
CA VAL G 102 -66.14 -30.20 -50.35
C VAL G 102 -66.15 -31.15 -51.54
N TYR G 103 -65.33 -32.19 -51.49
CA TYR G 103 -65.15 -33.07 -52.63
C TYR G 103 -65.86 -34.42 -52.52
N GLY G 104 -66.50 -34.67 -51.38
CA GLY G 104 -67.24 -35.90 -51.17
C GLY G 104 -66.36 -37.13 -51.22
N ALA G 105 -65.18 -37.05 -50.61
CA ALA G 105 -64.26 -38.18 -50.58
C ALA G 105 -64.84 -39.32 -49.74
N LYS G 106 -64.84 -40.53 -50.28
CA LYS G 106 -65.35 -41.71 -49.57
C LYS G 106 -64.29 -42.30 -48.63
N TYR G 107 -63.03 -41.96 -48.87
CA TYR G 107 -61.93 -42.35 -47.99
C TYR G 107 -60.66 -41.55 -48.26
N MET G 108 -59.58 -41.85 -47.54
CA MET G 108 -58.27 -41.24 -47.78
C MET G 108 -57.14 -42.26 -47.73
N SER G 109 -56.03 -41.94 -48.40
CA SER G 109 -54.90 -42.87 -48.48
C SER G 109 -53.56 -42.16 -48.35
N LEU G 110 -52.54 -42.89 -47.93
CA LEU G 110 -51.19 -42.36 -47.83
C LEU G 110 -50.15 -43.46 -47.96
N HIS G 111 -48.87 -43.08 -47.96
CA HIS G 111 -47.78 -44.04 -48.03
C HIS G 111 -46.75 -43.79 -46.92
N VAL G 112 -46.30 -44.87 -46.28
CA VAL G 112 -45.25 -44.76 -45.25
C VAL G 112 -44.20 -45.84 -45.44
N ARG G 113 -42.94 -45.47 -45.24
CA ARG G 113 -41.85 -46.45 -45.28
C ARG G 113 -41.92 -47.36 -44.06
N LYS G 114 -41.64 -48.64 -44.28
CA LYS G 114 -41.83 -49.66 -43.25
C LYS G 114 -41.04 -49.44 -41.97
N SER G 115 -39.90 -48.77 -42.07
CA SER G 115 -39.03 -48.57 -40.91
C SER G 115 -39.37 -47.32 -40.10
N ASN G 116 -40.33 -46.55 -40.57
CA ASN G 116 -40.71 -45.31 -39.88
C ASN G 116 -41.75 -45.62 -38.80
N ARG G 117 -41.29 -45.65 -37.55
CA ARG G 117 -42.13 -46.08 -36.43
C ARG G 117 -43.09 -44.99 -36.00
N ALA G 118 -42.65 -43.74 -36.06
CA ALA G 118 -43.47 -42.60 -35.68
C ALA G 118 -44.69 -42.46 -36.59
N ALA G 119 -44.48 -42.69 -37.88
CA ALA G 119 -45.56 -42.56 -38.86
C ALA G 119 -46.62 -43.63 -38.66
N ILE G 120 -46.21 -44.89 -38.61
CA ILE G 120 -47.13 -46.01 -38.43
C ILE G 120 -47.97 -45.87 -37.16
N HIS G 121 -47.31 -45.50 -36.07
CA HIS G 121 -47.99 -45.36 -34.78
C HIS G 121 -49.01 -44.22 -34.81
N LEU G 122 -48.79 -43.26 -35.71
CA LEU G 122 -49.69 -42.13 -35.85
C LEU G 122 -50.95 -42.50 -36.65
N TYR G 123 -50.75 -43.15 -37.80
CA TYR G 123 -51.87 -43.49 -38.67
C TYR G 123 -52.61 -44.75 -38.25
N ARG G 124 -51.89 -45.86 -38.07
CA ARG G 124 -52.54 -47.13 -37.76
C ARG G 124 -53.19 -47.17 -36.38
N ASP G 125 -52.58 -46.47 -35.42
CA ASP G 125 -53.07 -46.53 -34.05
C ASP G 125 -53.92 -45.34 -33.64
N THR G 126 -53.36 -44.15 -33.68
CA THR G 126 -54.07 -42.94 -33.22
C THR G 126 -55.07 -42.39 -34.24
N LEU G 127 -54.78 -42.57 -35.53
CA LEU G 127 -55.69 -42.11 -36.57
C LEU G 127 -56.57 -43.21 -37.15
N GLN G 128 -56.41 -44.43 -36.64
CA GLN G 128 -57.24 -45.57 -37.03
C GLN G 128 -57.20 -45.87 -38.52
N PHE G 129 -56.00 -45.85 -39.10
CA PHE G 129 -55.82 -46.23 -40.50
C PHE G 129 -55.73 -47.75 -40.64
N ASP G 130 -56.10 -48.24 -41.82
CA ASP G 130 -55.94 -49.65 -42.14
C ASP G 130 -54.79 -49.81 -43.13
N VAL G 131 -54.10 -50.94 -43.08
CA VAL G 131 -53.02 -51.20 -44.02
C VAL G 131 -53.58 -51.91 -45.26
N GLN G 132 -53.63 -51.18 -46.37
CA GLN G 132 -54.23 -51.71 -47.59
C GLN G 132 -53.33 -52.75 -48.24
N GLY G 133 -52.03 -52.56 -48.13
CA GLY G 133 -51.06 -53.47 -48.70
C GLY G 133 -49.64 -52.96 -48.60
N ILE G 134 -48.74 -53.61 -49.33
CA ILE G 134 -47.33 -53.20 -49.33
C ILE G 134 -46.79 -53.03 -50.75
N GLU G 135 -46.16 -51.89 -51.01
CA GLU G 135 -45.59 -51.61 -52.32
C GLU G 135 -44.07 -51.69 -52.28
N SER G 136 -43.53 -52.68 -52.99
CA SER G 136 -42.10 -52.97 -52.94
C SER G 136 -41.25 -51.91 -53.65
N LYS G 137 -40.18 -51.49 -52.97
CA LYS G 137 -39.23 -50.51 -53.50
C LYS G 137 -39.89 -49.25 -54.03
N TYR G 138 -40.82 -48.71 -53.25
CA TYR G 138 -41.55 -47.50 -53.61
C TYR G 138 -40.64 -46.28 -53.51
N TYR G 139 -39.89 -46.19 -52.41
CA TYR G 139 -39.00 -45.07 -52.17
C TYR G 139 -37.68 -45.15 -52.94
N ALA G 140 -37.04 -44.01 -53.12
CA ALA G 140 -35.84 -43.90 -53.95
C ALA G 140 -34.69 -44.79 -53.49
N ASP G 141 -34.53 -44.94 -52.18
CA ASP G 141 -33.46 -45.79 -51.64
C ASP G 141 -33.80 -47.29 -51.71
N GLY G 142 -35.02 -47.60 -52.12
CA GLY G 142 -35.43 -48.98 -52.32
C GLY G 142 -36.24 -49.57 -51.19
N GLU G 143 -36.54 -48.76 -50.18
CA GLU G 143 -37.32 -49.22 -49.04
C GLU G 143 -38.79 -49.42 -49.40
N ASP G 144 -39.39 -50.46 -48.85
CA ASP G 144 -40.80 -50.76 -49.11
C ASP G 144 -41.73 -49.76 -48.43
N ALA G 145 -42.91 -49.55 -49.01
CA ALA G 145 -43.88 -48.61 -48.46
C ALA G 145 -45.22 -49.26 -48.16
N TYR G 146 -45.74 -49.01 -46.96
CA TYR G 146 -47.07 -49.46 -46.59
C TYR G 146 -48.14 -48.59 -47.21
N ALA G 147 -49.11 -49.22 -47.85
CA ALA G 147 -50.25 -48.49 -48.39
C ALA G 147 -51.35 -48.45 -47.33
N MET G 148 -51.60 -47.26 -46.79
CA MET G 148 -52.59 -47.11 -45.73
C MET G 148 -53.86 -46.45 -46.23
N HIS G 149 -55.00 -46.94 -45.77
CA HIS G 149 -56.30 -46.41 -46.19
C HIS G 149 -57.18 -46.17 -44.97
N LYS G 150 -57.83 -45.01 -44.91
CA LYS G 150 -58.83 -44.76 -43.88
C LYS G 150 -60.20 -44.52 -44.52
N ASP G 151 -61.11 -45.46 -44.33
CA ASP G 151 -62.43 -45.39 -44.93
C ASP G 151 -63.38 -44.59 -44.05
N PHE G 152 -64.17 -43.71 -44.68
CA PHE G 152 -65.10 -42.86 -43.96
C PHE G 152 -66.47 -43.52 -43.89
N SER G 153 -66.79 -44.12 -42.74
CA SER G 153 -68.07 -44.77 -42.55
C SER G 153 -69.11 -43.78 -42.00
N MET H 1 49.79 30.71 11.94
N MET H 1 50.51 30.99 9.26
CA MET H 1 50.21 31.63 10.89
CA MET H 1 49.98 31.40 10.56
C MET H 1 49.20 32.77 10.73
C MET H 1 49.00 32.57 10.44
N ASP H 2 48.04 32.61 11.36
CA ASP H 2 47.01 33.65 11.33
C ASP H 2 47.13 34.52 12.57
N ILE H 3 47.59 35.76 12.40
CA ILE H 3 47.64 36.69 13.52
C ILE H 3 46.45 37.64 13.46
N ARG H 4 45.94 37.99 14.64
CA ARG H 4 44.68 38.70 14.76
C ARG H 4 44.45 39.15 16.20
N PRO H 5 43.56 40.14 16.41
CA PRO H 5 43.26 40.59 17.77
C PRO H 5 42.72 39.47 18.65
N ALA H 6 43.10 39.49 19.93
CA ALA H 6 42.68 38.44 20.85
C ALA H 6 41.26 38.69 21.32
N ARG H 7 40.49 37.62 21.42
CA ARG H 7 39.10 37.72 21.86
C ARG H 7 38.96 37.04 23.23
N ILE H 8 37.78 37.12 23.84
CA ILE H 8 37.56 36.47 25.13
C ILE H 8 37.74 34.96 25.00
N SER H 9 37.19 34.39 23.93
CA SER H 9 37.17 32.95 23.74
C SER H 9 38.57 32.32 23.65
N ASP H 10 39.54 33.08 23.16
CA ASP H 10 40.92 32.58 23.05
C ASP H 10 41.87 33.01 24.17
N LEU H 11 41.33 33.47 25.29
CA LEU H 11 42.15 33.83 26.45
C LEU H 11 42.84 32.63 27.12
N THR H 12 42.10 31.55 27.31
CA THR H 12 42.65 30.35 27.94
C THR H 12 43.76 29.75 27.08
N GLY H 13 43.65 29.94 25.76
CA GLY H 13 44.67 29.48 24.83
C GLY H 13 45.96 30.25 25.02
N MET H 14 45.83 31.52 25.38
CA MET H 14 46.98 32.36 25.68
C MET H 14 47.62 31.92 27.00
N GLN H 15 46.80 31.64 27.99
CA GLN H 15 47.27 31.19 29.30
C GLN H 15 48.03 29.88 29.16
N ASN H 16 47.52 28.98 28.32
CA ASN H 16 48.19 27.71 28.05
C ASN H 16 49.54 27.94 27.37
N CYS H 17 49.54 28.81 26.36
CA CYS H 17 50.76 29.17 25.65
C CYS H 17 51.75 29.81 26.61
N ASN H 18 51.21 30.54 27.58
CA ASN H 18 51.99 31.18 28.61
C ASN H 18 52.52 30.21 29.67
N LEU H 19 51.72 29.21 30.02
CA LEU H 19 52.14 28.21 31.00
C LEU H 19 53.17 27.24 30.41
N HIS H 20 53.40 27.33 29.11
CA HIS H 20 54.27 26.36 28.43
C HIS H 20 55.69 26.92 28.26
N ASN H 21 55.81 28.22 28.02
CA ASN H 21 57.12 28.82 27.79
C ASN H 21 57.50 29.98 28.70
N LEU H 22 56.74 30.24 29.75
CA LEU H 22 57.10 31.31 30.68
C LEU H 22 56.88 30.91 32.14
N PRO H 23 57.81 31.29 33.01
CA PRO H 23 57.78 30.91 34.44
C PRO H 23 57.12 31.71 35.62
N GLU H 24 56.65 32.97 35.68
CA GLU H 24 56.35 34.02 34.67
C GLU H 24 54.96 33.86 34.05
N ASN H 25 54.04 33.30 34.82
CA ASN H 25 52.69 32.99 34.34
C ASN H 25 51.59 33.47 35.30
N TYR H 26 50.38 33.68 34.76
CA TYR H 26 49.27 34.18 35.55
C TYR H 26 48.03 33.30 35.42
N GLN H 27 47.08 33.55 36.31
CA GLN H 27 45.89 32.74 36.39
C GLN H 27 44.79 33.54 35.68
N LEU H 28 43.73 32.86 35.23
CA LEU H 28 42.91 33.39 34.15
C LEU H 28 42.22 34.74 34.39
N LYS H 29 41.87 35.06 35.63
CA LYS H 29 41.16 36.31 35.90
C LYS H 29 41.94 37.55 35.45
N TYR H 30 43.26 37.44 35.47
CA TYR H 30 44.12 38.55 35.10
C TYR H 30 44.13 38.76 33.59
N TYR H 31 43.90 37.67 32.83
CA TYR H 31 43.74 37.77 31.39
C TYR H 31 42.41 38.44 31.08
N LEU H 32 41.40 38.08 31.86
CA LEU H 32 40.08 38.68 31.76
C LEU H 32 40.18 40.17 32.05
N TYR H 33 40.98 40.51 33.06
CA TYR H 33 41.20 41.89 33.45
C TYR H 33 41.84 42.70 32.32
N HIS H 34 42.68 42.05 31.53
CA HIS H 34 43.30 42.69 30.38
C HIS H 34 42.30 42.88 29.26
N ALA H 35 41.45 41.87 29.06
CA ALA H 35 40.47 41.89 27.97
C ALA H 35 39.43 42.98 28.18
N ILE H 36 38.94 43.11 29.41
CA ILE H 36 37.93 44.13 29.72
C ILE H 36 38.52 45.54 29.76
N SER H 37 39.71 45.69 30.35
CA SER H 37 40.31 47.01 30.53
C SER H 37 40.92 47.58 29.24
N TRP H 38 41.55 46.71 28.45
CA TRP H 38 42.15 47.14 27.20
C TRP H 38 41.90 46.11 26.11
N PRO H 39 40.69 46.12 25.52
CA PRO H 39 40.22 45.05 24.62
C PRO H 39 40.95 44.93 23.29
N MET H 40 41.49 46.02 22.75
CA MET H 40 42.13 45.97 21.44
C MET H 40 43.66 45.91 21.49
N LEU H 41 44.23 45.83 22.68
CA LEU H 41 45.69 45.86 22.82
C LEU H 41 46.35 44.48 22.65
N SER H 42 45.62 43.42 22.97
CA SER H 42 46.20 42.08 22.93
C SER H 42 45.94 41.37 21.60
N TYR H 43 46.98 40.72 21.08
CA TYR H 43 46.87 40.00 19.80
C TYR H 43 47.27 38.53 19.94
N VAL H 44 46.94 37.73 18.93
CA VAL H 44 47.08 36.29 19.03
C VAL H 44 47.48 35.67 17.68
N ALA H 45 48.41 34.71 17.74
CA ALA H 45 48.82 33.96 16.56
C ALA H 45 48.23 32.56 16.64
N THR H 46 47.70 32.07 15.53
CA THR H 46 46.91 30.84 15.54
C THR H 46 47.35 29.79 14.50
N ASP H 47 47.38 28.53 14.93
CA ASP H 47 47.67 27.41 14.03
C ASP H 47 46.40 27.04 13.25
N PRO H 48 46.54 26.22 12.18
CA PRO H 48 45.39 25.82 11.37
C PRO H 48 44.20 25.23 12.13
N LYS H 49 44.41 24.76 13.36
CA LYS H 49 43.32 24.16 14.13
C LYS H 49 42.57 25.13 15.04
N GLY H 50 42.96 26.40 15.02
CA GLY H 50 42.26 27.41 15.79
C GLY H 50 42.78 27.59 17.21
N ARG H 51 43.90 26.95 17.52
CA ARG H 51 44.49 27.03 18.85
C ARG H 51 45.60 28.07 18.91
N VAL H 52 45.71 28.77 20.04
CA VAL H 52 46.68 29.84 20.20
C VAL H 52 48.11 29.32 20.23
N VAL H 53 48.95 29.86 19.35
CA VAL H 53 50.33 29.45 19.23
C VAL H 53 51.26 30.50 19.83
N GLY H 54 50.97 31.77 19.54
CA GLY H 54 51.71 32.87 20.13
C GLY H 54 50.74 33.97 20.48
N TYR H 55 51.16 34.88 21.35
CA TYR H 55 50.26 35.90 21.85
C TYR H 55 51.07 37.08 22.36
N VAL H 56 50.40 38.21 22.56
CA VAL H 56 50.98 39.31 23.30
C VAL H 56 49.94 39.91 24.25
N LEU H 57 50.24 39.88 25.54
CA LEU H 57 49.35 40.45 26.54
C LEU H 57 49.75 41.89 26.80
N ALA H 58 48.93 42.83 26.32
CA ALA H 58 49.28 44.24 26.40
C ALA H 58 48.33 45.03 27.27
N LYS H 59 48.83 46.14 27.81
CA LYS H 59 48.02 47.02 28.65
C LYS H 59 48.60 48.43 28.67
N MET H 60 47.79 49.38 29.14
CA MET H 60 48.27 50.72 29.45
C MET H 60 48.48 50.76 30.95
N GLU H 61 49.50 51.50 31.39
CA GLU H 61 49.83 51.53 32.81
C GLU H 61 48.74 52.20 33.63
N GLU H 62 48.21 51.48 34.61
CA GLU H 62 47.12 51.98 35.45
C GLU H 62 47.57 53.20 36.22
N GLU H 63 48.80 53.16 36.70
CA GLU H 63 49.39 54.27 37.44
C GLU H 63 50.60 54.81 36.67
N PRO H 64 50.35 55.63 35.64
CA PRO H 64 51.39 56.17 34.75
C PRO H 64 52.47 56.90 35.53
N LYS H 65 53.71 56.82 35.06
CA LYS H 65 54.81 57.49 35.72
C LYS H 65 54.76 58.96 35.34
N ASP H 66 54.68 59.83 36.36
CA ASP H 66 54.66 61.28 36.16
C ASP H 66 53.38 61.81 35.51
N GLY H 67 52.51 60.89 35.08
CA GLY H 67 51.23 61.26 34.49
C GLY H 67 51.17 61.07 32.99
N ILE H 68 52.27 60.60 32.39
CA ILE H 68 52.29 60.38 30.96
C ILE H 68 51.84 58.95 30.63
N PRO H 69 50.89 58.82 29.69
CA PRO H 69 50.34 57.51 29.33
C PRO H 69 51.34 56.68 28.54
N HIS H 70 51.43 55.39 28.86
CA HIS H 70 52.32 54.50 28.12
C HIS H 70 51.85 53.05 28.18
N GLY H 71 52.24 52.27 27.19
CA GLY H 71 51.84 50.88 27.11
C GLY H 71 52.80 49.98 27.87
N HIS H 72 52.32 48.80 28.23
CA HIS H 72 53.16 47.84 28.93
C HIS H 72 52.87 46.43 28.46
N ILE H 73 53.90 45.72 28.04
CA ILE H 73 53.75 44.31 27.70
C ILE H 73 53.89 43.51 28.98
N THR H 74 52.79 42.88 29.41
CA THR H 74 52.85 42.05 30.60
C THR H 74 53.37 40.67 30.26
N SER H 75 53.03 40.19 29.06
CA SER H 75 53.53 38.90 28.62
C SER H 75 53.52 38.73 27.10
N VAL H 76 54.52 38.02 26.58
CA VAL H 76 54.55 37.60 25.19
C VAL H 76 55.37 36.32 25.06
N SER H 77 54.87 35.35 24.31
CA SER H 77 55.64 34.15 24.01
C SER H 77 55.09 33.41 22.80
N VAL H 78 55.93 32.57 22.20
CA VAL H 78 55.55 31.74 21.08
C VAL H 78 55.96 30.30 21.36
N MET H 79 55.10 29.35 21.00
CA MET H 79 55.42 27.94 21.11
C MET H 79 56.72 27.64 20.38
N ARG H 80 57.48 26.68 20.90
CA ARG H 80 58.79 26.35 20.35
C ARG H 80 58.77 26.01 18.87
N SER H 81 57.71 25.33 18.44
CA SER H 81 57.57 24.89 17.06
C SER H 81 57.54 26.07 16.08
N TYR H 82 56.82 27.12 16.45
CA TYR H 82 56.54 28.23 15.55
C TYR H 82 57.48 29.41 15.74
N ARG H 83 58.60 29.18 16.43
CA ARG H 83 59.60 30.22 16.64
C ARG H 83 60.42 30.43 15.37
N HIS H 84 61.31 31.43 15.41
CA HIS H 84 62.15 31.79 14.27
C HIS H 84 61.33 32.06 13.01
N LEU H 85 60.19 32.72 13.19
CA LEU H 85 59.29 33.05 12.10
C LEU H 85 59.09 34.55 11.95
N GLY H 86 58.96 35.25 13.07
CA GLY H 86 58.62 36.66 13.06
C GLY H 86 57.32 36.92 13.79
N LEU H 87 56.78 35.87 14.41
CA LEU H 87 55.53 35.96 15.17
C LEU H 87 55.56 37.02 16.27
N ALA H 88 56.63 37.06 17.05
CA ALA H 88 56.71 38.01 18.16
C ALA H 88 56.73 39.45 17.66
N LYS H 89 57.56 39.72 16.65
CA LYS H 89 57.66 41.06 16.09
C LYS H 89 56.33 41.52 15.50
N ARG H 90 55.65 40.61 14.80
CA ARG H 90 54.37 40.94 14.17
C ARG H 90 53.27 41.12 15.20
N LEU H 91 53.35 40.37 16.30
CA LEU H 91 52.39 40.52 17.38
C LEU H 91 52.63 41.86 18.09
N MET H 92 53.90 42.25 18.18
CA MET H 92 54.27 43.49 18.86
C MET H 92 53.85 44.73 18.09
N VAL H 93 54.05 44.71 16.77
CA VAL H 93 53.73 45.88 15.94
C VAL H 93 52.22 46.15 15.86
N GLN H 94 51.42 45.10 15.94
CA GLN H 94 49.98 45.26 15.93
C GLN H 94 49.51 45.88 17.24
N SER H 95 50.06 45.34 18.34
CA SER H 95 49.71 45.82 19.67
C SER H 95 50.19 47.25 19.89
N GLN H 96 51.34 47.57 19.31
CA GLN H 96 51.94 48.90 19.42
C GLN H 96 51.07 49.99 18.79
N ARG H 97 50.54 49.69 17.62
CA ARG H 97 49.72 50.65 16.88
C ARG H 97 48.47 51.01 17.68
N ALA H 98 47.86 50.01 18.30
CA ALA H 98 46.64 50.22 19.05
C ALA H 98 46.85 51.08 20.28
N MET H 99 48.02 50.94 20.90
CA MET H 99 48.38 51.73 22.08
C MET H 99 48.38 53.22 21.73
N VAL H 100 48.98 53.53 20.58
CA VAL H 100 49.12 54.91 20.14
C VAL H 100 47.79 55.50 19.69
N GLU H 101 47.06 54.75 18.86
CA GLU H 101 45.83 55.24 18.28
C GLU H 101 44.68 55.36 19.26
N VAL H 102 44.44 54.30 20.04
CA VAL H 102 43.31 54.26 20.96
C VAL H 102 43.58 55.00 22.28
N TYR H 103 44.70 54.68 22.92
CA TYR H 103 44.99 55.22 24.24
C TYR H 103 46.01 56.36 24.27
N GLY H 104 46.57 56.68 23.11
CA GLY H 104 47.54 57.76 23.01
C GLY H 104 48.79 57.54 23.83
N ALA H 105 49.30 56.32 23.80
CA ALA H 105 50.52 55.97 24.53
C ALA H 105 51.72 56.68 23.91
N LYS H 106 52.50 57.37 24.75
CA LYS H 106 53.67 58.07 24.25
C LYS H 106 54.90 57.15 24.18
N TYR H 107 54.82 56.02 24.87
CA TYR H 107 55.86 54.99 24.76
C TYR H 107 55.34 53.66 25.28
N MET H 108 56.19 52.64 25.24
CA MET H 108 55.85 51.34 25.79
C MET H 108 57.02 50.73 26.54
N SER H 109 56.72 49.88 27.52
CA SER H 109 57.76 49.31 28.38
C SER H 109 57.53 47.84 28.70
N LEU H 110 58.61 47.15 29.04
CA LEU H 110 58.53 45.75 29.44
C LEU H 110 59.69 45.35 30.36
N HIS H 111 59.66 44.11 30.83
CA HIS H 111 60.73 43.58 31.67
C HIS H 111 61.28 42.26 31.13
N VAL H 112 62.60 42.14 31.12
CA VAL H 112 63.27 40.91 30.71
C VAL H 112 64.42 40.55 31.65
N ARG H 113 64.56 39.26 31.94
CA ARG H 113 65.69 38.77 32.73
C ARG H 113 66.98 38.86 31.92
N LYS H 114 68.07 39.22 32.59
CA LYS H 114 69.35 39.51 31.93
C LYS H 114 69.87 38.34 31.11
N SER H 115 69.51 37.12 31.50
CA SER H 115 70.04 35.92 30.84
C SER H 115 69.24 35.49 29.61
N ASN H 116 68.15 36.21 29.32
CA ASN H 116 67.31 35.85 28.19
C ASN H 116 67.83 36.51 26.91
N ARG H 117 68.52 35.73 26.10
CA ARG H 117 69.21 36.24 24.91
C ARG H 117 68.24 36.48 23.77
N ALA H 118 67.26 35.59 23.63
CA ALA H 118 66.27 35.69 22.57
C ALA H 118 65.40 36.94 22.74
N ALA H 119 65.03 37.23 23.98
CA ALA H 119 64.19 38.39 24.27
C ALA H 119 64.91 39.71 24.01
N ILE H 120 66.10 39.87 24.57
CA ILE H 120 66.89 41.09 24.39
C ILE H 120 67.18 41.38 22.91
N HIS H 121 67.56 40.35 22.17
CA HIS H 121 67.88 40.51 20.76
C HIS H 121 66.64 40.92 19.96
N LEU H 122 65.47 40.60 20.49
CA LEU H 122 64.21 40.95 19.87
C LEU H 122 63.85 42.42 20.09
N TYR H 123 63.92 42.87 21.34
CA TYR H 123 63.51 44.22 21.68
C TYR H 123 64.57 45.28 21.35
N ARG H 124 65.78 45.08 21.86
CA ARG H 124 66.84 46.08 21.70
C ARG H 124 67.33 46.22 20.26
N ASP H 125 67.33 45.12 19.52
CA ASP H 125 67.87 45.14 18.17
C ASP H 125 66.80 45.26 17.08
N THR H 126 65.90 44.27 17.01
CA THR H 126 64.90 44.23 15.96
C THR H 126 63.69 45.15 16.20
N LEU H 127 63.34 45.36 17.48
CA LEU H 127 62.23 46.23 17.83
C LEU H 127 62.64 47.63 18.30
N GLN H 128 63.96 47.88 18.31
CA GLN H 128 64.50 49.20 18.63
C GLN H 128 64.12 49.70 20.03
N PHE H 129 64.17 48.81 21.01
CA PHE H 129 63.95 49.19 22.40
C PHE H 129 65.23 49.75 23.03
N ASP H 130 65.06 50.61 24.04
CA ASP H 130 66.18 51.11 24.81
C ASP H 130 66.17 50.48 26.21
N VAL H 131 67.34 50.34 26.80
CA VAL H 131 67.43 49.82 28.16
C VAL H 131 67.37 50.98 29.15
N GLN H 132 66.24 51.10 29.84
CA GLN H 132 66.01 52.22 30.75
C GLN H 132 66.86 52.11 32.00
N GLY H 133 67.08 50.88 32.46
CA GLY H 133 67.86 50.63 33.65
C GLY H 133 67.84 49.16 34.03
N ILE H 134 68.28 48.85 35.24
CA ILE H 134 68.32 47.47 35.70
C ILE H 134 67.65 47.32 37.07
N GLU H 135 66.73 46.36 37.17
CA GLU H 135 65.99 46.11 38.41
C GLU H 135 66.45 44.84 39.10
N SER H 136 67.06 45.01 40.26
CA SER H 136 67.67 43.89 41.00
C SER H 136 66.64 42.93 41.59
N LYS H 137 66.86 41.64 41.37
CA LYS H 137 66.04 40.57 41.94
C LYS H 137 64.54 40.76 41.70
N TYR H 138 64.18 41.10 40.47
CA TYR H 138 62.79 41.32 40.08
C TYR H 138 62.02 40.01 40.02
N TYR H 139 62.64 39.01 39.39
CA TYR H 139 62.03 37.69 39.23
C TYR H 139 62.11 36.86 40.49
N ALA H 140 61.23 35.85 40.59
CA ALA H 140 61.08 35.04 41.78
C ALA H 140 62.37 34.33 42.21
N ASP H 141 63.15 33.87 41.24
CA ASP H 141 64.40 33.18 41.55
C ASP H 141 65.54 34.14 41.92
N GLY H 142 65.28 35.44 41.79
CA GLY H 142 66.25 36.44 42.21
C GLY H 142 67.08 37.05 41.10
N GLU H 143 66.78 36.68 39.85
CA GLU H 143 67.53 37.21 38.72
C GLU H 143 67.17 38.68 38.44
N ASP H 144 68.17 39.44 38.02
CA ASP H 144 67.97 40.86 37.70
C ASP H 144 67.18 41.00 36.41
N ALA H 145 66.44 42.10 36.29
CA ALA H 145 65.61 42.34 35.11
C ALA H 145 65.93 43.68 34.43
N TYR H 146 66.11 43.63 33.12
CA TYR H 146 66.28 44.85 32.33
C TYR H 146 64.92 45.52 32.13
N ALA H 147 64.84 46.80 32.45
CA ALA H 147 63.65 47.58 32.15
C ALA H 147 63.83 48.22 30.80
N MET H 148 63.05 47.77 29.81
CA MET H 148 63.17 48.26 28.45
C MET H 148 62.02 49.22 28.09
N HIS H 149 62.35 50.28 27.36
CA HIS H 149 61.38 51.29 26.99
C HIS H 149 61.49 51.60 25.50
N LYS H 150 60.36 51.68 24.81
CA LYS H 150 60.34 52.14 23.43
C LYS H 150 59.55 53.43 23.30
N ASP H 151 60.25 54.52 23.02
CA ASP H 151 59.62 55.84 22.91
C ASP H 151 59.08 56.08 21.50
N PHE H 152 57.85 56.59 21.41
CA PHE H 152 57.26 56.88 20.11
C PHE H 152 57.49 58.33 19.75
N SER H 153 58.53 58.58 18.98
CA SER H 153 58.86 59.93 18.53
C SER H 153 59.25 59.95 17.05
NA NA I . -11.11 5.50 -7.25
CL CL J . -5.45 5.64 6.30
CL CL K . -9.27 -0.70 3.27
CL CL L . 1.57 -5.71 4.61
CL CL M . -0.21 10.77 18.16
CL CL N . 9.76 4.65 17.60
CL CL O . 24.69 13.83 -4.36
CL CL P . 33.97 31.45 -17.79
CL CL Q . 5.00 34.35 -22.40
CL CL R . 5.44 35.63 -18.86
CL CL S . -0.53 43.33 -18.11
S SO4 T . 18.92 -4.33 -13.92
O1 SO4 T . 17.51 -4.70 -13.80
O2 SO4 T . 19.58 -5.23 -14.86
O3 SO4 T . 19.02 -2.95 -14.40
O4 SO4 T . 19.55 -4.43 -12.60
CL CL U . -7.79 -23.08 61.72
CL CL V . 20.75 -28.46 31.86
CL CL W . 16.39 -26.73 33.92
CL CL X . 28.06 -26.23 42.72
CL CL Y . 21.65 -28.47 47.75
CL CL Z . 23.85 -46.56 37.91
CL CL AA . 15.47 -31.19 58.06
CL CL BA . -15.65 -26.53 20.87
CL CL CA . -14.04 -31.24 20.00
CL CL DA . -14.92 -29.05 23.12
CL CL EA . -17.18 -31.93 26.60
CL CL FA . -21.15 -11.43 10.20
CL CL GA . -9.43 -33.60 15.24
CL CL HA . 13.97 -46.65 40.29
CL CL IA . -48.03 -18.83 -73.90
CL CL JA . -53.46 -22.47 -77.21
CL CL KA . -57.12 -12.91 -66.06
CL CL LA . -58.84 -20.19 -69.61
CL CL MA . -68.12 -17.56 -63.20
CL CL NA . -65.84 0.31 -59.71
CL CL OA . -70.73 -26.30 -39.78
CL CL PA . -29.35 -22.36 -34.78
CL CL QA . -28.46 -18.31 -36.28
CL CL RA . -31.65 -20.00 -35.04
CL CL SA . -24.91 -24.69 -56.91
CL CL TA . -35.18 -18.91 -33.00
CL CL UA . -29.68 -15.92 -31.17
CL CL VA . -31.75 -11.80 -60.69
CL CL WA . -45.83 -9.95 -13.78
NA NA XA . 40.99 33.17 37.82
CL CL YA . 27.41 49.62 37.15
CL CL ZA . 24.10 43.79 33.32
CL CL AB . 13.21 44.34 19.75
CL CL BB . 37.39 55.29 12.37
CL CL CB . 39.18 32.07 -1.81
CL CL DB . 53.33 14.95 21.98
CL CL EB . 50.01 13.56 21.39
CL CL FB . 50.54 16.54 20.00
CL CL GB . 46.46 18.95 43.28
CL CL HB . 23.92 52.99 -0.74
S SO4 IB . 43.56 53.51 8.62
O1 SO4 IB . 42.11 53.59 8.43
O2 SO4 IB . 44.06 52.29 7.98
O3 SO4 IB . 44.22 54.67 8.03
O4 SO4 IB . 43.84 53.46 10.05
N1A ACO JB . 6.82 16.65 -37.60
C2A ACO JB . 7.31 15.48 -38.02
N3A ACO JB . 7.85 14.59 -37.17
C4A ACO JB . 7.90 14.86 -35.85
C5A ACO JB . 7.41 16.07 -35.37
C6A ACO JB . 6.86 16.96 -36.29
N6A ACO JB . 6.35 18.18 -35.84
N7A ACO JB . 7.58 16.09 -34.02
C8A ACO JB . 8.17 14.93 -33.68
N9A ACO JB . 8.38 14.18 -34.77
C1B ACO JB . 8.99 12.86 -34.81
C2B ACO JB . 10.26 12.82 -35.59
O2B ACO JB . 10.13 11.95 -36.65
C3B ACO JB . 11.28 12.31 -34.70
O3B ACO JB . 12.08 11.38 -35.37
P3B ACO JB . 13.64 11.53 -35.33
O7A ACO JB . 14.00 12.94 -34.97
O8A ACO JB . 14.22 11.18 -36.69
O9A ACO JB . 14.21 10.59 -34.29
C4B ACO JB . 10.54 11.72 -33.60
O4B ACO JB . 9.29 12.41 -33.53
C5B ACO JB . 11.25 11.85 -32.32
O5B ACO JB . 10.49 11.83 -31.16
P1A ACO JB . 10.53 13.08 -30.19
O1A ACO JB . 11.77 13.90 -30.48
O2A ACO JB . 10.55 12.57 -28.76
O3A ACO JB . 9.23 14.02 -30.44
P2A ACO JB . 8.68 15.04 -29.32
O4A ACO JB . 9.60 15.04 -28.10
O5A ACO JB . 8.62 16.41 -29.89
O6A ACO JB . 7.23 14.62 -28.91
CBP ACO JB . 4.87 14.72 -29.60
CCP ACO JB . 6.30 14.37 -29.90
CDP ACO JB . 3.96 14.13 -30.62
CEP ACO JB . 4.48 14.15 -28.22
CAP ACO JB . 4.72 16.29 -29.55
OAP ACO JB . 4.92 16.80 -30.82
C9P ACO JB . 3.42 16.87 -29.00
O9P ACO JB . 3.26 17.03 -27.81
N8P ACO JB . 2.33 17.24 -29.94
C7P ACO JB . 1.10 17.77 -29.42
C6P ACO JB . 0.17 16.74 -28.70
C5P ACO JB . 0.20 15.27 -29.17
O5P ACO JB . 0.48 15.03 -30.34
N4P ACO JB . -0.08 14.19 -28.25
C3P ACO JB . -0.06 12.80 -28.69
C2P ACO JB . -1.37 12.16 -29.12
S1P ACO JB . -1.60 10.41 -28.80
C ACO JB . -1.44 10.07 -27.03
O ACO JB . -2.12 11.06 -26.34
CH3 ACO JB . -1.98 8.74 -26.70
NA NA KB . -6.06 17.60 -18.18
NA NA LB . -10.90 19.94 -31.63
CL CL MB . -11.23 8.03 -10.94
CL CL NB . -3.48 -3.63 -13.25
CL CL OB . 11.63 18.25 -11.01
CL CL PB . 9.81 31.85 -16.88
CL CL QB . -5.81 26.18 -22.85
CL CL RB . -8.52 2.21 -21.82
CL CL SB . 14.08 4.33 -30.38
N1A ACO TB . -22.43 -7.92 34.48
C2A ACO TB . -22.67 -7.59 35.75
N3A ACO TB . -21.79 -7.83 36.73
C4A ACO TB . -20.61 -8.42 36.45
C5A ACO TB . -20.31 -8.78 35.14
C6A ACO TB . -21.26 -8.52 34.16
N6A ACO TB . -21.00 -8.87 32.82
N7A ACO TB . -19.08 -9.35 35.14
C8A ACO TB . -18.63 -9.33 36.40
N9A ACO TB . -19.55 -8.78 37.20
C1B ACO TB . -19.44 -8.58 38.64
C2B ACO TB . -20.41 -9.36 39.44
O2B ACO TB . -21.66 -8.74 39.43
C3B ACO TB . -19.82 -9.30 40.75
O3B ACO TB . -20.02 -8.04 41.32
P3B ACO TB . -21.22 -7.76 42.30
O7A ACO TB . -21.70 -6.35 42.12
O8A ACO TB . -20.75 -7.95 43.73
O9A ACO TB . -22.36 -8.72 42.01
C4B ACO TB . -18.42 -9.53 40.44
O4B ACO TB . -18.21 -9.00 39.13
C5B ACO TB . -18.06 -10.95 40.49
O5B ACO TB . -17.80 -11.59 39.29
P1A ACO TB . -17.13 -13.02 39.28
O1A ACO TB . -18.19 -14.06 39.60
O2A ACO TB . -16.03 -13.07 40.33
O3A ACO TB . -16.50 -13.33 37.83
P2A ACO TB . -15.22 -14.30 37.68
O4A ACO TB . -15.23 -15.29 38.84
O5A ACO TB . -15.31 -15.05 36.40
O6A ACO TB . -13.92 -13.45 37.70
CBP ACO TB . -12.53 -12.57 35.86
CCP ACO TB . -13.73 -12.45 36.78
CDP ACO TB . -11.90 -11.23 35.69
CEP ACO TB . -11.52 -13.52 36.50
CAP ACO TB . -12.98 -13.15 34.46
OAP ACO TB . -13.85 -12.28 33.85
C9P ACO TB . -11.86 -13.50 33.47
O9P ACO TB . -11.34 -14.59 33.46
N8P ACO TB . -11.42 -12.47 32.49
C7P ACO TB . -10.37 -12.77 31.55
C6P ACO TB . -8.91 -12.60 32.05
C5P ACO TB . -8.66 -11.53 33.14
O5P ACO TB . -9.47 -10.62 33.29
N4P ACO TB . -7.47 -11.61 33.98
C3P ACO TB . -7.24 -10.60 35.02
C2P ACO TB . -6.00 -9.74 34.90
S1P ACO TB . -5.24 -9.15 36.42
C ACO TB . -4.05 -10.35 37.06
O ACO TB . -4.10 -11.48 36.26
CH3 ACO TB . -2.70 -9.78 37.07
CL CL UB . 12.47 -19.26 36.46
CL CL VB . -4.53 -18.87 22.33
N1A ACO WB . -42.36 -42.20 -31.22
C2A ACO WB . -43.48 -42.92 -31.02
N3A ACO WB . -44.69 -42.46 -31.34
C4A ACO WB . -44.83 -41.23 -31.89
C5A ACO WB . -43.70 -40.45 -32.12
C6A ACO WB . -42.46 -40.98 -31.77
N6A ACO WB . -41.30 -40.22 -31.99
N7A ACO WB . -44.12 -39.28 -32.67
C8A ACO WB . -45.45 -39.33 -32.77
N9A ACO WB . -45.89 -40.52 -32.30
C1B ACO WB . -47.29 -40.95 -32.24
C2B ACO WB . -47.74 -41.29 -30.87
O2B ACO WB . -48.57 -42.40 -30.91
C3B ACO WB . -48.50 -40.14 -30.42
O3B ACO WB . -49.52 -40.55 -29.56
P3B ACO WB . -50.05 -39.56 -28.47
O7A ACO WB . -49.04 -38.48 -28.24
O8A ACO WB . -50.29 -40.30 -27.17
O9A ACO WB . -51.35 -38.94 -28.95
C4B ACO WB . -49.02 -39.57 -31.66
O4B ACO WB . -48.14 -39.97 -32.72
C5B ACO WB . -49.09 -38.10 -31.59
O5B ACO WB . -49.08 -37.39 -32.77
P1A ACO WB . -48.36 -35.99 -32.82
O1A ACO WB . -48.28 -35.43 -31.41
O2A ACO WB . -49.14 -35.05 -33.72
O3A ACO WB . -46.85 -36.19 -33.38
P2A ACO WB . -46.09 -34.99 -34.16
O4A ACO WB . -46.79 -33.67 -33.92
O5A ACO WB . -44.69 -34.92 -33.67
O6A ACO WB . -46.06 -35.35 -35.68
CBP ACO WB . -44.68 -36.56 -37.32
CCP ACO WB . -45.52 -36.55 -36.06
CDP ACO WB . -44.63 -37.94 -37.88
CEP ACO WB . -45.31 -35.63 -38.36
CAP ACO WB . -43.21 -36.03 -37.00
OAP ACO WB . -42.66 -36.78 -35.99
C9P ACO WB . -42.24 -36.00 -38.18
O9P ACO WB . -42.11 -35.00 -38.85
N8P ACO WB . -41.43 -37.21 -38.48
C7P ACO WB . -40.50 -37.19 -39.58
C6P ACO WB . -41.13 -37.28 -41.02
C5P ACO WB . -42.41 -38.10 -41.21
O5P ACO WB . -42.68 -38.99 -40.41
N4P ACO WB . -43.30 -37.84 -42.32
C3P ACO WB . -44.52 -38.62 -42.52
C2P ACO WB . -44.49 -39.75 -43.52
S1P ACO WB . -46.00 -40.14 -44.42
C ACO WB . -46.40 -38.80 -45.57
O ACO WB . -45.23 -38.41 -46.20
CH3 ACO WB . -47.40 -39.24 -46.54
NA NA XB . -47.82 -49.79 -34.69
CL CL YB . -45.95 -28.95 -61.28
CL CL ZB . -31.37 -30.57 -45.68
N1A ACO AC . 68.30 32.74 19.62
C2A ACO AC . 68.76 33.86 19.07
N3A ACO AC . 67.95 34.77 18.52
C4A ACO AC . 66.61 34.57 18.51
C5A ACO AC . 66.09 33.40 19.07
C6A ACO AC . 66.97 32.48 19.64
N6A ACO AC . 66.49 31.31 20.21
N7A ACO AC . 64.74 33.45 18.93
C8A ACO AC . 64.43 34.60 18.31
N9A ACO AC . 65.56 35.28 18.05
C1B ACO AC . 65.64 36.58 17.37
C2B ACO AC . 66.26 36.50 16.02
O2B ACO AC . 67.54 37.05 16.07
C3B ACO AC . 65.45 37.29 15.13
O3B ACO AC . 66.22 38.27 14.50
P3B ACO AC . 66.64 38.08 12.99
O7A ACO AC . 66.49 36.65 12.59
O8A ACO AC . 68.09 38.50 12.82
O9A ACO AC . 65.77 38.95 12.11
C4B ACO AC . 64.42 37.88 15.98
O4B ACO AC . 64.38 37.10 17.19
C5B ACO AC . 63.09 37.86 15.36
O5B ACO AC . 62.01 37.78 16.21
P1A ACO AC . 60.96 36.61 16.02
O1A ACO AC . 61.17 35.99 14.66
O2A ACO AC . 59.55 37.20 16.13
O3A ACO AC . 61.18 35.48 17.16
P2A ACO AC . 59.96 34.58 17.71
O4A ACO AC . 58.77 34.68 16.76
O5A ACO AC . 60.38 33.16 17.82
O6A ACO AC . 59.55 35.10 19.12
CBP ACO AC . 60.16 34.81 21.50
CCP ACO AC . 60.53 35.23 20.10
CDP ACO AC . 61.06 35.50 22.48
CEP ACO AC . 58.72 35.23 21.80
CAP ACO AC . 60.26 33.23 21.65
OAP ACO AC . 61.53 32.83 21.31
C9P ACO AC . 59.88 32.63 23.00
O9P ACO AC . 58.74 32.38 23.26
N8P ACO AC . 60.94 32.35 23.99
C7P ACO AC . 60.59 31.78 25.28
C6P ACO AC . 59.87 32.76 26.27
C5P ACO AC . 60.20 34.25 26.17
O5P ACO AC . 61.32 34.59 25.81
N4P ACO AC . 59.20 35.26 26.49
C3P ACO AC . 59.52 36.68 26.40
C2P ACO AC . 60.04 37.38 27.64
S1P ACO AC . 59.72 39.13 27.80
C ACO AC . 58.14 39.41 28.62
O ACO AC . 57.21 38.57 28.04
CH3 ACO AC . 58.24 39.16 30.07
CL CL BC . 42.60 41.01 38.70
CL CL CC . 49.36 60.09 19.08
CL CL DC . 54.42 23.32 32.51
#